data_3AM9
#
_entry.id   3AM9
#
_cell.length_a   168.916
_cell.length_b   124.722
_cell.length_c   146.195
_cell.angle_alpha   90.00
_cell.angle_beta   91.04
_cell.angle_gamma   90.00
#
_symmetry.space_group_name_H-M   'C 1 2 1'
#
loop_
_entity.id
_entity.type
_entity.pdbx_description
1 polymer 'Xanthine dehydrogenase/oxidase'
2 non-polymer 'FE2/S2 (INORGANIC) CLUSTER'
3 non-polymer 'CALCIUM ION'
4 non-polymer 'FLAVIN-ADENINE DINUCLEOTIDE'
5 non-polymer 'BICARBONATE ION'
6 non-polymer 'PHOSPHONIC ACIDMONO-(2-AMINO-5,6-DIMERCAPTO-4-OXO-3,7,8A,9,10,10A-HEXAHYDRO-4H-8-OXA-1,3,9,10-TETRAAZA-ANTHRACEN-7-YLMETHYL)ESTER'
7 non-polymer 'DIOXOTHIOMOLYBDENUM(VI) ION'
8 non-polymer 4-[5-(2,6-dioxo-1,2,3,6-tetrahydropyridin-4-yl)-1H-1,2,4-triazol-3-yl]-6-oxo-1,6-dihydropyridine-2-carbonitrile
9 non-polymer GLYCEROL
10 water water
#
_entity_poly.entity_id   1
_entity_poly.type   'polypeptide(L)'
_entity_poly.pdbx_seq_one_letter_code
;MTADELVFFVNGKKVVEKNADPETTLLAYLRRKLGLRGTKLGCGEGGCGACTVMLSKYDRLQDKIIHFSANACLAPICTL
HHVAVTTVEGIGSTKTRLHPVQERIAKSHGSQCGFCTPGIVMSMYTLLRNQPEPTVEEIEDAFQGNLCRCTGYRPILQGF
RTFAKNGGCCGGNGNNPNCCMNQKKDHTVTLSPSLFNPEEFMPLDPTQEPIFPPELLRLKDVPPKQLRFEGERVTWIQAS
TLKELLDLKAQHPEAKLVVGNTEIGIEMKFKNQLFPMIICPAWIPELNAVEHGPEGISFGAACALSSVEKTLLEAVAKLP
TQKTEVFRGVLEQLRWFAGKQVKSVASLGGNIITASPISDLNPVFMASGTKLTIVSRGTRRTVPMDHTFFPSYRKTLLGP
EEILLSIEIPYSREDEFFSAFKQASRREDDIAKVTCGMRVLFQPGSMQVKELALCYGGMADRTISALKTTQKQLSKFWNE
KLLQDVCAGLAEELSLSPDAPGGMIEFRRTLTLSFFFKFYLTVLKKLGKDSKDKCGKLDPTYTSATLLFQKHPPANIQLF
QEVPNGQSKEDTVGRPLPHLAAAMQASGEAVYCDDIPRYENELFLRLVTSTRAHAKIKSIDVSEAQKVPGFVCFLSADDI
PGSNETGLFNDETVFAKDTVTCVGHIIGAVVADTPEHAERAAHVVKVTYEDLPAIITIEDAIKNNSFYGSELKIEKGDLK
KGFSEADNVVSGELYIGGQDHFYLETHCTIAIPKGEEGEMELFVSTQNAMKTQSFVAKMLGVPVNRILVRVKRMGGGFGG
KETRSTLVSVAVALAAYKTGHPVRCMLDRNEDMLITGGRHPFLARYKVGFMKTGTIVALEVDHYSNAGNSRDLSHSIMER
ALFHMDNCYKIPNIRGTGRLCKTNLSSNTAFRGFGGPQALFIAENWMSEVAVTCGLPAEEVRWKNMYKEGDLTHFNQRLE
GFSVPRCWDECLKSSQYYARKSEVDKFNKENCWKKRGLCIIPTKFGISFTVPFLNQAGALIHVYTDGSVLVSHGGTEMGQ
GLHTKMVQVASKALKIPISKIYISETSTNTVPNSSPTAASVSTDIYGQAVYEACQTILKRLEPFKKKNPDGSWEDWVMAA
YQDRVSLSTTGFYRTPNLGYSFETNSGNAFHYFTYGVACSEVEIDCLTGDHKNLRTDIVMDVGSSLNPAIDIGQVEGAFV
QGLGLFTLEELHYSPEGSLHTRGPSTYKIPAFGSIPTEFRVSLLRDCPNKKAIYASKAVGEPPLFLGASVFFAIKDAIRA
ARAQHTNNNTKELFRLDSPATPEKIRNACVDKFTTLCVTGAPGNCKPWSLRV
;
_entity_poly.pdbx_strand_id   A,B
#
loop_
_chem_comp.id
_chem_comp.type
_chem_comp.name
_chem_comp.formula
BCT non-polymer 'BICARBONATE ION' 'C H O3 -1'
CA non-polymer 'CALCIUM ION' 'Ca 2'
FAD non-polymer 'FLAVIN-ADENINE DINUCLEOTIDE' 'C27 H33 N9 O15 P2'
FES non-polymer 'FE2/S2 (INORGANIC) CLUSTER' 'Fe2 S2'
FYO non-polymer 4-[5-(2,6-dioxo-1,2,3,6-tetrahydropyridin-4-yl)-1H-1,2,4-triazol-3-yl]-6-oxo-1,6-dihydropyridine-2-carbonitrile 'C13 H8 N6 O3'
GOL non-polymer GLYCEROL 'C3 H8 O3'
MOS non-polymer 'DIOXOTHIOMOLYBDENUM(VI) ION' 'H Mo O2 S'
MTE non-polymer 'PHOSPHONIC ACIDMONO-(2-AMINO-5,6-DIMERCAPTO-4-OXO-3,7,8A,9,10,10A-HEXAHYDRO-4H-8-OXA-1,3,9,10-TETRAAZA-ANTHRACEN-7-YLMETHYL)ESTER' 'C10 H14 N5 O6 P S2'
#
# COMPACT_ATOMS: atom_id res chain seq x y z
N ALA A 3 -0.72 3.57 40.25
CA ALA A 3 -1.24 4.65 39.41
C ALA A 3 -0.85 4.33 38.00
N ASP A 4 0.43 4.27 37.77
CA ASP A 4 0.80 4.27 36.40
C ASP A 4 -0.30 3.68 35.35
N GLU A 5 -1.04 2.58 35.58
CA GLU A 5 -1.91 1.97 34.51
C GLU A 5 -3.26 2.67 34.23
N LEU A 6 -3.60 2.88 32.96
CA LEU A 6 -4.89 3.44 32.54
C LEU A 6 -5.78 2.33 31.99
N VAL A 7 -6.93 2.07 32.61
CA VAL A 7 -7.75 0.91 32.18
C VAL A 7 -9.13 1.43 31.73
N PHE A 8 -9.51 1.12 30.48
CA PHE A 8 -10.82 1.48 30.00
C PHE A 8 -11.27 0.49 28.98
N PHE A 9 -12.46 0.72 28.45
CA PHE A 9 -13.09 -0.25 27.54
C PHE A 9 -13.48 0.43 26.26
N VAL A 10 -13.31 -0.27 25.15
CA VAL A 10 -13.62 0.33 23.86
C VAL A 10 -14.44 -0.72 23.12
N ASN A 11 -15.72 -0.45 22.85
CA ASN A 11 -16.56 -1.48 22.16
C ASN A 11 -16.55 -2.84 22.92
N GLY A 12 -16.64 -2.76 24.25
CA GLY A 12 -16.66 -3.98 25.07
C GLY A 12 -15.31 -4.64 25.34
N LYS A 13 -14.20 -4.11 24.84
CA LYS A 13 -12.96 -4.82 24.97
C LYS A 13 -12.00 -4.01 25.84
N LYS A 14 -11.31 -4.69 26.74
CA LYS A 14 -10.51 -4.01 27.72
C LYS A 14 -9.27 -3.48 27.09
N VAL A 15 -8.92 -2.28 27.51
CA VAL A 15 -7.71 -1.66 27.04
C VAL A 15 -6.92 -1.37 28.31
N VAL A 16 -5.72 -1.94 28.40
CA VAL A 16 -4.80 -1.62 29.50
C VAL A 16 -3.69 -0.83 28.85
N GLU A 17 -3.61 0.45 29.15
CA GLU A 17 -2.55 1.29 28.60
C GLU A 17 -1.56 1.56 29.71
N LYS A 18 -0.37 0.96 29.59
CA LYS A 18 0.64 1.08 30.63
C LYS A 18 1.37 2.39 30.70
N ASN A 19 1.44 3.11 29.58
CA ASN A 19 2.13 4.39 29.55
C ASN A 19 1.32 5.49 28.90
N ALA A 20 0.17 5.79 29.50
CA ALA A 20 -0.68 6.87 29.00
C ALA A 20 0.05 8.18 29.05
N ASP A 21 0.11 8.83 27.89
CA ASP A 21 0.53 10.17 27.85
C ASP A 21 -0.65 11.14 28.04
N PRO A 22 -0.57 12.04 29.03
CA PRO A 22 -1.69 12.97 29.29
C PRO A 22 -2.12 13.82 28.12
N GLU A 23 -1.25 14.00 27.15
CA GLU A 23 -1.63 14.78 26.01
C GLU A 23 -2.37 13.96 24.94
N THR A 24 -2.40 12.63 25.05
CA THR A 24 -3.13 11.79 24.09
C THR A 24 -4.67 12.04 24.19
N THR A 25 -5.29 12.51 23.12
CA THR A 25 -6.78 12.57 23.05
C THR A 25 -7.28 11.18 22.68
N LEU A 26 -8.55 10.88 22.99
CA LEU A 26 -9.22 9.64 22.55
C LEU A 26 -9.20 9.39 21.06
N LEU A 27 -9.37 10.46 20.28
CA LEU A 27 -9.47 10.37 18.83
C LEU A 27 -8.13 9.82 18.31
N ALA A 28 -7.02 10.37 18.83
CA ALA A 28 -5.71 9.90 18.41
C ALA A 28 -5.50 8.44 18.86
N TYR A 29 -5.95 8.11 20.05
CA TYR A 29 -5.75 6.78 20.51
C TYR A 29 -6.54 5.78 19.67
N LEU A 30 -7.82 6.11 19.40
CA LEU A 30 -8.64 5.25 18.61
C LEU A 30 -8.06 5.06 17.23
N ARG A 31 -7.61 6.15 16.57
CA ARG A 31 -7.23 6.01 15.16
C ARG A 31 -5.83 5.41 15.08
N ARG A 32 -4.90 5.76 15.98
CA ARG A 32 -3.51 5.42 15.74
C ARG A 32 -3.03 4.23 16.55
N LYS A 33 -3.68 3.96 17.66
CA LYS A 33 -3.26 2.86 18.46
C LYS A 33 -4.24 1.71 18.34
N LEU A 34 -5.56 1.99 18.30
CA LEU A 34 -6.47 0.89 18.27
C LEU A 34 -6.87 0.48 16.83
N GLY A 35 -6.39 1.22 15.82
CA GLY A 35 -6.85 1.03 14.42
C GLY A 35 -8.34 1.14 14.18
N LEU A 36 -9.03 2.00 14.92
CA LEU A 36 -10.48 2.09 14.71
C LEU A 36 -10.73 3.42 14.00
N ARG A 37 -10.75 3.45 12.65
CA ARG A 37 -10.74 4.69 11.90
C ARG A 37 -12.14 5.25 11.52
N GLY A 38 -13.21 4.69 12.05
CA GLY A 38 -14.58 5.20 11.79
C GLY A 38 -14.77 6.58 12.40
N THR A 39 -14.12 6.81 13.54
CA THR A 39 -14.20 8.10 14.17
C THR A 39 -13.19 8.99 13.47
N LYS A 40 -13.63 10.20 13.10
CA LYS A 40 -12.92 11.10 12.20
C LYS A 40 -12.49 12.37 12.86
N LEU A 41 -11.44 12.98 12.32
CA LEU A 41 -11.08 14.34 12.61
C LEU A 41 -11.69 15.26 11.59
N GLY A 42 -12.41 16.28 12.08
CA GLY A 42 -12.97 17.29 11.18
C GLY A 42 -12.58 18.72 11.53
N CYS A 43 -12.16 18.99 12.78
CA CYS A 43 -11.84 20.34 13.19
C CYS A 43 -10.91 20.36 14.43
N GLY A 44 -11.02 19.40 15.34
CA GLY A 44 -10.15 19.44 16.53
C GLY A 44 -10.54 20.47 17.60
N GLU A 45 -11.67 21.15 17.41
CA GLU A 45 -12.10 22.17 18.37
C GLU A 45 -13.54 22.02 18.88
N GLY A 46 -14.12 20.85 18.71
CA GLY A 46 -15.39 20.51 19.36
C GLY A 46 -16.61 21.04 18.60
N GLY A 47 -16.36 21.65 17.44
CA GLY A 47 -17.46 22.24 16.66
C GLY A 47 -18.22 21.36 15.67
N CYS A 48 -17.62 20.32 15.12
CA CYS A 48 -18.22 19.62 13.93
C CYS A 48 -18.85 18.27 14.25
N GLY A 49 -18.42 17.71 15.38
CA GLY A 49 -19.01 16.45 15.89
C GLY A 49 -18.58 15.21 15.12
N ALA A 50 -17.68 15.35 14.17
CA ALA A 50 -17.26 14.16 13.38
C ALA A 50 -16.55 13.10 14.21
N CYS A 51 -16.05 13.53 15.37
CA CYS A 51 -15.29 12.65 16.27
C CYS A 51 -16.17 12.16 17.48
N THR A 52 -17.48 12.33 17.34
CA THR A 52 -18.44 11.97 18.38
C THR A 52 -18.37 10.49 18.67
N VAL A 53 -18.31 10.18 19.97
CA VAL A 53 -18.37 8.82 20.42
C VAL A 53 -19.35 8.74 21.58
N MET A 54 -19.69 7.53 22.03
CA MET A 54 -20.45 7.45 23.27
C MET A 54 -19.53 7.01 24.42
N LEU A 55 -19.77 7.59 25.57
CA LEU A 55 -19.21 7.13 26.85
C LEU A 55 -20.26 6.62 27.81
N SER A 56 -19.92 5.51 28.49
CA SER A 56 -20.77 4.91 29.53
C SER A 56 -19.93 4.71 30.78
N LYS A 57 -20.49 5.04 31.95
CA LYS A 57 -19.88 4.72 33.22
C LYS A 57 -20.94 4.47 34.29
N TYR A 58 -20.52 3.79 35.34
CA TYR A 58 -21.32 3.62 36.52
C TYR A 58 -21.26 4.91 37.29
N ASP A 59 -22.38 5.57 37.47
CA ASP A 59 -22.36 6.74 38.36
C ASP A 59 -22.74 6.31 39.79
N ARG A 60 -21.76 6.22 40.70
CA ARG A 60 -21.96 5.68 42.08
C ARG A 60 -22.37 6.81 43.01
N LEU A 61 -23.59 7.29 42.80
CA LEU A 61 -23.96 8.58 43.31
C LEU A 61 -25.36 8.78 42.82
N GLN A 62 -25.66 8.25 41.62
CA GLN A 62 -27.02 8.05 41.12
C GLN A 62 -27.30 6.56 41.23
N ASP A 63 -26.22 5.80 41.47
CA ASP A 63 -26.23 4.32 41.48
C ASP A 63 -26.78 3.62 40.17
N LYS A 64 -26.17 4.01 39.04
CA LYS A 64 -26.77 3.83 37.71
C LYS A 64 -25.68 3.86 36.60
N ILE A 65 -25.82 2.99 35.59
CA ILE A 65 -25.06 3.14 34.33
C ILE A 65 -25.57 4.41 33.61
N ILE A 66 -24.69 5.37 33.35
CA ILE A 66 -25.08 6.49 32.49
C ILE A 66 -24.32 6.50 31.16
N HIS A 67 -24.96 7.03 30.12
CA HIS A 67 -24.42 7.03 28.75
C HIS A 67 -24.52 8.47 28.27
N PHE A 68 -23.42 9.05 27.79
CA PHE A 68 -23.45 10.38 27.22
C PHE A 68 -22.50 10.47 26.01
N SER A 69 -22.65 11.49 25.15
CA SER A 69 -21.74 11.59 23.99
C SER A 69 -20.61 12.60 24.32
N ALA A 70 -19.52 12.54 23.59
CA ALA A 70 -18.39 13.39 23.87
C ALA A 70 -17.60 13.52 22.62
N ASN A 71 -16.88 14.64 22.49
CA ASN A 71 -15.95 14.79 21.37
C ASN A 71 -14.63 14.07 21.64
N ALA A 72 -14.33 13.02 20.87
CA ALA A 72 -13.08 12.30 21.09
C ALA A 72 -11.90 13.22 20.83
N CYS A 73 -12.02 14.23 19.96
CA CYS A 73 -10.86 15.08 19.63
C CYS A 73 -10.44 15.96 20.84
N LEU A 74 -11.33 16.12 21.80
CA LEU A 74 -11.08 16.96 22.98
C LEU A 74 -11.01 16.14 24.29
N ALA A 75 -11.38 14.87 24.25
CA ALA A 75 -11.41 14.00 25.43
C ALA A 75 -10.00 13.44 25.77
N PRO A 76 -9.41 13.84 26.93
CA PRO A 76 -8.07 13.21 27.19
C PRO A 76 -8.28 11.78 27.60
N ILE A 77 -7.55 10.82 27.01
CA ILE A 77 -7.72 9.43 27.49
C ILE A 77 -7.52 9.34 29.02
N CYS A 78 -6.73 10.25 29.62
CA CYS A 78 -6.49 10.23 31.04
C CYS A 78 -7.71 10.56 31.89
N THR A 79 -8.82 11.07 31.29
CA THR A 79 -10.15 11.22 31.99
C THR A 79 -10.97 9.96 31.99
N LEU A 80 -10.54 9.00 31.18
CA LEU A 80 -11.39 7.87 30.88
C LEU A 80 -11.11 6.61 31.73
N HIS A 81 -10.31 6.70 32.78
CA HIS A 81 -10.12 5.52 33.61
C HIS A 81 -11.50 4.97 34.02
N HIS A 82 -11.72 3.68 33.75
CA HIS A 82 -12.96 2.97 34.12
C HIS A 82 -14.25 3.50 33.40
N VAL A 83 -14.08 3.84 32.13
CA VAL A 83 -15.15 4.37 31.30
C VAL A 83 -15.23 3.42 30.13
N ALA A 84 -16.46 3.10 29.67
CA ALA A 84 -16.61 2.33 28.45
C ALA A 84 -16.90 3.25 27.21
N VAL A 85 -16.06 3.15 26.18
CA VAL A 85 -16.17 4.00 24.98
C VAL A 85 -16.91 3.07 24.00
N THR A 86 -17.88 3.62 23.26
CA THR A 86 -18.57 2.95 22.11
C THR A 86 -18.31 3.84 20.90
N THR A 87 -17.67 3.31 19.87
CA THR A 87 -17.52 4.04 18.61
C THR A 87 -18.54 3.53 17.57
N VAL A 88 -18.53 4.11 16.36
CA VAL A 88 -19.37 3.65 15.28
C VAL A 88 -19.14 2.14 15.02
N GLU A 89 -17.92 1.65 15.23
CA GLU A 89 -17.73 0.23 14.97
C GLU A 89 -18.27 -0.63 16.10
N GLY A 90 -18.49 0.00 17.24
CA GLY A 90 -19.11 -0.69 18.35
C GLY A 90 -20.60 -1.06 18.19
N ILE A 91 -21.31 -0.47 17.23
CA ILE A 91 -22.77 -0.66 17.18
C ILE A 91 -23.31 -1.51 16.02
N GLY A 92 -22.52 -1.73 14.99
CA GLY A 92 -22.87 -2.61 13.88
C GLY A 92 -21.92 -2.35 12.75
N SER A 93 -22.08 -3.11 11.67
CA SER A 93 -21.26 -2.99 10.50
C SER A 93 -21.87 -3.80 9.39
N THR A 94 -21.45 -3.53 8.15
CA THR A 94 -21.98 -4.26 7.01
C THR A 94 -21.51 -5.75 6.97
N LYS A 95 -20.52 -6.11 7.77
CA LYS A 95 -19.99 -7.47 7.88
C LYS A 95 -20.76 -8.24 8.91
N THR A 96 -21.47 -7.58 9.79
CA THR A 96 -22.34 -8.26 10.75
C THR A 96 -23.81 -7.82 10.47
N ARG A 97 -24.29 -6.80 11.13
CA ARG A 97 -25.58 -6.20 10.79
C ARG A 97 -25.48 -4.74 11.15
N LEU A 98 -26.03 -3.84 10.33
CA LEU A 98 -26.13 -2.40 10.73
C LEU A 98 -27.02 -2.26 11.93
N HIS A 99 -26.74 -1.30 12.78
CA HIS A 99 -27.67 -0.95 13.83
C HIS A 99 -28.82 -0.14 13.16
N PRO A 100 -29.98 -0.14 13.78
CA PRO A 100 -31.06 0.70 13.19
C PRO A 100 -30.64 2.12 12.82
N VAL A 101 -29.89 2.81 13.69
CA VAL A 101 -29.43 4.16 13.38
C VAL A 101 -28.62 4.19 12.06
N GLN A 102 -27.72 3.23 11.89
CA GLN A 102 -26.88 3.22 10.69
C GLN A 102 -27.73 2.83 9.47
N GLU A 103 -28.56 1.79 9.63
CA GLU A 103 -29.49 1.43 8.56
C GLU A 103 -30.33 2.64 8.07
N ARG A 104 -30.90 3.40 9.01
CA ARG A 104 -31.85 4.37 8.57
C ARG A 104 -31.20 5.58 7.92
N ILE A 105 -30.01 6.02 8.40
CA ILE A 105 -29.39 7.21 7.85
C ILE A 105 -28.94 6.87 6.43
N ALA A 106 -28.46 5.65 6.23
CA ALA A 106 -28.06 5.22 4.89
C ALA A 106 -29.28 5.14 3.95
N LYS A 107 -30.34 4.46 4.39
CA LYS A 107 -31.49 4.22 3.47
C LYS A 107 -32.30 5.47 3.26
N SER A 108 -32.16 6.47 4.13
CA SER A 108 -33.02 7.65 4.02
C SER A 108 -32.26 8.76 3.27
N HIS A 109 -31.12 8.38 2.70
CA HIS A 109 -30.27 9.27 1.92
C HIS A 109 -29.68 10.38 2.79
N GLY A 110 -29.46 10.10 4.10
CA GLY A 110 -28.74 11.03 4.98
C GLY A 110 -27.22 10.97 4.96
N SER A 111 -26.64 10.24 4.01
CA SER A 111 -25.19 10.26 3.86
C SER A 111 -24.82 10.52 2.43
N GLN A 112 -23.93 11.48 2.18
CA GLN A 112 -23.39 11.76 0.82
C GLN A 112 -21.92 11.44 0.78
N CYS A 113 -21.02 12.38 1.17
CA CYS A 113 -19.57 12.06 1.18
C CYS A 113 -19.32 11.06 2.25
N GLY A 114 -20.12 11.14 3.30
CA GLY A 114 -20.16 10.22 4.43
C GLY A 114 -19.20 10.50 5.58
N PHE A 115 -18.49 11.63 5.48
CA PHE A 115 -17.41 11.87 6.49
C PHE A 115 -18.03 12.28 7.84
N CYS A 116 -19.19 12.96 7.83
CA CYS A 116 -19.88 13.37 9.08
C CYS A 116 -20.76 12.25 9.68
N THR A 117 -21.05 11.25 8.85
CA THR A 117 -21.97 10.18 9.21
C THR A 117 -21.69 9.40 10.52
N PRO A 118 -20.48 8.86 10.73
CA PRO A 118 -20.28 8.19 12.04
C PRO A 118 -20.55 9.05 13.24
N GLY A 119 -20.11 10.31 13.22
CA GLY A 119 -20.41 11.17 14.36
C GLY A 119 -21.90 11.49 14.53
N ILE A 120 -22.63 11.64 13.42
CA ILE A 120 -24.09 11.87 13.55
C ILE A 120 -24.80 10.57 13.98
N VAL A 121 -24.39 9.43 13.44
CA VAL A 121 -24.80 8.10 13.96
C VAL A 121 -24.61 8.00 15.47
N MET A 122 -23.43 8.33 15.97
CA MET A 122 -23.16 8.26 17.39
C MET A 122 -23.93 9.21 18.25
N SER A 123 -24.24 10.40 17.74
CA SER A 123 -25.11 11.31 18.46
C SER A 123 -26.54 10.77 18.46
N MET A 124 -27.00 10.18 17.36
CA MET A 124 -28.42 9.64 17.40
C MET A 124 -28.42 8.39 18.34
N TYR A 125 -27.37 7.57 18.25
CA TYR A 125 -27.30 6.34 19.04
C TYR A 125 -27.34 6.68 20.54
N THR A 126 -26.62 7.75 20.89
CA THR A 126 -26.52 8.15 22.26
C THR A 126 -27.87 8.57 22.81
N LEU A 127 -28.58 9.40 22.07
CA LEU A 127 -29.96 9.74 22.38
C LEU A 127 -30.83 8.48 22.60
N LEU A 128 -30.78 7.52 21.69
CA LEU A 128 -31.56 6.30 21.84
C LEU A 128 -31.25 5.44 23.08
N ARG A 129 -29.98 5.42 23.51
CA ARG A 129 -29.62 4.66 24.69
C ARG A 129 -30.13 5.34 25.95
N ASN A 130 -30.39 6.65 25.87
CA ASN A 130 -31.00 7.39 26.95
C ASN A 130 -32.54 7.40 26.87
N GLN A 131 -33.09 7.43 25.67
CA GLN A 131 -34.55 7.53 25.44
C GLN A 131 -34.89 6.74 24.20
N PRO A 132 -35.22 5.45 24.36
CA PRO A 132 -35.47 4.55 23.21
C PRO A 132 -36.70 5.00 22.38
N GLU A 133 -37.48 5.93 22.88
CA GLU A 133 -38.54 6.52 22.09
C GLU A 133 -38.61 8.02 22.30
N PRO A 134 -37.74 8.75 21.61
CA PRO A 134 -37.59 10.17 21.81
C PRO A 134 -38.69 10.97 21.06
N THR A 135 -38.81 12.25 21.41
CA THR A 135 -39.69 13.17 20.69
C THR A 135 -38.93 13.82 19.53
N VAL A 136 -39.67 14.35 18.57
CA VAL A 136 -39.05 15.01 17.43
C VAL A 136 -38.05 16.09 17.83
N GLU A 137 -38.38 16.84 18.87
CA GLU A 137 -37.46 17.88 19.32
C GLU A 137 -36.22 17.33 20.00
N GLU A 138 -36.37 16.27 20.78
CA GLU A 138 -35.21 15.65 21.43
C GLU A 138 -34.27 15.18 20.29
N ILE A 139 -34.85 14.68 19.19
CA ILE A 139 -34.07 14.35 17.98
C ILE A 139 -33.34 15.51 17.34
N GLU A 140 -34.01 16.63 17.02
CA GLU A 140 -33.24 17.73 16.40
C GLU A 140 -32.12 18.20 17.34
N ASP A 141 -32.45 18.27 18.63
CA ASP A 141 -31.50 18.74 19.64
C ASP A 141 -30.35 17.82 19.80
N ALA A 142 -30.50 16.56 19.39
CA ALA A 142 -29.35 15.67 19.52
C ALA A 142 -28.13 16.14 18.73
N PHE A 143 -28.32 17.08 17.80
CA PHE A 143 -27.28 17.37 16.79
C PHE A 143 -26.79 18.83 16.76
N GLN A 144 -27.00 19.53 17.86
CA GLN A 144 -26.47 20.90 18.01
C GLN A 144 -24.97 20.91 17.79
N GLY A 145 -24.25 19.80 17.98
CA GLY A 145 -22.80 19.83 17.80
C GLY A 145 -22.41 18.95 16.63
N ASN A 146 -23.31 18.67 15.69
CA ASN A 146 -22.85 17.90 14.52
C ASN A 146 -23.07 18.74 13.27
N LEU A 147 -22.09 18.67 12.38
CA LEU A 147 -22.18 19.45 11.17
C LEU A 147 -22.15 18.57 9.94
N CYS A 148 -22.94 18.94 8.93
CA CYS A 148 -22.87 18.21 7.64
C CYS A 148 -22.86 19.30 6.52
N ARG A 149 -21.95 19.15 5.59
CA ARG A 149 -21.75 20.10 4.57
C ARG A 149 -22.49 19.63 3.30
N CYS A 150 -22.94 18.37 3.25
CA CYS A 150 -23.30 17.77 1.92
C CYS A 150 -24.81 17.77 1.76
N THR A 151 -25.54 17.36 2.80
CA THR A 151 -26.92 16.83 2.62
C THR A 151 -28.02 17.88 2.77
N GLY A 152 -27.68 18.98 3.44
CA GLY A 152 -28.67 19.96 3.86
C GLY A 152 -29.55 19.48 4.98
N TYR A 153 -29.17 18.40 5.66
CA TYR A 153 -29.75 18.00 6.95
C TYR A 153 -31.09 17.33 6.87
N ARG A 154 -31.97 17.87 5.99
CA ARG A 154 -33.35 17.32 5.83
C ARG A 154 -33.44 15.78 5.81
N PRO A 155 -32.67 15.10 4.94
CA PRO A 155 -32.89 13.66 5.01
C PRO A 155 -32.45 13.01 6.33
N ILE A 156 -31.43 13.54 6.99
CA ILE A 156 -30.95 12.90 8.18
C ILE A 156 -32.08 12.97 9.21
N LEU A 157 -32.64 14.18 9.38
CA LEU A 157 -33.73 14.37 10.29
C LEU A 157 -34.99 13.54 9.93
N GLN A 158 -35.28 13.53 8.65
CA GLN A 158 -36.54 12.88 8.25
C GLN A 158 -36.37 11.38 8.50
N GLY A 159 -35.24 10.81 8.13
CA GLY A 159 -34.95 9.40 8.50
C GLY A 159 -35.01 9.06 10.00
N PHE A 160 -34.41 9.94 10.83
CA PHE A 160 -34.32 9.64 12.28
C PHE A 160 -35.67 9.87 12.99
N ARG A 161 -36.49 10.72 12.42
CA ARG A 161 -37.84 11.00 12.92
C ARG A 161 -38.67 9.72 12.99
N THR A 162 -38.38 8.72 12.16
CA THR A 162 -39.12 7.47 12.25
C THR A 162 -38.88 6.75 13.57
N PHE A 163 -37.86 7.15 14.35
CA PHE A 163 -37.71 6.70 15.74
C PHE A 163 -38.69 7.29 16.78
N ALA A 164 -39.27 8.47 16.51
CA ALA A 164 -40.16 9.11 17.53
C ALA A 164 -41.48 8.43 17.71
N LYS A 165 -42.16 8.76 18.81
CA LYS A 165 -43.62 8.38 19.08
C LYS A 165 -43.81 6.89 19.42
N SER A 192 -47.00 10.85 -5.34
CA SER A 192 -45.56 10.73 -5.62
C SER A 192 -45.09 9.39 -5.07
N PRO A 193 -44.14 8.74 -5.76
CA PRO A 193 -43.40 7.67 -5.04
C PRO A 193 -42.65 8.29 -3.82
N SER A 194 -42.00 7.47 -3.00
CA SER A 194 -41.24 8.04 -1.89
C SER A 194 -39.76 7.66 -1.98
N LEU A 195 -38.90 8.51 -1.42
CA LEU A 195 -37.44 8.30 -1.54
C LEU A 195 -37.00 7.14 -0.70
N PHE A 196 -37.73 6.86 0.39
CA PHE A 196 -37.42 5.66 1.23
C PHE A 196 -38.66 4.99 1.85
N ASN A 197 -38.48 3.78 2.34
CA ASN A 197 -39.59 3.09 2.93
C ASN A 197 -39.42 2.72 4.40
N PRO A 198 -40.01 3.50 5.32
CA PRO A 198 -39.71 3.30 6.75
C PRO A 198 -40.20 1.97 7.23
N GLU A 199 -41.12 1.35 6.46
CA GLU A 199 -41.71 0.06 6.90
C GLU A 199 -40.71 -1.10 6.77
N GLU A 200 -39.66 -0.92 5.97
CA GLU A 200 -38.59 -1.89 5.93
C GLU A 200 -37.53 -1.69 7.03
N PHE A 201 -37.73 -0.73 7.90
CA PHE A 201 -36.76 -0.41 8.91
C PHE A 201 -36.92 -1.38 10.08
N MET A 202 -35.84 -2.02 10.44
CA MET A 202 -35.80 -2.86 11.58
C MET A 202 -36.05 -2.06 12.87
N PRO A 203 -36.98 -2.51 13.71
CA PRO A 203 -37.25 -1.78 14.93
C PRO A 203 -36.04 -1.80 15.88
N LEU A 204 -35.96 -0.80 16.75
CA LEU A 204 -34.94 -0.78 17.75
C LEU A 204 -35.31 -1.80 18.81
N ASP A 205 -34.32 -2.59 19.24
CA ASP A 205 -34.54 -3.52 20.32
C ASP A 205 -33.44 -3.46 21.37
N PRO A 206 -33.76 -2.79 22.47
CA PRO A 206 -32.81 -2.48 23.55
C PRO A 206 -32.25 -3.72 24.29
N THR A 207 -32.98 -4.84 24.28
CA THR A 207 -32.42 -6.09 24.77
C THR A 207 -31.27 -6.61 23.91
N GLN A 208 -31.16 -6.17 22.66
CA GLN A 208 -30.05 -6.61 21.77
C GLN A 208 -28.79 -5.71 21.80
N GLU A 209 -28.84 -4.61 22.55
CA GLU A 209 -27.72 -3.67 22.68
C GLU A 209 -26.46 -4.26 23.39
N PRO A 210 -25.25 -3.80 23.04
CA PRO A 210 -24.08 -4.32 23.80
C PRO A 210 -24.27 -4.08 25.31
N ILE A 211 -24.03 -5.10 26.09
CA ILE A 211 -24.11 -5.04 27.53
C ILE A 211 -22.97 -4.17 28.13
N PHE A 212 -23.29 -3.34 29.13
CA PHE A 212 -22.21 -2.64 29.85
C PHE A 212 -21.11 -3.66 30.29
N PRO A 213 -19.81 -3.36 30.03
CA PRO A 213 -18.76 -4.32 30.41
C PRO A 213 -18.85 -4.82 31.86
N PRO A 214 -19.01 -6.14 32.02
CA PRO A 214 -19.20 -6.73 33.36
C PRO A 214 -17.95 -6.55 34.23
N GLU A 215 -16.75 -6.81 33.72
CA GLU A 215 -15.56 -6.35 34.49
C GLU A 215 -15.63 -4.94 35.11
N LEU A 216 -16.12 -3.94 34.36
CA LEU A 216 -16.19 -2.58 34.86
C LEU A 216 -17.16 -2.42 36.00
N LEU A 217 -18.22 -3.22 36.01
CA LEU A 217 -19.18 -3.17 37.05
C LEU A 217 -18.64 -3.83 38.37
N ARG A 218 -17.71 -4.78 38.24
CA ARG A 218 -17.05 -5.41 39.42
C ARG A 218 -16.15 -4.39 40.09
N LEU A 219 -15.59 -3.51 39.27
CA LEU A 219 -14.63 -2.49 39.67
C LEU A 219 -15.27 -1.30 40.37
N LYS A 220 -16.58 -1.10 40.18
CA LYS A 220 -17.25 0.04 40.78
C LYS A 220 -17.17 -0.18 42.29
N ASP A 221 -16.95 -1.42 42.70
CA ASP A 221 -16.97 -1.74 44.11
C ASP A 221 -15.71 -1.21 44.80
N VAL A 222 -14.53 -1.51 44.26
CA VAL A 222 -13.25 -0.97 44.78
C VAL A 222 -13.16 0.57 44.93
N PRO A 223 -12.85 1.10 46.16
CA PRO A 223 -12.67 2.56 46.31
C PRO A 223 -11.57 3.05 45.40
N PRO A 224 -11.85 4.12 44.69
CA PRO A 224 -10.87 4.70 43.78
C PRO A 224 -9.69 5.32 44.55
N LYS A 225 -8.59 5.48 43.82
CA LYS A 225 -7.38 6.02 44.39
C LYS A 225 -6.65 6.83 43.36
N GLN A 226 -5.86 7.76 43.88
CA GLN A 226 -5.09 8.67 43.10
C GLN A 226 -4.24 7.91 42.06
N LEU A 227 -4.21 8.45 40.85
CA LEU A 227 -3.45 7.85 39.78
C LEU A 227 -2.53 8.91 39.29
N ARG A 228 -1.46 8.48 38.64
CA ARG A 228 -0.45 9.37 38.14
C ARG A 228 -0.16 8.88 36.73
N PHE A 229 -0.25 9.76 35.74
CA PHE A 229 0.28 9.42 34.42
C PHE A 229 1.41 10.37 34.01
N GLU A 230 2.37 9.84 33.28
CA GLU A 230 3.52 10.64 32.90
C GLU A 230 3.71 10.55 31.39
N GLY A 231 3.66 11.67 30.67
CA GLY A 231 3.98 11.60 29.25
C GLY A 231 5.24 12.36 28.85
N GLU A 232 5.34 12.67 27.56
CA GLU A 232 6.54 13.30 27.10
C GLU A 232 6.80 14.59 27.85
N ARG A 233 5.75 15.35 28.13
CA ARG A 233 5.89 16.73 28.52
C ARG A 233 5.03 17.02 29.74
N VAL A 234 4.08 16.13 30.03
CA VAL A 234 3.00 16.47 30.99
C VAL A 234 2.83 15.38 32.01
N THR A 235 2.61 15.78 33.27
CA THR A 235 2.32 14.79 34.32
C THR A 235 0.85 15.07 34.70
N TRP A 236 0.06 14.02 34.92
CA TRP A 236 -1.34 14.15 35.17
C TRP A 236 -1.66 13.41 36.47
N ILE A 237 -2.25 14.10 37.42
CA ILE A 237 -2.72 13.38 38.61
C ILE A 237 -4.24 13.33 38.68
N GLN A 238 -4.79 12.12 38.79
CA GLN A 238 -6.21 11.96 38.90
C GLN A 238 -6.51 11.91 40.37
N ALA A 239 -7.01 13.05 40.91
CA ALA A 239 -7.34 13.15 42.33
C ALA A 239 -8.63 12.39 42.78
N SER A 240 -8.49 11.45 43.72
CA SER A 240 -9.63 10.67 44.15
C SER A 240 -10.42 11.32 45.29
N THR A 241 -9.85 12.30 46.01
CA THR A 241 -10.60 12.91 47.14
C THR A 241 -10.34 14.39 47.14
N LEU A 242 -11.28 15.14 47.72
CA LEU A 242 -11.09 16.57 47.93
C LEU A 242 -9.80 16.90 48.72
N LYS A 243 -9.47 16.12 49.74
CA LYS A 243 -8.25 16.38 50.54
C LYS A 243 -7.00 16.20 49.65
N GLU A 244 -7.03 15.18 48.80
CA GLU A 244 -5.93 15.00 47.84
C GLU A 244 -5.80 16.20 46.94
N LEU A 245 -6.91 16.66 46.36
CA LEU A 245 -6.91 17.87 45.57
C LEU A 245 -6.31 19.09 46.29
N LEU A 246 -6.71 19.33 47.53
CA LEU A 246 -6.34 20.58 48.14
C LEU A 246 -4.86 20.47 48.61
N ASP A 247 -4.41 19.27 49.00
CA ASP A 247 -2.97 18.99 49.22
C ASP A 247 -2.21 19.23 47.95
N LEU A 248 -2.71 18.68 46.85
CA LEU A 248 -1.98 18.88 45.59
C LEU A 248 -1.94 20.29 45.15
N LYS A 249 -3.00 21.07 45.36
CA LYS A 249 -2.92 22.50 44.93
C LYS A 249 -1.92 23.33 45.84
N ALA A 250 -1.74 22.90 47.08
CA ALA A 250 -0.80 23.58 48.03
C ALA A 250 0.63 23.28 47.56
N GLN A 251 0.88 22.01 47.21
CA GLN A 251 2.19 21.54 46.73
C GLN A 251 2.55 22.03 45.33
N HIS A 252 1.54 22.22 44.50
CA HIS A 252 1.77 22.54 43.09
C HIS A 252 0.72 23.57 42.70
N PRO A 253 0.90 24.86 43.11
CA PRO A 253 -0.11 25.89 42.85
C PRO A 253 -0.22 26.23 41.38
N GLU A 254 0.84 26.01 40.63
CA GLU A 254 0.84 26.32 39.21
C GLU A 254 0.07 25.25 38.38
N ALA A 255 -0.19 24.11 39.01
CA ALA A 255 -0.76 22.94 38.36
C ALA A 255 -2.12 23.36 37.83
N LYS A 256 -2.51 22.82 36.69
CA LYS A 256 -3.71 23.32 35.97
C LYS A 256 -4.78 22.34 36.19
N LEU A 257 -5.93 22.79 36.63
CA LEU A 257 -7.03 21.85 36.83
C LEU A 257 -7.60 21.47 35.45
N VAL A 258 -7.97 20.22 35.22
CA VAL A 258 -8.71 19.89 33.97
C VAL A 258 -9.90 19.03 34.31
N VAL A 259 -11.09 19.41 33.79
CA VAL A 259 -12.29 18.53 33.91
C VAL A 259 -12.73 18.05 32.51
N GLY A 260 -13.44 18.90 31.76
CA GLY A 260 -13.89 18.52 30.44
C GLY A 260 -12.86 18.68 29.34
N ASN A 261 -11.83 19.51 29.66
CA ASN A 261 -10.77 19.82 28.71
C ASN A 261 -11.23 20.66 27.52
N THR A 262 -12.43 21.21 27.60
CA THR A 262 -13.00 21.84 26.41
C THR A 262 -12.49 23.23 26.29
N GLU A 263 -11.79 23.68 27.31
CA GLU A 263 -11.08 24.91 27.15
C GLU A 263 -9.54 24.62 27.12
N ILE A 264 -9.02 23.87 28.10
CA ILE A 264 -7.61 23.56 28.09
C ILE A 264 -7.18 22.86 26.79
N GLY A 265 -8.07 22.05 26.24
CA GLY A 265 -7.74 21.30 24.97
C GLY A 265 -7.48 22.28 23.85
N ILE A 266 -8.26 23.35 23.81
CA ILE A 266 -8.08 24.39 22.84
C ILE A 266 -6.73 25.14 23.11
N GLU A 267 -6.46 25.49 24.39
CA GLU A 267 -5.29 26.32 24.70
C GLU A 267 -4.03 25.52 24.28
N MET A 268 -4.02 24.24 24.61
CA MET A 268 -2.95 23.40 24.22
C MET A 268 -2.74 23.27 22.71
N LYS A 269 -3.82 23.02 21.99
CA LYS A 269 -3.72 22.71 20.59
C LYS A 269 -3.58 23.99 19.80
N PHE A 270 -4.32 25.03 20.16
CA PHE A 270 -4.36 26.21 19.31
C PHE A 270 -3.58 27.44 19.79
N LYS A 271 -3.23 27.52 21.07
CA LYS A 271 -2.42 28.64 21.52
C LYS A 271 -1.04 28.26 21.99
N ASN A 272 -0.62 27.02 21.76
CA ASN A 272 0.71 26.56 22.16
C ASN A 272 1.01 26.81 23.63
N GLN A 273 0.01 26.52 24.46
CA GLN A 273 0.25 26.51 25.84
C GLN A 273 0.77 25.12 26.19
N LEU A 274 1.65 25.03 27.17
CA LEU A 274 2.00 23.73 27.72
C LEU A 274 1.85 23.81 29.24
N PHE A 275 1.06 22.92 29.83
CA PHE A 275 0.86 22.90 31.27
C PHE A 275 1.53 21.65 31.77
N PRO A 276 2.71 21.79 32.37
CA PRO A 276 3.46 20.56 32.55
C PRO A 276 2.88 19.68 33.65
N MET A 277 1.97 20.23 34.45
CA MET A 277 1.31 19.43 35.44
C MET A 277 -0.19 19.69 35.39
N ILE A 278 -0.93 18.60 35.27
CA ILE A 278 -2.41 18.66 35.32
C ILE A 278 -2.97 17.94 36.54
N ILE A 279 -3.96 18.53 37.17
CA ILE A 279 -4.71 17.78 38.20
C ILE A 279 -6.14 17.61 37.69
N CYS A 280 -6.64 16.38 37.66
CA CYS A 280 -8.03 16.21 37.27
C CYS A 280 -8.83 15.83 38.49
N PRO A 281 -9.78 16.73 38.93
CA PRO A 281 -10.58 16.53 40.16
C PRO A 281 -11.96 15.93 39.90
N ALA A 282 -12.20 15.45 38.67
CA ALA A 282 -13.55 15.01 38.21
C ALA A 282 -14.22 13.94 39.07
N TRP A 283 -13.45 13.01 39.64
CA TRP A 283 -13.99 11.95 40.47
C TRP A 283 -14.45 12.37 41.88
N ILE A 284 -14.05 13.54 42.35
CA ILE A 284 -14.25 13.87 43.75
C ILE A 284 -15.72 14.13 44.08
N PRO A 285 -16.26 13.40 45.05
CA PRO A 285 -17.72 13.53 45.34
C PRO A 285 -18.24 14.96 45.59
N GLU A 286 -17.51 15.76 46.37
CA GLU A 286 -17.97 17.12 46.68
C GLU A 286 -17.98 18.01 45.46
N LEU A 287 -17.16 17.70 44.46
CA LEU A 287 -17.18 18.50 43.20
C LEU A 287 -18.29 18.11 42.22
N ASN A 288 -19.02 17.06 42.57
CA ASN A 288 -20.14 16.50 41.76
C ASN A 288 -21.52 16.48 42.44
N ALA A 289 -21.57 16.92 43.72
CA ALA A 289 -22.82 16.88 44.50
C ALA A 289 -23.76 17.96 44.08
N VAL A 290 -25.06 17.68 44.20
CA VAL A 290 -26.15 18.63 43.91
C VAL A 290 -26.99 18.69 45.16
N GLU A 291 -27.19 19.87 45.71
CA GLU A 291 -27.98 20.02 46.93
C GLU A 291 -29.08 21.06 46.77
N HIS A 292 -30.25 20.73 47.32
CA HIS A 292 -31.38 21.63 47.24
C HIS A 292 -31.54 22.33 48.57
N GLY A 293 -31.14 23.60 48.65
CA GLY A 293 -31.08 24.32 49.90
C GLY A 293 -32.23 25.31 49.96
N PRO A 294 -32.36 26.03 51.10
CA PRO A 294 -33.48 27.00 51.18
C PRO A 294 -33.28 28.18 50.23
N GLU A 295 -32.02 28.47 49.92
CA GLU A 295 -31.70 29.64 49.17
C GLU A 295 -31.53 29.35 47.65
N GLY A 296 -31.30 28.10 47.29
CA GLY A 296 -31.10 27.79 45.88
C GLY A 296 -30.64 26.38 45.71
N ILE A 297 -30.13 26.11 44.52
CA ILE A 297 -29.65 24.80 44.21
C ILE A 297 -28.14 24.86 44.01
N SER A 298 -27.45 23.91 44.64
CA SER A 298 -26.01 23.96 44.69
C SER A 298 -25.45 22.79 43.88
N PHE A 299 -24.54 23.10 42.96
CA PHE A 299 -23.86 22.11 42.10
C PHE A 299 -22.34 22.09 42.45
N GLY A 300 -21.74 20.93 42.68
CA GLY A 300 -20.27 20.84 42.65
C GLY A 300 -19.71 21.45 41.34
N ALA A 301 -18.49 22.00 41.39
CA ALA A 301 -17.91 22.66 40.24
C ALA A 301 -17.52 21.68 39.10
N ALA A 302 -17.47 20.39 39.34
CA ALA A 302 -17.19 19.44 38.23
C ALA A 302 -18.48 18.90 37.51
N CYS A 303 -19.67 19.16 38.05
CA CYS A 303 -20.97 18.88 37.39
C CYS A 303 -21.01 19.32 35.91
N ALA A 304 -21.27 18.39 35.03
CA ALA A 304 -21.37 18.80 33.64
C ALA A 304 -22.56 19.77 33.44
N LEU A 305 -22.47 20.60 32.39
CA LEU A 305 -23.51 21.53 32.10
C LEU A 305 -24.83 20.75 31.73
N SER A 306 -24.68 19.54 31.15
CA SER A 306 -25.88 18.71 30.85
C SER A 306 -26.59 18.33 32.14
N SER A 307 -25.83 18.06 33.22
CA SER A 307 -26.44 17.78 34.56
C SER A 307 -27.07 19.02 35.12
N VAL A 308 -26.37 20.15 34.95
CA VAL A 308 -26.92 21.39 35.42
C VAL A 308 -28.28 21.59 34.72
N GLU A 309 -28.30 21.42 33.43
CA GLU A 309 -29.46 21.61 32.61
C GLU A 309 -30.60 20.68 33.06
N LYS A 310 -30.32 19.39 33.19
CA LYS A 310 -31.36 18.48 33.63
C LYS A 310 -31.94 18.88 35.03
N THR A 311 -31.08 19.31 35.93
CA THR A 311 -31.53 19.59 37.28
C THR A 311 -32.38 20.82 37.29
N LEU A 312 -32.01 21.82 36.50
CA LEU A 312 -32.77 23.05 36.48
C LEU A 312 -34.12 22.87 35.79
N LEU A 313 -34.11 22.11 34.69
CA LEU A 313 -35.36 21.78 33.98
C LEU A 313 -36.33 21.13 34.96
N GLU A 314 -35.89 20.13 35.72
CA GLU A 314 -36.73 19.50 36.74
C GLU A 314 -37.17 20.55 37.81
N ALA A 315 -36.27 21.41 38.27
CA ALA A 315 -36.72 22.43 39.20
C ALA A 315 -37.78 23.37 38.57
N VAL A 316 -37.63 23.62 37.27
CA VAL A 316 -38.47 24.62 36.62
C VAL A 316 -39.88 24.03 36.44
N ALA A 317 -39.98 22.71 36.29
CA ALA A 317 -41.27 21.98 36.14
C ALA A 317 -42.00 21.81 37.48
N LYS A 318 -41.21 21.57 38.53
CA LYS A 318 -41.72 21.32 39.89
C LYS A 318 -42.16 22.59 40.65
N LEU A 319 -41.41 23.67 40.50
CA LEU A 319 -41.52 24.84 41.39
C LEU A 319 -42.36 25.99 40.84
N PRO A 320 -42.92 26.83 41.74
CA PRO A 320 -43.63 28.03 41.28
C PRO A 320 -42.78 28.90 40.37
N THR A 321 -43.36 29.35 39.27
CA THR A 321 -42.69 30.26 38.31
C THR A 321 -41.89 31.37 38.92
N GLN A 322 -42.39 31.92 40.03
CA GLN A 322 -41.74 33.02 40.68
C GLN A 322 -40.48 32.62 41.45
N LYS A 323 -40.22 31.32 41.59
CA LYS A 323 -39.00 30.87 42.25
C LYS A 323 -37.87 30.64 41.25
N THR A 324 -38.20 30.57 39.95
CA THR A 324 -37.32 29.93 38.99
C THR A 324 -36.82 30.89 37.93
N GLU A 325 -36.88 32.20 38.21
CA GLU A 325 -36.58 33.19 37.19
C GLU A 325 -35.12 33.12 36.77
N VAL A 326 -34.21 32.88 37.75
CA VAL A 326 -32.79 32.88 37.46
C VAL A 326 -32.49 31.61 36.77
N PHE A 327 -33.06 30.52 37.31
CA PHE A 327 -32.92 29.20 36.68
C PHE A 327 -33.28 29.20 35.19
N ARG A 328 -34.32 29.94 34.81
CA ARG A 328 -34.80 29.95 33.42
C ARG A 328 -33.84 30.75 32.54
N GLY A 329 -33.21 31.78 33.11
CA GLY A 329 -32.07 32.47 32.43
C GLY A 329 -30.93 31.49 32.19
N VAL A 330 -30.53 30.73 33.21
CA VAL A 330 -29.45 29.77 33.00
C VAL A 330 -29.85 28.85 31.82
N LEU A 331 -31.08 28.36 31.87
CA LEU A 331 -31.56 27.42 30.86
C LEU A 331 -31.57 27.99 29.46
N GLU A 332 -32.01 29.24 29.34
CA GLU A 332 -32.04 29.93 28.07
C GLU A 332 -30.62 30.05 27.48
N GLN A 333 -29.63 30.35 28.31
CA GLN A 333 -28.23 30.32 27.82
C GLN A 333 -27.81 28.88 27.48
N LEU A 334 -28.11 27.89 28.32
CA LEU A 334 -27.65 26.54 28.00
C LEU A 334 -28.24 26.01 26.70
N ARG A 335 -29.40 26.52 26.27
CA ARG A 335 -30.01 26.10 25.03
C ARG A 335 -29.15 26.35 23.80
N TRP A 336 -28.33 27.40 23.88
CA TRP A 336 -27.52 27.87 22.78
C TRP A 336 -26.01 27.74 23.07
N PHE A 337 -25.66 26.84 23.94
CA PHE A 337 -24.30 26.69 24.40
C PHE A 337 -23.74 25.40 23.79
N ALA A 338 -22.80 25.49 22.85
CA ALA A 338 -22.19 24.24 22.31
C ALA A 338 -23.28 23.25 21.97
N GLY A 339 -23.04 21.98 22.19
CA GLY A 339 -24.00 20.95 21.78
C GLY A 339 -23.94 19.86 22.84
N LYS A 340 -24.58 18.73 22.55
CA LYS A 340 -24.69 17.68 23.53
C LYS A 340 -23.30 17.15 23.96
N GLN A 341 -22.39 17.01 22.99
CA GLN A 341 -21.04 16.48 23.22
C GLN A 341 -20.31 17.35 24.17
N VAL A 342 -20.35 18.65 23.92
CA VAL A 342 -19.64 19.59 24.80
C VAL A 342 -20.29 19.67 26.18
N LYS A 343 -21.61 19.86 26.18
CA LYS A 343 -22.35 20.04 27.42
C LYS A 343 -22.24 18.85 28.38
N SER A 344 -22.02 17.66 27.84
CA SER A 344 -21.88 16.45 28.63
C SER A 344 -20.55 16.26 29.36
N VAL A 345 -19.50 16.97 28.95
CA VAL A 345 -18.21 16.90 29.61
C VAL A 345 -17.83 18.30 30.16
N ALA A 346 -18.28 19.41 29.53
CA ALA A 346 -17.92 20.74 30.05
C ALA A 346 -18.45 20.94 31.49
N SER A 347 -17.61 21.37 32.44
CA SER A 347 -18.07 21.62 33.79
C SER A 347 -18.42 23.07 34.01
N LEU A 348 -19.24 23.25 35.03
CA LEU A 348 -19.68 24.55 35.50
C LEU A 348 -18.50 25.39 35.97
N GLY A 349 -17.57 24.82 36.71
CA GLY A 349 -16.44 25.62 37.23
C GLY A 349 -15.52 25.89 36.09
N GLY A 350 -15.50 24.99 35.09
CA GLY A 350 -14.61 25.22 33.95
C GLY A 350 -15.04 26.49 33.23
N ASN A 351 -16.36 26.68 33.09
CA ASN A 351 -16.81 27.92 32.45
C ASN A 351 -16.51 29.17 33.30
N ILE A 352 -16.77 29.10 34.61
CA ILE A 352 -16.58 30.27 35.47
C ILE A 352 -15.12 30.69 35.57
N ILE A 353 -14.22 29.77 35.90
CA ILE A 353 -12.80 30.11 36.07
C ILE A 353 -12.09 30.40 34.75
N THR A 354 -12.50 29.80 33.59
CA THR A 354 -11.93 30.25 32.30
C THR A 354 -12.09 31.76 32.09
N ALA A 355 -13.25 32.33 32.48
CA ALA A 355 -13.40 33.80 32.51
C ALA A 355 -13.22 34.40 31.15
N SER A 356 -13.72 33.69 30.15
CA SER A 356 -13.74 34.25 28.83
C SER A 356 -14.67 35.47 28.84
N PRO A 357 -14.25 36.56 28.16
CA PRO A 357 -15.09 37.77 27.98
C PRO A 357 -16.44 37.44 27.38
N ILE A 358 -16.52 36.27 26.74
CA ILE A 358 -17.74 35.89 26.03
C ILE A 358 -18.43 34.68 26.69
N SER A 359 -18.07 34.34 27.93
CA SER A 359 -18.90 33.40 28.72
C SER A 359 -20.37 33.78 28.66
N ASP A 360 -21.23 32.82 28.32
CA ASP A 360 -22.67 33.03 28.42
C ASP A 360 -23.18 32.80 29.83
N LEU A 361 -22.41 32.12 30.65
CA LEU A 361 -22.87 31.84 32.02
C LEU A 361 -22.53 32.95 33.02
N ASN A 362 -21.28 33.45 32.97
CA ASN A 362 -20.84 34.41 33.97
C ASN A 362 -21.69 35.71 34.02
N PRO A 363 -22.09 36.28 32.86
CA PRO A 363 -23.08 37.37 33.01
C PRO A 363 -24.32 36.99 33.84
N VAL A 364 -24.78 35.74 33.74
CA VAL A 364 -25.99 35.32 34.42
C VAL A 364 -25.66 35.08 35.88
N PHE A 365 -24.54 34.41 36.12
CA PHE A 365 -24.10 34.26 37.48
C PHE A 365 -23.86 35.60 38.21
N MET A 366 -23.46 36.65 37.48
CA MET A 366 -23.08 37.88 38.09
C MET A 366 -24.34 38.70 38.35
N ALA A 367 -25.24 38.75 37.34
CA ALA A 367 -26.52 39.43 37.51
C ALA A 367 -27.27 38.86 38.69
N SER A 368 -27.15 37.56 38.93
CA SER A 368 -27.86 36.89 39.99
C SER A 368 -27.18 36.84 41.37
N GLY A 369 -25.93 37.30 41.52
CA GLY A 369 -25.19 37.15 42.79
C GLY A 369 -25.08 35.71 43.18
N THR A 370 -25.01 34.82 42.19
CA THR A 370 -24.83 33.41 42.38
C THR A 370 -23.65 33.18 43.31
N LYS A 371 -23.78 32.22 44.19
CA LYS A 371 -22.84 32.05 45.30
C LYS A 371 -21.72 31.09 44.97
N LEU A 372 -20.47 31.54 45.08
CA LEU A 372 -19.30 30.67 44.84
C LEU A 372 -18.70 30.20 46.11
N THR A 373 -18.67 28.91 46.33
CA THR A 373 -17.94 28.40 47.51
C THR A 373 -16.52 27.98 47.07
N ILE A 374 -15.50 28.61 47.65
CA ILE A 374 -14.12 28.57 47.21
C ILE A 374 -13.27 28.09 48.37
N VAL A 375 -12.51 27.03 48.15
CA VAL A 375 -11.73 26.43 49.24
C VAL A 375 -10.24 26.30 48.96
N SER A 376 -9.45 26.18 50.03
CA SER A 376 -8.05 25.69 49.93
C SER A 376 -7.78 24.86 51.17
N ARG A 377 -6.62 24.19 51.21
CA ARG A 377 -6.27 23.39 52.41
C ARG A 377 -6.48 24.31 53.64
N GLY A 378 -7.27 23.85 54.61
CA GLY A 378 -7.65 24.72 55.73
C GLY A 378 -8.18 26.15 55.43
N THR A 379 -8.83 26.35 54.28
CA THR A 379 -9.70 27.55 54.09
C THR A 379 -11.00 27.28 53.30
N ARG A 380 -12.08 27.97 53.70
CA ARG A 380 -13.38 27.94 53.03
C ARG A 380 -14.05 29.30 53.12
N ARG A 381 -14.39 29.91 51.99
CA ARG A 381 -15.21 31.14 51.96
C ARG A 381 -16.38 31.00 50.94
N THR A 382 -17.44 31.79 51.11
CA THR A 382 -18.52 31.82 50.12
C THR A 382 -18.77 33.25 49.71
N VAL A 383 -18.67 33.57 48.42
CA VAL A 383 -18.94 34.93 47.99
C VAL A 383 -19.97 34.95 46.88
N PRO A 384 -20.82 35.99 46.88
CA PRO A 384 -21.67 36.28 45.74
C PRO A 384 -20.78 36.68 44.56
N MET A 385 -20.92 36.03 43.40
CA MET A 385 -20.27 36.57 42.20
C MET A 385 -20.81 37.95 41.99
N ASP A 386 -19.92 38.91 41.74
CA ASP A 386 -20.27 40.32 41.48
C ASP A 386 -19.22 40.88 40.54
N HIS A 387 -19.28 42.16 40.19
CA HIS A 387 -18.38 42.69 39.19
C HIS A 387 -16.85 42.63 39.56
N THR A 388 -16.52 42.45 40.85
CA THR A 388 -15.08 42.50 41.27
C THR A 388 -14.46 41.13 41.06
N PHE A 389 -15.32 40.11 40.95
CA PHE A 389 -14.80 38.75 40.81
C PHE A 389 -13.89 38.51 39.56
N PHE A 390 -14.07 39.31 38.51
CA PHE A 390 -13.27 39.28 37.31
C PHE A 390 -12.54 40.60 37.21
N PRO A 391 -11.34 40.69 37.85
CA PRO A 391 -10.55 41.94 37.90
C PRO A 391 -9.98 42.32 36.54
N SER A 392 -9.68 41.33 35.71
CA SER A 392 -9.06 41.65 34.46
C SER A 392 -9.10 40.42 33.53
N TYR A 393 -8.66 40.64 32.29
CA TYR A 393 -8.67 39.67 31.24
C TYR A 393 -8.25 38.29 31.65
N ARG A 394 -9.22 37.39 31.71
CA ARG A 394 -9.07 36.00 32.05
C ARG A 394 -8.70 35.68 33.50
N LYS A 395 -8.77 36.66 34.38
CA LYS A 395 -8.45 36.40 35.77
C LYS A 395 -9.71 36.39 36.64
N THR A 396 -9.63 35.71 37.78
CA THR A 396 -10.67 35.72 38.79
C THR A 396 -10.00 35.92 40.16
N LEU A 397 -10.77 36.26 41.16
CA LEU A 397 -10.26 36.39 42.52
C LEU A 397 -10.13 35.04 43.20
N LEU A 398 -9.55 34.04 42.57
CA LEU A 398 -9.28 32.80 43.26
C LEU A 398 -7.79 32.94 43.50
N GLY A 399 -7.28 32.51 44.64
CA GLY A 399 -5.82 32.47 44.82
C GLY A 399 -5.18 31.18 44.29
N PRO A 400 -3.83 31.20 44.11
CA PRO A 400 -3.06 30.07 43.58
C PRO A 400 -3.38 28.73 44.23
N GLU A 401 -3.67 28.75 45.53
CA GLU A 401 -3.99 27.51 46.27
C GLU A 401 -5.48 27.11 46.22
N GLU A 402 -6.32 27.99 45.69
CA GLU A 402 -7.77 27.87 45.88
C GLU A 402 -8.45 27.14 44.74
N ILE A 403 -9.43 26.27 45.04
CA ILE A 403 -10.31 25.72 43.98
C ILE A 403 -11.78 26.18 44.17
N LEU A 404 -12.53 26.27 43.05
CA LEU A 404 -13.99 26.47 43.11
C LEU A 404 -14.58 25.13 43.39
N LEU A 405 -15.24 25.07 44.55
CA LEU A 405 -15.80 23.85 45.06
C LEU A 405 -17.26 23.64 44.53
N SER A 406 -18.08 24.68 44.61
CA SER A 406 -19.53 24.48 44.39
C SER A 406 -20.18 25.82 44.14
N ILE A 407 -21.32 25.81 43.50
CA ILE A 407 -21.97 27.03 43.03
C ILE A 407 -23.43 26.92 43.41
N GLU A 408 -23.96 27.98 44.00
CA GLU A 408 -25.37 27.98 44.37
C GLU A 408 -26.17 28.89 43.46
N ILE A 409 -27.04 28.31 42.66
CA ILE A 409 -27.76 29.21 41.77
C ILE A 409 -29.02 29.59 42.53
N PRO A 410 -29.28 30.87 42.72
CA PRO A 410 -30.41 31.17 43.62
C PRO A 410 -31.83 31.05 43.01
N TYR A 411 -32.74 30.74 43.91
CA TYR A 411 -34.16 31.00 43.74
C TYR A 411 -34.39 32.47 43.56
N SER A 412 -35.36 32.75 42.71
CA SER A 412 -35.90 34.07 42.44
C SER A 412 -36.87 34.51 43.58
N ARG A 413 -36.96 35.78 43.98
CA ARG A 413 -37.84 36.17 45.10
C ARG A 413 -39.09 36.86 44.55
N GLU A 414 -40.04 37.18 45.43
CA GLU A 414 -41.21 37.92 45.01
C GLU A 414 -40.70 39.25 44.56
N ASP A 415 -41.34 39.84 43.56
CA ASP A 415 -40.90 41.12 43.03
C ASP A 415 -39.52 41.10 42.32
N GLU A 416 -38.99 39.93 41.95
CA GLU A 416 -37.68 39.84 41.31
C GLU A 416 -37.78 39.13 39.95
N PHE A 417 -37.31 39.77 38.89
CA PHE A 417 -37.41 39.19 37.58
C PHE A 417 -36.07 39.13 36.89
N PHE A 418 -35.96 38.19 35.95
CA PHE A 418 -34.69 37.89 35.36
C PHE A 418 -34.82 37.53 33.89
N SER A 419 -33.96 38.09 33.04
CA SER A 419 -33.76 37.58 31.66
C SER A 419 -32.28 37.34 31.35
N ALA A 420 -32.02 36.41 30.43
CA ALA A 420 -30.73 36.25 29.78
C ALA A 420 -30.88 36.16 28.26
N PHE A 421 -29.99 36.84 27.56
CA PHE A 421 -29.98 36.85 26.10
C PHE A 421 -28.57 36.64 25.55
N LYS A 422 -28.47 35.91 24.45
CA LYS A 422 -27.22 35.73 23.70
C LYS A 422 -27.49 35.98 22.22
N GLN A 423 -26.74 36.87 21.60
CA GLN A 423 -26.78 36.94 20.12
C GLN A 423 -25.46 36.57 19.54
N ALA A 424 -25.46 35.68 18.54
CA ALA A 424 -24.18 35.32 17.83
C ALA A 424 -24.14 35.56 16.31
N SER A 425 -23.34 34.77 15.59
CA SER A 425 -23.42 34.75 14.09
C SER A 425 -24.48 33.72 13.59
N ARG A 426 -24.66 32.65 14.38
CA ARG A 426 -25.61 31.55 14.15
C ARG A 426 -26.16 31.16 15.52
N ARG A 427 -27.39 30.71 15.56
CA ARG A 427 -28.12 30.48 16.79
C ARG A 427 -27.61 29.22 17.50
N GLU A 428 -27.24 28.22 16.71
CA GLU A 428 -26.80 26.92 17.28
C GLU A 428 -25.25 26.88 17.43
N ASP A 429 -24.78 26.29 18.53
CA ASP A 429 -23.32 26.12 18.76
C ASP A 429 -22.40 27.29 18.27
N ASP A 430 -22.62 28.49 18.80
CA ASP A 430 -21.80 29.63 18.43
C ASP A 430 -21.28 30.38 19.67
N ILE A 431 -20.28 31.20 19.40
CA ILE A 431 -19.63 32.07 20.39
C ILE A 431 -20.34 33.44 20.38
N ALA A 432 -20.84 33.84 21.53
CA ALA A 432 -21.60 35.11 21.65
C ALA A 432 -20.90 36.38 21.08
N LYS A 433 -21.64 37.16 20.29
CA LYS A 433 -21.29 38.58 20.07
C LYS A 433 -21.55 39.42 21.37
N VAL A 434 -22.80 39.52 21.79
CA VAL A 434 -23.12 40.12 23.07
C VAL A 434 -24.00 39.10 23.79
N THR A 435 -23.79 38.97 25.09
CA THR A 435 -24.47 37.94 25.91
C THR A 435 -24.72 38.60 27.27
N CYS A 436 -25.83 38.28 27.93
CA CYS A 436 -26.16 39.08 29.09
C CYS A 436 -27.04 38.35 30.09
N GLY A 437 -26.99 38.87 31.32
CA GLY A 437 -27.85 38.47 32.44
C GLY A 437 -28.43 39.75 32.97
N MET A 438 -29.77 39.81 33.16
CA MET A 438 -30.45 41.00 33.66
C MET A 438 -31.43 40.65 34.83
N ARG A 439 -31.26 41.35 35.96
CA ARG A 439 -32.09 41.11 37.16
C ARG A 439 -32.68 42.45 37.60
N VAL A 440 -33.95 42.47 37.94
CA VAL A 440 -34.48 43.62 38.69
C VAL A 440 -35.18 43.13 39.96
N LEU A 441 -35.09 43.95 41.02
CA LEU A 441 -35.82 43.64 42.26
C LEU A 441 -36.51 44.95 42.59
N PHE A 442 -37.83 44.82 42.74
CA PHE A 442 -38.74 45.93 43.01
C PHE A 442 -39.11 45.98 44.52
N GLN A 443 -39.41 47.16 45.03
CA GLN A 443 -40.05 47.21 46.40
C GLN A 443 -41.29 46.33 46.34
N PRO A 444 -41.68 45.74 47.49
CA PRO A 444 -42.79 44.78 47.49
C PRO A 444 -44.12 45.31 46.85
N GLY A 445 -44.77 44.45 46.09
CA GLY A 445 -45.85 44.83 45.16
C GLY A 445 -45.79 46.15 44.41
N SER A 446 -44.60 46.66 44.09
CA SER A 446 -44.50 47.93 43.35
C SER A 446 -43.73 47.83 42.00
N MET A 447 -43.65 48.95 41.31
CA MET A 447 -42.85 49.13 40.11
C MET A 447 -41.62 49.97 40.39
N GLN A 448 -41.24 50.05 41.67
CA GLN A 448 -40.12 50.92 42.13
C GLN A 448 -38.86 50.06 42.28
N VAL A 449 -37.84 50.43 41.52
CA VAL A 449 -36.61 49.61 41.44
C VAL A 449 -35.89 49.63 42.80
N LYS A 450 -35.76 48.49 43.46
CA LYS A 450 -34.87 48.35 44.64
C LYS A 450 -33.43 47.94 44.20
N GLU A 451 -33.31 46.85 43.40
CA GLU A 451 -32.01 46.42 42.80
C GLU A 451 -32.13 46.30 41.28
N LEU A 452 -31.05 46.58 40.55
CA LEU A 452 -30.99 46.33 39.10
C LEU A 452 -29.53 45.96 38.72
N ALA A 453 -29.39 44.89 37.96
CA ALA A 453 -28.09 44.40 37.56
C ALA A 453 -28.19 44.04 36.06
N LEU A 454 -27.44 44.76 35.25
CA LEU A 454 -27.32 44.52 33.79
C LEU A 454 -25.86 44.12 33.47
N CYS A 455 -25.62 42.84 33.26
CA CYS A 455 -24.25 42.23 33.14
C CYS A 455 -24.04 41.62 31.76
N TYR A 456 -22.93 42.00 31.13
CA TYR A 456 -22.70 41.68 29.73
C TYR A 456 -21.35 41.00 29.50
N GLY A 457 -21.41 39.98 28.66
CA GLY A 457 -20.22 39.50 27.93
C GLY A 457 -20.12 40.10 26.53
N GLY A 458 -18.92 40.00 25.93
CA GLY A 458 -18.66 40.55 24.61
C GLY A 458 -18.57 42.05 24.53
N MET A 459 -18.57 42.78 25.64
CA MET A 459 -18.44 44.23 25.52
C MET A 459 -17.09 44.84 26.04
N ALA A 460 -16.16 43.96 26.43
CA ALA A 460 -14.90 44.34 27.04
C ALA A 460 -14.13 43.05 27.18
N ASP A 461 -12.96 43.10 27.77
CA ASP A 461 -12.13 41.91 27.93
C ASP A 461 -12.46 41.06 29.13
N ARG A 462 -13.61 41.30 29.73
CA ARG A 462 -14.05 40.50 30.89
C ARG A 462 -15.56 40.70 30.98
N THR A 463 -16.21 39.90 31.80
CA THR A 463 -17.62 40.09 31.99
C THR A 463 -17.77 41.36 32.82
N ILE A 464 -18.61 42.28 32.36
CA ILE A 464 -18.79 43.56 33.04
C ILE A 464 -20.26 43.83 33.39
N SER A 465 -20.45 44.66 34.42
CA SER A 465 -21.76 45.21 34.86
C SER A 465 -21.83 46.69 34.54
N ALA A 466 -22.99 47.12 34.03
CA ALA A 466 -23.24 48.55 33.82
C ALA A 466 -23.70 49.24 35.12
N LEU A 467 -22.82 49.24 36.14
CA LEU A 467 -23.15 49.81 37.45
C LEU A 467 -23.43 51.27 37.38
N LYS A 468 -22.82 52.01 36.46
CA LYS A 468 -23.15 53.41 36.45
C LYS A 468 -24.56 53.71 35.94
N THR A 469 -24.99 52.96 34.93
CA THR A 469 -26.31 53.12 34.36
C THR A 469 -27.34 52.69 35.40
N THR A 470 -27.10 51.58 36.06
CA THR A 470 -28.09 50.97 36.89
C THR A 470 -28.24 51.67 38.27
N GLN A 471 -27.14 52.22 38.81
CA GLN A 471 -27.15 53.05 40.04
C GLN A 471 -28.12 54.23 39.95
N LYS A 472 -28.13 54.89 38.78
CA LYS A 472 -29.01 56.03 38.50
C LYS A 472 -30.54 55.73 38.60
N GLN A 473 -30.89 54.46 38.57
CA GLN A 473 -32.29 53.99 38.49
C GLN A 473 -32.86 53.42 39.78
N LEU A 474 -32.01 53.16 40.77
CA LEU A 474 -32.48 52.68 42.06
C LEU A 474 -33.50 53.73 42.58
N SER A 475 -34.61 53.29 43.19
CA SER A 475 -35.77 54.21 43.55
C SER A 475 -36.64 54.74 42.41
N LYS A 476 -36.17 54.62 41.17
CA LYS A 476 -36.98 55.01 40.05
C LYS A 476 -38.01 53.92 39.77
N PHE A 477 -38.96 54.28 38.91
CA PHE A 477 -40.05 53.37 38.63
C PHE A 477 -39.94 52.76 37.22
N TRP A 478 -40.52 51.59 37.01
CA TRP A 478 -40.38 50.95 35.70
C TRP A 478 -41.29 51.61 34.69
N ASN A 479 -40.74 52.57 33.93
CA ASN A 479 -41.53 53.27 32.95
C ASN A 479 -40.74 53.68 31.73
N GLU A 480 -41.43 54.27 30.75
CA GLU A 480 -40.79 54.87 29.56
C GLU A 480 -39.55 55.78 29.77
N LYS A 481 -39.61 56.68 30.75
CA LYS A 481 -38.49 57.55 31.06
C LYS A 481 -37.29 56.71 31.54
N LEU A 482 -37.54 55.65 32.32
CA LEU A 482 -36.49 54.74 32.78
C LEU A 482 -35.84 54.01 31.58
N LEU A 483 -36.68 53.52 30.64
CA LEU A 483 -36.17 52.84 29.47
C LEU A 483 -35.29 53.78 28.69
N GLN A 484 -35.75 55.00 28.47
CA GLN A 484 -34.98 55.98 27.72
C GLN A 484 -33.66 56.32 28.42
N ASP A 485 -33.68 56.39 29.76
CA ASP A 485 -32.51 56.81 30.56
C ASP A 485 -31.47 55.70 30.54
N VAL A 486 -31.92 54.45 30.71
CA VAL A 486 -31.04 53.27 30.67
C VAL A 486 -30.46 53.13 29.27
N CYS A 487 -31.25 53.31 28.21
CA CYS A 487 -30.68 53.21 26.86
C CYS A 487 -29.57 54.23 26.66
N ALA A 488 -29.87 55.50 26.97
CA ALA A 488 -28.87 56.56 26.93
C ALA A 488 -27.65 56.30 27.83
N GLY A 489 -27.89 55.75 29.03
CA GLY A 489 -26.77 55.38 29.88
C GLY A 489 -25.95 54.21 29.29
N LEU A 490 -26.62 53.26 28.64
CA LEU A 490 -25.89 52.07 28.10
C LEU A 490 -24.97 52.52 26.98
N ALA A 491 -25.50 53.41 26.13
CA ALA A 491 -24.79 54.00 24.99
C ALA A 491 -23.55 54.76 25.42
N GLU A 492 -23.62 55.43 26.59
CA GLU A 492 -22.45 56.11 27.11
C GLU A 492 -21.50 55.16 27.82
N GLU A 493 -22.02 54.35 28.71
CA GLU A 493 -21.18 53.58 29.59
C GLU A 493 -20.51 52.41 28.87
N LEU A 494 -21.20 51.76 27.93
CA LEU A 494 -20.60 50.60 27.18
C LEU A 494 -20.20 50.99 25.78
N SER A 495 -19.29 51.95 25.74
CA SER A 495 -18.69 52.45 24.52
C SER A 495 -17.64 51.42 24.00
N LEU A 496 -17.42 51.44 22.70
CA LEU A 496 -16.37 50.66 22.07
C LEU A 496 -15.60 51.63 21.17
N SER A 497 -14.28 51.57 21.22
CA SER A 497 -13.48 52.40 20.31
C SER A 497 -13.34 51.70 18.95
N PRO A 498 -13.15 52.49 17.85
CA PRO A 498 -13.18 51.90 16.47
C PRO A 498 -12.25 50.72 16.33
N ASP A 499 -11.30 50.59 17.24
CA ASP A 499 -10.27 49.58 17.17
C ASP A 499 -10.58 48.34 17.98
N ALA A 500 -11.80 48.21 18.47
CA ALA A 500 -12.09 47.17 19.45
C ALA A 500 -11.99 45.76 18.85
N PRO A 501 -11.42 44.78 19.62
CA PRO A 501 -11.29 43.40 19.15
C PRO A 501 -12.67 42.84 18.84
N GLY A 502 -12.79 42.24 17.66
CA GLY A 502 -14.04 41.69 17.27
C GLY A 502 -14.76 42.61 16.30
N GLY A 503 -14.45 43.90 16.29
CA GLY A 503 -15.21 44.83 15.42
C GLY A 503 -16.73 44.75 15.71
N MET A 504 -17.55 45.06 14.71
CA MET A 504 -19.03 45.04 14.78
C MET A 504 -19.50 45.94 15.90
N ILE A 505 -18.91 47.12 15.87
CA ILE A 505 -19.08 48.13 16.92
C ILE A 505 -20.53 48.57 17.09
N GLU A 506 -21.12 49.08 16.02
CA GLU A 506 -22.47 49.57 16.01
C GLU A 506 -23.46 48.43 16.37
N PHE A 507 -23.27 47.24 15.78
CA PHE A 507 -24.10 46.02 16.07
C PHE A 507 -24.04 45.66 17.54
N ARG A 508 -22.82 45.64 18.10
CA ARG A 508 -22.68 45.24 19.49
C ARG A 508 -23.33 46.22 20.47
N ARG A 509 -23.13 47.51 20.20
CA ARG A 509 -23.73 48.53 20.97
C ARG A 509 -25.25 48.47 20.80
N THR A 510 -25.77 48.42 19.57
CA THR A 510 -27.23 48.23 19.37
C THR A 510 -27.79 47.03 20.20
N LEU A 511 -27.07 45.93 20.20
CA LEU A 511 -27.52 44.77 20.92
C LEU A 511 -27.59 44.97 22.42
N THR A 512 -26.67 45.76 23.02
CA THR A 512 -26.76 45.95 24.48
C THR A 512 -28.06 46.71 24.78
N LEU A 513 -28.40 47.68 23.94
CA LEU A 513 -29.64 48.39 24.15
C LEU A 513 -30.85 47.52 23.84
N SER A 514 -30.76 46.73 22.76
CA SER A 514 -31.90 45.95 22.30
C SER A 514 -32.25 44.93 23.37
N PHE A 515 -31.21 44.38 24.00
CA PHE A 515 -31.48 43.34 24.95
C PHE A 515 -32.19 43.99 26.16
N PHE A 516 -31.74 45.18 26.55
CA PHE A 516 -32.35 45.85 27.65
C PHE A 516 -33.82 46.13 27.35
N PHE A 517 -34.10 46.65 26.17
CA PHE A 517 -35.47 46.86 25.74
C PHE A 517 -36.34 45.59 25.88
N LYS A 518 -35.82 44.45 25.45
CA LYS A 518 -36.54 43.16 25.60
C LYS A 518 -36.80 42.88 27.08
N PHE A 519 -35.78 43.09 27.90
CA PHE A 519 -35.93 42.91 29.34
C PHE A 519 -36.95 43.87 29.90
N TYR A 520 -36.88 45.12 29.46
CA TYR A 520 -37.78 46.15 29.91
C TYR A 520 -39.26 45.72 29.57
N LEU A 521 -39.51 45.28 28.33
CA LEU A 521 -40.83 44.83 27.95
C LEU A 521 -41.25 43.54 28.69
N THR A 522 -40.33 42.59 28.83
CA THR A 522 -40.63 41.35 29.53
C THR A 522 -41.04 41.61 31.01
N VAL A 523 -40.37 42.59 31.61
CA VAL A 523 -40.64 42.96 32.99
C VAL A 523 -41.99 43.68 33.14
N LEU A 524 -42.28 44.66 32.26
CA LEU A 524 -43.64 45.19 32.16
C LEU A 524 -44.72 44.10 32.13
N LYS A 525 -44.54 43.08 31.30
CA LYS A 525 -45.54 42.02 31.21
C LYS A 525 -45.64 41.23 32.53
N LYS A 526 -44.49 40.96 33.16
CA LYS A 526 -44.47 40.07 34.29
C LYS A 526 -45.04 40.85 35.45
N LEU A 527 -44.89 42.18 35.41
CA LEU A 527 -45.39 43.02 36.47
C LEU A 527 -46.92 43.05 36.48
N GLY A 528 -47.54 43.00 35.30
CA GLY A 528 -49.00 42.99 35.22
C GLY A 528 -49.75 41.66 35.24
N LYS A 529 -49.47 40.78 36.22
CA LYS A 529 -50.22 39.50 36.42
C LYS A 529 -50.05 38.49 35.26
N ASP A 530 -51.15 38.26 34.53
CA ASP A 530 -51.31 37.27 33.41
C ASP A 530 -52.33 36.12 33.72
N LYS A 537 -54.20 40.51 27.84
CA LYS A 537 -53.92 41.56 26.87
C LYS A 537 -53.39 42.87 27.53
N LEU A 538 -52.15 43.28 27.21
CA LEU A 538 -51.55 44.59 27.64
C LEU A 538 -51.14 45.61 26.50
N ASP A 539 -50.43 45.13 25.44
CA ASP A 539 -50.03 45.95 24.20
C ASP A 539 -49.53 45.21 22.91
N PRO A 540 -50.45 44.55 22.14
CA PRO A 540 -49.94 43.63 21.08
C PRO A 540 -49.29 44.47 19.98
N THR A 541 -48.60 43.82 19.06
CA THR A 541 -47.69 44.59 18.18
C THR A 541 -46.29 44.48 18.83
N TYR A 542 -46.25 44.55 20.18
CA TYR A 542 -45.01 44.58 20.98
C TYR A 542 -44.72 43.25 21.62
N THR A 543 -45.76 42.42 21.80
CA THR A 543 -45.67 41.17 22.60
C THR A 543 -44.60 40.15 22.10
N SER A 544 -44.40 40.09 20.79
CA SER A 544 -43.47 39.12 20.22
C SER A 544 -42.00 39.42 20.54
N ALA A 545 -41.65 40.68 20.76
CA ALA A 545 -40.31 41.07 21.23
C ALA A 545 -39.95 40.38 22.54
N THR A 546 -40.96 39.93 23.29
CA THR A 546 -40.74 39.32 24.60
C THR A 546 -40.69 37.80 24.56
N LEU A 547 -40.94 37.20 23.39
CA LEU A 547 -41.02 35.73 23.27
C LEU A 547 -39.61 35.14 23.14
N LEU A 548 -39.33 34.06 23.87
CA LEU A 548 -38.09 33.25 23.75
C LEU A 548 -38.17 32.41 22.46
N PHE A 549 -37.02 32.06 21.87
CA PHE A 549 -37.02 31.35 20.59
C PHE A 549 -37.89 30.09 20.68
N GLN A 550 -38.68 29.85 19.64
CA GLN A 550 -39.47 28.62 19.59
C GLN A 550 -39.61 27.97 18.22
N LYS A 551 -39.34 26.66 18.21
CA LYS A 551 -39.50 25.75 17.07
C LYS A 551 -40.99 25.40 16.72
N HIS A 552 -41.41 25.78 15.52
CA HIS A 552 -42.50 25.12 14.74
C HIS A 552 -42.03 23.66 14.34
N PRO A 553 -42.93 22.64 14.38
CA PRO A 553 -42.58 21.29 13.87
C PRO A 553 -42.19 21.24 12.37
N PRO A 554 -41.22 20.36 12.01
CA PRO A 554 -40.77 20.21 10.58
C PRO A 554 -41.83 19.57 9.65
N ALA A 555 -41.96 20.08 8.43
CA ALA A 555 -42.75 19.38 7.39
C ALA A 555 -41.89 19.32 6.14
N ASN A 556 -41.76 18.13 5.54
CA ASN A 556 -40.92 18.02 4.38
C ASN A 556 -41.58 17.14 3.36
N ILE A 557 -41.74 17.67 2.15
CA ILE A 557 -42.31 16.97 1.06
C ILE A 557 -41.36 16.94 -0.13
N GLN A 558 -41.13 15.75 -0.68
CA GLN A 558 -40.30 15.62 -1.87
C GLN A 558 -41.18 15.03 -2.92
N LEU A 559 -41.13 15.59 -4.13
CA LEU A 559 -41.99 15.10 -5.19
C LEU A 559 -41.13 14.85 -6.37
N PHE A 560 -41.26 13.66 -6.92
CA PHE A 560 -40.49 13.29 -8.11
C PHE A 560 -41.35 12.28 -8.93
N GLN A 561 -40.84 11.91 -10.10
CA GLN A 561 -41.59 11.06 -11.06
C GLN A 561 -41.32 9.57 -10.86
N GLU A 562 -42.39 8.78 -10.88
CA GLU A 562 -42.27 7.33 -10.93
C GLU A 562 -41.65 6.97 -12.25
N VAL A 563 -41.00 5.80 -12.29
CA VAL A 563 -40.44 5.25 -13.51
C VAL A 563 -41.60 4.65 -14.36
N PRO A 564 -41.44 4.63 -15.69
CA PRO A 564 -42.52 3.99 -16.50
C PRO A 564 -42.84 2.59 -15.94
N ASN A 565 -44.07 2.41 -15.49
CA ASN A 565 -44.69 1.11 -15.10
C ASN A 565 -44.09 -0.25 -15.57
N GLY A 566 -43.79 -0.37 -16.88
CA GLY A 566 -43.22 -1.63 -17.40
C GLY A 566 -41.72 -1.85 -17.17
N GLN A 567 -41.02 -0.82 -16.70
CA GLN A 567 -39.54 -0.86 -16.56
C GLN A 567 -39.09 -2.07 -15.70
N SER A 568 -38.07 -2.79 -16.16
CA SER A 568 -37.49 -3.87 -15.35
C SER A 568 -37.13 -3.41 -13.94
N LYS A 569 -37.35 -4.28 -12.94
CA LYS A 569 -36.84 -4.02 -11.61
C LYS A 569 -35.29 -3.94 -11.60
N GLU A 570 -34.63 -4.55 -12.57
CA GLU A 570 -33.18 -4.51 -12.66
C GLU A 570 -32.64 -3.25 -13.33
N ASP A 571 -33.52 -2.46 -13.96
CA ASP A 571 -33.13 -1.16 -14.51
C ASP A 571 -33.41 -0.14 -13.39
N THR A 572 -32.36 0.34 -12.73
CA THR A 572 -32.56 1.19 -11.55
C THR A 572 -32.53 2.67 -12.00
N VAL A 573 -32.29 2.93 -13.28
CA VAL A 573 -32.19 4.34 -13.78
C VAL A 573 -33.54 5.01 -13.57
N GLY A 574 -33.52 6.11 -12.84
CA GLY A 574 -34.72 6.83 -12.50
C GLY A 574 -35.29 6.39 -11.17
N ARG A 575 -34.64 5.43 -10.49
CA ARG A 575 -35.15 4.97 -9.17
C ARG A 575 -34.30 5.55 -8.06
N PRO A 576 -34.89 5.67 -6.85
CA PRO A 576 -34.14 6.35 -5.76
C PRO A 576 -33.17 5.44 -4.98
N LEU A 577 -32.18 4.91 -5.68
CA LEU A 577 -31.25 3.97 -5.11
C LEU A 577 -30.29 4.80 -4.16
N PRO A 578 -30.14 4.38 -2.91
CA PRO A 578 -29.12 4.96 -2.02
C PRO A 578 -27.74 4.83 -2.62
N HIS A 579 -26.95 5.88 -2.42
CA HIS A 579 -25.49 5.92 -2.66
C HIS A 579 -24.94 4.55 -2.25
N LEU A 580 -24.15 3.94 -3.11
CA LEU A 580 -23.68 2.57 -2.89
C LEU A 580 -22.81 2.41 -1.68
N ALA A 581 -22.17 3.51 -1.26
CA ALA A 581 -21.26 3.39 -0.12
C ALA A 581 -21.92 3.81 1.17
N ALA A 582 -23.22 4.17 1.11
CA ALA A 582 -23.86 4.84 2.26
C ALA A 582 -23.82 3.97 3.56
N ALA A 583 -23.97 2.66 3.41
CA ALA A 583 -24.03 1.76 4.59
C ALA A 583 -22.65 1.70 5.23
N MET A 584 -21.59 1.72 4.43
CA MET A 584 -20.25 1.66 4.92
C MET A 584 -19.83 2.97 5.45
N GLN A 585 -20.40 4.05 4.95
CA GLN A 585 -20.15 5.38 5.56
C GLN A 585 -20.78 5.42 6.95
N ALA A 586 -21.99 4.87 7.06
CA ALA A 586 -22.66 4.84 8.34
C ALA A 586 -21.97 3.88 9.34
N SER A 587 -21.24 2.91 8.85
CA SER A 587 -20.69 1.92 9.72
C SER A 587 -19.25 2.26 10.07
N GLY A 588 -18.68 3.28 9.41
CA GLY A 588 -17.28 3.68 9.63
C GLY A 588 -16.31 2.79 8.86
N GLU A 589 -16.83 2.01 7.94
CA GLU A 589 -15.95 1.10 7.24
C GLU A 589 -15.47 1.69 5.95
N ALA A 590 -16.11 2.74 5.44
CA ALA A 590 -15.60 3.43 4.26
C ALA A 590 -14.23 4.05 4.58
N VAL A 591 -13.28 3.80 3.69
CA VAL A 591 -11.89 4.25 3.85
C VAL A 591 -11.73 5.64 3.09
N TYR A 592 -11.33 6.67 3.84
CA TYR A 592 -10.91 7.96 3.36
C TYR A 592 -9.39 7.97 3.57
N CYS A 593 -8.72 8.89 2.89
CA CYS A 593 -7.30 8.88 2.73
C CYS A 593 -6.58 8.65 4.05
N ASP A 594 -6.86 9.46 5.08
CA ASP A 594 -6.14 9.30 6.33
C ASP A 594 -6.48 8.00 7.05
N ASP A 595 -7.59 7.36 6.65
CA ASP A 595 -7.98 6.08 7.25
C ASP A 595 -7.16 4.91 6.79
N ILE A 596 -6.48 5.08 5.64
CA ILE A 596 -5.60 4.04 5.12
C ILE A 596 -4.50 3.76 6.15
N PRO A 597 -4.28 2.49 6.48
CA PRO A 597 -3.25 2.23 7.48
C PRO A 597 -1.80 2.83 7.18
N ARG A 598 -1.03 3.21 8.21
CA ARG A 598 0.36 3.68 7.92
C ARG A 598 1.33 2.55 7.75
N TYR A 599 2.33 2.74 6.89
CA TYR A 599 3.40 1.81 6.86
C TYR A 599 4.18 1.98 8.12
N GLU A 600 4.83 0.92 8.52
CA GLU A 600 5.63 1.03 9.72
C GLU A 600 6.72 2.10 9.63
N ASN A 601 7.17 2.46 8.43
CA ASN A 601 8.23 3.46 8.34
C ASN A 601 7.65 4.73 7.74
N GLU A 602 6.33 4.91 7.88
CA GLU A 602 5.70 6.09 7.28
C GLU A 602 5.91 7.32 8.17
N LEU A 603 6.20 8.45 7.55
CA LEU A 603 6.46 9.66 8.24
C LEU A 603 5.36 10.66 8.00
N PHE A 604 5.47 11.81 8.68
CA PHE A 604 4.40 12.79 8.80
C PHE A 604 5.00 14.16 8.44
N LEU A 605 4.31 14.90 7.58
CA LEU A 605 4.70 16.23 7.12
C LEU A 605 3.78 17.29 7.73
N ARG A 606 4.38 18.40 8.12
CA ARG A 606 3.61 19.55 8.56
C ARG A 606 4.09 20.74 7.72
N LEU A 607 3.20 21.53 7.09
CA LEU A 607 3.61 22.68 6.30
C LEU A 607 4.09 23.82 7.22
N VAL A 608 5.14 24.50 6.75
CA VAL A 608 5.60 25.77 7.37
C VAL A 608 5.16 26.89 6.45
N THR A 609 4.34 27.78 6.99
CA THR A 609 3.74 28.77 6.14
C THR A 609 4.06 30.22 6.63
N SER A 610 3.95 31.14 5.70
CA SER A 610 4.20 32.55 5.95
C SER A 610 3.26 33.15 6.98
N THR A 611 3.84 33.92 7.90
CA THR A 611 2.99 34.70 8.78
C THR A 611 2.88 36.12 8.25
N ARG A 612 3.37 36.39 7.05
CA ARG A 612 3.26 37.75 6.59
C ARG A 612 2.63 37.75 5.24
N ALA A 613 1.89 38.83 4.98
CA ALA A 613 1.18 39.04 3.74
C ALA A 613 2.07 39.30 2.55
N HIS A 614 3.15 40.04 2.77
CA HIS A 614 4.05 40.39 1.71
C HIS A 614 5.38 40.82 2.24
N ALA A 615 6.39 39.98 2.02
CA ALA A 615 7.71 40.18 2.62
C ALA A 615 8.78 39.42 1.87
N LYS A 616 10.04 39.88 1.99
CA LYS A 616 11.20 39.11 1.57
C LYS A 616 11.43 38.14 2.69
N ILE A 617 11.88 36.92 2.34
CA ILE A 617 12.36 35.98 3.32
C ILE A 617 13.81 36.28 3.53
N LYS A 618 14.20 36.66 4.75
CA LYS A 618 15.60 37.04 4.98
C LYS A 618 16.44 35.84 5.35
N SER A 619 15.88 35.00 6.22
CA SER A 619 16.57 33.82 6.70
C SER A 619 15.57 32.81 7.25
N ILE A 620 16.00 31.55 7.38
CA ILE A 620 15.19 30.51 8.01
C ILE A 620 16.05 29.75 8.99
N ASP A 621 15.64 29.70 10.26
CA ASP A 621 16.40 29.05 11.34
C ASP A 621 15.65 27.80 11.88
N VAL A 622 16.28 26.63 11.71
CA VAL A 622 15.61 25.40 12.00
C VAL A 622 16.13 24.83 13.29
N SER A 623 16.92 25.63 14.02
CA SER A 623 17.71 25.04 15.11
C SER A 623 16.92 24.60 16.33
N GLU A 624 15.82 25.29 16.58
CA GLU A 624 14.91 24.79 17.60
C GLU A 624 14.08 23.61 17.11
N ALA A 625 13.73 23.58 15.83
CA ALA A 625 12.97 22.46 15.26
C ALA A 625 13.75 21.16 15.30
N GLN A 626 15.06 21.25 14.97
CA GLN A 626 15.97 20.08 15.05
C GLN A 626 15.98 19.40 16.38
N LYS A 627 15.61 20.11 17.44
CA LYS A 627 15.68 19.57 18.79
C LYS A 627 14.41 18.86 19.26
N VAL A 628 13.28 19.09 18.58
CA VAL A 628 12.02 18.31 18.89
C VAL A 628 12.28 16.84 18.63
N PRO A 629 11.89 15.98 19.55
CA PRO A 629 12.04 14.55 19.33
C PRO A 629 11.31 14.07 18.06
N GLY A 630 11.87 13.05 17.41
CA GLY A 630 11.36 12.51 16.20
C GLY A 630 11.59 13.36 14.99
N PHE A 631 12.20 14.53 15.16
CA PHE A 631 12.39 15.45 14.02
C PHE A 631 13.12 14.65 12.97
N VAL A 632 12.81 14.87 11.69
CA VAL A 632 13.54 14.21 10.59
C VAL A 632 14.27 15.20 9.67
N CYS A 633 13.56 16.18 9.15
CA CYS A 633 14.20 17.14 8.27
C CYS A 633 13.27 18.32 8.09
N PHE A 634 13.83 19.44 7.63
CA PHE A 634 13.03 20.53 7.20
C PHE A 634 13.29 20.56 5.72
N LEU A 635 12.24 20.67 4.91
CA LEU A 635 12.37 20.74 3.46
C LEU A 635 12.06 22.14 3.05
N SER A 636 12.75 22.62 2.02
CA SER A 636 12.45 23.94 1.43
C SER A 636 12.77 23.92 -0.09
N ALA A 637 12.52 25.04 -0.78
CA ALA A 637 12.72 25.20 -2.21
C ALA A 637 13.95 24.54 -2.79
N ASP A 638 15.09 24.59 -2.08
CA ASP A 638 16.36 24.03 -2.55
C ASP A 638 16.35 22.52 -2.67
N ASP A 639 15.40 21.90 -1.98
CA ASP A 639 15.40 20.48 -1.90
C ASP A 639 14.75 19.87 -3.15
N ILE A 640 14.05 20.69 -3.94
CA ILE A 640 13.26 20.18 -5.05
C ILE A 640 14.22 19.74 -6.14
N PRO A 641 14.06 18.51 -6.68
CA PRO A 641 15.05 18.10 -7.68
C PRO A 641 14.64 18.55 -9.08
N GLY A 642 13.36 18.83 -9.29
CA GLY A 642 12.91 19.20 -10.61
C GLY A 642 12.63 20.68 -10.57
N SER A 643 11.38 21.06 -10.76
CA SER A 643 10.96 22.43 -10.89
C SER A 643 10.21 22.96 -9.66
N ASN A 644 10.57 24.18 -9.22
CA ASN A 644 9.82 24.89 -8.21
C ASN A 644 8.62 25.68 -8.78
N GLU A 645 8.40 25.58 -10.07
CA GLU A 645 7.34 26.37 -10.67
C GLU A 645 6.09 25.45 -10.79
N THR A 646 4.98 25.84 -10.17
CA THR A 646 3.80 25.01 -10.24
C THR A 646 2.54 25.87 -10.46
N GLY A 647 1.34 25.33 -10.26
CA GLY A 647 0.13 26.12 -10.45
C GLY A 647 -0.41 25.94 -11.83
N LEU A 648 -1.71 26.12 -11.94
CA LEU A 648 -2.35 25.99 -13.24
C LEU A 648 -1.72 26.88 -14.36
N PHE A 649 -1.28 28.09 -13.99
CA PHE A 649 -0.65 29.01 -14.91
C PHE A 649 0.83 29.19 -14.59
N ASN A 650 1.41 28.23 -13.88
CA ASN A 650 2.85 28.22 -13.75
C ASN A 650 3.36 29.47 -13.06
N ASP A 651 2.43 29.95 -12.25
CA ASP A 651 2.35 31.12 -11.44
C ASP A 651 2.96 31.09 -10.06
N GLU A 652 3.30 29.91 -9.60
CA GLU A 652 3.40 29.71 -8.14
C GLU A 652 4.68 28.99 -7.89
N THR A 653 5.09 29.01 -6.64
CA THR A 653 6.18 28.15 -6.18
C THR A 653 5.60 26.97 -5.43
N VAL A 654 6.32 25.85 -5.44
CA VAL A 654 5.94 24.70 -4.60
C VAL A 654 6.30 25.06 -3.16
N PHE A 655 7.55 25.53 -2.96
CA PHE A 655 7.99 26.19 -1.73
C PHE A 655 8.43 27.62 -2.07
N ALA A 656 7.93 28.61 -1.33
CA ALA A 656 8.37 30.01 -1.49
C ALA A 656 9.89 30.20 -1.47
N LYS A 657 10.36 30.97 -2.45
CA LYS A 657 11.79 31.29 -2.54
C LYS A 657 11.91 32.82 -2.55
N ASP A 658 12.76 33.37 -1.70
CA ASP A 658 12.96 34.86 -1.74
C ASP A 658 11.84 35.70 -1.10
N THR A 659 10.61 35.50 -1.56
CA THR A 659 9.54 36.31 -1.06
C THR A 659 8.26 35.51 -0.80
N VAL A 660 7.54 35.93 0.24
CA VAL A 660 6.20 35.42 0.57
C VAL A 660 5.14 36.39 0.08
N THR A 661 4.10 35.89 -0.56
CA THR A 661 3.11 36.82 -1.04
C THR A 661 1.71 36.64 -0.43
N CYS A 662 1.62 35.99 0.75
CA CYS A 662 0.37 35.93 1.52
C CYS A 662 0.61 35.28 2.86
N VAL A 663 -0.29 35.57 3.78
CA VAL A 663 -0.31 34.80 4.98
C VAL A 663 -0.80 33.40 4.59
N GLY A 664 -0.02 32.39 4.90
CA GLY A 664 -0.35 31.03 4.51
C GLY A 664 0.48 30.56 3.32
N HIS A 665 1.39 31.40 2.82
CA HIS A 665 2.20 31.00 1.67
C HIS A 665 3.19 29.97 2.15
N ILE A 666 3.24 28.83 1.47
CA ILE A 666 4.04 27.75 1.91
C ILE A 666 5.50 27.95 1.63
N ILE A 667 6.24 27.88 2.69
CA ILE A 667 7.64 28.08 2.66
C ILE A 667 8.39 26.77 2.74
N GLY A 668 7.90 25.83 3.55
CA GLY A 668 8.71 24.67 3.82
C GLY A 668 7.88 23.59 4.41
N ALA A 669 8.54 22.55 4.95
CA ALA A 669 7.76 21.55 5.63
C ALA A 669 8.68 20.82 6.56
N VAL A 670 8.16 20.45 7.72
CA VAL A 670 8.90 19.60 8.62
C VAL A 670 8.35 18.18 8.49
N VAL A 671 9.24 17.22 8.55
CA VAL A 671 8.87 15.83 8.43
C VAL A 671 9.36 15.28 9.71
N ALA A 672 8.57 14.47 10.38
CA ALA A 672 8.97 13.85 11.65
C ALA A 672 8.32 12.51 11.83
N ASP A 673 8.67 11.82 12.92
CA ASP A 673 8.12 10.48 13.17
C ASP A 673 6.63 10.43 13.58
N THR A 674 6.10 11.46 14.23
CA THR A 674 4.66 11.52 14.51
C THR A 674 4.06 12.87 14.04
N PRO A 675 2.68 12.95 13.91
CA PRO A 675 2.19 14.24 13.50
C PRO A 675 2.40 15.36 14.54
N GLU A 676 2.27 15.03 15.84
CA GLU A 676 2.59 15.98 16.93
C GLU A 676 4.06 16.45 16.92
N HIS A 677 5.01 15.55 16.70
CA HIS A 677 6.40 16.03 16.58
C HIS A 677 6.55 16.94 15.39
N ALA A 678 5.89 16.61 14.26
CA ALA A 678 6.01 17.48 13.10
C ALA A 678 5.42 18.88 13.37
N GLU A 679 4.22 18.88 13.97
CA GLU A 679 3.53 20.10 14.32
C GLU A 679 4.40 20.95 15.25
N ARG A 680 4.91 20.33 16.29
CA ARG A 680 5.66 21.10 17.28
C ARG A 680 6.92 21.71 16.63
N ALA A 681 7.65 20.87 15.90
CA ALA A 681 8.79 21.33 15.14
C ALA A 681 8.47 22.44 14.19
N ALA A 682 7.39 22.36 13.44
CA ALA A 682 7.10 23.42 12.47
C ALA A 682 6.81 24.77 13.18
N HIS A 683 6.13 24.70 14.32
CA HIS A 683 5.70 25.90 15.01
C HIS A 683 6.94 26.76 15.41
N VAL A 684 8.07 26.08 15.62
CA VAL A 684 9.28 26.63 16.21
C VAL A 684 10.39 26.84 15.11
N VAL A 685 10.02 26.61 13.86
CA VAL A 685 10.80 27.09 12.71
C VAL A 685 10.67 28.63 12.65
N LYS A 686 11.83 29.31 12.68
CA LYS A 686 11.89 30.79 12.80
C LYS A 686 12.21 31.42 11.45
N VAL A 687 11.27 32.19 10.91
CA VAL A 687 11.46 32.94 9.69
C VAL A 687 11.66 34.40 10.04
N THR A 688 12.62 35.02 9.39
CA THR A 688 12.88 36.44 9.57
C THR A 688 12.53 37.05 8.27
N TYR A 689 11.64 38.03 8.32
CA TYR A 689 11.14 38.69 7.11
C TYR A 689 11.46 40.20 7.11
N GLU A 690 11.45 40.79 5.93
CA GLU A 690 11.42 42.23 5.78
C GLU A 690 10.16 42.55 4.96
N ASP A 691 9.17 43.21 5.56
CA ASP A 691 7.91 43.48 4.83
C ASP A 691 8.07 44.27 3.55
N LEU A 692 7.16 44.00 2.61
CA LEU A 692 7.00 44.74 1.39
C LEU A 692 5.57 45.27 1.41
N PRO A 693 5.33 46.38 0.70
CA PRO A 693 3.99 46.94 0.69
C PRO A 693 3.00 45.89 0.21
N ALA A 694 1.88 45.76 0.90
CA ALA A 694 0.85 44.75 0.59
C ALA A 694 -0.35 45.35 -0.14
N ILE A 695 -1.01 44.49 -0.90
CA ILE A 695 -2.24 44.83 -1.59
C ILE A 695 -3.28 43.74 -1.27
N ILE A 696 -4.22 44.05 -0.38
CA ILE A 696 -5.08 43.07 0.25
C ILE A 696 -6.47 43.12 -0.35
N THR A 697 -7.04 44.32 -0.44
CA THR A 697 -8.46 44.41 -0.82
C THR A 697 -8.65 44.60 -2.31
N ILE A 698 -9.84 44.31 -2.81
CA ILE A 698 -10.23 44.71 -4.15
C ILE A 698 -9.94 46.22 -4.38
N GLU A 699 -10.22 47.03 -3.37
CA GLU A 699 -10.04 48.46 -3.48
C GLU A 699 -8.61 48.85 -3.74
N ASP A 700 -7.71 48.41 -2.86
CA ASP A 700 -6.27 48.55 -2.94
C ASP A 700 -5.78 48.18 -4.33
N ALA A 701 -6.31 47.07 -4.85
CA ALA A 701 -5.83 46.49 -6.07
C ALA A 701 -6.30 47.35 -7.22
N ILE A 702 -7.53 47.87 -7.16
CA ILE A 702 -8.03 48.78 -8.19
C ILE A 702 -7.12 50.03 -8.21
N LYS A 703 -6.94 50.62 -7.03
CA LYS A 703 -6.18 51.83 -6.90
C LYS A 703 -4.73 51.65 -7.30
N ASN A 704 -4.24 50.41 -7.31
CA ASN A 704 -2.85 50.17 -7.60
C ASN A 704 -2.65 49.47 -8.91
N ASN A 705 -3.70 49.42 -9.73
CA ASN A 705 -3.65 48.75 -11.02
C ASN A 705 -3.11 47.29 -10.92
N SER A 706 -3.61 46.54 -9.93
CA SER A 706 -3.08 45.19 -9.62
C SER A 706 -4.06 44.10 -10.04
N PHE A 707 -3.95 43.67 -11.32
CA PHE A 707 -4.88 42.78 -11.98
C PHE A 707 -4.13 41.59 -12.59
N TYR A 708 -4.82 40.46 -12.79
CA TYR A 708 -4.26 39.37 -13.59
C TYR A 708 -4.86 39.57 -14.94
N GLY A 709 -4.01 39.75 -15.93
CA GLY A 709 -4.53 39.90 -17.29
C GLY A 709 -5.34 41.17 -17.46
N SER A 710 -6.16 41.14 -18.48
CA SER A 710 -6.84 42.32 -18.90
C SER A 710 -8.33 42.06 -18.81
N GLU A 711 -9.11 43.14 -18.96
CA GLU A 711 -10.53 43.08 -18.78
C GLU A 711 -11.23 42.08 -19.70
N LEU A 712 -12.23 41.35 -19.16
CA LEU A 712 -13.10 40.50 -19.94
C LEU A 712 -14.39 41.25 -20.11
N LYS A 713 -15.10 40.97 -21.19
CA LYS A 713 -16.31 41.70 -21.51
C LYS A 713 -17.21 40.91 -22.44
N ILE A 714 -18.50 41.11 -22.28
CA ILE A 714 -19.50 40.67 -23.23
C ILE A 714 -20.36 41.91 -23.38
N GLU A 715 -20.46 42.43 -24.59
CA GLU A 715 -21.35 43.56 -24.87
C GLU A 715 -22.29 43.14 -25.94
N LYS A 716 -23.55 43.43 -25.76
CA LYS A 716 -24.50 43.17 -26.82
C LYS A 716 -25.46 44.35 -26.85
N GLY A 717 -25.92 44.65 -28.08
CA GLY A 717 -26.77 45.84 -28.38
C GLY A 717 -26.09 47.21 -28.19
N ASP A 718 -26.89 48.21 -27.82
CA ASP A 718 -26.40 49.57 -27.80
C ASP A 718 -26.76 50.21 -26.44
N LEU A 719 -25.77 50.36 -25.60
CA LEU A 719 -26.07 50.84 -24.26
C LEU A 719 -26.59 52.28 -24.18
N LYS A 720 -26.03 53.18 -25.01
CA LYS A 720 -26.35 54.62 -24.89
C LYS A 720 -27.79 54.80 -25.29
N LYS A 721 -28.15 54.13 -26.36
CA LYS A 721 -29.48 54.19 -26.89
C LYS A 721 -30.41 53.58 -25.86
N GLY A 722 -30.03 52.42 -25.33
CA GLY A 722 -30.75 51.82 -24.21
C GLY A 722 -30.99 52.77 -23.03
N PHE A 723 -29.92 53.33 -22.50
CA PHE A 723 -30.07 54.24 -21.39
C PHE A 723 -30.93 55.47 -21.73
N SER A 724 -30.76 56.03 -22.94
CA SER A 724 -31.54 57.20 -23.34
C SER A 724 -33.04 56.84 -23.43
N GLU A 725 -33.37 55.58 -23.68
CA GLU A 725 -34.82 55.27 -23.82
C GLU A 725 -35.56 54.79 -22.55
N ALA A 726 -34.77 54.49 -21.52
CA ALA A 726 -35.28 54.08 -20.19
C ALA A 726 -35.97 55.21 -19.47
N ASP A 727 -37.16 54.91 -18.98
CA ASP A 727 -37.86 55.75 -17.97
C ASP A 727 -36.99 56.06 -16.75
N ASN A 728 -36.38 55.01 -16.17
CA ASN A 728 -35.59 55.14 -14.95
C ASN A 728 -34.22 54.48 -15.07
N VAL A 729 -33.31 54.94 -14.24
CA VAL A 729 -31.96 54.47 -14.21
C VAL A 729 -31.56 54.44 -12.75
N VAL A 730 -31.15 53.26 -12.25
CA VAL A 730 -30.63 53.09 -10.90
C VAL A 730 -29.21 52.68 -11.07
N SER A 731 -28.28 53.33 -10.37
CA SER A 731 -27.01 52.69 -10.26
C SER A 731 -26.52 52.50 -8.79
N GLY A 732 -25.53 51.63 -8.59
CA GLY A 732 -25.09 51.36 -7.25
C GLY A 732 -23.86 50.48 -7.14
N GLU A 733 -23.63 49.98 -5.94
CA GLU A 733 -22.47 49.19 -5.71
C GLU A 733 -22.85 48.07 -4.82
N LEU A 734 -22.34 46.89 -5.16
CA LEU A 734 -22.71 45.69 -4.42
C LEU A 734 -21.50 44.85 -4.13
N TYR A 735 -21.50 44.26 -2.92
CA TYR A 735 -20.46 43.38 -2.46
C TYR A 735 -20.94 42.01 -2.00
N ILE A 736 -20.24 40.96 -2.44
CA ILE A 736 -20.51 39.61 -1.91
C ILE A 736 -19.25 38.96 -1.33
N GLY A 737 -19.27 38.56 -0.06
CA GLY A 737 -18.12 38.01 0.60
C GLY A 737 -17.82 36.60 0.10
N GLY A 738 -16.64 36.08 0.41
CA GLY A 738 -16.20 34.80 -0.14
C GLY A 738 -16.80 33.66 0.63
N GLN A 739 -16.13 32.49 0.66
CA GLN A 739 -16.69 31.30 1.33
C GLN A 739 -15.61 30.22 1.47
N ASP A 740 -15.50 29.60 2.64
CA ASP A 740 -14.58 28.49 2.81
C ASP A 740 -15.31 27.18 2.47
N HIS A 741 -14.67 26.24 1.79
CA HIS A 741 -15.42 25.03 1.33
C HIS A 741 -16.00 24.23 2.51
N PHE A 742 -15.29 24.25 3.63
CA PHE A 742 -15.63 23.41 4.78
C PHE A 742 -16.12 21.97 4.38
N TYR A 743 -15.43 21.32 3.43
CA TYR A 743 -15.58 19.85 3.26
C TYR A 743 -15.23 19.22 4.61
N LEU A 744 -15.98 18.21 5.04
CA LEU A 744 -15.77 17.71 6.40
C LEU A 744 -14.37 16.99 6.52
N GLU A 745 -13.91 16.41 5.42
CA GLU A 745 -12.57 15.87 5.30
C GLU A 745 -11.70 16.98 4.70
N THR A 746 -10.70 17.45 5.42
CA THR A 746 -9.78 18.46 4.88
C THR A 746 -8.82 17.80 3.83
N HIS A 747 -7.94 18.58 3.18
CA HIS A 747 -6.94 18.06 2.23
C HIS A 747 -6.01 17.02 2.86
N CYS A 748 -5.65 15.98 2.12
CA CYS A 748 -4.92 14.87 2.71
C CYS A 748 -4.17 14.20 1.51
N THR A 749 -2.89 13.94 1.65
CA THR A 749 -2.17 13.11 0.68
C THR A 749 -1.27 12.10 1.43
N ILE A 750 -1.20 10.88 0.89
CA ILE A 750 -0.17 9.90 1.17
C ILE A 750 0.66 9.68 -0.11
N ALA A 751 1.99 9.69 0.02
CA ALA A 751 2.86 9.47 -1.12
C ALA A 751 3.80 8.31 -0.76
N ILE A 752 3.83 7.30 -1.63
CA ILE A 752 4.66 6.12 -1.45
C ILE A 752 5.76 6.16 -2.53
N PRO A 753 7.03 6.41 -2.14
CA PRO A 753 8.13 6.29 -3.09
C PRO A 753 8.45 4.81 -3.25
N LYS A 754 8.59 4.35 -4.49
CA LYS A 754 8.95 2.96 -4.75
C LYS A 754 10.44 2.64 -4.66
N GLY A 755 11.29 3.52 -5.16
CA GLY A 755 12.74 3.27 -5.00
C GLY A 755 13.31 2.92 -6.38
N GLU A 756 12.41 2.88 -7.39
CA GLU A 756 12.76 2.38 -8.73
C GLU A 756 12.29 3.42 -9.75
N GLU A 757 13.22 3.92 -10.58
CA GLU A 757 12.90 4.78 -11.73
C GLU A 757 12.06 5.99 -11.40
N GLY A 758 12.14 6.50 -10.15
CA GLY A 758 11.41 7.72 -9.77
C GLY A 758 9.92 7.42 -9.54
N GLU A 759 9.55 6.14 -9.61
CA GLU A 759 8.15 5.78 -9.38
C GLU A 759 7.58 6.18 -8.03
N MET A 760 6.35 6.69 -8.07
CA MET A 760 5.68 7.09 -6.86
C MET A 760 4.19 6.84 -7.03
N GLU A 761 3.57 6.40 -5.93
CA GLU A 761 2.13 6.08 -5.90
C GLU A 761 1.52 6.92 -4.78
N LEU A 762 0.50 7.71 -5.13
CA LEU A 762 -0.13 8.61 -4.19
C LEU A 762 -1.61 8.33 -4.00
N PHE A 763 -2.03 8.42 -2.72
CA PHE A 763 -3.41 8.32 -2.33
C PHE A 763 -3.80 9.67 -1.90
N VAL A 764 -4.80 10.22 -2.57
CA VAL A 764 -4.99 11.65 -2.44
C VAL A 764 -6.45 12.00 -2.36
N SER A 765 -6.83 12.92 -1.48
CA SER A 765 -8.20 13.45 -1.51
C SER A 765 -8.30 14.56 -2.61
N THR A 766 -8.59 14.24 -3.86
CA THR A 766 -8.60 15.32 -4.89
C THR A 766 -9.66 15.07 -5.94
N GLN A 767 -10.14 16.12 -6.59
CA GLN A 767 -11.06 15.96 -7.72
C GLN A 767 -10.32 15.83 -9.06
N ASN A 768 -9.00 15.88 -9.01
CA ASN A 768 -8.14 16.09 -10.15
C ASN A 768 -6.86 15.25 -10.02
N ALA A 769 -7.00 13.98 -10.35
CA ALA A 769 -5.87 13.02 -10.28
C ALA A 769 -4.93 13.38 -11.41
N MET A 770 -5.50 13.86 -12.50
CA MET A 770 -4.60 14.26 -13.63
C MET A 770 -3.53 15.36 -13.30
N LYS A 771 -4.01 16.53 -12.84
CA LYS A 771 -3.11 17.57 -12.40
C LYS A 771 -2.28 17.21 -11.24
N THR A 772 -2.82 16.40 -10.32
CA THR A 772 -1.98 15.95 -9.23
C THR A 772 -0.79 15.19 -9.83
N GLN A 773 -1.12 14.22 -10.69
CA GLN A 773 -0.06 13.38 -11.29
C GLN A 773 1.01 14.28 -11.99
N SER A 774 0.53 15.22 -12.80
CA SER A 774 1.52 15.97 -13.56
C SER A 774 2.31 17.03 -12.75
N PHE A 775 1.69 17.63 -11.70
CA PHE A 775 2.40 18.57 -10.85
C PHE A 775 3.40 17.82 -9.98
N VAL A 776 3.04 16.62 -9.55
CA VAL A 776 4.03 15.84 -8.79
C VAL A 776 5.20 15.47 -9.73
N ALA A 777 4.88 14.97 -10.93
CA ALA A 777 6.02 14.66 -11.95
C ALA A 777 6.88 15.89 -12.28
N LYS A 778 6.22 17.07 -12.45
CA LYS A 778 6.93 18.31 -12.78
C LYS A 778 7.86 18.72 -11.63
N MET A 779 7.36 18.62 -10.42
CA MET A 779 8.20 18.94 -9.30
C MET A 779 9.37 18.00 -9.16
N LEU A 780 9.14 16.68 -9.28
CA LEU A 780 10.24 15.69 -9.19
C LEU A 780 11.20 15.70 -10.40
N GLY A 781 10.67 16.15 -11.55
CA GLY A 781 11.40 16.19 -12.81
C GLY A 781 11.45 14.76 -13.37
N VAL A 782 10.30 14.06 -13.35
CA VAL A 782 10.23 12.75 -13.94
C VAL A 782 9.07 12.70 -14.92
N PRO A 783 9.12 11.76 -15.85
CA PRO A 783 8.01 11.57 -16.76
C PRO A 783 6.69 11.29 -16.01
N VAL A 784 5.58 11.68 -16.64
CA VAL A 784 4.29 11.54 -16.02
C VAL A 784 3.98 10.03 -15.87
N ASN A 785 4.51 9.20 -16.76
CA ASN A 785 4.28 7.77 -16.66
C ASN A 785 4.86 7.09 -15.38
N ARG A 786 5.63 7.83 -14.59
CA ARG A 786 6.22 7.30 -13.37
C ARG A 786 5.26 7.45 -12.17
N ILE A 787 4.25 8.30 -12.30
CA ILE A 787 3.42 8.76 -11.15
C ILE A 787 2.03 8.23 -11.22
N LEU A 788 1.61 7.54 -10.15
CA LEU A 788 0.31 6.91 -10.14
C LEU A 788 -0.46 7.61 -9.03
N VAL A 789 -1.60 8.18 -9.38
CA VAL A 789 -2.47 8.80 -8.42
C VAL A 789 -3.78 7.98 -8.33
N ARG A 790 -4.16 7.67 -7.07
CA ARG A 790 -5.36 6.91 -6.77
C ARG A 790 -6.30 7.72 -5.86
N VAL A 791 -7.55 7.84 -6.27
CA VAL A 791 -8.53 8.48 -5.44
C VAL A 791 -9.66 7.55 -5.21
N LYS A 792 -9.86 7.10 -3.96
CA LYS A 792 -10.95 6.23 -3.64
C LYS A 792 -12.23 7.09 -3.46
N ARG A 793 -12.17 8.03 -2.54
CA ARG A 793 -13.24 8.97 -2.28
C ARG A 793 -12.74 10.22 -1.52
N MET A 794 -13.52 11.28 -1.57
CA MET A 794 -13.23 12.47 -0.79
C MET A 794 -14.36 12.62 0.22
N GLY A 795 -14.04 13.06 1.40
CA GLY A 795 -15.11 13.59 2.29
C GLY A 795 -15.51 15.02 1.89
N GLY A 796 -16.03 15.19 0.68
CA GLY A 796 -16.40 16.49 0.13
C GLY A 796 -15.25 17.09 -0.68
N GLY A 797 -15.60 17.91 -1.67
CA GLY A 797 -14.61 18.67 -2.38
C GLY A 797 -15.17 20.04 -2.71
N PHE A 798 -16.36 20.09 -3.31
CA PHE A 798 -17.05 21.38 -3.61
C PHE A 798 -16.25 22.35 -4.49
N GLY A 799 -15.27 21.84 -5.26
CA GLY A 799 -14.47 22.75 -6.10
C GLY A 799 -13.13 22.99 -5.40
N GLY A 800 -13.09 22.90 -4.07
CA GLY A 800 -11.83 23.20 -3.35
C GLY A 800 -10.74 22.13 -3.51
N LYS A 801 -11.07 21.00 -4.12
CA LYS A 801 -10.11 19.97 -4.40
C LYS A 801 -9.91 19.82 -5.89
N GLU A 802 -10.34 20.86 -6.58
CA GLU A 802 -10.23 20.87 -8.03
C GLU A 802 -8.80 21.12 -8.42
N THR A 803 -8.13 22.01 -7.68
CA THR A 803 -6.71 22.18 -7.94
C THR A 803 -5.86 22.36 -6.72
N ARG A 804 -6.42 22.94 -5.64
CA ARG A 804 -5.60 23.43 -4.52
C ARG A 804 -5.07 22.30 -3.68
N SER A 805 -5.58 21.12 -3.96
CA SER A 805 -5.14 19.89 -3.30
C SER A 805 -3.70 19.58 -3.60
N THR A 806 -3.19 20.06 -4.76
CA THR A 806 -1.78 19.83 -5.16
C THR A 806 -0.80 20.57 -4.28
N LEU A 807 -1.28 21.59 -3.52
CA LEU A 807 -0.41 22.33 -2.58
C LEU A 807 0.10 21.35 -1.58
N VAL A 808 -0.79 20.48 -1.06
CA VAL A 808 -0.34 19.46 -0.09
C VAL A 808 0.32 18.25 -0.82
N SER A 809 -0.29 17.82 -1.93
CA SER A 809 0.21 16.63 -2.67
C SER A 809 1.69 16.76 -3.03
N VAL A 810 2.09 17.95 -3.53
CA VAL A 810 3.40 18.11 -4.09
C VAL A 810 4.43 18.20 -2.98
N ALA A 811 4.05 18.80 -1.85
CA ALA A 811 4.94 18.85 -0.69
C ALA A 811 5.19 17.46 -0.11
N VAL A 812 4.13 16.67 -0.05
CA VAL A 812 4.27 15.34 0.49
C VAL A 812 5.10 14.50 -0.49
N ALA A 813 4.93 14.73 -1.77
CA ALA A 813 5.71 13.96 -2.75
C ALA A 813 7.19 14.28 -2.50
N LEU A 814 7.47 15.56 -2.25
CA LEU A 814 8.86 15.96 -2.12
C LEU A 814 9.42 15.25 -0.92
N ALA A 815 8.65 15.16 0.15
CA ALA A 815 9.14 14.48 1.39
C ALA A 815 9.35 12.99 1.16
N ALA A 816 8.46 12.33 0.37
CA ALA A 816 8.62 10.92 0.04
C ALA A 816 9.91 10.77 -0.80
N TYR A 817 10.09 11.64 -1.82
CA TYR A 817 11.28 11.52 -2.67
C TYR A 817 12.53 11.76 -1.79
N LYS A 818 12.50 12.76 -0.93
CA LYS A 818 13.72 13.11 -0.24
C LYS A 818 14.06 12.03 0.81
N THR A 819 13.05 11.50 1.52
CA THR A 819 13.34 10.50 2.56
C THR A 819 13.45 9.09 2.10
N GLY A 820 12.84 8.78 0.94
CA GLY A 820 12.62 7.37 0.59
C GLY A 820 11.60 6.62 1.46
N HIS A 821 10.89 7.33 2.35
CA HIS A 821 9.84 6.69 3.14
C HIS A 821 8.47 7.14 2.64
N PRO A 822 7.43 6.32 2.91
CA PRO A 822 6.06 6.83 2.76
C PRO A 822 5.89 8.07 3.61
N VAL A 823 5.15 9.06 3.13
CA VAL A 823 4.93 10.24 3.93
C VAL A 823 3.48 10.57 3.81
N ARG A 824 2.87 11.16 4.84
CA ARG A 824 1.52 11.66 4.66
C ARG A 824 1.30 12.97 5.37
N CYS A 825 0.24 13.65 4.99
CA CYS A 825 -0.20 14.85 5.72
C CYS A 825 -1.68 15.05 5.47
N MET A 826 -2.44 15.20 6.55
CA MET A 826 -3.80 15.65 6.49
C MET A 826 -3.84 17.02 7.13
N LEU A 827 -4.43 18.04 6.48
CA LEU A 827 -4.46 19.38 7.14
C LEU A 827 -5.38 19.42 8.36
N ASP A 828 -4.99 20.14 9.43
CA ASP A 828 -5.96 20.57 10.43
C ASP A 828 -6.86 21.63 9.82
N ARG A 829 -8.06 21.84 10.38
CA ARG A 829 -9.03 22.79 9.84
C ARG A 829 -8.44 24.18 9.64
N ASN A 830 -7.69 24.59 10.63
CA ASN A 830 -7.16 25.95 10.59
C ASN A 830 -6.17 26.14 9.49
N GLU A 831 -5.32 25.14 9.26
CA GLU A 831 -4.39 25.25 8.12
C GLU A 831 -5.17 25.27 6.83
N ASP A 832 -6.23 24.44 6.76
CA ASP A 832 -6.99 24.29 5.51
C ASP A 832 -7.65 25.59 5.09
N MET A 833 -8.35 26.22 6.02
CA MET A 833 -9.00 27.51 5.85
C MET A 833 -8.05 28.66 5.47
N LEU A 834 -6.88 28.72 6.11
CA LEU A 834 -5.84 29.71 5.79
C LEU A 834 -5.24 29.52 4.35
N ILE A 835 -4.83 28.29 4.07
CA ILE A 835 -3.96 28.05 2.96
C ILE A 835 -4.59 27.85 1.60
N THR A 836 -5.64 27.02 1.56
CA THR A 836 -6.04 26.36 0.34
C THR A 836 -7.02 27.15 -0.49
N GLY A 837 -7.43 28.35 -0.05
CA GLY A 837 -8.30 29.25 -0.88
C GLY A 837 -9.80 28.99 -0.75
N GLY A 838 -10.65 29.94 -1.15
CA GLY A 838 -12.09 29.75 -1.08
C GLY A 838 -12.82 30.32 -2.28
N ARG A 839 -14.11 30.54 -2.14
CA ARG A 839 -14.83 31.30 -3.13
C ARG A 839 -14.21 32.72 -3.23
N HIS A 840 -14.41 33.30 -4.42
CA HIS A 840 -13.98 34.65 -4.76
C HIS A 840 -14.94 35.69 -4.18
N PRO A 841 -14.46 36.54 -3.31
CA PRO A 841 -15.27 37.79 -3.13
C PRO A 841 -15.43 38.62 -4.44
N PHE A 842 -16.63 39.18 -4.63
CA PHE A 842 -16.97 40.04 -5.78
C PHE A 842 -17.45 41.40 -5.26
N LEU A 843 -17.06 42.43 -5.99
CA LEU A 843 -17.49 43.80 -5.80
C LEU A 843 -17.99 44.15 -7.18
N ALA A 844 -19.22 44.65 -7.25
CA ALA A 844 -19.90 45.05 -8.48
C ALA A 844 -20.29 46.53 -8.46
N ARG A 845 -20.06 47.21 -9.59
CA ARG A 845 -20.61 48.56 -9.83
C ARG A 845 -21.55 48.41 -11.00
N TYR A 846 -22.83 48.71 -10.82
CA TYR A 846 -23.83 48.41 -11.89
C TYR A 846 -24.69 49.61 -12.23
N LYS A 847 -25.36 49.56 -13.37
CA LYS A 847 -26.36 50.59 -13.67
C LYS A 847 -27.39 49.99 -14.57
N VAL A 848 -28.66 50.09 -14.21
CA VAL A 848 -29.71 49.44 -14.96
C VAL A 848 -30.73 50.49 -15.34
N GLY A 849 -31.17 50.45 -16.60
CA GLY A 849 -32.19 51.38 -17.14
C GLY A 849 -33.41 50.55 -17.40
N PHE A 850 -34.56 51.04 -16.96
CA PHE A 850 -35.75 50.23 -17.08
C PHE A 850 -36.95 51.11 -17.27
N MET A 851 -38.03 50.51 -17.76
CA MET A 851 -39.30 51.24 -17.97
C MET A 851 -40.09 51.20 -16.70
N LYS A 852 -41.13 52.05 -16.63
CA LYS A 852 -41.99 52.21 -15.46
C LYS A 852 -42.73 50.93 -15.18
N THR A 853 -42.91 50.15 -16.23
CA THR A 853 -43.52 48.82 -16.11
C THR A 853 -42.58 47.77 -15.53
N GLY A 854 -41.35 48.15 -15.17
CA GLY A 854 -40.32 47.16 -14.76
C GLY A 854 -39.42 46.55 -15.85
N THR A 855 -39.77 46.77 -17.12
CA THR A 855 -39.09 46.10 -18.24
C THR A 855 -37.67 46.57 -18.35
N ILE A 856 -36.68 45.67 -18.25
CA ILE A 856 -35.28 46.12 -18.29
C ILE A 856 -34.86 46.46 -19.74
N VAL A 857 -34.09 47.55 -19.89
CA VAL A 857 -33.98 48.17 -21.21
C VAL A 857 -32.47 48.21 -21.49
N ALA A 858 -31.69 48.46 -20.45
CA ALA A 858 -30.26 48.45 -20.59
C ALA A 858 -29.62 48.11 -19.25
N LEU A 859 -28.38 47.59 -19.28
CA LEU A 859 -27.67 47.24 -18.05
C LEU A 859 -26.19 47.20 -18.27
N GLU A 860 -25.42 47.76 -17.34
CA GLU A 860 -23.97 47.61 -17.29
C GLU A 860 -23.59 47.14 -15.87
N VAL A 861 -22.70 46.16 -15.77
CA VAL A 861 -22.13 45.77 -14.49
C VAL A 861 -20.65 45.60 -14.74
N ASP A 862 -19.83 46.21 -13.90
CA ASP A 862 -18.43 45.93 -13.82
C ASP A 862 -18.13 45.10 -12.54
N HIS A 863 -17.51 43.92 -12.75
CA HIS A 863 -17.27 42.94 -11.70
C HIS A 863 -15.80 42.99 -11.42
N TYR A 864 -15.42 42.80 -10.16
CA TYR A 864 -14.02 42.78 -9.75
C TYR A 864 -14.00 41.61 -8.77
N SER A 865 -13.07 40.66 -8.92
CA SER A 865 -13.02 39.55 -7.95
C SER A 865 -11.72 39.61 -7.21
N ASN A 866 -11.72 39.13 -5.97
CA ASN A 866 -10.48 39.12 -5.28
C ASN A 866 -9.91 37.75 -5.56
N ALA A 867 -8.80 37.74 -6.32
CA ALA A 867 -8.20 36.48 -6.80
C ALA A 867 -7.09 35.94 -5.93
N GLY A 868 -6.51 36.73 -5.04
CA GLY A 868 -5.36 36.26 -4.25
C GLY A 868 -4.06 36.18 -5.08
N ASN A 869 -3.10 35.45 -4.54
CA ASN A 869 -1.72 35.49 -5.00
C ASN A 869 -1.36 34.50 -6.14
N SER A 870 -2.30 33.93 -6.85
CA SER A 870 -1.92 33.29 -8.10
C SER A 870 -3.14 33.33 -8.95
N ARG A 871 -3.04 32.94 -10.21
CA ARG A 871 -4.21 32.98 -11.11
C ARG A 871 -5.23 31.85 -10.85
N ASP A 872 -4.69 30.62 -10.80
CA ASP A 872 -5.45 29.41 -10.61
C ASP A 872 -6.68 29.47 -11.54
N LEU A 873 -7.90 29.22 -11.03
CA LEU A 873 -9.10 29.17 -11.90
C LEU A 873 -9.85 30.50 -12.03
N SER A 874 -9.20 31.59 -11.60
CA SER A 874 -9.88 32.90 -11.51
C SER A 874 -10.43 33.42 -12.80
N HIS A 875 -9.68 33.21 -13.89
CA HIS A 875 -10.12 33.78 -15.17
C HIS A 875 -11.37 33.05 -15.62
N SER A 876 -11.35 31.72 -15.57
CA SER A 876 -12.52 30.90 -15.92
C SER A 876 -13.71 31.17 -14.99
N ILE A 877 -13.41 31.37 -13.71
CA ILE A 877 -14.43 31.83 -12.78
C ILE A 877 -15.08 33.18 -13.25
N MET A 878 -14.25 34.13 -13.67
CA MET A 878 -14.84 35.40 -14.16
C MET A 878 -15.69 35.21 -15.37
N GLU A 879 -15.24 34.38 -16.30
CA GLU A 879 -15.99 34.14 -17.47
C GLU A 879 -17.34 33.60 -17.09
N ARG A 880 -17.37 32.61 -16.17
CA ARG A 880 -18.63 31.99 -15.81
C ARG A 880 -19.53 33.04 -15.16
N ALA A 881 -18.96 33.95 -14.37
CA ALA A 881 -19.72 35.09 -13.85
C ALA A 881 -20.39 35.86 -15.00
N LEU A 882 -19.58 36.31 -15.98
CA LEU A 882 -20.15 37.05 -17.11
C LEU A 882 -21.24 36.34 -17.82
N PHE A 883 -21.08 35.01 -17.97
CA PHE A 883 -22.11 34.15 -18.62
C PHE A 883 -23.44 34.10 -17.87
N HIS A 884 -23.49 34.55 -16.62
CA HIS A 884 -24.67 34.34 -15.81
C HIS A 884 -25.23 35.67 -15.27
N MET A 885 -24.59 36.75 -15.71
CA MET A 885 -25.01 38.10 -15.30
C MET A 885 -26.45 38.41 -15.69
N ASP A 886 -27.06 37.61 -16.58
CA ASP A 886 -28.46 37.82 -17.01
C ASP A 886 -29.47 37.08 -16.12
N ASN A 887 -28.98 36.18 -15.26
CA ASN A 887 -29.88 35.13 -14.68
C ASN A 887 -30.83 34.58 -15.71
N CYS A 888 -32.14 34.77 -15.52
CA CYS A 888 -33.16 34.33 -16.48
C CYS A 888 -33.84 35.47 -17.20
N TYR A 889 -33.16 36.61 -17.33
CA TYR A 889 -33.84 37.83 -17.82
C TYR A 889 -33.33 38.32 -19.19
N LYS A 890 -34.25 38.58 -20.11
CA LYS A 890 -33.93 39.11 -21.44
C LYS A 890 -33.64 40.60 -21.38
N ILE A 891 -32.38 40.96 -21.59
CA ILE A 891 -31.90 42.35 -21.53
C ILE A 891 -31.22 42.88 -22.84
N PRO A 892 -31.97 43.60 -23.71
CA PRO A 892 -31.48 43.88 -25.08
C PRO A 892 -30.22 44.67 -25.16
N ASN A 893 -29.91 45.47 -24.14
CA ASN A 893 -28.71 46.24 -24.21
C ASN A 893 -27.84 46.04 -22.95
N ILE A 894 -26.74 45.33 -23.07
CA ILE A 894 -26.09 44.81 -21.87
C ILE A 894 -24.60 44.87 -22.07
N ARG A 895 -23.87 45.24 -21.06
CA ARG A 895 -22.43 45.21 -21.13
C ARG A 895 -21.98 44.72 -19.77
N GLY A 896 -21.18 43.64 -19.70
CA GLY A 896 -20.52 43.23 -18.46
C GLY A 896 -19.05 43.14 -18.60
N THR A 897 -18.31 43.66 -17.64
CA THR A 897 -16.88 43.57 -17.65
C THR A 897 -16.43 42.80 -16.38
N GLY A 898 -15.23 42.26 -16.36
CA GLY A 898 -14.71 41.61 -15.16
C GLY A 898 -13.25 41.89 -15.11
N ARG A 899 -12.73 42.18 -13.90
CA ARG A 899 -11.31 42.22 -13.68
C ARG A 899 -10.92 41.34 -12.53
N LEU A 900 -9.77 40.68 -12.63
CA LEU A 900 -9.26 39.84 -11.55
C LEU A 900 -8.25 40.59 -10.75
N CYS A 901 -8.52 40.76 -9.44
CA CYS A 901 -7.64 41.53 -8.56
C CYS A 901 -6.54 40.69 -7.97
N LYS A 902 -5.33 41.19 -8.13
CA LYS A 902 -4.18 40.44 -7.74
C LYS A 902 -3.78 40.98 -6.38
N THR A 903 -3.79 40.09 -5.39
CA THR A 903 -3.69 40.53 -4.01
C THR A 903 -2.80 39.56 -3.28
N ASN A 904 -2.39 39.99 -2.09
CA ASN A 904 -1.63 39.22 -1.16
C ASN A 904 -2.52 38.47 -0.15
N LEU A 905 -3.34 37.59 -0.72
CA LEU A 905 -4.23 36.73 0.02
C LEU A 905 -4.06 35.36 -0.63
N SER A 906 -4.33 34.29 0.12
CA SER A 906 -4.23 32.92 -0.44
C SER A 906 -5.05 32.92 -1.71
N SER A 907 -4.56 32.25 -2.75
CA SER A 907 -5.20 32.22 -4.05
C SER A 907 -6.61 31.57 -3.99
N ASN A 908 -7.65 32.27 -4.44
CA ASN A 908 -8.98 31.72 -4.41
C ASN A 908 -9.23 30.87 -5.63
N THR A 909 -10.24 29.98 -5.58
CA THR A 909 -10.32 28.88 -6.53
C THR A 909 -11.80 28.59 -6.80
N ALA A 910 -12.06 27.42 -7.38
CA ALA A 910 -13.41 26.92 -7.59
C ALA A 910 -14.08 26.61 -6.26
N PHE A 911 -15.35 26.97 -6.21
CA PHE A 911 -16.24 26.67 -5.11
C PHE A 911 -17.58 26.61 -5.78
N ARG A 912 -18.26 25.48 -5.56
CA ARG A 912 -19.58 25.12 -6.19
C ARG A 912 -20.39 26.32 -6.77
N GLY A 913 -20.54 26.39 -8.07
CA GLY A 913 -21.19 27.51 -8.75
C GLY A 913 -20.16 28.29 -9.59
N PHE A 914 -18.91 28.30 -9.15
CA PHE A 914 -17.76 28.64 -10.00
C PHE A 914 -17.96 30.02 -10.70
N GLY A 915 -18.32 31.02 -9.92
CA GLY A 915 -18.55 32.35 -10.44
C GLY A 915 -19.99 32.62 -10.74
N GLY A 916 -20.79 31.57 -10.86
CA GLY A 916 -22.18 31.77 -11.19
C GLY A 916 -22.97 32.54 -10.15
N PRO A 917 -22.94 32.02 -8.87
CA PRO A 917 -23.68 32.63 -7.75
C PRO A 917 -23.37 34.11 -7.48
N GLN A 918 -22.10 34.51 -7.57
CA GLN A 918 -21.75 35.92 -7.45
C GLN A 918 -22.53 36.67 -8.52
N ALA A 919 -22.32 36.33 -9.79
CA ALA A 919 -22.97 37.11 -10.87
C ALA A 919 -24.49 37.13 -10.73
N LEU A 920 -25.05 35.94 -10.45
CA LEU A 920 -26.49 35.80 -10.38
C LEU A 920 -27.03 36.58 -9.17
N PHE A 921 -26.23 36.71 -8.13
CA PHE A 921 -26.66 37.47 -6.96
C PHE A 921 -26.71 38.98 -7.32
N ILE A 922 -25.71 39.41 -8.09
CA ILE A 922 -25.66 40.78 -8.56
C ILE A 922 -26.85 41.06 -9.41
N ALA A 923 -27.20 40.14 -10.29
CA ALA A 923 -28.35 40.36 -11.14
C ALA A 923 -29.64 40.46 -10.30
N GLU A 924 -29.83 39.59 -9.33
CA GLU A 924 -31.08 39.64 -8.56
C GLU A 924 -31.12 40.86 -7.63
N ASN A 925 -29.97 41.31 -7.15
CA ASN A 925 -30.00 42.55 -6.39
C ASN A 925 -30.59 43.71 -7.24
N TRP A 926 -30.08 43.95 -8.46
CA TRP A 926 -30.60 45.08 -9.23
C TRP A 926 -31.99 44.73 -9.67
N MET A 927 -32.30 43.46 -9.92
CA MET A 927 -33.71 43.20 -10.30
C MET A 927 -34.65 43.63 -9.17
N SER A 928 -34.21 43.42 -7.92
CA SER A 928 -35.10 43.63 -6.80
C SER A 928 -35.22 45.13 -6.62
N GLU A 929 -34.16 45.86 -6.94
CA GLU A 929 -34.21 47.30 -6.85
C GLU A 929 -35.13 47.83 -7.92
N VAL A 930 -35.19 47.16 -9.06
CA VAL A 930 -36.10 47.55 -10.11
C VAL A 930 -37.57 47.44 -9.66
N ALA A 931 -37.91 46.38 -8.94
CA ALA A 931 -39.29 46.18 -8.48
C ALA A 931 -39.65 47.27 -7.49
N VAL A 932 -38.74 47.56 -6.58
CA VAL A 932 -39.01 48.58 -5.62
C VAL A 932 -39.24 49.95 -6.27
N THR A 933 -38.36 50.31 -7.20
CA THR A 933 -38.38 51.65 -7.78
C THR A 933 -39.68 51.84 -8.55
N CYS A 934 -40.16 50.74 -9.14
CA CYS A 934 -41.39 50.80 -9.91
C CYS A 934 -42.63 50.81 -9.03
N GLY A 935 -42.45 50.46 -7.75
CA GLY A 935 -43.57 50.11 -6.92
C GLY A 935 -44.43 48.99 -7.47
N LEU A 936 -43.80 47.95 -8.08
CA LEU A 936 -44.55 46.76 -8.52
C LEU A 936 -44.17 45.44 -7.75
N PRO A 937 -45.13 44.52 -7.60
CA PRO A 937 -44.81 43.20 -7.03
C PRO A 937 -43.57 42.57 -7.74
N ALA A 938 -42.62 42.13 -6.92
CA ALA A 938 -41.37 41.59 -7.42
C ALA A 938 -41.58 40.40 -8.39
N GLU A 939 -42.60 39.58 -8.16
CA GLU A 939 -42.74 38.41 -9.02
C GLU A 939 -43.22 38.80 -10.42
N GLU A 940 -43.95 39.91 -10.52
CA GLU A 940 -44.44 40.41 -11.82
C GLU A 940 -43.31 40.95 -12.64
N VAL A 941 -42.45 41.70 -11.98
CA VAL A 941 -41.33 42.32 -12.62
C VAL A 941 -40.36 41.24 -13.12
N ARG A 942 -40.21 40.18 -12.32
CA ARG A 942 -39.31 39.08 -12.74
C ARG A 942 -39.94 38.35 -13.93
N TRP A 943 -41.19 37.92 -13.78
CA TRP A 943 -41.87 37.24 -14.87
C TRP A 943 -41.84 37.92 -16.26
N LYS A 944 -42.21 39.22 -16.29
CA LYS A 944 -42.27 39.98 -17.56
C LYS A 944 -40.90 40.19 -18.18
N ASN A 945 -39.84 40.11 -17.36
CA ASN A 945 -38.45 40.19 -17.88
C ASN A 945 -37.84 38.91 -18.31
N MET A 946 -38.54 37.81 -18.04
CA MET A 946 -37.98 36.47 -18.17
C MET A 946 -37.85 36.11 -19.63
N TYR A 947 -36.72 35.55 -20.03
CA TYR A 947 -36.56 34.92 -21.36
C TYR A 947 -37.75 34.01 -21.71
N LYS A 948 -37.94 33.73 -23.01
CA LYS A 948 -38.92 32.72 -23.41
C LYS A 948 -38.24 31.70 -24.32
N GLU A 949 -38.88 30.53 -24.45
CA GLU A 949 -38.50 29.52 -25.41
C GLU A 949 -37.93 30.18 -26.72
N GLY A 950 -36.60 30.03 -26.88
CA GLY A 950 -35.94 30.22 -28.15
C GLY A 950 -35.17 31.51 -28.21
N ASP A 951 -35.32 32.36 -27.20
CA ASP A 951 -34.53 33.59 -27.17
C ASP A 951 -33.05 33.29 -27.00
N LEU A 952 -32.21 34.25 -27.43
CA LEU A 952 -30.76 34.17 -27.25
C LEU A 952 -30.41 34.87 -25.96
N THR A 953 -29.36 34.37 -25.32
CA THR A 953 -28.82 34.97 -24.14
C THR A 953 -27.98 36.15 -24.60
N HIS A 954 -27.36 36.84 -23.64
CA HIS A 954 -26.54 37.99 -23.97
C HIS A 954 -25.26 37.61 -24.69
N PHE A 955 -24.93 36.29 -24.63
CA PHE A 955 -23.77 35.70 -25.29
C PHE A 955 -24.20 34.88 -26.52
N ASN A 956 -25.43 35.15 -26.95
CA ASN A 956 -26.02 34.65 -28.23
C ASN A 956 -26.23 33.15 -28.32
N GLN A 957 -26.35 32.50 -27.17
CA GLN A 957 -26.84 31.12 -27.17
C GLN A 957 -28.34 31.00 -27.04
N ARG A 958 -28.89 30.12 -27.86
CA ARG A 958 -30.32 29.87 -27.88
C ARG A 958 -30.80 29.01 -26.73
N LEU A 959 -31.91 29.40 -26.14
CA LEU A 959 -32.47 28.71 -25.02
C LEU A 959 -33.51 27.73 -25.45
N GLU A 960 -33.06 26.50 -25.60
CA GLU A 960 -33.89 25.46 -26.16
C GLU A 960 -34.30 24.52 -25.02
N GLY A 961 -35.58 24.21 -24.95
CA GLY A 961 -36.17 23.52 -23.80
C GLY A 961 -36.00 24.34 -22.50
N PHE A 962 -36.29 25.64 -22.56
CA PHE A 962 -36.21 26.58 -21.43
C PHE A 962 -37.38 26.36 -20.48
N SER A 963 -37.15 25.72 -19.31
CA SER A 963 -38.24 25.19 -18.48
C SER A 963 -38.54 26.08 -17.26
N VAL A 964 -37.83 27.21 -17.15
CA VAL A 964 -38.04 28.15 -16.04
C VAL A 964 -39.50 28.59 -15.92
N PRO A 965 -40.21 28.91 -17.05
CA PRO A 965 -41.64 29.24 -16.83
C PRO A 965 -42.45 28.12 -16.16
N ARG A 966 -42.30 26.89 -16.59
CA ARG A 966 -42.98 25.78 -15.87
C ARG A 966 -42.50 25.63 -14.40
N CYS A 967 -41.19 25.68 -14.14
CA CYS A 967 -40.72 25.66 -12.76
C CYS A 967 -41.38 26.81 -11.96
N TRP A 968 -41.55 27.95 -12.62
CA TRP A 968 -41.96 29.19 -11.96
C TRP A 968 -43.39 29.02 -11.66
N ASP A 969 -44.16 28.64 -12.68
CA ASP A 969 -45.61 28.43 -12.47
C ASP A 969 -45.91 27.39 -11.43
N GLU A 970 -45.21 26.26 -11.47
CA GLU A 970 -45.48 25.19 -10.48
C GLU A 970 -45.14 25.59 -9.05
N CYS A 971 -44.01 26.29 -8.87
CA CYS A 971 -43.54 26.74 -7.55
C CYS A 971 -44.46 27.83 -6.97
N LEU A 972 -44.82 28.86 -7.75
CA LEU A 972 -45.91 29.78 -7.30
C LEU A 972 -47.08 29.00 -6.70
N LYS A 973 -47.56 28.01 -7.44
CA LYS A 973 -48.70 27.26 -7.03
C LYS A 973 -48.44 26.32 -5.84
N SER A 974 -47.43 25.47 -5.95
CA SER A 974 -47.28 24.46 -4.87
C SER A 974 -46.82 25.14 -3.55
N SER A 975 -46.16 26.29 -3.67
CA SER A 975 -45.83 27.05 -2.46
C SER A 975 -46.97 27.94 -1.95
N GLN A 976 -48.06 28.04 -2.72
CA GLN A 976 -49.17 28.90 -2.35
C GLN A 976 -48.67 30.33 -2.13
N TYR A 977 -47.79 30.76 -3.01
CA TYR A 977 -47.16 32.05 -2.88
C TYR A 977 -48.13 33.24 -2.60
N TYR A 978 -49.28 33.27 -3.29
CA TYR A 978 -50.05 34.53 -3.31
C TYR A 978 -50.83 34.58 -2.05
N ALA A 979 -51.40 33.46 -1.65
CA ALA A 979 -52.03 33.42 -0.36
C ALA A 979 -51.01 33.81 0.70
N ARG A 980 -49.76 33.38 0.56
CA ARG A 980 -48.82 33.59 1.66
C ARG A 980 -48.31 35.00 1.77
N LYS A 981 -48.20 35.67 0.63
CA LYS A 981 -47.92 37.10 0.56
C LYS A 981 -48.85 37.91 1.48
N SER A 982 -50.13 37.65 1.30
CA SER A 982 -51.11 38.40 2.00
C SER A 982 -50.92 38.04 3.49
N GLU A 983 -50.62 36.80 3.85
CA GLU A 983 -50.37 36.42 5.27
C GLU A 983 -49.10 37.11 5.84
N VAL A 984 -48.11 37.37 4.98
CA VAL A 984 -46.87 37.99 5.45
C VAL A 984 -47.15 39.47 5.79
N ASP A 985 -47.98 40.14 4.97
CA ASP A 985 -48.32 41.58 5.18
C ASP A 985 -49.08 41.73 6.47
N LYS A 986 -50.02 40.84 6.66
CA LYS A 986 -50.82 40.79 7.86
C LYS A 986 -49.86 40.62 9.06
N PHE A 987 -49.03 39.58 9.07
CA PHE A 987 -48.04 39.43 10.17
C PHE A 987 -47.27 40.73 10.40
N ASN A 988 -46.85 41.38 9.32
CA ASN A 988 -46.09 42.59 9.48
C ASN A 988 -46.86 43.76 10.06
N LYS A 989 -48.18 43.77 9.82
CA LYS A 989 -49.05 44.82 10.34
C LYS A 989 -49.17 44.68 11.83
N GLU A 990 -49.16 43.44 12.30
CA GLU A 990 -49.48 43.09 13.67
C GLU A 990 -48.25 42.96 14.63
N ASN A 991 -47.05 43.13 14.07
CA ASN A 991 -45.75 42.92 14.73
C ASN A 991 -44.77 44.04 14.42
N CYS A 992 -44.41 44.71 15.46
CA CYS A 992 -43.47 45.80 15.45
C CYS A 992 -42.00 45.39 15.46
N TRP A 993 -41.65 44.33 16.20
CA TRP A 993 -40.21 43.96 16.40
C TRP A 993 -39.83 42.63 15.78
N LYS A 994 -40.71 42.07 14.96
CA LYS A 994 -40.41 40.94 14.09
C LYS A 994 -41.09 41.17 12.76
N LYS A 995 -40.46 40.75 11.67
CA LYS A 995 -41.07 40.91 10.36
C LYS A 995 -40.84 39.67 9.52
N ARG A 996 -41.77 39.42 8.62
CA ARG A 996 -41.61 38.34 7.74
C ARG A 996 -41.26 38.81 6.39
N GLY A 997 -40.62 37.92 5.61
CA GLY A 997 -40.28 38.28 4.22
C GLY A 997 -40.49 37.09 3.33
N LEU A 998 -40.77 37.29 2.04
CA LEU A 998 -41.13 36.20 1.12
C LEU A 998 -40.55 36.55 -0.27
N CYS A 999 -39.83 35.62 -0.88
CA CYS A 999 -39.30 35.96 -2.19
C CYS A 999 -39.19 34.71 -3.02
N ILE A 1000 -39.43 34.86 -4.33
CA ILE A 1000 -39.35 33.69 -5.25
C ILE A 1000 -38.39 34.13 -6.36
N ILE A 1001 -37.36 33.33 -6.64
CA ILE A 1001 -36.36 33.69 -7.64
C ILE A 1001 -36.12 32.51 -8.54
N PRO A 1002 -35.81 32.76 -9.85
CA PRO A 1002 -35.46 31.69 -10.77
C PRO A 1002 -33.94 31.52 -10.79
N THR A 1003 -33.47 30.46 -11.44
CA THR A 1003 -32.10 30.47 -11.87
C THR A 1003 -31.92 29.61 -13.12
N LYS A 1004 -30.86 29.87 -13.87
CA LYS A 1004 -30.45 28.98 -14.94
C LYS A 1004 -28.94 28.82 -14.80
N PHE A 1005 -28.41 27.67 -15.18
CA PHE A 1005 -26.99 27.44 -14.94
C PHE A 1005 -26.43 26.67 -16.12
N GLY A 1006 -25.44 27.22 -16.78
CA GLY A 1006 -24.97 26.60 -18.02
C GLY A 1006 -24.08 25.42 -17.73
N ILE A 1007 -24.28 24.35 -18.52
CA ILE A 1007 -23.66 23.04 -18.27
C ILE A 1007 -22.62 22.67 -19.35
N SER A 1008 -21.35 22.77 -18.96
CA SER A 1008 -20.18 22.28 -19.70
C SER A 1008 -19.01 23.03 -19.08
N PHE A 1009 -17.80 22.58 -19.26
CA PHE A 1009 -16.67 23.42 -18.93
C PHE A 1009 -16.57 24.46 -20.07
N THR A 1010 -16.33 25.74 -19.78
CA THR A 1010 -16.33 26.75 -20.87
C THR A 1010 -15.12 26.74 -21.82
N VAL A 1011 -13.99 26.16 -21.36
CA VAL A 1011 -12.84 25.86 -22.22
C VAL A 1011 -13.15 24.52 -22.92
N PRO A 1012 -13.32 24.52 -24.25
CA PRO A 1012 -13.79 23.28 -24.90
C PRO A 1012 -13.03 21.97 -24.61
N PHE A 1013 -11.69 22.04 -24.47
CA PHE A 1013 -10.89 20.82 -24.32
C PHE A 1013 -11.25 19.91 -23.09
N LEU A 1014 -11.81 20.48 -22.03
CA LEU A 1014 -12.07 19.69 -20.83
C LEU A 1014 -13.27 18.80 -20.93
N ASN A 1015 -14.14 19.03 -21.93
CA ASN A 1015 -15.34 18.26 -22.09
C ASN A 1015 -15.07 16.96 -22.85
N GLN A 1016 -14.35 16.07 -22.20
CA GLN A 1016 -13.94 14.75 -22.72
C GLN A 1016 -13.86 13.83 -21.49
N ALA A 1017 -14.17 12.54 -21.69
CA ALA A 1017 -14.23 11.61 -20.64
C ALA A 1017 -13.93 10.21 -21.13
N GLY A 1018 -13.10 9.52 -20.39
CA GLY A 1018 -12.89 8.09 -20.62
C GLY A 1018 -13.35 7.17 -19.50
N ALA A 1019 -13.44 5.88 -19.84
CA ALA A 1019 -13.90 4.81 -19.01
C ALA A 1019 -13.14 3.57 -19.45
N LEU A 1020 -13.01 2.63 -18.54
CA LEU A 1020 -12.33 1.38 -18.81
C LEU A 1020 -13.21 0.34 -18.14
N ILE A 1021 -13.63 -0.68 -18.89
CA ILE A 1021 -14.52 -1.71 -18.31
C ILE A 1021 -13.96 -3.11 -18.50
N HIS A 1022 -13.94 -3.89 -17.44
CA HIS A 1022 -13.49 -5.29 -17.54
C HIS A 1022 -14.64 -6.20 -17.13
N VAL A 1023 -14.79 -7.31 -17.84
CA VAL A 1023 -15.68 -8.31 -17.35
C VAL A 1023 -14.85 -9.52 -17.03
N TYR A 1024 -14.93 -10.00 -15.79
CA TYR A 1024 -14.10 -11.14 -15.43
C TYR A 1024 -14.87 -12.38 -15.76
N THR A 1025 -14.29 -13.56 -15.58
CA THR A 1025 -14.88 -14.76 -16.19
C THR A 1025 -15.97 -15.35 -15.33
N ASP A 1026 -16.11 -14.88 -14.08
CA ASP A 1026 -17.35 -15.20 -13.32
C ASP A 1026 -18.52 -14.31 -13.76
N GLY A 1027 -18.31 -13.46 -14.78
CA GLY A 1027 -19.31 -12.47 -15.22
C GLY A 1027 -19.43 -11.19 -14.38
N SER A 1028 -18.58 -11.05 -13.32
CA SER A 1028 -18.56 -9.77 -12.57
C SER A 1028 -17.84 -8.73 -13.45
N VAL A 1029 -18.31 -7.50 -13.33
CA VAL A 1029 -17.84 -6.41 -14.12
C VAL A 1029 -17.15 -5.36 -13.15
N LEU A 1030 -16.00 -4.88 -13.57
CA LEU A 1030 -15.33 -3.77 -12.83
C LEU A 1030 -15.27 -2.60 -13.74
N VAL A 1031 -15.85 -1.47 -13.30
CA VAL A 1031 -15.86 -0.28 -14.11
C VAL A 1031 -14.88 0.71 -13.51
N SER A 1032 -14.15 1.37 -14.39
CA SER A 1032 -13.32 2.46 -14.01
C SER A 1032 -13.61 3.63 -14.94
N HIS A 1033 -13.60 4.87 -14.44
CA HIS A 1033 -13.85 6.08 -15.27
C HIS A 1033 -13.03 7.24 -14.70
N GLY A 1034 -12.90 8.33 -15.46
CA GLY A 1034 -12.07 9.42 -14.98
C GLY A 1034 -12.63 10.25 -13.82
N GLY A 1035 -13.90 10.08 -13.52
CA GLY A 1035 -14.46 10.86 -12.43
C GLY A 1035 -14.18 10.34 -11.01
N THR A 1036 -14.25 11.26 -10.05
CA THR A 1036 -14.08 10.93 -8.64
C THR A 1036 -15.38 11.09 -7.84
N GLU A 1037 -15.42 10.42 -6.69
CA GLU A 1037 -16.57 10.42 -5.75
C GLU A 1037 -16.24 11.35 -4.63
N MET A 1038 -17.10 12.33 -4.42
CA MET A 1038 -16.93 13.25 -3.35
C MET A 1038 -18.18 13.41 -2.54
N GLY A 1039 -19.12 12.48 -2.72
CA GLY A 1039 -20.39 12.45 -1.94
C GLY A 1039 -21.59 12.62 -2.85
N GLN A 1040 -21.34 13.01 -4.10
CA GLN A 1040 -22.40 13.34 -5.06
C GLN A 1040 -23.04 12.12 -5.69
N GLY A 1041 -22.54 10.93 -5.35
CA GLY A 1041 -23.08 9.69 -5.92
C GLY A 1041 -22.79 9.48 -7.41
N LEU A 1042 -21.58 9.86 -7.84
CA LEU A 1042 -21.21 9.66 -9.26
C LEU A 1042 -21.05 8.16 -9.54
N HIS A 1043 -20.32 7.44 -8.69
CA HIS A 1043 -20.14 6.01 -8.91
C HIS A 1043 -21.46 5.24 -8.90
N THR A 1044 -22.31 5.54 -7.94
CA THR A 1044 -23.65 4.94 -7.89
C THR A 1044 -24.35 5.17 -9.27
N LYS A 1045 -24.41 6.42 -9.73
CA LYS A 1045 -24.97 6.72 -11.07
C LYS A 1045 -24.30 5.93 -12.21
N MET A 1046 -22.98 5.73 -12.16
CA MET A 1046 -22.22 5.06 -13.23
C MET A 1046 -22.55 3.58 -13.23
N VAL A 1047 -22.77 3.07 -12.03
CA VAL A 1047 -23.18 1.71 -11.87
C VAL A 1047 -24.62 1.50 -12.40
N GLN A 1048 -25.52 2.46 -12.11
CA GLN A 1048 -26.93 2.40 -12.62
C GLN A 1048 -26.92 2.42 -14.15
N VAL A 1049 -26.07 3.27 -14.73
CA VAL A 1049 -25.90 3.35 -16.18
C VAL A 1049 -25.39 2.02 -16.74
N ALA A 1050 -24.25 1.56 -16.25
CA ALA A 1050 -23.68 0.30 -16.74
C ALA A 1050 -24.66 -0.87 -16.69
N SER A 1051 -25.45 -0.94 -15.60
CA SER A 1051 -26.42 -1.96 -15.38
C SER A 1051 -27.59 -1.86 -16.36
N LYS A 1052 -28.09 -0.65 -16.61
CA LYS A 1052 -29.13 -0.45 -17.69
C LYS A 1052 -28.53 -0.76 -19.05
N ALA A 1053 -27.41 -0.15 -19.41
CA ALA A 1053 -26.76 -0.52 -20.69
C ALA A 1053 -26.57 -2.02 -20.92
N LEU A 1054 -25.95 -2.70 -19.96
CA LEU A 1054 -25.63 -4.13 -20.14
C LEU A 1054 -26.80 -5.07 -19.93
N LYS A 1055 -27.89 -4.56 -19.36
CA LYS A 1055 -29.03 -5.37 -18.90
C LYS A 1055 -28.64 -6.49 -17.93
N ILE A 1056 -27.90 -6.11 -16.90
CA ILE A 1056 -27.60 -7.00 -15.78
C ILE A 1056 -27.92 -6.24 -14.49
N PRO A 1057 -28.09 -6.94 -13.36
CA PRO A 1057 -28.31 -6.23 -12.10
C PRO A 1057 -27.04 -5.50 -11.62
N ILE A 1058 -27.22 -4.46 -10.86
CA ILE A 1058 -26.11 -3.65 -10.38
C ILE A 1058 -25.20 -4.46 -9.44
N SER A 1059 -25.79 -5.47 -8.78
CA SER A 1059 -25.07 -6.36 -7.91
C SER A 1059 -23.91 -6.99 -8.69
N LYS A 1060 -24.01 -7.08 -10.01
CA LYS A 1060 -22.90 -7.70 -10.75
C LYS A 1060 -21.82 -6.72 -11.12
N ILE A 1061 -22.03 -5.44 -10.81
CA ILE A 1061 -21.11 -4.39 -11.28
C ILE A 1061 -20.48 -3.68 -10.08
N TYR A 1062 -19.24 -3.26 -10.23
CA TYR A 1062 -18.55 -2.68 -9.11
C TYR A 1062 -17.59 -1.58 -9.55
N ILE A 1063 -17.49 -0.52 -8.74
CA ILE A 1063 -16.49 0.52 -8.98
C ILE A 1063 -15.63 0.65 -7.74
N SER A 1064 -14.32 0.46 -7.94
CA SER A 1064 -13.43 0.44 -6.76
C SER A 1064 -12.90 1.83 -6.50
N GLU A 1065 -12.45 2.49 -7.52
CA GLU A 1065 -11.75 3.79 -7.30
C GLU A 1065 -11.44 4.47 -8.64
N THR A 1066 -10.74 5.58 -8.56
CA THR A 1066 -10.31 6.36 -9.73
C THR A 1066 -8.79 6.34 -9.63
N SER A 1067 -8.13 6.00 -10.74
CA SER A 1067 -6.67 5.95 -10.78
C SER A 1067 -6.09 6.34 -12.16
N THR A 1068 -4.92 6.95 -12.17
CA THR A 1068 -4.36 7.45 -13.44
C THR A 1068 -3.81 6.34 -14.37
N ASN A 1069 -3.69 5.10 -13.87
CA ASN A 1069 -3.18 4.03 -14.72
C ASN A 1069 -4.35 3.17 -15.25
N THR A 1070 -5.58 3.59 -14.95
CA THR A 1070 -6.74 2.96 -15.56
C THR A 1070 -7.33 3.91 -16.57
N VAL A 1071 -7.50 5.19 -16.18
CA VAL A 1071 -8.00 6.19 -17.10
C VAL A 1071 -7.14 7.41 -17.01
N PRO A 1072 -6.41 7.66 -18.07
CA PRO A 1072 -5.39 8.69 -18.18
C PRO A 1072 -6.01 10.02 -18.61
N ASN A 1073 -5.40 11.16 -18.25
CA ASN A 1073 -5.72 12.49 -18.86
C ASN A 1073 -7.13 12.93 -18.59
N SER A 1074 -7.60 12.60 -17.43
CA SER A 1074 -8.97 12.93 -17.10
C SER A 1074 -9.04 14.44 -16.70
N SER A 1075 -10.12 15.06 -17.13
CA SER A 1075 -10.45 16.41 -16.64
C SER A 1075 -10.81 16.28 -15.16
N PRO A 1076 -10.65 17.38 -14.39
CA PRO A 1076 -11.13 17.27 -12.99
C PRO A 1076 -12.59 16.96 -12.99
N THR A 1077 -13.03 16.29 -11.92
CA THR A 1077 -14.41 16.05 -11.66
C THR A 1077 -15.08 17.37 -11.24
N ALA A 1078 -15.78 18.01 -12.18
CA ALA A 1078 -16.08 19.41 -11.96
C ALA A 1078 -17.13 19.86 -12.94
N ALA A 1079 -17.66 21.09 -12.73
CA ALA A 1079 -18.58 21.67 -13.70
C ALA A 1079 -19.91 20.96 -13.81
N SER A 1080 -20.20 20.13 -12.80
CA SER A 1080 -21.39 19.36 -12.72
C SER A 1080 -21.65 18.44 -13.93
N VAL A 1081 -20.66 18.24 -14.79
CA VAL A 1081 -20.89 17.42 -15.99
C VAL A 1081 -20.47 15.97 -15.89
N SER A 1082 -19.94 15.54 -14.73
CA SER A 1082 -19.32 14.20 -14.63
C SER A 1082 -20.31 13.06 -14.97
N THR A 1083 -21.55 13.16 -14.52
CA THR A 1083 -22.56 12.17 -14.81
C THR A 1083 -22.80 12.16 -16.35
N ASP A 1084 -23.02 13.34 -16.92
CA ASP A 1084 -23.10 13.51 -18.36
C ASP A 1084 -21.96 12.83 -19.11
N ILE A 1085 -20.72 13.23 -18.84
CA ILE A 1085 -19.64 12.80 -19.72
C ILE A 1085 -19.09 11.40 -19.35
N TYR A 1086 -18.86 11.10 -18.07
CA TYR A 1086 -18.47 9.68 -17.72
C TYR A 1086 -19.58 8.70 -18.03
N GLY A 1087 -20.83 9.14 -17.91
CA GLY A 1087 -22.00 8.28 -18.17
C GLY A 1087 -22.00 7.84 -19.63
N GLN A 1088 -21.67 8.77 -20.50
CA GLN A 1088 -21.55 8.45 -21.90
C GLN A 1088 -20.35 7.56 -22.19
N ALA A 1089 -19.18 7.88 -21.64
CA ALA A 1089 -18.03 6.97 -21.79
C ALA A 1089 -18.24 5.53 -21.26
N VAL A 1090 -18.88 5.40 -20.09
CA VAL A 1090 -19.28 4.08 -19.58
C VAL A 1090 -20.36 3.38 -20.51
N TYR A 1091 -21.33 4.16 -20.98
CA TYR A 1091 -22.35 3.65 -21.91
C TYR A 1091 -21.65 2.97 -23.11
N GLU A 1092 -20.71 3.69 -23.73
CA GLU A 1092 -19.97 3.30 -24.94
C GLU A 1092 -19.09 2.06 -24.77
N ALA A 1093 -18.45 1.95 -23.60
CA ALA A 1093 -17.74 0.69 -23.29
C ALA A 1093 -18.72 -0.47 -23.11
N CYS A 1094 -19.91 -0.19 -22.54
CA CYS A 1094 -20.93 -1.23 -22.45
C CYS A 1094 -21.41 -1.73 -23.82
N GLN A 1095 -21.55 -0.82 -24.77
CA GLN A 1095 -21.96 -1.16 -26.17
C GLN A 1095 -20.94 -2.08 -26.89
N THR A 1096 -19.67 -1.74 -26.78
CA THR A 1096 -18.59 -2.59 -27.23
C THR A 1096 -18.65 -3.96 -26.56
N ILE A 1097 -18.80 -4.01 -25.24
CA ILE A 1097 -18.88 -5.30 -24.60
C ILE A 1097 -20.09 -6.10 -25.24
N LEU A 1098 -21.24 -5.44 -25.36
CA LEU A 1098 -22.47 -6.05 -25.89
C LEU A 1098 -22.26 -6.49 -27.33
N LYS A 1099 -21.52 -5.72 -28.12
CA LYS A 1099 -21.20 -6.18 -29.48
C LYS A 1099 -20.35 -7.46 -29.47
N ARG A 1100 -19.33 -7.51 -28.62
CA ARG A 1100 -18.51 -8.72 -28.48
C ARG A 1100 -19.27 -9.92 -27.99
N LEU A 1101 -20.26 -9.72 -27.11
CA LEU A 1101 -21.03 -10.81 -26.61
C LEU A 1101 -22.18 -11.26 -27.53
N GLU A 1102 -22.65 -10.41 -28.44
CA GLU A 1102 -23.81 -10.70 -29.27
C GLU A 1102 -23.82 -12.12 -29.94
N PRO A 1103 -22.74 -12.53 -30.63
CA PRO A 1103 -22.78 -13.90 -31.21
C PRO A 1103 -22.94 -15.05 -30.17
N PHE A 1104 -22.53 -14.81 -28.92
CA PHE A 1104 -22.69 -15.84 -27.89
C PHE A 1104 -24.12 -15.82 -27.43
N LYS A 1105 -24.72 -14.64 -27.54
CA LYS A 1105 -26.11 -14.46 -27.17
C LYS A 1105 -26.98 -15.20 -28.20
N LYS A 1106 -26.67 -14.99 -29.49
CA LYS A 1106 -27.29 -15.69 -30.61
C LYS A 1106 -27.21 -17.21 -30.48
N LYS A 1107 -26.00 -17.79 -30.46
CA LYS A 1107 -25.77 -19.23 -30.23
C LYS A 1107 -26.55 -19.78 -29.00
N ASN A 1108 -26.72 -18.98 -27.95
CA ASN A 1108 -27.32 -19.51 -26.73
C ASN A 1108 -28.28 -18.53 -26.07
N PRO A 1109 -29.45 -18.28 -26.72
CA PRO A 1109 -30.46 -17.26 -26.36
C PRO A 1109 -31.02 -17.46 -24.97
N ASP A 1110 -31.10 -18.72 -24.55
CA ASP A 1110 -31.63 -19.05 -23.25
C ASP A 1110 -30.60 -19.12 -22.11
N GLY A 1111 -29.31 -18.94 -22.44
CA GLY A 1111 -28.21 -18.91 -21.44
C GLY A 1111 -28.22 -17.66 -20.54
N SER A 1112 -27.38 -17.68 -19.51
CA SER A 1112 -27.23 -16.54 -18.59
C SER A 1112 -26.12 -15.63 -19.08
N TRP A 1113 -26.12 -14.41 -18.57
CA TRP A 1113 -24.99 -13.49 -18.73
C TRP A 1113 -23.68 -14.29 -18.48
N GLU A 1114 -23.62 -15.05 -17.37
CA GLU A 1114 -22.41 -15.84 -17.03
C GLU A 1114 -21.97 -16.86 -18.09
N ASP A 1115 -22.94 -17.44 -18.81
CA ASP A 1115 -22.65 -18.45 -19.80
C ASP A 1115 -22.08 -17.73 -20.97
N TRP A 1116 -22.66 -16.57 -21.34
CA TRP A 1116 -22.19 -15.87 -22.49
C TRP A 1116 -20.77 -15.35 -22.34
N VAL A 1117 -20.48 -14.81 -21.16
CA VAL A 1117 -19.14 -14.32 -20.79
C VAL A 1117 -18.11 -15.45 -20.88
N MET A 1118 -18.42 -16.64 -20.34
CA MET A 1118 -17.48 -17.72 -20.27
C MET A 1118 -17.19 -18.28 -21.68
N ALA A 1119 -18.24 -18.35 -22.48
CA ALA A 1119 -18.10 -18.74 -23.86
C ALA A 1119 -17.30 -17.72 -24.66
N ALA A 1120 -17.44 -16.42 -24.38
CA ALA A 1120 -16.60 -15.46 -25.15
C ALA A 1120 -15.15 -15.59 -24.70
N TYR A 1121 -14.93 -15.76 -23.40
CA TYR A 1121 -13.55 -16.02 -22.88
C TYR A 1121 -12.93 -17.27 -23.51
N GLN A 1122 -13.68 -18.39 -23.49
CA GLN A 1122 -13.24 -19.67 -24.11
C GLN A 1122 -12.96 -19.49 -25.56
N ASP A 1123 -13.66 -18.53 -26.17
CA ASP A 1123 -13.46 -18.27 -27.62
C ASP A 1123 -12.39 -17.26 -27.92
N ARG A 1124 -11.69 -16.79 -26.87
CA ARG A 1124 -10.64 -15.77 -27.05
C ARG A 1124 -11.15 -14.51 -27.66
N VAL A 1125 -12.25 -14.05 -27.11
CA VAL A 1125 -12.74 -12.72 -27.37
C VAL A 1125 -12.39 -11.83 -26.14
N SER A 1126 -11.79 -10.68 -26.39
CA SER A 1126 -11.45 -9.75 -25.33
C SER A 1126 -12.69 -9.28 -24.51
N LEU A 1127 -12.59 -9.37 -23.18
CA LEU A 1127 -13.63 -8.86 -22.33
C LEU A 1127 -13.25 -7.53 -21.64
N SER A 1128 -12.43 -6.72 -22.32
CA SER A 1128 -11.98 -5.45 -21.82
C SER A 1128 -12.04 -4.39 -22.94
N THR A 1129 -12.56 -3.23 -22.64
CA THR A 1129 -12.54 -2.14 -23.62
C THR A 1129 -12.50 -0.79 -22.91
N THR A 1130 -12.05 0.23 -23.63
CA THR A 1130 -12.24 1.61 -23.22
C THR A 1130 -13.53 2.12 -23.77
N GLY A 1131 -14.01 3.26 -23.25
CA GLY A 1131 -15.15 4.03 -23.77
C GLY A 1131 -14.74 5.50 -23.70
N PHE A 1132 -15.27 6.31 -24.61
CA PHE A 1132 -14.86 7.67 -24.59
C PHE A 1132 -15.97 8.55 -25.10
N TYR A 1133 -15.94 9.82 -24.70
CA TYR A 1133 -16.93 10.81 -25.11
C TYR A 1133 -16.40 12.20 -25.06
N ARG A 1134 -16.93 13.01 -25.98
CA ARG A 1134 -16.46 14.34 -26.28
C ARG A 1134 -17.73 15.15 -26.60
N THR A 1135 -18.02 16.15 -25.79
CA THR A 1135 -19.28 16.87 -25.95
C THR A 1135 -19.33 17.61 -27.33
N PRO A 1136 -20.36 17.37 -28.13
CA PRO A 1136 -20.35 17.99 -29.46
C PRO A 1136 -20.71 19.48 -29.44
N ASN A 1137 -20.27 20.21 -30.48
CA ASN A 1137 -20.83 21.53 -30.85
C ASN A 1137 -20.57 22.63 -29.85
N LEU A 1138 -19.37 22.65 -29.27
CA LEU A 1138 -19.02 23.64 -28.23
C LEU A 1138 -17.92 24.51 -28.73
N GLY A 1139 -17.86 25.74 -28.20
CA GLY A 1139 -16.79 26.65 -28.60
C GLY A 1139 -17.20 28.10 -28.72
N TYR A 1140 -17.26 28.76 -27.56
CA TYR A 1140 -17.73 30.12 -27.54
C TYR A 1140 -16.54 31.00 -27.75
N SER A 1141 -16.80 32.03 -28.54
CA SER A 1141 -15.78 33.04 -28.73
C SER A 1141 -16.17 34.36 -28.07
N PHE A 1142 -15.32 34.89 -27.22
CA PHE A 1142 -15.55 36.23 -26.69
C PHE A 1142 -15.45 37.35 -27.77
N GLU A 1143 -14.73 37.08 -28.86
CA GLU A 1143 -14.57 38.06 -29.92
C GLU A 1143 -15.76 38.08 -30.88
N THR A 1144 -16.32 36.94 -31.25
CA THR A 1144 -17.47 37.01 -32.14
C THR A 1144 -18.77 37.11 -31.37
N ASN A 1145 -18.60 37.11 -30.04
CA ASN A 1145 -19.66 36.78 -29.10
C ASN A 1145 -20.63 35.80 -29.71
N SER A 1146 -20.13 34.60 -30.09
CA SER A 1146 -20.98 33.54 -30.62
C SER A 1146 -20.35 32.15 -30.46
N GLY A 1147 -21.13 31.14 -30.83
CA GLY A 1147 -20.76 29.78 -30.50
C GLY A 1147 -21.24 29.35 -29.11
N ASN A 1148 -21.66 28.10 -29.04
CA ASN A 1148 -22.14 27.56 -27.76
C ASN A 1148 -21.09 27.57 -26.62
N ALA A 1149 -21.36 28.35 -25.57
CA ALA A 1149 -20.63 28.25 -24.30
C ALA A 1149 -21.06 26.97 -23.56
N PHE A 1150 -22.30 26.54 -23.70
CA PHE A 1150 -22.77 25.42 -22.88
C PHE A 1150 -23.48 24.48 -23.75
N HIS A 1151 -23.65 23.22 -23.31
CA HIS A 1151 -24.35 22.21 -24.07
C HIS A 1151 -25.85 22.31 -23.87
N TYR A 1152 -26.22 22.67 -22.65
CA TYR A 1152 -27.59 23.01 -22.26
C TYR A 1152 -27.55 23.74 -20.91
N PHE A 1153 -28.72 24.07 -20.38
CA PHE A 1153 -28.82 24.71 -19.05
C PHE A 1153 -29.68 23.91 -18.08
N THR A 1154 -29.26 23.86 -16.81
CA THR A 1154 -30.18 23.37 -15.77
C THR A 1154 -30.97 24.51 -15.11
N TYR A 1155 -32.28 24.29 -14.91
CA TYR A 1155 -33.18 25.34 -14.35
C TYR A 1155 -33.85 24.95 -13.04
N GLY A 1156 -34.24 25.98 -12.26
CA GLY A 1156 -35.18 25.75 -11.18
C GLY A 1156 -35.64 27.07 -10.55
N VAL A 1157 -36.54 26.98 -9.58
CA VAL A 1157 -37.11 28.16 -8.95
C VAL A 1157 -37.20 27.83 -7.45
N ALA A 1158 -36.94 28.78 -6.57
CA ALA A 1158 -37.20 28.59 -5.15
C ALA A 1158 -37.96 29.78 -4.58
N CYS A 1159 -38.89 29.48 -3.67
CA CYS A 1159 -39.64 30.48 -2.92
C CYS A 1159 -39.25 30.24 -1.47
N SER A 1160 -38.71 31.26 -0.82
CA SER A 1160 -38.42 31.17 0.62
C SER A 1160 -39.11 32.26 1.44
N GLU A 1161 -39.55 31.86 2.64
CA GLU A 1161 -40.07 32.77 3.64
C GLU A 1161 -39.20 32.78 4.93
N VAL A 1162 -38.93 33.96 5.45
CA VAL A 1162 -38.19 34.08 6.69
C VAL A 1162 -38.98 34.95 7.68
N GLU A 1163 -38.64 34.83 8.94
CA GLU A 1163 -39.07 35.80 9.94
C GLU A 1163 -37.79 36.33 10.57
N ILE A 1164 -37.56 37.65 10.53
CA ILE A 1164 -36.42 38.22 11.22
C ILE A 1164 -36.84 38.79 12.62
N ASP A 1165 -35.86 38.91 13.50
CA ASP A 1165 -36.07 39.52 14.81
C ASP A 1165 -35.33 40.83 14.68
N CYS A 1166 -36.06 41.92 14.57
CA CYS A 1166 -35.48 43.21 14.27
C CYS A 1166 -34.73 43.82 15.45
N LEU A 1167 -34.84 43.18 16.62
CA LEU A 1167 -34.14 43.69 17.80
C LEU A 1167 -32.76 43.02 17.89
N THR A 1168 -32.59 41.85 17.25
CA THR A 1168 -31.32 41.10 17.37
C THR A 1168 -30.60 40.77 16.04
N GLY A 1169 -31.33 40.63 14.93
CA GLY A 1169 -30.64 40.22 13.69
C GLY A 1169 -30.68 38.70 13.48
N ASP A 1170 -31.09 37.94 14.50
CA ASP A 1170 -31.52 36.54 14.26
C ASP A 1170 -32.67 36.45 13.30
N HIS A 1171 -32.76 35.31 12.59
CA HIS A 1171 -33.92 35.07 11.78
C HIS A 1171 -34.18 33.59 11.71
N LYS A 1172 -35.40 33.29 11.34
CA LYS A 1172 -35.79 31.94 11.14
C LYS A 1172 -36.14 31.74 9.67
N ASN A 1173 -35.72 30.61 9.11
CA ASN A 1173 -36.15 30.17 7.82
C ASN A 1173 -37.36 29.29 8.01
N LEU A 1174 -38.52 29.85 7.69
CA LEU A 1174 -39.80 29.19 7.99
C LEU A 1174 -40.08 28.16 6.94
N ARG A 1175 -39.99 28.53 5.66
CA ARG A 1175 -40.40 27.61 4.61
C ARG A 1175 -39.77 27.95 3.30
N THR A 1176 -39.33 26.89 2.60
CA THR A 1176 -38.76 26.98 1.24
C THR A 1176 -39.39 25.89 0.38
N ASP A 1177 -39.68 26.23 -0.86
CA ASP A 1177 -40.25 25.29 -1.87
C ASP A 1177 -39.37 25.49 -3.06
N ILE A 1178 -38.93 24.37 -3.66
CA ILE A 1178 -38.02 24.36 -4.76
C ILE A 1178 -38.61 23.48 -5.87
N VAL A 1179 -38.58 23.96 -7.12
CA VAL A 1179 -38.91 23.07 -8.25
C VAL A 1179 -37.73 23.10 -9.17
N MET A 1180 -37.15 21.95 -9.44
CA MET A 1180 -35.90 21.95 -10.15
C MET A 1180 -36.09 21.04 -11.34
N ASP A 1181 -35.57 21.48 -12.48
CA ASP A 1181 -35.60 20.74 -13.68
C ASP A 1181 -34.27 20.03 -13.81
N VAL A 1182 -34.25 18.73 -13.50
CA VAL A 1182 -33.04 17.94 -13.73
C VAL A 1182 -33.30 16.88 -14.84
N GLY A 1183 -34.13 17.23 -15.83
CA GLY A 1183 -34.53 16.28 -16.87
C GLY A 1183 -35.20 15.06 -16.29
N SER A 1184 -35.09 13.92 -16.97
CA SER A 1184 -35.43 12.66 -16.35
C SER A 1184 -34.28 12.22 -15.44
N SER A 1185 -34.44 12.44 -14.13
CA SER A 1185 -33.39 12.09 -13.16
C SER A 1185 -32.86 10.67 -13.32
N LEU A 1186 -31.53 10.52 -13.30
CA LEU A 1186 -30.97 9.17 -13.12
C LEU A 1186 -31.32 8.56 -11.75
N ASN A 1187 -31.43 9.41 -10.75
CA ASN A 1187 -31.63 8.90 -9.39
C ASN A 1187 -32.21 10.01 -8.59
N PRO A 1188 -33.54 9.98 -8.42
CA PRO A 1188 -34.12 11.15 -7.78
C PRO A 1188 -33.73 11.34 -6.35
N ALA A 1189 -33.31 10.28 -5.65
CA ALA A 1189 -32.84 10.41 -4.26
C ALA A 1189 -31.60 11.26 -4.25
N ILE A 1190 -30.70 10.89 -5.13
CA ILE A 1190 -29.41 11.52 -5.24
C ILE A 1190 -29.61 12.98 -5.75
N ASP A 1191 -30.53 13.17 -6.70
CA ASP A 1191 -30.73 14.49 -7.30
C ASP A 1191 -31.39 15.44 -6.32
N ILE A 1192 -32.28 14.91 -5.49
CA ILE A 1192 -32.93 15.77 -4.48
C ILE A 1192 -31.89 16.09 -3.43
N GLY A 1193 -31.04 15.10 -3.12
CA GLY A 1193 -29.98 15.34 -2.16
C GLY A 1193 -29.09 16.51 -2.63
N GLN A 1194 -28.71 16.49 -3.90
CA GLN A 1194 -27.97 17.55 -4.53
C GLN A 1194 -28.70 18.87 -4.55
N VAL A 1195 -29.96 18.90 -4.94
CA VAL A 1195 -30.74 20.12 -4.73
C VAL A 1195 -30.69 20.69 -3.31
N GLU A 1196 -30.98 19.87 -2.28
CA GLU A 1196 -31.05 20.38 -0.91
C GLU A 1196 -29.68 20.76 -0.35
N GLY A 1197 -28.68 19.92 -0.57
CA GLY A 1197 -27.29 20.27 -0.20
C GLY A 1197 -26.75 21.57 -0.81
N ALA A 1198 -27.03 21.78 -2.10
CA ALA A 1198 -26.56 22.96 -2.82
C ALA A 1198 -27.32 24.16 -2.24
N PHE A 1199 -28.63 24.00 -2.13
CA PHE A 1199 -29.47 25.03 -1.56
C PHE A 1199 -28.89 25.52 -0.26
N VAL A 1200 -28.62 24.59 0.63
CA VAL A 1200 -28.19 24.92 2.00
C VAL A 1200 -26.75 25.54 1.97
N GLN A 1201 -25.91 25.08 1.06
CA GLN A 1201 -24.65 25.71 0.91
C GLN A 1201 -24.78 27.16 0.41
N GLY A 1202 -25.79 27.46 -0.42
CA GLY A 1202 -25.98 28.81 -0.87
C GLY A 1202 -26.57 29.69 0.22
N LEU A 1203 -27.55 29.17 0.96
CA LEU A 1203 -28.06 29.88 2.16
C LEU A 1203 -26.94 30.27 3.12
N GLY A 1204 -25.98 29.37 3.33
CA GLY A 1204 -24.77 29.66 4.11
C GLY A 1204 -23.99 30.85 3.54
N LEU A 1205 -23.74 30.82 2.21
CA LEU A 1205 -23.00 31.87 1.54
C LEU A 1205 -23.69 33.24 1.69
N PHE A 1206 -25.01 33.26 1.56
CA PHE A 1206 -25.81 34.50 1.44
C PHE A 1206 -26.26 35.02 2.86
N THR A 1207 -26.13 34.21 3.90
CA THR A 1207 -26.69 34.60 5.23
C THR A 1207 -25.95 34.22 6.51
N LEU A 1208 -24.97 33.31 6.50
CA LEU A 1208 -24.36 32.84 7.72
C LEU A 1208 -22.85 32.93 7.71
N GLU A 1209 -22.28 32.58 6.57
CA GLU A 1209 -20.86 32.33 6.46
C GLU A 1209 -20.12 33.62 6.07
N GLU A 1210 -19.10 33.93 6.84
CA GLU A 1210 -18.34 35.14 6.62
C GLU A 1210 -16.93 34.97 7.12
N LEU A 1211 -16.00 35.25 6.25
CA LEU A 1211 -14.61 35.27 6.59
C LEU A 1211 -14.17 36.70 6.97
N HIS A 1212 -13.34 36.80 8.03
CA HIS A 1212 -12.78 38.10 8.41
C HIS A 1212 -11.28 38.03 8.42
N TYR A 1213 -10.65 39.08 7.89
CA TYR A 1213 -9.22 39.28 7.86
C TYR A 1213 -8.83 40.56 8.58
N SER A 1214 -7.68 40.55 9.28
CA SER A 1214 -7.15 41.81 9.83
C SER A 1214 -6.86 42.71 8.62
N PRO A 1215 -6.71 44.06 8.82
CA PRO A 1215 -6.39 44.97 7.68
C PRO A 1215 -5.09 44.61 6.95
N GLU A 1216 -4.12 44.10 7.71
CA GLU A 1216 -2.92 43.56 7.09
C GLU A 1216 -3.06 42.12 6.50
N GLY A 1217 -4.28 41.60 6.30
CA GLY A 1217 -4.47 40.36 5.50
C GLY A 1217 -4.34 38.96 6.13
N SER A 1218 -4.46 38.90 7.46
CA SER A 1218 -4.35 37.66 8.21
C SER A 1218 -5.74 37.23 8.62
N LEU A 1219 -6.15 36.01 8.20
CA LEU A 1219 -7.46 35.49 8.47
C LEU A 1219 -7.76 35.33 9.98
N HIS A 1220 -8.89 35.87 10.43
CA HIS A 1220 -9.33 35.62 11.83
C HIS A 1220 -10.12 34.31 12.01
N THR A 1221 -10.99 34.01 11.07
CA THR A 1221 -11.98 32.94 11.17
C THR A 1221 -11.36 31.65 10.61
N ARG A 1222 -10.83 30.82 11.51
CA ARG A 1222 -10.09 29.60 11.09
C ARG A 1222 -10.64 28.27 11.55
N GLY A 1223 -11.93 28.22 11.85
CA GLY A 1223 -12.51 26.99 12.43
C GLY A 1223 -14.01 27.15 12.62
N PRO A 1224 -14.71 26.04 12.93
CA PRO A 1224 -16.18 26.20 13.07
C PRO A 1224 -16.60 27.05 14.30
N SER A 1225 -15.71 27.36 15.24
CA SER A 1225 -16.07 28.28 16.36
C SER A 1225 -16.43 29.64 15.79
N THR A 1226 -15.71 30.03 14.75
CA THR A 1226 -15.88 31.38 14.24
C THR A 1226 -16.42 31.44 12.84
N TYR A 1227 -16.32 30.36 12.10
CA TYR A 1227 -16.87 30.35 10.76
C TYR A 1227 -18.15 29.51 10.82
N LYS A 1228 -19.30 30.10 10.54
CA LYS A 1228 -20.55 29.41 10.88
C LYS A 1228 -21.29 28.96 9.64
N ILE A 1229 -21.21 27.68 9.33
CA ILE A 1229 -21.92 27.11 8.15
C ILE A 1229 -23.30 26.70 8.64
N PRO A 1230 -24.23 26.41 7.71
CA PRO A 1230 -25.54 25.95 8.20
C PRO A 1230 -25.46 24.70 9.16
N ALA A 1231 -26.16 24.84 10.28
CA ALA A 1231 -26.35 23.81 11.31
C ALA A 1231 -27.65 23.05 11.05
N PHE A 1232 -27.91 21.99 11.77
CA PHE A 1232 -29.15 21.26 11.63
C PHE A 1232 -30.36 22.21 11.81
N GLY A 1233 -30.23 23.11 12.77
CA GLY A 1233 -31.29 24.09 13.08
C GLY A 1233 -31.48 25.23 12.09
N SER A 1234 -30.61 25.28 11.07
CA SER A 1234 -30.60 26.42 10.13
C SER A 1234 -31.51 26.18 8.93
N ILE A 1235 -31.93 24.96 8.69
CA ILE A 1235 -32.62 24.73 7.43
C ILE A 1235 -34.06 25.18 7.49
N PRO A 1236 -34.69 25.36 6.33
CA PRO A 1236 -36.09 25.82 6.43
C PRO A 1236 -36.89 24.81 7.22
N THR A 1237 -37.65 25.26 8.21
CA THR A 1237 -38.54 24.32 8.96
C THR A 1237 -39.55 23.56 8.07
N GLU A 1238 -40.10 24.20 7.08
CA GLU A 1238 -40.82 23.41 6.12
C GLU A 1238 -40.02 23.50 4.82
N PHE A 1239 -39.74 22.36 4.19
CA PHE A 1239 -38.68 22.33 3.20
C PHE A 1239 -39.21 21.34 2.15
N ARG A 1240 -39.57 21.85 0.97
CA ARG A 1240 -40.22 21.06 -0.04
C ARG A 1240 -39.45 21.15 -1.34
N VAL A 1241 -39.27 20.00 -1.95
CA VAL A 1241 -38.46 19.94 -3.14
C VAL A 1241 -39.21 19.12 -4.13
N SER A 1242 -39.37 19.64 -5.35
CA SER A 1242 -39.97 18.83 -6.42
C SER A 1242 -39.05 18.79 -7.62
N LEU A 1243 -38.96 17.63 -8.26
CA LEU A 1243 -38.22 17.57 -9.55
C LEU A 1243 -39.28 17.67 -10.67
N LEU A 1244 -39.03 18.53 -11.64
CA LEU A 1244 -39.97 18.80 -12.71
C LEU A 1244 -40.36 17.50 -13.43
N ARG A 1245 -41.64 17.20 -13.52
CA ARG A 1245 -42.05 16.01 -14.31
C ARG A 1245 -41.99 16.25 -15.84
N ASP A 1246 -41.82 15.16 -16.60
CA ASP A 1246 -42.02 15.14 -18.07
C ASP A 1246 -41.19 16.23 -18.79
N CYS A 1247 -39.87 16.19 -18.51
CA CYS A 1247 -39.00 17.14 -19.13
C CYS A 1247 -37.70 16.46 -19.63
N PRO A 1248 -37.80 15.33 -20.39
CA PRO A 1248 -36.56 14.67 -20.92
C PRO A 1248 -35.59 15.62 -21.62
N ASN A 1249 -34.30 15.44 -21.31
CA ASN A 1249 -33.18 16.22 -21.86
C ASN A 1249 -32.42 15.35 -22.87
N LYS A 1250 -32.67 15.62 -24.16
CA LYS A 1250 -32.10 14.81 -25.24
C LYS A 1250 -30.62 15.05 -25.37
N LYS A 1251 -30.13 16.06 -24.68
CA LYS A 1251 -28.72 16.36 -24.72
C LYS A 1251 -27.80 15.57 -23.75
N ALA A 1252 -28.35 14.73 -22.87
CA ALA A 1252 -27.50 13.99 -21.91
C ALA A 1252 -27.97 12.57 -21.69
N ILE A 1253 -27.10 11.75 -21.09
CA ILE A 1253 -27.32 10.30 -20.92
C ILE A 1253 -28.67 9.98 -20.28
N TYR A 1254 -29.43 9.09 -20.92
CA TYR A 1254 -30.79 8.73 -20.46
C TYR A 1254 -31.75 9.87 -20.15
N ALA A 1255 -31.53 11.01 -20.81
CA ALA A 1255 -32.46 12.15 -20.79
C ALA A 1255 -32.39 12.94 -19.46
N SER A 1256 -31.28 12.72 -18.74
CA SER A 1256 -31.06 13.41 -17.46
C SER A 1256 -30.41 14.80 -17.60
N LYS A 1257 -30.30 15.54 -16.50
CA LYS A 1257 -29.51 16.78 -16.50
C LYS A 1257 -28.54 16.86 -15.31
N ALA A 1258 -27.41 17.55 -15.52
CA ALA A 1258 -26.48 17.93 -14.49
C ALA A 1258 -27.15 18.70 -13.32
N VAL A 1259 -26.70 18.43 -12.12
CA VAL A 1259 -27.46 18.83 -10.93
C VAL A 1259 -26.53 19.41 -9.87
N GLY A 1260 -25.25 19.06 -9.91
CA GLY A 1260 -24.39 19.36 -8.74
C GLY A 1260 -24.37 20.84 -8.33
N GLU A 1261 -24.14 21.74 -9.30
CA GLU A 1261 -24.10 23.17 -8.94
C GLU A 1261 -25.35 24.05 -9.19
N PRO A 1262 -26.13 23.78 -10.24
CA PRO A 1262 -27.28 24.67 -10.56
C PRO A 1262 -28.13 25.20 -9.38
N PRO A 1263 -28.46 24.34 -8.37
CA PRO A 1263 -29.37 24.78 -7.32
C PRO A 1263 -28.78 25.62 -6.25
N LEU A 1264 -27.46 25.73 -6.16
CA LEU A 1264 -26.88 26.46 -5.06
C LEU A 1264 -27.35 27.93 -5.01
N PHE A 1265 -27.48 28.60 -6.16
CA PHE A 1265 -27.95 29.98 -6.14
C PHE A 1265 -29.43 30.18 -5.69
N LEU A 1266 -30.21 29.08 -5.68
CA LEU A 1266 -31.54 29.11 -5.10
C LEU A 1266 -31.58 29.47 -3.61
N GLY A 1267 -30.45 29.31 -2.94
CA GLY A 1267 -30.35 29.70 -1.53
C GLY A 1267 -30.50 31.21 -1.44
N ALA A 1268 -30.23 31.92 -2.53
CA ALA A 1268 -30.47 33.37 -2.48
C ALA A 1268 -31.93 33.76 -2.23
N SER A 1269 -32.89 32.86 -2.53
CA SER A 1269 -34.25 33.24 -2.17
C SER A 1269 -34.32 33.60 -0.66
N VAL A 1270 -33.42 33.04 0.15
CA VAL A 1270 -33.45 33.32 1.61
C VAL A 1270 -33.00 34.72 1.80
N PHE A 1271 -31.97 35.10 1.07
CA PHE A 1271 -31.42 36.42 1.23
C PHE A 1271 -32.45 37.52 0.84
N PHE A 1272 -33.15 37.29 -0.25
CA PHE A 1272 -34.09 38.27 -0.76
C PHE A 1272 -35.34 38.31 0.10
N ALA A 1273 -35.64 37.17 0.74
CA ALA A 1273 -36.77 37.16 1.70
C ALA A 1273 -36.38 38.01 2.89
N ILE A 1274 -35.17 37.76 3.41
CA ILE A 1274 -34.64 38.66 4.41
C ILE A 1274 -34.71 40.17 4.03
N LYS A 1275 -34.31 40.50 2.79
CA LYS A 1275 -34.32 41.90 2.34
C LYS A 1275 -35.72 42.51 2.42
N ASP A 1276 -36.73 41.80 1.90
CA ASP A 1276 -38.17 42.11 2.00
C ASP A 1276 -38.49 42.36 3.49
N ALA A 1277 -37.98 41.54 4.41
CA ALA A 1277 -38.39 41.69 5.81
C ALA A 1277 -37.73 42.90 6.47
N ILE A 1278 -36.48 43.19 6.09
CA ILE A 1278 -35.83 44.47 6.42
C ILE A 1278 -36.60 45.69 5.88
N ARG A 1279 -37.11 45.61 4.65
CA ARG A 1279 -37.88 46.72 4.04
C ARG A 1279 -39.09 47.02 4.91
N ALA A 1280 -39.79 45.95 5.29
CA ALA A 1280 -40.87 46.02 6.25
C ALA A 1280 -40.48 46.69 7.57
N ALA A 1281 -39.37 46.30 8.19
CA ALA A 1281 -38.91 46.88 9.45
C ALA A 1281 -38.56 48.34 9.30
N ARG A 1282 -38.02 48.73 8.14
CA ARG A 1282 -37.60 50.08 7.96
C ARG A 1282 -38.82 50.97 7.67
N ALA A 1283 -39.90 50.42 7.09
CA ALA A 1283 -41.19 51.12 6.98
C ALA A 1283 -41.79 51.29 8.39
N GLN A 1284 -41.50 50.35 9.29
CA GLN A 1284 -42.07 50.41 10.64
C GLN A 1284 -41.48 51.58 11.43
N HIS A 1285 -40.17 51.76 11.33
CA HIS A 1285 -39.39 52.65 12.22
C HIS A 1285 -38.33 53.53 11.55
N THR A 1286 -38.31 53.58 10.22
CA THR A 1286 -37.31 54.39 9.51
C THR A 1286 -38.00 55.35 8.53
N ASN A 1287 -39.01 54.86 7.82
CA ASN A 1287 -39.41 55.50 6.56
C ASN A 1287 -40.89 55.63 6.22
N ASN A 1288 -41.17 56.71 5.47
CA ASN A 1288 -42.41 56.88 4.73
C ASN A 1288 -42.11 56.68 3.24
N ASN A 1289 -40.83 56.43 2.95
CA ASN A 1289 -40.34 56.25 1.59
C ASN A 1289 -40.41 54.78 1.12
N THR A 1290 -41.48 54.45 0.40
CA THR A 1290 -41.64 53.07 -0.06
C THR A 1290 -40.67 52.68 -1.19
N LYS A 1291 -40.16 53.68 -1.93
CA LYS A 1291 -39.28 53.47 -3.08
C LYS A 1291 -37.80 53.61 -2.77
N GLU A 1292 -37.47 53.81 -1.50
CA GLU A 1292 -36.07 53.86 -1.04
C GLU A 1292 -35.30 52.55 -1.26
N LEU A 1293 -34.01 52.68 -1.56
CA LEU A 1293 -33.18 51.56 -1.90
C LEU A 1293 -32.01 51.53 -0.95
N PHE A 1294 -32.02 50.61 0.01
CA PHE A 1294 -30.87 50.55 0.88
C PHE A 1294 -29.99 49.39 0.44
N ARG A 1295 -28.70 49.56 0.65
CA ARG A 1295 -27.77 48.52 0.25
C ARG A 1295 -27.62 47.44 1.29
N LEU A 1296 -27.86 46.22 0.85
CA LEU A 1296 -27.63 45.05 1.68
C LEU A 1296 -26.64 44.11 0.97
N ASP A 1297 -25.38 44.12 1.40
CA ASP A 1297 -24.33 43.22 0.91
C ASP A 1297 -24.55 41.81 1.46
N SER A 1298 -23.89 40.83 0.82
CA SER A 1298 -23.85 39.44 1.27
C SER A 1298 -22.52 39.18 1.97
N PRO A 1299 -22.54 38.43 3.04
CA PRO A 1299 -23.72 37.77 3.61
C PRO A 1299 -24.54 38.71 4.53
N ALA A 1300 -25.87 38.55 4.49
CA ALA A 1300 -26.81 39.23 5.36
C ALA A 1300 -26.78 38.51 6.70
N THR A 1301 -25.74 38.76 7.50
CA THR A 1301 -25.54 38.12 8.79
C THR A 1301 -26.39 38.89 9.83
N PRO A 1302 -26.50 38.41 11.07
CA PRO A 1302 -27.24 39.22 12.04
C PRO A 1302 -26.78 40.67 12.14
N GLU A 1303 -25.47 40.91 12.01
CA GLU A 1303 -24.93 42.24 11.97
C GLU A 1303 -25.58 43.12 10.95
N LYS A 1304 -25.70 42.62 9.73
CA LYS A 1304 -26.14 43.46 8.65
C LYS A 1304 -27.66 43.62 8.75
N ILE A 1305 -28.36 42.56 9.14
CA ILE A 1305 -29.83 42.65 9.29
C ILE A 1305 -30.18 43.62 10.43
N ARG A 1306 -29.59 43.43 11.61
CA ARG A 1306 -29.82 44.33 12.75
C ARG A 1306 -29.54 45.78 12.44
N ASN A 1307 -28.35 46.04 11.89
CA ASN A 1307 -27.93 47.43 11.61
C ASN A 1307 -28.80 48.02 10.57
N ALA A 1308 -29.39 47.18 9.71
CA ALA A 1308 -30.27 47.68 8.69
C ALA A 1308 -31.67 48.03 9.28
N CYS A 1309 -32.04 47.43 10.42
CA CYS A 1309 -33.31 47.75 11.10
C CYS A 1309 -33.20 49.05 11.93
N VAL A 1310 -33.07 50.14 11.19
CA VAL A 1310 -32.77 51.44 11.77
C VAL A 1310 -33.93 51.83 12.67
N ASP A 1311 -33.61 52.23 13.91
CA ASP A 1311 -34.67 52.57 14.87
C ASP A 1311 -34.11 53.43 15.97
N LYS A 1312 -34.87 53.61 17.04
CA LYS A 1312 -34.46 54.52 18.15
C LYS A 1312 -33.21 54.02 18.90
N PHE A 1313 -32.88 52.73 18.75
CA PHE A 1313 -31.72 52.16 19.46
C PHE A 1313 -30.46 52.27 18.61
N THR A 1314 -30.56 51.91 17.32
CA THR A 1314 -29.48 52.17 16.38
C THR A 1314 -29.04 53.63 16.38
N THR A 1315 -30.05 54.51 16.31
CA THR A 1315 -29.89 55.96 16.42
C THR A 1315 -29.02 56.37 17.63
N LEU A 1316 -29.31 55.88 18.84
CA LEU A 1316 -28.41 56.13 19.99
C LEU A 1316 -26.96 55.56 19.92
N CYS A 1317 -26.65 54.56 19.08
CA CYS A 1317 -25.24 54.01 19.07
C CYS A 1317 -24.43 53.94 17.74
N VAL A 1318 -24.92 54.68 16.73
CA VAL A 1318 -24.26 54.92 15.42
C VAL A 1318 -22.79 55.48 15.44
N THR A 1319 -22.12 55.39 14.28
CA THR A 1319 -20.83 56.07 13.89
C THR A 1319 -20.12 56.88 15.00
N GLY A 1320 -19.13 56.25 15.64
CA GLY A 1320 -18.27 56.93 16.61
C GLY A 1320 -18.91 57.15 17.98
N LYS A 1326 -22.99 68.28 21.28
CA LYS A 1326 -21.62 68.20 21.81
C LYS A 1326 -20.52 69.05 21.07
N PRO A 1327 -20.42 69.01 19.70
CA PRO A 1327 -19.45 69.91 19.01
C PRO A 1327 -19.78 71.39 19.23
N TRP A 1328 -18.78 72.20 19.52
CA TRP A 1328 -18.96 73.64 19.72
C TRP A 1328 -20.00 74.52 18.92
N SER A 1329 -20.18 74.57 17.59
CA SER A 1329 -19.45 74.11 16.43
C SER A 1329 -20.43 73.49 15.38
N LEU A 1330 -21.61 74.08 15.08
CA LEU A 1330 -22.48 73.49 13.99
C LEU A 1330 -23.05 74.38 12.85
N ARG A 1331 -22.63 74.09 11.63
CA ARG A 1331 -22.96 74.98 10.54
C ARG A 1331 -24.47 75.01 10.14
N VAL A 1332 -24.82 76.17 9.57
CA VAL A 1332 -26.14 76.55 9.02
C VAL A 1332 -26.86 77.52 9.99
N ALA B 3 18.32 -6.02 28.08
CA ALA B 3 18.78 -6.66 26.79
C ALA B 3 20.24 -6.39 26.14
N ASP B 4 21.19 -5.78 26.93
CA ASP B 4 22.54 -5.05 26.57
C ASP B 4 23.10 -4.26 25.24
N GLU B 5 24.19 -3.43 25.35
CA GLU B 5 24.51 -2.40 24.29
C GLU B 5 25.48 -2.65 23.08
N LEU B 6 24.89 -2.87 21.91
CA LEU B 6 25.62 -3.33 20.71
C LEU B 6 25.81 -2.20 19.72
N VAL B 7 27.04 -2.01 19.25
CA VAL B 7 27.44 -0.83 18.44
C VAL B 7 28.16 -1.35 17.20
N PHE B 8 27.58 -1.09 16.03
CA PHE B 8 28.24 -1.46 14.78
C PHE B 8 27.86 -0.46 13.73
N PHE B 9 28.42 -0.60 12.52
CA PHE B 9 28.19 0.34 11.43
C PHE B 9 27.59 -0.39 10.23
N VAL B 10 26.70 0.28 9.53
CA VAL B 10 26.11 -0.30 8.36
C VAL B 10 26.16 0.77 7.30
N ASN B 11 26.89 0.50 6.24
CA ASN B 11 27.12 1.52 5.17
C ASN B 11 27.63 2.87 5.67
N GLY B 12 28.57 2.88 6.60
CA GLY B 12 29.10 4.16 7.06
C GLY B 12 28.34 4.73 8.28
N LYS B 13 27.14 4.25 8.53
CA LYS B 13 26.34 4.91 9.52
C LYS B 13 26.27 4.07 10.81
N LYS B 14 26.35 4.76 11.95
CA LYS B 14 26.46 4.06 13.26
C LYS B 14 25.13 3.47 13.68
N VAL B 15 25.14 2.26 14.19
CA VAL B 15 23.96 1.66 14.74
C VAL B 15 24.18 1.33 16.22
N VAL B 16 23.30 1.85 17.07
CA VAL B 16 23.39 1.60 18.50
C VAL B 16 22.13 0.80 18.83
N GLU B 17 22.25 -0.50 19.09
CA GLU B 17 21.09 -1.32 19.38
C GLU B 17 21.11 -1.56 20.89
N LYS B 18 20.26 -0.84 21.59
CA LYS B 18 20.29 -0.82 23.07
C LYS B 18 19.78 -2.09 23.63
N ASN B 19 19.00 -2.78 22.82
CA ASN B 19 18.56 -4.03 23.30
C ASN B 19 19.36 -5.10 22.63
N ALA B 20 18.79 -5.93 21.80
CA ALA B 20 19.65 -6.87 21.00
C ALA B 20 19.44 -8.25 21.43
N ASP B 21 18.75 -8.95 20.57
CA ASP B 21 18.43 -10.28 20.84
C ASP B 21 19.50 -11.20 20.19
N PRO B 22 20.14 -12.07 20.97
CA PRO B 22 21.18 -12.93 20.47
C PRO B 22 20.73 -13.77 19.31
N GLU B 23 19.44 -14.00 19.20
CA GLU B 23 18.88 -14.78 18.07
C GLU B 23 18.70 -13.97 16.80
N THR B 24 18.87 -12.65 16.86
CA THR B 24 18.67 -11.84 15.65
C THR B 24 19.83 -11.99 14.64
N THR B 25 19.53 -12.44 13.45
CA THR B 25 20.55 -12.50 12.37
C THR B 25 20.72 -11.13 11.77
N LEU B 26 21.83 -10.92 11.12
CA LEU B 26 22.04 -9.65 10.43
C LEU B 26 21.01 -9.43 9.30
N LEU B 27 20.71 -10.51 8.59
CA LEU B 27 19.76 -10.42 7.49
C LEU B 27 18.40 -9.89 7.99
N ALA B 28 17.83 -10.55 9.00
CA ALA B 28 16.63 -9.98 9.69
C ALA B 28 16.82 -8.54 10.10
N TYR B 29 17.98 -8.19 10.69
CA TYR B 29 18.10 -6.81 11.15
C TYR B 29 18.18 -5.81 9.97
N LEU B 30 18.91 -6.17 8.91
CA LEU B 30 19.00 -5.24 7.77
C LEU B 30 17.59 -5.01 7.18
N ARG B 31 16.87 -6.13 6.93
CA ARG B 31 15.58 -6.05 6.21
C ARG B 31 14.48 -5.46 7.09
N ARG B 32 14.45 -5.85 8.37
CA ARG B 32 13.25 -5.47 9.18
C ARG B 32 13.40 -4.28 10.10
N LYS B 33 14.62 -3.99 10.50
CA LYS B 33 14.84 -2.89 11.39
C LYS B 33 15.48 -1.77 10.63
N LEU B 34 16.42 -2.07 9.71
CA LEU B 34 17.08 -0.97 9.05
C LEU B 34 16.41 -0.58 7.74
N GLY B 35 15.43 -1.36 7.33
CA GLY B 35 14.79 -1.19 6.02
C GLY B 35 15.78 -1.25 4.85
N LEU B 36 16.81 -2.09 4.96
CA LEU B 36 17.74 -2.20 3.83
C LEU B 36 17.45 -3.52 3.08
N ARG B 37 16.51 -3.46 2.14
CA ARG B 37 16.02 -4.66 1.55
C ARG B 37 16.80 -5.23 0.37
N GLY B 38 18.01 -4.73 0.13
CA GLY B 38 18.80 -5.25 -1.03
C GLY B 38 19.40 -6.61 -0.74
N THR B 39 19.71 -6.86 0.55
CA THR B 39 20.23 -8.16 0.91
C THR B 39 19.02 -9.10 0.99
N LYS B 40 19.08 -10.31 0.36
CA LYS B 40 17.87 -11.14 0.17
C LYS B 40 17.94 -12.40 1.01
N LEU B 41 16.78 -12.97 1.35
CA LEU B 41 16.74 -14.37 1.80
C LEU B 41 16.50 -15.30 0.63
N GLY B 42 17.43 -16.22 0.36
CA GLY B 42 17.28 -17.31 -0.62
C GLY B 42 17.21 -18.73 -0.06
N CYS B 43 17.82 -18.99 1.09
CA CYS B 43 17.80 -20.33 1.70
C CYS B 43 17.93 -20.40 3.25
N GLY B 44 18.53 -19.39 3.88
CA GLY B 44 18.73 -19.37 5.31
C GLY B 44 19.66 -20.44 5.85
N GLU B 45 20.51 -20.98 5.01
CA GLU B 45 21.27 -22.16 5.28
C GLU B 45 22.78 -21.95 4.87
N GLY B 46 23.17 -20.76 4.43
CA GLY B 46 24.55 -20.53 3.93
C GLY B 46 24.90 -21.01 2.49
N GLY B 47 23.93 -21.62 1.75
CA GLY B 47 24.25 -22.24 0.44
C GLY B 47 24.02 -21.40 -0.80
N CYS B 48 23.26 -20.30 -0.74
CA CYS B 48 22.90 -19.60 -2.00
C CYS B 48 23.61 -18.26 -2.15
N GLY B 49 24.06 -17.70 -1.04
CA GLY B 49 24.83 -16.47 -1.11
C GLY B 49 23.99 -15.24 -1.38
N ALA B 50 22.65 -15.37 -1.47
CA ALA B 50 21.83 -14.19 -1.78
C ALA B 50 21.90 -13.15 -0.68
N CYS B 51 22.33 -13.55 0.50
CA CYS B 51 22.35 -12.61 1.67
C CYS B 51 23.79 -12.14 1.88
N THR B 52 24.64 -12.33 0.86
CA THR B 52 26.06 -11.95 1.06
C THR B 52 26.22 -10.46 1.31
N VAL B 53 27.10 -10.14 2.27
CA VAL B 53 27.48 -8.77 2.57
C VAL B 53 29.01 -8.71 2.86
N MET B 54 29.52 -7.50 3.02
CA MET B 54 30.90 -7.35 3.37
C MET B 54 30.90 -6.89 4.80
N LEU B 55 31.90 -7.41 5.52
CA LEU B 55 32.23 -6.95 6.85
C LEU B 55 33.66 -6.42 6.82
N SER B 56 33.95 -5.41 7.68
CA SER B 56 35.26 -4.78 7.75
C SER B 56 35.52 -4.56 9.24
N LYS B 57 36.73 -4.82 9.67
CA LYS B 57 37.10 -4.52 11.05
C LYS B 57 38.60 -4.25 11.14
N TYR B 58 38.99 -3.53 12.20
CA TYR B 58 40.40 -3.44 12.60
C TYR B 58 40.81 -4.78 13.23
N ASP B 59 41.72 -5.49 12.59
CA ASP B 59 42.36 -6.65 13.20
C ASP B 59 43.58 -6.13 13.97
N ARG B 60 43.54 -6.33 15.29
CA ARG B 60 44.53 -5.78 16.24
C ARG B 60 45.76 -6.66 16.18
N LEU B 61 45.52 -7.96 16.07
CA LEU B 61 46.59 -8.91 15.99
C LEU B 61 47.31 -8.83 14.60
N GLN B 62 47.30 -7.67 13.94
CA GLN B 62 47.74 -7.55 12.53
C GLN B 62 47.87 -6.10 12.02
N ASP B 63 47.38 -5.18 12.85
CA ASP B 63 47.48 -3.72 12.67
C ASP B 63 46.87 -3.12 11.39
N LYS B 64 45.71 -3.61 11.00
CA LYS B 64 45.21 -3.30 9.66
C LYS B 64 43.67 -3.50 9.53
N ILE B 65 43.03 -2.75 8.65
CA ILE B 65 41.62 -3.02 8.30
C ILE B 65 41.53 -4.29 7.48
N ILE B 66 40.74 -5.26 7.89
CA ILE B 66 40.45 -6.38 6.97
C ILE B 66 39.01 -6.35 6.43
N HIS B 67 38.81 -6.95 5.26
CA HIS B 67 37.50 -7.02 4.63
C HIS B 67 37.20 -8.43 4.21
N PHE B 68 36.02 -8.94 4.53
CA PHE B 68 35.65 -10.31 4.09
C PHE B 68 34.13 -10.36 3.89
N SER B 69 33.66 -11.39 3.17
CA SER B 69 32.26 -11.52 2.93
C SER B 69 31.68 -12.47 4.01
N ALA B 70 30.37 -12.40 4.21
CA ALA B 70 29.68 -13.24 5.17
C ALA B 70 28.22 -13.38 4.71
N ASN B 71 27.59 -14.45 5.14
CA ASN B 71 26.19 -14.70 4.87
C ASN B 71 25.37 -13.98 5.91
N ALA B 72 24.53 -13.04 5.50
CA ALA B 72 23.86 -12.27 6.52
C ALA B 72 22.86 -13.19 7.23
N CYS B 73 22.42 -14.26 6.55
CA CYS B 73 21.43 -15.19 7.15
C CYS B 73 21.95 -16.01 8.39
N LEU B 74 23.26 -16.09 8.54
CA LEU B 74 23.84 -16.97 9.56
C LEU B 74 24.65 -16.17 10.57
N ALA B 75 24.89 -14.92 10.25
CA ALA B 75 25.68 -14.08 11.09
C ALA B 75 24.78 -13.45 12.24
N PRO B 76 25.00 -13.85 13.50
CA PRO B 76 24.26 -13.20 14.61
C PRO B 76 24.68 -11.73 14.73
N ILE B 77 23.75 -10.79 14.79
CA ILE B 77 24.24 -9.41 15.02
C ILE B 77 25.11 -9.32 16.30
N CYS B 78 24.94 -10.26 17.23
CA CYS B 78 25.74 -10.17 18.42
C CYS B 78 27.23 -10.51 18.20
N THR B 79 27.63 -11.04 17.04
CA THR B 79 29.07 -11.26 16.75
C THR B 79 29.66 -10.00 16.16
N LEU B 80 28.83 -9.00 15.93
CA LEU B 80 29.28 -7.88 15.08
C LEU B 80 29.58 -6.57 15.81
N HIS B 81 29.71 -6.60 17.12
CA HIS B 81 30.15 -5.38 17.83
C HIS B 81 31.45 -4.79 17.21
N HIS B 82 31.42 -3.49 16.92
CA HIS B 82 32.53 -2.71 16.32
C HIS B 82 33.03 -3.25 15.01
N VAL B 83 32.11 -3.81 14.24
CA VAL B 83 32.35 -4.31 12.88
C VAL B 83 31.57 -3.39 11.97
N ALA B 84 32.10 -3.14 10.78
CA ALA B 84 31.44 -2.25 9.83
C ALA B 84 30.81 -3.10 8.73
N VAL B 85 29.52 -2.98 8.57
CA VAL B 85 28.81 -3.77 7.50
C VAL B 85 28.69 -2.98 6.18
N THR B 86 29.00 -3.62 5.05
CA THR B 86 28.66 -3.02 3.77
C THR B 86 27.63 -3.89 3.00
N THR B 87 26.52 -3.30 2.64
CA THR B 87 25.52 -4.01 1.84
C THR B 87 25.52 -3.42 0.40
N VAL B 88 24.76 -4.06 -0.51
CA VAL B 88 24.72 -3.66 -1.87
C VAL B 88 24.37 -2.18 -1.91
N GLU B 89 23.57 -1.74 -0.95
CA GLU B 89 23.26 -0.33 -1.04
C GLU B 89 24.37 0.62 -0.53
N GLY B 90 25.36 0.08 0.13
CA GLY B 90 26.54 0.87 0.55
C GLY B 90 27.52 1.15 -0.60
N ILE B 91 27.41 0.45 -1.74
CA ILE B 91 28.49 0.58 -2.77
C ILE B 91 28.13 1.47 -3.96
N GLY B 92 26.84 1.71 -4.12
CA GLY B 92 26.30 2.42 -5.28
C GLY B 92 24.80 2.23 -5.40
N SER B 93 24.18 2.98 -6.29
CA SER B 93 22.79 2.93 -6.47
C SER B 93 22.49 3.68 -7.77
N THR B 94 21.33 3.44 -8.40
CA THR B 94 21.01 4.14 -9.62
C THR B 94 20.60 5.58 -9.27
N LYS B 95 20.40 5.89 -8.00
CA LYS B 95 20.07 7.27 -7.66
C LYS B 95 21.30 8.12 -7.43
N THR B 96 22.48 7.52 -7.26
CA THR B 96 23.70 8.30 -7.13
C THR B 96 24.57 7.91 -8.36
N ARG B 97 25.44 6.90 -8.22
CA ARG B 97 25.97 6.19 -9.38
C ARG B 97 26.25 4.78 -9.02
N LEU B 98 26.24 3.90 -10.02
CA LEU B 98 26.62 2.53 -9.76
C LEU B 98 28.11 2.41 -9.53
N HIS B 99 28.45 1.48 -8.68
CA HIS B 99 29.76 0.97 -8.58
C HIS B 99 30.13 0.21 -9.88
N PRO B 100 31.41 0.19 -10.21
CA PRO B 100 31.83 -0.61 -11.35
C PRO B 100 31.31 -2.06 -11.31
N VAL B 101 31.33 -2.74 -10.17
CA VAL B 101 30.82 -4.12 -10.10
C VAL B 101 29.33 -4.23 -10.53
N GLN B 102 28.53 -3.29 -10.06
CA GLN B 102 27.10 -3.23 -10.37
C GLN B 102 26.88 -2.84 -11.81
N GLU B 103 27.67 -1.86 -12.29
CA GLU B 103 27.52 -1.47 -13.71
C GLU B 103 27.84 -2.64 -14.66
N ARG B 104 28.91 -3.38 -14.35
CA ARG B 104 29.35 -4.40 -15.27
C ARG B 104 28.47 -5.67 -15.24
N ILE B 105 27.88 -6.04 -14.12
CA ILE B 105 27.04 -7.22 -14.13
C ILE B 105 25.75 -6.87 -14.84
N ALA B 106 25.29 -5.63 -14.71
CA ALA B 106 24.09 -5.23 -15.41
C ALA B 106 24.26 -5.18 -16.93
N LYS B 107 25.31 -4.47 -17.37
CA LYS B 107 25.54 -4.26 -18.83
C LYS B 107 26.04 -5.47 -19.58
N SER B 108 26.64 -6.40 -18.81
CA SER B 108 27.10 -7.60 -19.43
C SER B 108 25.99 -8.69 -19.46
N HIS B 109 24.76 -8.35 -19.02
CA HIS B 109 23.65 -9.33 -19.03
C HIS B 109 23.87 -10.41 -18.01
N GLY B 110 24.60 -10.10 -16.94
CA GLY B 110 24.68 -11.05 -15.82
C GLY B 110 23.52 -11.03 -14.85
N SER B 111 22.44 -10.27 -15.15
CA SER B 111 21.25 -10.28 -14.26
C SER B 111 19.98 -10.51 -15.08
N GLN B 112 19.21 -11.54 -14.71
CA GLN B 112 17.90 -11.82 -15.32
C GLN B 112 16.86 -11.59 -14.24
N CYS B 113 16.53 -12.54 -13.34
CA CYS B 113 15.44 -12.20 -12.41
C CYS B 113 15.93 -11.17 -11.41
N GLY B 114 17.23 -11.15 -11.19
CA GLY B 114 17.86 -10.18 -10.33
C GLY B 114 18.00 -10.54 -8.85
N PHE B 115 17.48 -11.69 -8.42
CA PHE B 115 17.35 -11.95 -6.95
C PHE B 115 18.74 -12.32 -6.36
N CYS B 116 19.61 -12.98 -7.17
CA CYS B 116 20.92 -13.44 -6.72
C CYS B 116 21.95 -12.31 -6.87
N THR B 117 21.59 -11.26 -7.59
CA THR B 117 22.56 -10.29 -8.12
C THR B 117 23.21 -9.41 -7.04
N PRO B 118 22.46 -8.93 -6.04
CA PRO B 118 23.13 -8.25 -4.89
C PRO B 118 24.21 -9.08 -4.18
N GLY B 119 23.87 -10.35 -3.86
CA GLY B 119 24.78 -11.29 -3.22
C GLY B 119 26.01 -11.52 -4.09
N ILE B 120 25.80 -11.58 -5.41
CA ILE B 120 26.92 -11.69 -6.34
C ILE B 120 27.76 -10.44 -6.47
N VAL B 121 27.09 -9.29 -6.50
CA VAL B 121 27.75 -8.01 -6.43
C VAL B 121 28.65 -7.93 -5.20
N MET B 122 28.10 -8.30 -4.03
CA MET B 122 28.88 -8.26 -2.81
C MET B 122 30.08 -9.21 -2.77
N SER B 123 29.91 -10.44 -3.26
CA SER B 123 31.09 -11.34 -3.41
C SER B 123 32.20 -10.75 -4.31
N MET B 124 31.84 -10.17 -5.45
CA MET B 124 32.84 -9.59 -6.39
C MET B 124 33.41 -8.29 -5.75
N TYR B 125 32.58 -7.48 -5.11
CA TYR B 125 33.03 -6.27 -4.48
C TYR B 125 34.06 -6.58 -3.41
N THR B 126 33.82 -7.62 -2.60
CA THR B 126 34.74 -7.97 -1.52
C THR B 126 36.08 -8.46 -2.02
N LEU B 127 36.03 -9.32 -3.05
CA LEU B 127 37.24 -9.65 -3.79
C LEU B 127 38.04 -8.36 -4.19
N LEU B 128 37.39 -7.42 -4.91
CA LEU B 128 38.05 -6.21 -5.32
C LEU B 128 38.67 -5.38 -4.15
N ARG B 129 37.97 -5.31 -3.00
CA ARG B 129 38.48 -4.58 -1.81
C ARG B 129 39.71 -5.26 -1.20
N ASN B 130 39.86 -6.55 -1.46
CA ASN B 130 41.05 -7.25 -1.08
C ASN B 130 42.12 -7.25 -2.18
N GLN B 131 41.71 -7.14 -3.42
CA GLN B 131 42.62 -7.38 -4.57
C GLN B 131 42.00 -6.66 -5.75
N PRO B 132 42.40 -5.39 -5.95
CA PRO B 132 41.84 -4.51 -6.99
C PRO B 132 42.15 -4.98 -8.43
N GLU B 133 43.12 -5.89 -8.57
CA GLU B 133 43.44 -6.47 -9.86
C GLU B 133 43.55 -7.96 -9.73
N PRO B 134 42.40 -8.61 -9.61
CA PRO B 134 42.37 -10.06 -9.41
C PRO B 134 42.77 -10.79 -10.70
N THR B 135 43.13 -12.07 -10.58
CA THR B 135 43.24 -12.99 -11.72
C THR B 135 41.86 -13.62 -12.02
N VAL B 136 41.74 -14.21 -13.20
CA VAL B 136 40.59 -14.98 -13.58
C VAL B 136 40.26 -16.05 -12.55
N GLU B 137 41.27 -16.74 -12.07
CA GLU B 137 41.00 -17.83 -11.17
C GLU B 137 40.47 -17.29 -9.83
N GLU B 138 40.97 -16.13 -9.39
CA GLU B 138 40.51 -15.51 -8.16
C GLU B 138 39.02 -15.05 -8.32
N ILE B 139 38.69 -14.50 -9.47
CA ILE B 139 37.31 -14.12 -9.80
C ILE B 139 36.34 -15.33 -9.80
N GLU B 140 36.73 -16.49 -10.31
CA GLU B 140 35.82 -17.65 -10.18
C GLU B 140 35.58 -18.17 -8.72
N ASP B 141 36.64 -18.19 -7.91
CA ASP B 141 36.58 -18.77 -6.57
C ASP B 141 35.79 -17.91 -5.68
N ALA B 142 35.61 -16.69 -6.10
CA ALA B 142 34.89 -15.76 -5.27
C ALA B 142 33.41 -16.13 -5.17
N PHE B 143 32.90 -16.92 -6.14
CA PHE B 143 31.46 -17.17 -6.23
C PHE B 143 31.10 -18.66 -5.88
N GLN B 144 32.01 -19.34 -5.20
CA GLN B 144 31.71 -20.72 -4.75
C GLN B 144 30.51 -20.82 -3.82
N GLY B 145 30.20 -19.74 -3.12
CA GLY B 145 29.01 -19.72 -2.28
C GLY B 145 27.85 -18.90 -2.85
N ASN B 146 27.81 -18.68 -4.17
CA ASN B 146 26.69 -17.88 -4.72
C ASN B 146 26.04 -18.73 -5.75
N LEU B 147 24.71 -18.73 -5.76
CA LEU B 147 24.00 -19.52 -6.80
C LEU B 147 23.14 -18.60 -7.63
N CYS B 148 23.00 -18.91 -8.91
CA CYS B 148 22.07 -18.22 -9.79
C CYS B 148 21.31 -19.30 -10.58
N ARG B 149 19.99 -19.19 -10.59
CA ARG B 149 19.18 -20.11 -11.33
C ARG B 149 18.90 -19.64 -12.77
N CYS B 150 19.07 -18.37 -13.09
CA CYS B 150 18.56 -17.86 -14.44
C CYS B 150 19.59 -17.85 -15.54
N THR B 151 20.83 -17.44 -15.19
CA THR B 151 21.73 -16.91 -16.20
C THR B 151 22.59 -17.97 -16.82
N GLY B 152 22.90 -19.03 -16.06
CA GLY B 152 23.86 -20.04 -16.51
C GLY B 152 25.27 -19.53 -16.33
N TYR B 153 25.43 -18.46 -15.55
CA TYR B 153 26.71 -18.05 -14.98
C TYR B 153 27.67 -17.39 -15.94
N ARG B 154 27.75 -17.89 -17.18
CA ARG B 154 28.65 -17.31 -18.21
C ARG B 154 28.74 -15.78 -18.34
N PRO B 155 27.63 -15.09 -18.55
CA PRO B 155 27.78 -13.61 -18.60
C PRO B 155 28.32 -12.97 -17.31
N ILE B 156 27.97 -13.52 -16.15
CA ILE B 156 28.44 -12.89 -14.94
C ILE B 156 30.00 -12.98 -14.94
N LEU B 157 30.54 -14.16 -15.22
CA LEU B 157 32.02 -14.35 -15.20
C LEU B 157 32.67 -13.57 -16.34
N GLN B 158 32.03 -13.54 -17.48
CA GLN B 158 32.60 -12.78 -18.62
C GLN B 158 32.67 -11.28 -18.39
N GLY B 159 31.66 -10.75 -17.72
CA GLY B 159 31.65 -9.33 -17.42
C GLY B 159 32.69 -8.96 -16.37
N PHE B 160 32.87 -9.84 -15.38
CA PHE B 160 33.68 -9.54 -14.23
C PHE B 160 35.13 -9.78 -14.62
N ARG B 161 35.33 -10.62 -15.62
CA ARG B 161 36.68 -10.89 -16.15
C ARG B 161 37.40 -9.60 -16.65
N THR B 162 36.65 -8.61 -17.07
CA THR B 162 37.19 -7.30 -17.44
C THR B 162 37.89 -6.62 -16.28
N PHE B 163 37.67 -7.11 -15.06
CA PHE B 163 38.44 -6.60 -13.91
C PHE B 163 39.84 -7.17 -13.84
N ALA B 164 40.07 -8.34 -14.46
CA ALA B 164 41.36 -9.06 -14.34
C ALA B 164 42.57 -8.38 -15.01
N LYS B 165 43.78 -8.84 -14.57
CA LYS B 165 45.13 -8.42 -15.08
C LYS B 165 45.35 -6.92 -15.04
N SER B 192 29.33 -10.91 -36.30
CA SER B 192 30.17 -10.83 -35.10
C SER B 192 30.09 -9.48 -34.31
N PRO B 193 28.86 -8.95 -34.15
CA PRO B 193 28.70 -7.89 -33.15
C PRO B 193 28.86 -8.46 -31.73
N SER B 194 29.07 -7.57 -30.76
CA SER B 194 29.33 -7.96 -29.39
C SER B 194 28.08 -7.82 -28.52
N LEU B 195 28.02 -8.60 -27.44
CA LEU B 195 26.88 -8.45 -26.48
C LEU B 195 27.04 -7.23 -25.57
N PHE B 196 28.28 -6.84 -25.32
CA PHE B 196 28.51 -5.68 -24.50
C PHE B 196 29.91 -5.15 -24.84
N ASN B 197 30.21 -3.93 -24.41
CA ASN B 197 31.42 -3.27 -24.78
C ASN B 197 32.13 -2.74 -23.57
N PRO B 198 33.17 -3.46 -23.13
CA PRO B 198 33.94 -3.24 -21.90
C PRO B 198 34.60 -1.86 -21.89
N GLU B 199 34.86 -1.31 -23.07
CA GLU B 199 35.43 0.03 -23.20
C GLU B 199 34.47 1.14 -22.75
N GLU B 200 33.18 0.90 -22.65
CA GLU B 200 32.31 1.91 -22.01
C GLU B 200 32.33 1.81 -20.43
N PHE B 201 33.04 0.84 -19.88
CA PHE B 201 32.99 0.59 -18.42
C PHE B 201 33.81 1.61 -17.63
N MET B 202 33.22 2.13 -16.57
CA MET B 202 33.95 2.96 -15.64
C MET B 202 35.11 2.25 -14.96
N PRO B 203 36.32 2.81 -15.12
CA PRO B 203 37.41 2.22 -14.36
C PRO B 203 37.12 2.16 -12.85
N LEU B 204 37.60 1.08 -12.27
CA LEU B 204 37.56 0.90 -10.85
C LEU B 204 38.62 1.88 -10.28
N ASP B 205 38.28 2.64 -9.24
CA ASP B 205 39.21 3.58 -8.61
C ASP B 205 39.11 3.37 -7.11
N PRO B 206 40.10 2.69 -6.53
CA PRO B 206 39.94 2.42 -5.08
C PRO B 206 39.93 3.64 -4.14
N THR B 207 40.46 4.77 -4.60
CA THR B 207 40.54 5.98 -3.78
C THR B 207 39.16 6.55 -3.53
N GLN B 208 38.17 6.10 -4.30
CA GLN B 208 36.82 6.63 -4.11
C GLN B 208 35.93 5.66 -3.35
N GLU B 209 36.50 4.60 -2.78
CA GLU B 209 35.73 3.66 -1.94
C GLU B 209 35.33 4.29 -0.62
N PRO B 210 34.14 3.95 -0.06
CA PRO B 210 33.77 4.44 1.26
C PRO B 210 34.86 4.17 2.27
N ILE B 211 35.17 5.18 3.06
CA ILE B 211 36.18 5.07 4.11
C ILE B 211 35.73 4.16 5.29
N PHE B 212 36.64 3.38 5.85
CA PHE B 212 36.37 2.68 7.10
C PHE B 212 35.90 3.75 8.11
N PRO B 213 34.77 3.50 8.80
CA PRO B 213 34.14 4.53 9.65
C PRO B 213 35.12 5.05 10.69
N PRO B 214 35.42 6.37 10.68
CA PRO B 214 36.48 6.94 11.58
C PRO B 214 36.19 6.69 13.06
N GLU B 215 34.93 6.82 13.48
CA GLU B 215 34.55 6.48 14.86
C GLU B 215 34.98 5.08 15.25
N LEU B 216 34.90 4.11 14.35
CA LEU B 216 35.42 2.76 14.68
C LEU B 216 36.92 2.69 14.89
N LEU B 217 37.64 3.60 14.27
CA LEU B 217 39.09 3.57 14.34
C LEU B 217 39.53 4.21 15.65
N ARG B 218 38.72 5.14 16.19
CA ARG B 218 38.94 5.64 17.57
C ARG B 218 38.75 4.48 18.59
N LEU B 219 37.72 3.67 18.37
CA LEU B 219 37.34 2.62 19.32
C LEU B 219 38.35 1.49 19.47
N LYS B 220 39.20 1.27 18.48
CA LYS B 220 40.16 0.17 18.58
C LYS B 220 41.26 0.43 19.63
N ASP B 221 41.24 1.64 20.19
CA ASP B 221 42.21 2.04 21.20
C ASP B 221 41.74 1.75 22.66
N VAL B 222 40.43 1.69 22.90
CA VAL B 222 39.89 1.10 24.15
C VAL B 222 40.00 -0.44 24.15
N PRO B 223 40.64 -1.07 25.18
CA PRO B 223 40.66 -2.54 25.24
C PRO B 223 39.23 -3.07 25.42
N PRO B 224 38.94 -4.23 24.83
CA PRO B 224 37.57 -4.72 24.89
C PRO B 224 37.13 -5.02 26.32
N LYS B 225 35.84 -5.25 26.47
CA LYS B 225 35.25 -5.48 27.73
C LYS B 225 34.22 -6.58 27.45
N GLN B 226 33.96 -7.44 28.44
CA GLN B 226 32.90 -8.42 28.39
C GLN B 226 31.53 -7.74 28.09
N LEU B 227 30.71 -8.34 27.24
CA LEU B 227 29.42 -7.74 26.95
C LEU B 227 28.39 -8.82 27.17
N ARG B 228 27.20 -8.45 27.60
CA ARG B 228 26.16 -9.44 27.82
C ARG B 228 25.00 -8.91 27.00
N PHE B 229 24.29 -9.78 26.30
CA PHE B 229 23.07 -9.32 25.60
C PHE B 229 21.96 -10.26 26.01
N GLU B 230 20.75 -9.74 26.10
CA GLU B 230 19.60 -10.56 26.56
C GLU B 230 18.41 -10.52 25.58
N GLY B 231 18.00 -11.66 25.06
CA GLY B 231 16.85 -11.67 24.19
C GLY B 231 15.62 -12.24 24.86
N GLU B 232 14.66 -12.57 24.02
CA GLU B 232 13.44 -13.21 24.49
C GLU B 232 13.78 -14.57 25.11
N ARG B 233 14.63 -15.39 24.44
CA ARG B 233 14.91 -16.72 24.93
C ARG B 233 16.39 -16.99 25.27
N VAL B 234 17.30 -16.04 25.03
CA VAL B 234 18.73 -16.41 25.01
C VAL B 234 19.57 -15.29 25.55
N THR B 235 20.64 -15.65 26.26
CA THR B 235 21.59 -14.70 26.78
C THR B 235 22.92 -15.02 26.06
N TRP B 236 23.56 -13.97 25.56
CA TRP B 236 24.84 -14.04 24.85
C TRP B 236 25.87 -13.33 25.71
N ILE B 237 26.98 -13.97 26.01
CA ILE B 237 28.10 -13.21 26.57
C ILE B 237 29.29 -13.18 25.59
N GLN B 238 29.71 -11.99 25.17
CA GLN B 238 30.91 -11.82 24.41
C GLN B 238 32.11 -11.81 25.42
N ALA B 239 32.87 -12.88 25.48
CA ALA B 239 34.06 -12.93 26.36
C ALA B 239 35.26 -12.21 25.77
N SER B 240 35.86 -11.28 26.53
CA SER B 240 36.96 -10.47 26.02
C SER B 240 38.33 -11.08 26.27
N THR B 241 38.45 -11.91 27.29
CA THR B 241 39.74 -12.59 27.55
C THR B 241 39.63 -14.10 27.82
N LEU B 242 40.77 -14.79 27.75
CA LEU B 242 40.80 -16.23 27.96
C LEU B 242 40.28 -16.60 29.35
N LYS B 243 40.70 -15.83 30.36
CA LYS B 243 40.26 -16.04 31.72
C LYS B 243 38.76 -15.88 31.87
N GLU B 244 38.15 -14.83 31.30
CA GLU B 244 36.66 -14.73 31.29
C GLU B 244 35.98 -15.97 30.67
N LEU B 245 36.42 -16.37 29.49
CA LEU B 245 35.92 -17.59 28.88
C LEU B 245 36.00 -18.78 29.82
N LEU B 246 37.17 -19.00 30.44
CA LEU B 246 37.31 -20.17 31.29
C LEU B 246 36.43 -20.05 32.59
N ASP B 247 36.40 -18.87 33.21
CA ASP B 247 35.47 -18.64 34.34
C ASP B 247 34.06 -18.87 33.99
N LEU B 248 33.61 -18.27 32.90
CA LEU B 248 32.26 -18.57 32.44
C LEU B 248 32.01 -20.04 32.24
N LYS B 249 32.95 -20.76 31.62
CA LYS B 249 32.69 -22.19 31.33
C LYS B 249 32.75 -23.09 32.60
N ALA B 250 33.65 -22.75 33.50
CA ALA B 250 33.74 -23.35 34.84
C ALA B 250 32.48 -23.13 35.72
N GLN B 251 31.81 -21.96 35.62
CA GLN B 251 30.49 -21.72 36.27
C GLN B 251 29.28 -22.15 35.46
N HIS B 252 29.38 -22.14 34.14
CA HIS B 252 28.24 -22.52 33.28
C HIS B 252 28.72 -23.51 32.20
N PRO B 253 28.96 -24.77 32.60
CA PRO B 253 29.49 -25.79 31.68
C PRO B 253 28.57 -25.96 30.48
N GLU B 254 27.34 -25.51 30.61
CA GLU B 254 26.28 -25.89 29.68
C GLU B 254 26.23 -24.86 28.53
N ALA B 255 26.83 -23.70 28.79
CA ALA B 255 26.90 -22.61 27.83
C ALA B 255 27.55 -23.02 26.50
N LYS B 256 26.78 -22.96 25.41
CA LYS B 256 27.24 -23.25 24.04
C LYS B 256 28.20 -22.17 23.51
N LEU B 257 29.33 -22.60 22.98
CA LEU B 257 30.31 -21.68 22.39
C LEU B 257 29.74 -21.29 21.02
N VAL B 258 29.90 -20.06 20.55
CA VAL B 258 29.50 -19.73 19.18
C VAL B 258 30.61 -18.83 18.62
N VAL B 259 31.12 -19.19 17.46
CA VAL B 259 32.08 -18.30 16.79
C VAL B 259 31.46 -17.87 15.47
N GLY B 260 31.44 -18.75 14.49
CA GLY B 260 30.95 -18.38 13.16
C GLY B 260 29.44 -18.63 13.03
N ASN B 261 28.90 -19.47 13.93
CA ASN B 261 27.47 -19.74 13.89
C ASN B 261 27.05 -20.51 12.66
N THR B 262 27.98 -21.13 11.92
CA THR B 262 27.56 -21.80 10.68
C THR B 262 27.05 -23.21 10.93
N GLU B 263 27.29 -23.69 12.13
CA GLU B 263 26.64 -24.89 12.60
C GLU B 263 25.44 -24.58 13.56
N ILE B 264 25.66 -23.74 14.55
CA ILE B 264 24.64 -23.52 15.60
C ILE B 264 23.40 -22.80 15.06
N GLY B 265 23.59 -21.92 14.05
CA GLY B 265 22.47 -21.25 13.39
C GLY B 265 21.67 -22.29 12.61
N ILE B 266 22.32 -23.35 12.12
CA ILE B 266 21.57 -24.37 11.39
C ILE B 266 20.73 -25.14 12.45
N GLU B 267 21.40 -25.56 13.51
CA GLU B 267 20.71 -26.25 14.62
C GLU B 267 19.53 -25.49 15.25
N MET B 268 19.72 -24.18 15.49
CA MET B 268 18.65 -23.35 16.00
C MET B 268 17.51 -23.28 14.95
N LYS B 269 17.82 -22.99 13.69
CA LYS B 269 16.79 -22.73 12.71
C LYS B 269 16.13 -24.00 12.17
N PHE B 270 16.91 -25.03 11.85
CA PHE B 270 16.35 -26.24 11.22
C PHE B 270 16.05 -27.45 12.12
N LYS B 271 16.59 -27.45 13.32
CA LYS B 271 16.46 -28.60 14.23
C LYS B 271 15.71 -28.13 15.49
N ASN B 272 15.25 -26.90 15.47
CA ASN B 272 14.56 -26.31 16.59
C ASN B 272 15.25 -26.57 17.94
N GLN B 273 16.57 -26.39 17.97
CA GLN B 273 17.32 -26.38 19.19
C GLN B 273 17.16 -25.02 19.82
N LEU B 274 17.34 -24.98 21.13
CA LEU B 274 17.39 -23.72 21.85
C LEU B 274 18.53 -23.79 22.88
N PHE B 275 19.40 -22.78 22.87
CA PHE B 275 20.57 -22.71 23.74
C PHE B 275 20.42 -21.46 24.53
N PRO B 276 20.00 -21.62 25.80
CA PRO B 276 19.64 -20.42 26.54
C PRO B 276 20.81 -19.51 26.86
N MET B 277 22.02 -20.06 26.99
CA MET B 277 23.21 -19.22 27.23
C MET B 277 24.29 -19.49 26.18
N ILE B 278 24.85 -18.42 25.63
CA ILE B 278 25.85 -18.55 24.58
C ILE B 278 27.00 -17.70 25.02
N ILE B 279 28.22 -18.23 24.87
CA ILE B 279 29.46 -17.45 25.03
C ILE B 279 30.10 -17.44 23.63
N CYS B 280 30.38 -16.26 23.16
CA CYS B 280 31.19 -16.05 21.97
C CYS B 280 32.63 -15.73 22.39
N PRO B 281 33.55 -16.65 22.13
CA PRO B 281 34.98 -16.41 22.48
C PRO B 281 35.83 -15.81 21.34
N ALA B 282 35.21 -15.27 20.27
CA ALA B 282 35.97 -14.92 19.04
C ALA B 282 36.97 -13.80 19.22
N TRP B 283 36.75 -12.90 20.19
CA TRP B 283 37.65 -11.77 20.39
C TRP B 283 38.97 -12.17 21.08
N ILE B 284 39.06 -13.38 21.62
CA ILE B 284 40.15 -13.72 22.54
C ILE B 284 41.48 -13.93 21.82
N PRO B 285 42.54 -13.22 22.27
CA PRO B 285 43.76 -13.32 21.48
C PRO B 285 44.27 -14.75 21.28
N GLU B 286 44.18 -15.55 22.33
CA GLU B 286 44.78 -16.86 22.29
C GLU B 286 44.05 -17.80 21.38
N LEU B 287 42.80 -17.47 21.07
CA LEU B 287 41.99 -18.33 20.19
C LEU B 287 42.12 -17.93 18.73
N ASN B 288 42.89 -16.86 18.50
CA ASN B 288 43.22 -16.31 17.20
C ASN B 288 44.70 -16.36 16.79
N ALA B 289 45.58 -16.79 17.71
CA ALA B 289 47.01 -16.77 17.52
C ALA B 289 47.52 -17.84 16.57
N VAL B 290 48.39 -17.44 15.65
CA VAL B 290 48.99 -18.36 14.68
C VAL B 290 50.48 -18.56 15.02
N GLU B 291 50.88 -19.81 15.27
CA GLU B 291 52.26 -20.07 15.73
C GLU B 291 53.01 -21.12 14.93
N HIS B 292 54.12 -20.66 14.34
CA HIS B 292 55.01 -21.48 13.52
C HIS B 292 56.06 -22.09 14.44
N GLY B 293 55.94 -23.37 14.70
CA GLY B 293 56.74 -24.00 15.69
C GLY B 293 57.58 -25.03 14.99
N PRO B 294 58.36 -25.80 15.77
CA PRO B 294 59.23 -26.80 15.12
C PRO B 294 58.48 -28.04 14.59
N GLU B 295 57.32 -28.36 15.13
CA GLU B 295 56.62 -29.54 14.65
C GLU B 295 55.51 -29.25 13.61
N GLY B 296 55.19 -27.97 13.43
CA GLY B 296 54.12 -27.55 12.54
C GLY B 296 53.58 -26.18 12.86
N ILE B 297 52.35 -25.94 12.38
CA ILE B 297 51.69 -24.65 12.51
C ILE B 297 50.48 -24.69 13.43
N SER B 298 50.49 -23.86 14.45
CA SER B 298 49.41 -23.86 15.44
C SER B 298 48.48 -22.69 15.15
N PHE B 299 47.18 -22.97 15.18
CA PHE B 299 46.12 -22.01 14.95
C PHE B 299 45.20 -21.98 16.18
N GLY B 300 44.90 -20.80 16.70
CA GLY B 300 43.85 -20.69 17.69
C GLY B 300 42.54 -21.29 17.13
N ALA B 301 41.77 -21.89 18.01
CA ALA B 301 40.55 -22.56 17.64
C ALA B 301 39.55 -21.65 16.95
N ALA B 302 39.68 -20.35 17.10
CA ALA B 302 38.67 -19.46 16.54
C ALA B 302 39.03 -18.92 15.18
N CYS B 303 40.30 -19.06 14.79
CA CYS B 303 40.79 -18.73 13.42
C CYS B 303 39.81 -19.18 12.34
N ALA B 304 39.43 -18.30 11.43
CA ALA B 304 38.53 -18.68 10.37
C ALA B 304 39.27 -19.60 9.42
N LEU B 305 38.51 -20.46 8.79
CA LEU B 305 39.06 -21.39 7.85
C LEU B 305 39.78 -20.68 6.71
N SER B 306 39.31 -19.49 6.31
CA SER B 306 40.05 -18.75 5.33
C SER B 306 41.44 -18.28 5.83
N SER B 307 41.60 -18.04 7.14
CA SER B 307 42.96 -17.71 7.64
C SER B 307 43.88 -18.90 7.60
N VAL B 308 43.33 -20.06 7.97
CA VAL B 308 44.04 -21.31 7.97
C VAL B 308 44.46 -21.52 6.54
N GLU B 309 43.54 -21.37 5.61
CA GLU B 309 43.85 -21.54 4.21
C GLU B 309 44.96 -20.59 3.74
N LYS B 310 44.86 -19.30 4.03
CA LYS B 310 45.93 -18.39 3.63
C LYS B 310 47.31 -18.79 4.21
N THR B 311 47.37 -19.07 5.50
CA THR B 311 48.65 -19.37 6.17
C THR B 311 49.29 -20.62 5.60
N LEU B 312 48.48 -21.66 5.36
CA LEU B 312 48.94 -22.88 4.74
C LEU B 312 49.32 -22.71 3.29
N LEU B 313 48.65 -21.82 2.57
CA LEU B 313 49.04 -21.58 1.18
C LEU B 313 50.47 -21.03 1.16
N GLU B 314 50.73 -19.99 1.96
CA GLU B 314 52.06 -19.41 2.17
C GLU B 314 53.11 -20.45 2.51
N ALA B 315 52.82 -21.26 3.53
CA ALA B 315 53.71 -22.34 3.96
C ALA B 315 54.00 -23.38 2.85
N VAL B 316 53.00 -23.75 2.07
CA VAL B 316 53.22 -24.57 0.89
C VAL B 316 54.07 -23.89 -0.19
N ALA B 317 53.94 -22.58 -0.35
CA ALA B 317 54.82 -21.84 -1.25
C ALA B 317 56.26 -21.69 -0.72
N LYS B 318 56.45 -21.57 0.60
CA LYS B 318 57.78 -21.30 1.15
C LYS B 318 58.61 -22.52 1.58
N LEU B 319 57.93 -23.61 1.96
CA LEU B 319 58.59 -24.74 2.51
C LEU B 319 58.76 -25.85 1.49
N PRO B 320 59.69 -26.77 1.80
CA PRO B 320 59.96 -27.83 0.83
C PRO B 320 58.73 -28.73 0.76
N THR B 321 58.46 -29.23 -0.43
CA THR B 321 57.31 -30.06 -0.62
C THR B 321 57.29 -31.22 0.41
N GLN B 322 58.45 -31.76 0.74
CA GLN B 322 58.48 -32.86 1.71
C GLN B 322 57.97 -32.50 3.12
N LYS B 323 58.04 -31.22 3.49
CA LYS B 323 57.50 -30.79 4.80
C LYS B 323 55.96 -30.50 4.83
N THR B 324 55.31 -30.45 3.66
CA THR B 324 53.93 -29.92 3.54
C THR B 324 52.85 -30.92 3.06
N GLU B 325 53.15 -32.22 3.13
CA GLU B 325 52.22 -33.24 2.71
C GLU B 325 50.86 -33.07 3.46
N VAL B 326 50.91 -32.92 4.79
CA VAL B 326 49.68 -32.76 5.56
C VAL B 326 49.00 -31.46 5.21
N PHE B 327 49.73 -30.36 5.12
CA PHE B 327 49.07 -29.10 4.76
C PHE B 327 48.33 -29.15 3.43
N ARG B 328 48.97 -29.80 2.45
CA ARG B 328 48.36 -29.92 1.16
C ARG B 328 47.05 -30.81 1.23
N GLY B 329 46.98 -31.83 2.11
CA GLY B 329 45.70 -32.53 2.37
C GLY B 329 44.63 -31.53 2.80
N VAL B 330 44.98 -30.68 3.75
CA VAL B 330 44.04 -29.72 4.35
C VAL B 330 43.54 -28.69 3.32
N LEU B 331 44.47 -28.17 2.50
CA LEU B 331 44.16 -27.24 1.40
C LEU B 331 43.21 -27.85 0.37
N GLU B 332 43.42 -29.11 0.02
CA GLU B 332 42.62 -29.84 -0.93
C GLU B 332 41.19 -29.93 -0.39
N GLN B 333 41.00 -30.38 0.87
CA GLN B 333 39.71 -30.26 1.53
C GLN B 333 39.12 -28.83 1.50
N LEU B 334 39.88 -27.85 1.92
CA LEU B 334 39.45 -26.48 1.97
C LEU B 334 39.04 -25.93 0.62
N ARG B 335 39.58 -26.52 -0.45
CA ARG B 335 39.30 -25.95 -1.75
C ARG B 335 37.85 -26.28 -2.11
N TRP B 336 37.33 -27.34 -1.50
CA TRP B 336 35.96 -27.80 -1.75
C TRP B 336 34.99 -27.63 -0.59
N PHE B 337 35.34 -26.79 0.36
CA PHE B 337 34.63 -26.67 1.60
C PHE B 337 33.80 -25.38 1.55
N ALA B 338 32.49 -25.45 1.26
CA ALA B 338 31.66 -24.22 1.28
C ALA B 338 32.21 -23.31 0.24
N GLY B 339 32.14 -21.99 0.46
CA GLY B 339 32.73 -20.93 -0.40
C GLY B 339 33.21 -19.76 0.51
N LYS B 340 33.50 -18.57 -0.07
CA LYS B 340 34.20 -17.49 0.69
C LYS B 340 33.44 -17.02 1.92
N GLN B 341 32.12 -16.81 1.79
CA GLN B 341 31.27 -16.35 2.90
C GLN B 341 31.35 -17.27 4.14
N VAL B 342 31.23 -18.57 3.96
CA VAL B 342 31.28 -19.51 5.11
C VAL B 342 32.71 -19.69 5.65
N LYS B 343 33.67 -19.88 4.75
CA LYS B 343 35.07 -19.96 5.16
C LYS B 343 35.64 -18.74 5.92
N SER B 344 35.11 -17.55 5.65
CA SER B 344 35.57 -16.34 6.30
C SER B 344 35.03 -16.20 7.71
N VAL B 345 34.00 -16.97 8.08
CA VAL B 345 33.48 -16.86 9.45
C VAL B 345 33.55 -18.18 10.20
N ALA B 346 33.66 -19.29 9.47
CA ALA B 346 33.67 -20.63 10.04
C ALA B 346 35.01 -20.88 10.72
N SER B 347 35.02 -21.27 11.99
CA SER B 347 36.30 -21.40 12.69
C SER B 347 36.75 -22.84 12.60
N LEU B 348 38.05 -23.06 12.81
CA LEU B 348 38.61 -24.41 12.92
C LEU B 348 37.99 -25.21 14.03
N GLY B 349 37.98 -24.62 15.25
CA GLY B 349 37.43 -25.33 16.43
C GLY B 349 36.01 -25.77 16.12
N GLY B 350 35.28 -24.91 15.44
CA GLY B 350 33.87 -25.19 15.21
C GLY B 350 33.73 -26.44 14.39
N ASN B 351 34.58 -26.67 13.37
CA ASN B 351 34.47 -27.90 12.58
C ASN B 351 34.85 -29.13 13.39
N ILE B 352 35.86 -28.98 14.25
CA ILE B 352 36.36 -30.11 14.99
C ILE B 352 35.32 -30.49 16.02
N ILE B 353 34.82 -29.51 16.76
CA ILE B 353 33.88 -29.84 17.86
C ILE B 353 32.48 -30.25 17.37
N THR B 354 32.00 -29.62 16.30
CA THR B 354 30.75 -30.09 15.68
C THR B 354 30.82 -31.56 15.51
N ALA B 355 31.95 -32.08 15.02
CA ALA B 355 32.09 -33.56 14.90
C ALA B 355 31.00 -34.20 14.07
N SER B 356 30.68 -33.56 12.97
CA SER B 356 29.80 -34.19 12.02
C SER B 356 30.40 -35.49 11.43
N PRO B 357 29.58 -36.51 11.20
CA PRO B 357 30.01 -37.71 10.50
C PRO B 357 30.73 -37.38 9.16
N ILE B 358 30.40 -36.22 8.58
CA ILE B 358 30.88 -35.89 7.25
C ILE B 358 31.79 -34.66 7.30
N SER B 359 32.37 -34.35 8.48
CA SER B 359 33.43 -33.30 8.51
C SER B 359 34.48 -33.69 7.49
N ASP B 360 34.95 -32.69 6.73
CA ASP B 360 36.08 -32.94 5.78
C ASP B 360 37.44 -32.75 6.43
N LEU B 361 37.46 -32.07 7.55
CA LEU B 361 38.70 -31.78 8.19
C LEU B 361 39.02 -32.83 9.26
N ASN B 362 38.03 -33.27 10.01
CA ASN B 362 38.35 -34.29 10.98
C ASN B 362 39.07 -35.56 10.47
N PRO B 363 38.64 -36.15 9.35
CA PRO B 363 39.44 -37.29 8.86
C PRO B 363 40.91 -36.95 8.56
N VAL B 364 41.22 -35.68 8.28
CA VAL B 364 42.58 -35.31 7.89
C VAL B 364 43.37 -35.03 9.18
N PHE B 365 42.69 -34.37 10.14
CA PHE B 365 43.27 -34.15 11.43
C PHE B 365 43.49 -35.50 12.12
N MET B 366 42.57 -36.44 11.99
CA MET B 366 42.78 -37.73 12.61
C MET B 366 43.94 -38.53 11.93
N ALA B 367 43.96 -38.51 10.59
CA ALA B 367 44.93 -39.35 9.91
C ALA B 367 46.33 -38.77 10.15
N SER B 368 46.40 -37.51 10.51
CA SER B 368 47.68 -36.84 10.73
C SER B 368 48.13 -36.69 12.19
N GLY B 369 47.32 -37.16 13.12
CA GLY B 369 47.60 -36.99 14.55
C GLY B 369 47.72 -35.52 14.92
N THR B 370 46.95 -34.66 14.26
CA THR B 370 46.94 -33.25 14.56
C THR B 370 46.71 -33.07 16.04
N LYS B 371 47.48 -32.17 16.64
CA LYS B 371 47.55 -32.00 18.08
C LYS B 371 46.56 -30.94 18.52
N LEU B 372 45.72 -31.34 19.45
CA LEU B 372 44.69 -30.49 20.04
C LEU B 372 45.08 -30.03 21.40
N THR B 373 45.14 -28.73 21.62
CA THR B 373 45.39 -28.21 22.99
C THR B 373 44.05 -27.75 23.58
N ILE B 374 43.67 -28.45 24.65
CA ILE B 374 42.40 -28.31 25.30
C ILE B 374 42.59 -27.82 26.75
N VAL B 375 41.61 -27.04 27.20
CA VAL B 375 41.83 -26.20 28.34
C VAL B 375 40.50 -26.01 29.07
N SER B 376 40.60 -25.99 30.41
CA SER B 376 39.52 -25.63 31.31
C SER B 376 40.10 -24.80 32.45
N ARG B 377 39.24 -24.19 33.27
CA ARG B 377 39.67 -23.19 34.28
C ARG B 377 41.05 -23.47 34.87
N GLY B 378 41.22 -24.58 35.58
CA GLY B 378 42.57 -24.86 36.09
C GLY B 378 43.26 -26.06 35.44
N THR B 379 43.31 -26.09 34.10
CA THR B 379 43.55 -27.32 33.33
C THR B 379 44.14 -26.97 31.99
N ARG B 380 45.03 -27.83 31.53
CA ARG B 380 45.63 -27.75 30.21
C ARG B 380 46.25 -29.07 29.80
N ARG B 381 45.68 -29.70 28.74
CA ARG B 381 46.30 -30.85 28.08
C ARG B 381 46.57 -30.69 26.54
N THR B 382 47.53 -31.43 25.98
CA THR B 382 47.72 -31.48 24.52
C THR B 382 47.58 -32.93 24.08
N VAL B 383 46.72 -33.21 23.10
CA VAL B 383 46.51 -34.59 22.63
C VAL B 383 46.53 -34.70 21.09
N PRO B 384 47.11 -35.80 20.53
CA PRO B 384 46.98 -36.00 19.08
C PRO B 384 45.58 -36.52 18.82
N MET B 385 44.89 -35.96 17.84
CA MET B 385 43.61 -36.51 17.45
C MET B 385 43.83 -37.92 16.96
N ASP B 386 43.06 -38.84 17.48
CA ASP B 386 43.12 -40.20 16.98
C ASP B 386 41.73 -40.70 17.04
N HIS B 387 41.53 -41.97 16.78
CA HIS B 387 40.19 -42.47 16.57
C HIS B 387 39.31 -42.39 17.84
N THR B 388 39.95 -42.28 19.02
CA THR B 388 39.21 -42.28 20.33
C THR B 388 38.62 -40.90 20.57
N PHE B 389 39.07 -39.91 19.81
CA PHE B 389 38.65 -38.56 20.05
C PHE B 389 37.17 -38.32 19.75
N PHE B 390 36.57 -39.17 18.92
CA PHE B 390 35.16 -39.06 18.63
C PHE B 390 34.50 -40.36 19.02
N PRO B 391 33.99 -40.42 20.27
CA PRO B 391 33.57 -41.70 20.76
C PRO B 391 32.21 -42.19 20.30
N SER B 392 31.35 -41.30 19.86
CA SER B 392 30.02 -41.67 19.41
C SER B 392 29.45 -40.45 18.71
N TYR B 393 28.22 -40.56 18.21
CA TYR B 393 27.60 -39.56 17.37
C TYR B 393 27.65 -38.16 17.95
N ARG B 394 28.37 -37.26 17.27
CA ARG B 394 28.47 -35.83 17.62
C ARG B 394 29.10 -35.45 18.95
N LYS B 395 29.80 -36.40 19.58
CA LYS B 395 30.58 -36.08 20.76
C LYS B 395 32.05 -36.21 20.54
N THR B 396 32.79 -35.53 21.39
CA THR B 396 34.21 -35.62 21.38
C THR B 396 34.65 -35.85 22.82
N LEU B 397 35.89 -36.28 23.00
CA LEU B 397 36.52 -36.42 24.33
C LEU B 397 36.79 -35.13 25.16
N LEU B 398 36.18 -34.01 24.82
CA LEU B 398 36.23 -32.79 25.61
C LEU B 398 35.40 -32.93 26.89
N GLY B 399 35.86 -32.37 27.99
CA GLY B 399 34.99 -32.34 29.17
C GLY B 399 33.95 -31.22 29.01
N PRO B 400 32.88 -31.22 29.82
CA PRO B 400 31.87 -30.14 29.68
C PRO B 400 32.43 -28.78 30.03
N GLU B 401 33.38 -28.74 30.96
CA GLU B 401 34.04 -27.48 31.32
C GLU B 401 35.14 -27.04 30.34
N GLU B 402 35.56 -27.94 29.45
CA GLU B 402 36.71 -27.71 28.55
C GLU B 402 36.34 -26.99 27.23
N ILE B 403 37.27 -26.18 26.74
CA ILE B 403 37.19 -25.56 25.40
C ILE B 403 38.44 -25.99 24.62
N LEU B 404 38.33 -26.09 23.29
CA LEU B 404 39.51 -26.27 22.40
C LEU B 404 40.19 -24.94 22.20
N LEU B 405 41.47 -24.89 22.55
CA LEU B 405 42.21 -23.63 22.49
C LEU B 405 42.92 -23.47 21.15
N SER B 406 43.58 -24.52 20.71
CA SER B 406 44.43 -24.38 19.55
C SER B 406 44.70 -25.74 18.96
N ILE B 407 45.07 -25.74 17.69
CA ILE B 407 45.26 -26.95 16.90
C ILE B 407 46.60 -26.75 16.19
N GLU B 408 47.48 -27.74 16.34
CA GLU B 408 48.74 -27.75 15.61
C GLU B 408 48.76 -28.75 14.46
N ILE B 409 48.87 -28.22 13.24
CA ILE B 409 48.83 -29.07 12.05
C ILE B 409 50.31 -29.39 11.71
N PRO B 410 50.68 -30.67 11.71
CA PRO B 410 52.12 -30.99 11.67
C PRO B 410 52.73 -30.94 10.26
N TYR B 411 54.04 -30.66 10.24
CA TYR B 411 54.88 -30.81 9.06
C TYR B 411 54.95 -32.28 8.84
N SER B 412 55.04 -32.70 7.57
CA SER B 412 55.23 -34.12 7.26
C SER B 412 56.76 -34.34 7.28
N ARG B 413 57.17 -35.57 7.51
CA ARG B 413 58.56 -35.98 7.62
C ARG B 413 59.03 -36.57 6.32
N GLU B 414 60.30 -36.94 6.33
CA GLU B 414 60.88 -37.72 5.28
C GLU B 414 60.20 -39.07 5.35
N ASP B 415 59.98 -39.70 4.19
CA ASP B 415 59.31 -41.03 4.13
C ASP B 415 57.81 -41.02 4.56
N GLU B 416 57.23 -39.83 4.62
CA GLU B 416 55.84 -39.69 5.10
C GLU B 416 55.02 -38.98 4.04
N PHE B 417 53.93 -39.63 3.63
CA PHE B 417 53.07 -39.13 2.53
C PHE B 417 51.62 -39.08 2.91
N PHE B 418 50.93 -38.11 2.36
CA PHE B 418 49.56 -37.81 2.74
C PHE B 418 48.70 -37.49 1.52
N SER B 419 47.49 -38.05 1.54
CA SER B 419 46.39 -37.61 0.65
C SER B 419 45.06 -37.41 1.39
N ALA B 420 44.30 -36.45 0.86
CA ALA B 420 42.91 -36.15 1.28
C ALA B 420 42.01 -36.15 0.05
N PHE B 421 40.91 -36.89 0.11
CA PHE B 421 39.93 -36.96 -0.95
C PHE B 421 38.50 -36.75 -0.38
N LYS B 422 37.64 -36.19 -1.23
CA LYS B 422 36.27 -35.86 -0.89
C LYS B 422 35.45 -36.13 -2.11
N GLN B 423 34.42 -36.94 -2.01
CA GLN B 423 33.47 -36.96 -3.13
C GLN B 423 32.13 -36.53 -2.62
N ALA B 424 31.49 -35.61 -3.31
CA ALA B 424 30.09 -35.30 -2.99
C ALA B 424 29.04 -35.61 -4.13
N SER B 425 27.97 -34.83 -4.17
CA SER B 425 26.96 -34.92 -5.26
C SER B 425 27.34 -33.91 -6.36
N ARG B 426 28.00 -32.83 -5.96
CA ARG B 426 28.45 -31.72 -6.83
C ARG B 426 29.80 -31.30 -6.28
N ARG B 427 30.69 -30.83 -7.12
CA ARG B 427 32.07 -30.65 -6.70
C ARG B 427 32.18 -29.44 -5.76
N GLU B 428 31.45 -28.37 -6.10
CA GLU B 428 31.51 -27.08 -5.36
C GLU B 428 30.52 -27.07 -4.19
N ASP B 429 30.90 -26.39 -3.10
CA ASP B 429 30.02 -26.21 -1.92
C ASP B 429 28.98 -27.35 -1.69
N ASP B 430 29.50 -28.52 -1.30
CA ASP B 430 28.66 -29.68 -1.08
C ASP B 430 29.09 -30.48 0.18
N ILE B 431 28.15 -31.25 0.71
CA ILE B 431 28.38 -32.12 1.89
C ILE B 431 28.96 -33.44 1.37
N ALA B 432 30.07 -33.90 1.98
CA ALA B 432 30.77 -35.11 1.51
C ALA B 432 29.86 -36.35 1.52
N LYS B 433 29.90 -37.15 0.47
CA LYS B 433 29.45 -38.56 0.59
C LYS B 433 30.46 -39.34 1.39
N VAL B 434 31.65 -39.54 0.85
CA VAL B 434 32.79 -40.13 1.57
C VAL B 434 33.85 -39.07 1.49
N THR B 435 34.56 -38.88 2.57
CA THR B 435 35.66 -37.93 2.59
C THR B 435 36.73 -38.61 3.43
N CYS B 436 38.00 -38.36 3.18
CA CYS B 436 39.02 -39.09 3.89
C CYS B 436 40.38 -38.37 4.02
N GLY B 437 41.21 -38.91 4.92
CA GLY B 437 42.55 -38.45 5.28
C GLY B 437 43.39 -39.71 5.28
N MET B 438 44.44 -39.77 4.46
CA MET B 438 45.29 -40.99 4.40
C MET B 438 46.78 -40.60 4.59
N ARG B 439 47.45 -41.31 5.50
CA ARG B 439 48.85 -41.04 5.84
C ARG B 439 49.64 -42.33 5.87
N VAL B 440 50.77 -42.36 5.18
CA VAL B 440 51.66 -43.55 5.30
C VAL B 440 52.99 -43.01 5.74
N LEU B 441 53.65 -43.73 6.64
CA LEU B 441 55.05 -43.42 7.03
C LEU B 441 55.83 -44.68 6.76
N PHE B 442 56.89 -44.53 5.96
CA PHE B 442 57.73 -45.69 5.61
C PHE B 442 59.01 -45.72 6.49
N GLN B 443 59.58 -46.90 6.74
CA GLN B 443 60.97 -47.01 7.25
C GLN B 443 61.87 -46.15 6.36
N PRO B 444 62.94 -45.55 6.93
CA PRO B 444 63.84 -44.65 6.16
C PRO B 444 64.24 -45.16 4.75
N GLY B 445 64.04 -44.30 3.75
CA GLY B 445 64.22 -44.63 2.33
C GLY B 445 63.70 -45.98 1.84
N SER B 446 62.72 -46.58 2.49
CA SER B 446 62.16 -47.83 1.99
C SER B 446 60.70 -47.64 1.55
N MET B 447 60.11 -48.78 1.18
CA MET B 447 58.74 -49.00 0.74
C MET B 447 58.11 -49.86 1.77
N GLN B 448 58.74 -49.97 2.94
CA GLN B 448 58.19 -50.74 4.05
C GLN B 448 57.47 -49.87 5.12
N VAL B 449 56.22 -50.22 5.34
CA VAL B 449 55.25 -49.46 6.11
C VAL B 449 55.58 -49.51 7.60
N LYS B 450 55.83 -48.34 8.18
CA LYS B 450 55.99 -48.20 9.63
C LYS B 450 54.65 -47.77 10.27
N GLU B 451 54.00 -46.76 9.68
CA GLU B 451 52.63 -46.39 10.04
C GLU B 451 51.72 -46.17 8.82
N LEU B 452 50.45 -46.50 9.00
CA LEU B 452 49.44 -46.33 7.96
C LEU B 452 48.10 -46.00 8.66
N ALA B 453 47.38 -44.98 8.16
CA ALA B 453 46.16 -44.46 8.82
C ALA B 453 45.29 -44.08 7.66
N LEU B 454 44.13 -44.71 7.60
CA LEU B 454 43.11 -44.42 6.61
C LEU B 454 41.81 -43.99 7.38
N CYS B 455 41.47 -42.71 7.30
CA CYS B 455 40.38 -42.16 8.11
C CYS B 455 39.27 -41.59 7.23
N TYR B 456 38.02 -42.02 7.48
CA TYR B 456 36.92 -41.62 6.63
C TYR B 456 35.79 -40.92 7.36
N GLY B 457 35.20 -39.95 6.65
CA GLY B 457 33.91 -39.41 7.01
C GLY B 457 32.88 -40.06 6.11
N GLY B 458 31.60 -39.98 6.46
CA GLY B 458 30.52 -40.45 5.57
C GLY B 458 30.27 -41.94 5.60
N MET B 459 31.03 -42.66 6.46
CA MET B 459 30.94 -44.10 6.46
C MET B 459 30.32 -44.65 7.75
N ALA B 460 29.93 -43.77 8.66
CA ALA B 460 29.46 -44.18 9.97
C ALA B 460 28.89 -42.91 10.65
N ASP B 461 28.52 -42.98 11.95
CA ASP B 461 28.00 -41.78 12.66
C ASP B 461 29.08 -40.94 13.34
N ARG B 462 30.31 -41.20 12.95
CA ARG B 462 31.42 -40.42 13.42
C ARG B 462 32.57 -40.63 12.41
N THR B 463 33.59 -39.77 12.52
CA THR B 463 34.82 -39.99 11.78
C THR B 463 35.47 -41.26 12.34
N ILE B 464 35.77 -42.22 11.46
CA ILE B 464 36.36 -43.53 11.86
C ILE B 464 37.73 -43.80 11.17
N SER B 465 38.59 -44.64 11.77
CA SER B 465 39.83 -45.11 11.13
C SER B 465 39.64 -46.56 10.80
N ALA B 466 40.05 -46.99 9.59
CA ALA B 466 40.09 -48.44 9.31
C ALA B 466 41.30 -49.10 9.99
N LEU B 467 41.32 -49.11 11.32
CA LEU B 467 42.45 -49.66 12.13
C LEU B 467 42.73 -51.13 11.85
N LYS B 468 41.68 -51.91 11.73
CA LYS B 468 41.91 -53.34 11.64
C LYS B 468 42.54 -53.60 10.26
N THR B 469 42.23 -52.77 9.27
CA THR B 469 42.76 -52.95 7.95
C THR B 469 44.20 -52.47 7.95
N THR B 470 44.45 -51.28 8.48
CA THR B 470 45.79 -50.71 8.40
C THR B 470 46.81 -51.44 9.29
N GLN B 471 46.38 -51.90 10.46
CA GLN B 471 47.30 -52.61 11.39
C GLN B 471 47.91 -53.85 10.70
N LYS B 472 47.11 -54.59 9.92
CA LYS B 472 47.65 -55.72 9.14
C LYS B 472 48.74 -55.41 8.12
N GLN B 473 49.03 -54.14 7.86
CA GLN B 473 49.98 -53.80 6.80
C GLN B 473 51.27 -53.25 7.35
N LEU B 474 51.34 -53.08 8.65
CA LEU B 474 52.56 -52.65 9.32
C LEU B 474 53.66 -53.67 9.04
N SER B 475 54.83 -53.16 8.69
CA SER B 475 55.91 -54.03 8.21
C SER B 475 55.77 -54.53 6.79
N LYS B 476 54.58 -54.45 6.18
CA LYS B 476 54.42 -54.93 4.80
C LYS B 476 55.04 -53.90 3.79
N PHE B 477 55.29 -54.31 2.55
CA PHE B 477 55.85 -53.37 1.59
C PHE B 477 54.75 -52.82 0.64
N TRP B 478 54.99 -51.66 0.03
CA TRP B 478 53.97 -51.04 -0.83
C TRP B 478 54.00 -51.73 -2.14
N ASN B 479 53.18 -52.75 -2.30
CA ASN B 479 53.03 -53.46 -3.57
C ASN B 479 51.57 -53.82 -3.88
N GLU B 480 51.41 -54.59 -4.94
CA GLU B 480 50.14 -55.00 -5.43
C GLU B 480 49.42 -55.88 -4.42
N LYS B 481 50.18 -56.71 -3.74
CA LYS B 481 49.51 -57.51 -2.74
C LYS B 481 49.00 -56.61 -1.56
N LEU B 482 49.73 -55.57 -1.17
CA LEU B 482 49.22 -54.68 -0.15
C LEU B 482 47.95 -53.97 -0.68
N LEU B 483 47.94 -53.63 -1.96
CA LEU B 483 46.75 -52.96 -2.51
C LEU B 483 45.52 -53.85 -2.40
N GLN B 484 45.69 -55.14 -2.73
CA GLN B 484 44.59 -56.11 -2.76
C GLN B 484 44.12 -56.36 -1.34
N ASP B 485 45.07 -56.38 -0.42
CA ASP B 485 44.80 -56.67 1.01
C ASP B 485 44.06 -55.56 1.73
N VAL B 486 44.50 -54.31 1.52
CA VAL B 486 43.78 -53.16 1.99
C VAL B 486 42.36 -53.12 1.38
N CYS B 487 42.25 -53.28 0.07
CA CYS B 487 40.94 -53.25 -0.55
C CYS B 487 40.04 -54.29 0.16
N ALA B 488 40.49 -55.52 0.26
CA ALA B 488 39.70 -56.59 0.85
C ALA B 488 39.31 -56.17 2.25
N GLY B 489 40.26 -55.60 2.98
CA GLY B 489 40.01 -55.21 4.36
C GLY B 489 39.01 -54.06 4.47
N LEU B 490 39.17 -53.04 3.63
CA LEU B 490 38.22 -51.92 3.61
C LEU B 490 36.81 -52.46 3.31
N ALA B 491 36.66 -53.35 2.35
CA ALA B 491 35.36 -53.90 2.06
C ALA B 491 34.68 -54.49 3.29
N GLU B 492 35.41 -55.25 4.10
CA GLU B 492 34.89 -55.91 5.30
C GLU B 492 34.78 -54.96 6.48
N GLU B 493 35.81 -54.14 6.68
CA GLU B 493 35.81 -53.32 7.86
C GLU B 493 34.80 -52.15 7.73
N LEU B 494 34.68 -51.55 6.56
CA LEU B 494 33.73 -50.43 6.40
C LEU B 494 32.40 -50.86 5.75
N SER B 495 31.81 -51.87 6.35
CA SER B 495 30.57 -52.47 5.83
C SER B 495 29.40 -51.49 6.08
N LEU B 496 28.39 -51.52 5.25
CA LEU B 496 27.21 -50.75 5.54
C LEU B 496 26.04 -51.66 5.32
N SER B 497 25.06 -51.62 6.23
CA SER B 497 23.82 -52.38 6.03
C SER B 497 22.95 -51.64 5.01
N PRO B 498 22.08 -52.40 4.29
CA PRO B 498 21.08 -51.84 3.37
C PRO B 498 20.30 -50.62 3.90
N ASP B 499 20.12 -50.53 5.21
CA ASP B 499 19.45 -49.41 5.84
C ASP B 499 20.33 -48.28 6.35
N ALA B 500 21.61 -48.24 6.01
CA ALA B 500 22.44 -47.15 6.48
C ALA B 500 21.90 -45.77 6.06
N PRO B 501 21.85 -44.82 7.01
CA PRO B 501 21.41 -43.50 6.66
C PRO B 501 22.18 -42.89 5.48
N GLY B 502 21.47 -42.27 4.53
CA GLY B 502 22.09 -41.71 3.33
C GLY B 502 22.04 -42.65 2.13
N GLY B 503 21.76 -43.92 2.35
CA GLY B 503 21.77 -44.82 1.21
C GLY B 503 23.07 -44.81 0.39
N MET B 504 22.94 -45.09 -0.92
CA MET B 504 24.08 -45.11 -1.85
C MET B 504 25.15 -46.04 -1.32
N ILE B 505 24.75 -47.26 -0.97
CA ILE B 505 25.60 -48.16 -0.20
C ILE B 505 26.77 -48.64 -1.06
N GLU B 506 26.48 -49.15 -2.23
CA GLU B 506 27.48 -49.55 -3.14
C GLU B 506 28.42 -48.39 -3.53
N PHE B 507 27.87 -47.22 -3.85
CA PHE B 507 28.69 -46.08 -4.23
C PHE B 507 29.74 -45.75 -3.18
N ARG B 508 29.30 -45.61 -1.93
CA ARG B 508 30.16 -45.26 -0.82
C ARG B 508 31.24 -46.31 -0.52
N ARG B 509 30.92 -47.59 -0.64
CA ARG B 509 31.93 -48.56 -0.37
C ARG B 509 32.96 -48.55 -1.50
N THR B 510 32.46 -48.41 -2.74
CA THR B 510 33.34 -48.27 -3.89
C THR B 510 34.34 -47.13 -3.74
N LEU B 511 33.88 -46.02 -3.16
CA LEU B 511 34.68 -44.81 -3.02
C LEU B 511 35.72 -45.06 -1.99
N THR B 512 35.40 -45.81 -0.93
CA THR B 512 36.44 -45.98 0.09
C THR B 512 37.60 -46.72 -0.52
N LEU B 513 37.33 -47.75 -1.31
CA LEU B 513 38.37 -48.46 -2.09
C LEU B 513 39.09 -47.59 -3.15
N SER B 514 38.29 -46.90 -3.99
CA SER B 514 38.78 -46.01 -5.06
C SER B 514 39.73 -44.95 -4.52
N PHE B 515 39.33 -44.34 -3.39
CA PHE B 515 40.17 -43.34 -2.73
C PHE B 515 41.50 -44.02 -2.31
N PHE B 516 41.43 -45.23 -1.73
CA PHE B 516 42.67 -45.85 -1.31
C PHE B 516 43.54 -46.19 -2.53
N PHE B 517 42.94 -46.67 -3.62
CA PHE B 517 43.66 -46.92 -4.87
C PHE B 517 44.37 -45.65 -5.35
N LYS B 518 43.68 -44.51 -5.22
CA LYS B 518 44.25 -43.25 -5.65
C LYS B 518 45.46 -42.97 -4.80
N PHE B 519 45.36 -43.26 -3.50
CA PHE B 519 46.39 -42.91 -2.50
C PHE B 519 47.51 -43.84 -2.81
N TYR B 520 47.17 -45.08 -3.13
CA TYR B 520 48.15 -46.12 -3.41
C TYR B 520 49.04 -45.73 -4.65
N LEU B 521 48.39 -45.26 -5.69
CA LEU B 521 49.15 -44.91 -6.88
C LEU B 521 49.97 -43.69 -6.62
N THR B 522 49.42 -42.76 -5.86
CA THR B 522 50.03 -41.47 -5.67
C THR B 522 51.29 -41.71 -4.87
N VAL B 523 51.24 -42.66 -3.94
CA VAL B 523 52.35 -42.89 -3.05
C VAL B 523 53.45 -43.57 -3.85
N LEU B 524 53.06 -44.46 -4.78
CA LEU B 524 54.02 -45.06 -5.72
C LEU B 524 54.82 -44.06 -6.51
N LYS B 525 54.12 -43.09 -7.11
CA LYS B 525 54.77 -41.89 -7.70
C LYS B 525 55.69 -41.10 -6.73
N LYS B 526 55.23 -40.87 -5.49
CA LYS B 526 56.07 -40.14 -4.50
C LYS B 526 57.30 -40.95 -4.04
N LEU B 527 57.17 -42.28 -4.02
CA LEU B 527 58.33 -43.11 -3.79
C LEU B 527 59.28 -43.21 -5.01
N GLY B 528 59.09 -42.37 -6.03
CA GLY B 528 59.99 -42.35 -7.21
C GLY B 528 60.55 -40.97 -7.56
N LYS B 537 58.47 -45.20 -12.23
CA LYS B 537 57.34 -44.54 -12.89
C LYS B 537 56.07 -45.43 -12.83
N LEU B 538 54.90 -44.80 -12.85
CA LEU B 538 53.66 -45.53 -13.16
C LEU B 538 53.49 -45.76 -14.65
N ASP B 539 52.77 -46.83 -15.01
CA ASP B 539 52.23 -46.97 -16.37
C ASP B 539 51.58 -45.60 -16.70
N PRO B 540 51.90 -44.98 -17.86
CA PRO B 540 51.42 -43.60 -18.05
C PRO B 540 49.88 -43.49 -18.28
N THR B 541 49.22 -44.63 -18.55
CA THR B 541 47.75 -44.71 -18.68
C THR B 541 47.08 -44.67 -17.27
N TYR B 542 47.90 -44.79 -16.22
CA TYR B 542 47.48 -44.68 -14.82
C TYR B 542 47.76 -43.29 -14.21
N THR B 543 48.56 -42.45 -14.86
CA THR B 543 48.98 -41.17 -14.24
C THR B 543 47.83 -40.23 -13.86
N SER B 544 46.83 -40.11 -14.74
CA SER B 544 45.78 -39.13 -14.48
C SER B 544 44.96 -39.52 -13.25
N ALA B 545 45.09 -40.77 -12.77
CA ALA B 545 44.37 -41.20 -11.55
C ALA B 545 44.89 -40.44 -10.36
N THR B 546 46.17 -40.05 -10.43
CA THR B 546 46.86 -39.34 -9.36
C THR B 546 46.70 -37.81 -9.36
N LEU B 547 46.19 -37.22 -10.44
CA LEU B 547 46.21 -35.74 -10.54
C LEU B 547 45.14 -35.13 -9.61
N LEU B 548 45.44 -34.00 -8.97
CA LEU B 548 44.38 -33.26 -8.27
C LEU B 548 43.58 -32.39 -9.24
N PHE B 549 42.35 -32.03 -8.87
CA PHE B 549 41.41 -31.38 -9.82
C PHE B 549 42.06 -30.13 -10.43
N GLN B 550 41.97 -29.97 -11.75
CA GLN B 550 42.66 -28.88 -12.46
C GLN B 550 41.73 -28.10 -13.40
N LYS B 551 41.61 -26.80 -13.09
CA LYS B 551 40.93 -25.78 -13.90
C LYS B 551 41.66 -25.34 -15.20
N HIS B 552 41.27 -25.88 -16.36
CA HIS B 552 41.62 -25.23 -17.65
C HIS B 552 40.87 -23.87 -17.81
N PRO B 553 41.52 -22.86 -18.45
CA PRO B 553 40.96 -21.50 -18.44
C PRO B 553 39.70 -21.36 -19.33
N PRO B 554 38.79 -20.40 -18.98
CA PRO B 554 37.50 -20.13 -19.67
C PRO B 554 37.61 -19.60 -21.09
N ALA B 555 36.69 -20.01 -21.97
CA ALA B 555 36.64 -19.52 -23.35
C ALA B 555 35.19 -19.48 -23.83
N ASN B 556 34.63 -18.28 -24.05
CA ASN B 556 33.22 -18.14 -24.41
C ASN B 556 33.05 -17.21 -25.58
N ILE B 557 32.30 -17.68 -26.56
CA ILE B 557 32.04 -16.94 -27.76
C ILE B 557 30.53 -16.90 -27.97
N GLN B 558 29.97 -15.71 -28.20
CA GLN B 558 28.59 -15.63 -28.59
C GLN B 558 28.53 -15.05 -30.00
N LEU B 559 27.74 -15.70 -30.86
CA LEU B 559 27.59 -15.23 -32.23
C LEU B 559 26.14 -14.90 -32.50
N PHE B 560 25.90 -13.78 -33.12
CA PHE B 560 24.53 -13.48 -33.48
C PHE B 560 24.52 -12.50 -34.63
N GLN B 561 23.34 -12.25 -35.15
CA GLN B 561 23.24 -11.33 -36.26
C GLN B 561 23.19 -9.85 -35.87
N GLU B 562 23.99 -9.05 -36.54
CA GLU B 562 23.89 -7.59 -36.50
C GLU B 562 22.59 -7.13 -37.17
N VAL B 563 22.06 -5.97 -36.78
CA VAL B 563 20.83 -5.46 -37.39
C VAL B 563 21.12 -4.85 -38.81
N PRO B 564 20.12 -4.79 -39.71
CA PRO B 564 20.32 -4.19 -41.04
C PRO B 564 20.98 -2.81 -40.95
N ASN B 565 21.80 -2.45 -41.96
CA ASN B 565 22.44 -1.12 -41.90
C ASN B 565 21.48 0.10 -41.94
N GLY B 566 20.32 0.00 -42.58
CA GLY B 566 19.38 1.18 -42.56
C GLY B 566 18.61 1.50 -41.25
N GLN B 567 18.88 0.76 -40.18
CA GLN B 567 17.94 0.77 -39.02
C GLN B 567 18.26 1.93 -38.10
N SER B 568 17.24 2.76 -37.84
CA SER B 568 17.30 3.85 -36.84
C SER B 568 17.95 3.38 -35.51
N LYS B 569 18.79 4.24 -34.92
CA LYS B 569 19.43 3.95 -33.59
C LYS B 569 18.38 3.73 -32.49
N GLU B 570 17.24 4.40 -32.65
CA GLU B 570 16.08 4.36 -31.80
C GLU B 570 15.19 3.13 -31.98
N ASP B 571 15.32 2.46 -33.13
CA ASP B 571 14.75 1.15 -33.28
C ASP B 571 15.66 0.12 -32.63
N THR B 572 15.28 -0.41 -31.46
CA THR B 572 16.20 -1.33 -30.72
C THR B 572 15.90 -2.82 -30.99
N VAL B 573 14.86 -3.07 -31.76
CA VAL B 573 14.48 -4.44 -31.97
C VAL B 573 15.60 -5.10 -32.77
N GLY B 574 16.12 -6.23 -32.27
CA GLY B 574 17.32 -6.88 -32.82
C GLY B 574 18.63 -6.52 -32.13
N ARG B 575 18.61 -5.57 -31.19
CA ARG B 575 19.85 -5.07 -30.57
C ARG B 575 19.97 -5.69 -29.18
N PRO B 576 21.21 -5.82 -28.68
CA PRO B 576 21.42 -6.52 -27.43
C PRO B 576 21.22 -5.54 -26.27
N LEU B 577 20.00 -5.03 -26.18
CA LEU B 577 19.63 -4.14 -25.09
C LEU B 577 19.56 -4.87 -23.71
N PRO B 578 20.30 -4.37 -22.72
CA PRO B 578 20.25 -5.00 -21.40
C PRO B 578 18.81 -4.96 -20.81
N HIS B 579 18.52 -5.94 -19.97
CA HIS B 579 17.26 -5.97 -19.18
C HIS B 579 17.04 -4.61 -18.54
N LEU B 580 15.83 -4.04 -18.64
CA LEU B 580 15.59 -2.65 -18.16
C LEU B 580 15.78 -2.49 -16.70
N ALA B 581 15.71 -3.59 -15.94
CA ALA B 581 15.80 -3.42 -14.50
C ALA B 581 17.14 -3.90 -13.97
N ALA B 582 18.02 -4.41 -14.85
CA ALA B 582 19.31 -4.94 -14.38
C ALA B 582 20.06 -3.99 -13.49
N ALA B 583 20.10 -2.71 -13.80
CA ALA B 583 20.90 -1.80 -12.95
C ALA B 583 20.24 -1.76 -11.53
N MET B 584 18.91 -1.79 -11.46
CA MET B 584 18.20 -1.75 -10.15
C MET B 584 18.32 -3.05 -9.39
N GLN B 585 18.52 -4.13 -10.14
CA GLN B 585 18.76 -5.44 -9.58
C GLN B 585 20.17 -5.52 -9.03
N ALA B 586 21.13 -5.01 -9.80
CA ALA B 586 22.49 -4.88 -9.36
C ALA B 586 22.63 -3.95 -8.15
N SER B 587 21.70 -2.99 -7.98
CA SER B 587 21.83 -2.04 -6.87
C SER B 587 20.94 -2.37 -5.65
N GLY B 588 20.10 -3.41 -5.79
CA GLY B 588 19.24 -3.78 -4.64
C GLY B 588 18.06 -2.85 -4.53
N GLU B 589 17.86 -2.00 -5.51
CA GLU B 589 16.69 -1.09 -5.49
C GLU B 589 15.45 -1.72 -6.08
N ALA B 590 15.62 -2.79 -6.82
CA ALA B 590 14.48 -3.47 -7.43
C ALA B 590 13.70 -4.15 -6.34
N VAL B 591 12.38 -3.89 -6.35
CA VAL B 591 11.49 -4.31 -5.29
C VAL B 591 10.85 -5.67 -5.71
N TYR B 592 11.16 -6.68 -4.88
CA TYR B 592 10.42 -7.94 -4.88
C TYR B 592 9.41 -7.93 -3.75
N CYS B 593 8.46 -8.86 -3.82
CA CYS B 593 7.35 -8.91 -2.89
C CYS B 593 7.70 -8.60 -1.44
N ASP B 594 8.64 -9.33 -0.86
CA ASP B 594 8.83 -9.22 0.57
C ASP B 594 9.59 -7.94 0.86
N ASP B 595 10.09 -7.27 -0.21
CA ASP B 595 10.93 -6.08 -0.08
C ASP B 595 9.97 -4.91 0.15
N ILE B 596 8.70 -5.09 -0.24
CA ILE B 596 7.64 -4.12 -0.01
C ILE B 596 7.50 -3.87 1.49
N PRO B 597 7.50 -2.59 1.90
CA PRO B 597 7.43 -2.29 3.36
C PRO B 597 6.14 -2.82 4.00
N ARG B 598 6.22 -3.22 5.25
CA ARG B 598 5.05 -3.75 5.91
C ARG B 598 4.31 -2.58 6.51
N TYR B 599 3.00 -2.72 6.54
CA TYR B 599 2.17 -1.84 7.33
C TYR B 599 2.46 -2.01 8.84
N GLU B 600 2.21 -0.96 9.62
CA GLU B 600 2.41 -1.00 11.08
C GLU B 600 1.60 -2.10 11.75
N ASN B 601 0.45 -2.42 11.16
CA ASN B 601 -0.46 -3.45 11.72
C ASN B 601 -0.38 -4.77 10.95
N GLU B 602 0.66 -4.92 10.12
CA GLU B 602 0.80 -6.09 9.27
C GLU B 602 1.25 -7.32 10.08
N LEU B 603 0.58 -8.44 9.83
CA LEU B 603 0.85 -9.70 10.54
C LEU B 603 1.56 -10.73 9.64
N PHE B 604 2.09 -11.82 10.22
CA PHE B 604 2.83 -12.86 9.51
C PHE B 604 2.11 -14.19 9.64
N LEU B 605 2.09 -14.97 8.54
CA LEU B 605 1.47 -16.25 8.49
C LEU B 605 2.55 -17.33 8.22
N ARG B 606 2.41 -18.45 8.96
CA ARG B 606 3.25 -19.64 8.83
C ARG B 606 2.40 -20.83 8.55
N LEU B 607 2.64 -21.60 7.49
CA LEU B 607 1.77 -22.75 7.25
C LEU B 607 2.06 -23.91 8.21
N VAL B 608 1.00 -24.60 8.60
CA VAL B 608 1.03 -25.86 9.30
C VAL B 608 0.70 -27.01 8.33
N THR B 609 1.66 -27.89 8.16
CA THR B 609 1.56 -28.91 7.15
C THR B 609 1.71 -30.31 7.78
N SER B 610 1.17 -31.27 7.05
CA SER B 610 1.12 -32.66 7.44
C SER B 610 2.50 -33.29 7.46
N THR B 611 2.73 -34.15 8.44
CA THR B 611 3.97 -34.92 8.49
C THR B 611 3.74 -36.36 8.09
N ARG B 612 2.57 -36.65 7.52
CA ARG B 612 2.20 -38.00 7.13
C ARG B 612 1.78 -37.98 5.66
N ALA B 613 2.11 -39.04 4.93
CA ALA B 613 1.78 -39.11 3.52
C ALA B 613 0.28 -39.35 3.29
N HIS B 614 -0.35 -40.13 4.15
CA HIS B 614 -1.79 -40.43 4.02
C HIS B 614 -2.31 -40.89 5.38
N ALA B 615 -3.22 -40.11 5.92
CA ALA B 615 -3.68 -40.31 7.29
C ALA B 615 -4.93 -39.49 7.55
N LYS B 616 -5.73 -39.93 8.53
CA LYS B 616 -6.90 -39.16 8.96
C LYS B 616 -6.35 -38.17 9.95
N ILE B 617 -6.90 -36.94 9.98
CA ILE B 617 -6.65 -36.01 11.04
C ILE B 617 -7.63 -36.32 12.19
N LYS B 618 -7.09 -36.82 13.31
CA LYS B 618 -7.93 -37.20 14.49
C LYS B 618 -8.28 -35.97 15.24
N SER B 619 -7.26 -35.27 15.75
CA SER B 619 -7.46 -33.97 16.37
C SER B 619 -6.39 -32.94 16.00
N ILE B 620 -6.60 -31.69 16.37
CA ILE B 620 -5.60 -30.65 16.21
C ILE B 620 -5.52 -29.88 17.54
N ASP B 621 -4.33 -29.77 18.11
CA ASP B 621 -4.18 -29.14 19.42
C ASP B 621 -3.35 -27.87 19.30
N VAL B 622 -3.96 -26.71 19.56
CA VAL B 622 -3.23 -25.43 19.46
C VAL B 622 -2.77 -24.79 20.76
N SER B 623 -2.91 -25.50 21.86
CA SER B 623 -2.76 -24.91 23.19
C SER B 623 -1.35 -24.51 23.55
N GLU B 624 -0.35 -25.24 23.09
CA GLU B 624 1.05 -24.77 23.24
C GLU B 624 1.30 -23.56 22.28
N ALA B 625 0.71 -23.59 21.09
CA ALA B 625 0.87 -22.51 20.07
C ALA B 625 0.40 -21.18 20.63
N GLN B 626 -0.77 -21.19 21.30
CA GLN B 626 -1.35 -19.98 21.95
C GLN B 626 -0.49 -19.39 23.02
N LYS B 627 0.41 -20.19 23.57
CA LYS B 627 1.24 -19.66 24.64
C LYS B 627 2.38 -18.79 24.05
N VAL B 628 2.72 -19.02 22.78
CA VAL B 628 3.86 -18.33 22.17
C VAL B 628 3.56 -16.85 22.08
N PRO B 629 4.49 -16.03 22.56
CA PRO B 629 4.28 -14.60 22.57
C PRO B 629 3.95 -14.17 21.16
N GLY B 630 2.93 -13.33 21.03
CA GLY B 630 2.50 -12.74 19.75
C GLY B 630 1.53 -13.53 18.89
N PHE B 631 1.14 -14.73 19.34
CA PHE B 631 0.15 -15.54 18.65
C PHE B 631 -1.09 -14.67 18.45
N VAL B 632 -1.62 -14.69 17.23
CA VAL B 632 -2.87 -14.07 16.96
C VAL B 632 -3.98 -15.13 16.78
N CYS B 633 -3.77 -16.11 15.91
CA CYS B 633 -4.76 -17.15 15.70
C CYS B 633 -4.18 -18.27 14.89
N PHE B 634 -4.91 -19.39 14.90
CA PHE B 634 -4.61 -20.52 14.06
C PHE B 634 -5.80 -20.64 13.13
N LEU B 635 -5.54 -20.80 11.84
CA LEU B 635 -6.61 -20.83 10.87
C LEU B 635 -6.74 -22.22 10.32
N SER B 636 -7.93 -22.69 10.07
CA SER B 636 -8.09 -24.00 9.47
C SER B 636 -9.36 -24.01 8.57
N ALA B 637 -9.73 -25.17 8.06
CA ALA B 637 -10.78 -25.25 7.06
C ALA B 637 -12.07 -24.55 7.50
N ASP B 638 -12.36 -24.60 8.80
CA ASP B 638 -13.63 -24.12 9.31
C ASP B 638 -13.70 -22.61 9.23
N ASP B 639 -12.53 -21.92 9.14
CA ASP B 639 -12.54 -20.46 9.12
C ASP B 639 -12.89 -19.92 7.75
N ILE B 640 -12.97 -20.79 6.73
CA ILE B 640 -13.10 -20.32 5.36
C ILE B 640 -14.53 -19.84 5.11
N PRO B 641 -14.72 -18.60 4.64
CA PRO B 641 -16.12 -18.19 4.53
C PRO B 641 -16.75 -18.63 3.21
N GLY B 642 -15.95 -18.90 2.19
CA GLY B 642 -16.47 -19.34 0.86
C GLY B 642 -16.31 -20.85 0.74
N SER B 643 -15.58 -21.26 -0.30
CA SER B 643 -15.27 -22.66 -0.61
C SER B 643 -13.88 -23.09 -0.12
N ASN B 644 -13.82 -24.29 0.52
CA ASN B 644 -12.60 -25.04 0.71
C ASN B 644 -12.18 -25.81 -0.51
N GLU B 645 -12.77 -25.57 -1.66
CA GLU B 645 -12.47 -26.43 -2.76
C GLU B 645 -11.71 -25.58 -3.77
N THR B 646 -10.50 -26.03 -4.12
CA THR B 646 -9.63 -25.19 -4.90
C THR B 646 -8.78 -26.04 -5.87
N GLY B 647 -7.82 -25.41 -6.57
CA GLY B 647 -7.03 -26.10 -7.59
C GLY B 647 -7.59 -25.98 -9.01
N LEU B 648 -6.70 -26.09 -9.96
CA LEU B 648 -7.04 -26.08 -11.35
C LEU B 648 -8.26 -26.94 -11.70
N PHE B 649 -8.40 -28.11 -11.06
CA PHE B 649 -9.43 -29.10 -11.32
C PHE B 649 -10.31 -29.32 -10.11
N ASN B 650 -10.29 -28.35 -9.20
CA ASN B 650 -11.18 -28.41 -8.05
C ASN B 650 -11.10 -29.66 -7.24
N ASP B 651 -9.93 -30.28 -7.27
CA ASP B 651 -9.69 -31.51 -6.48
C ASP B 651 -8.84 -31.23 -5.26
N GLU B 652 -8.77 -29.99 -4.81
CA GLU B 652 -7.89 -29.77 -3.67
C GLU B 652 -8.63 -29.03 -2.64
N THR B 653 -8.06 -29.09 -1.44
CA THR B 653 -8.53 -28.28 -0.36
C THR B 653 -7.64 -27.06 -0.21
N VAL B 654 -8.22 -25.97 0.27
CA VAL B 654 -7.41 -24.83 0.70
C VAL B 654 -6.70 -25.23 1.96
N PHE B 655 -7.46 -25.81 2.93
CA PHE B 655 -6.93 -26.43 4.14
C PHE B 655 -7.49 -27.86 4.26
N ALA B 656 -6.59 -28.83 4.46
CA ALA B 656 -6.97 -30.26 4.68
C ALA B 656 -8.14 -30.42 5.67
N LYS B 657 -9.16 -31.16 5.28
CA LYS B 657 -10.27 -31.44 6.18
C LYS B 657 -10.37 -32.98 6.24
N ASP B 658 -10.48 -33.56 7.44
CA ASP B 658 -10.55 -35.03 7.59
C ASP B 658 -9.28 -35.79 7.26
N THR B 659 -8.73 -35.68 6.04
CA THR B 659 -7.55 -36.46 5.68
C THR B 659 -6.38 -35.65 5.08
N VAL B 660 -5.16 -36.17 5.21
CA VAL B 660 -3.99 -35.57 4.60
C VAL B 660 -3.54 -36.57 3.56
N THR B 661 -3.12 -36.05 2.40
CA THR B 661 -2.76 -36.90 1.30
C THR B 661 -1.34 -36.74 0.81
N CYS B 662 -0.51 -35.98 1.56
CA CYS B 662 0.92 -35.97 1.31
C CYS B 662 1.62 -35.31 2.46
N VAL B 663 2.92 -35.58 2.55
CA VAL B 663 3.74 -34.84 3.49
C VAL B 663 3.85 -33.43 2.92
N GLY B 664 3.57 -32.45 3.76
CA GLY B 664 3.51 -31.08 3.32
C GLY B 664 2.11 -30.61 3.03
N HIS B 665 1.10 -31.49 3.04
CA HIS B 665 -0.28 -31.06 2.73
C HIS B 665 -0.70 -30.03 3.76
N ILE B 666 -1.23 -28.89 3.32
CA ILE B 666 -1.49 -27.76 4.20
C ILE B 666 -2.71 -27.94 5.06
N ILE B 667 -2.50 -27.79 6.36
CA ILE B 667 -3.59 -28.15 7.25
C ILE B 667 -4.25 -26.94 7.77
N GLY B 668 -3.43 -25.94 8.05
CA GLY B 668 -3.84 -24.75 8.72
C GLY B 668 -2.72 -23.73 8.59
N ALA B 669 -2.81 -22.67 9.39
CA ALA B 669 -1.80 -21.64 9.39
C ALA B 669 -1.88 -20.93 10.73
N VAL B 670 -0.72 -20.52 11.22
CA VAL B 670 -0.63 -19.63 12.35
C VAL B 670 -0.35 -18.17 11.84
N VAL B 671 -1.06 -17.22 12.44
CA VAL B 671 -0.82 -15.83 12.22
C VAL B 671 -0.25 -15.28 13.52
N ALA B 672 0.83 -14.50 13.43
CA ALA B 672 1.31 -13.88 14.65
C ALA B 672 2.00 -12.55 14.31
N ASP B 673 2.54 -11.85 15.34
CA ASP B 673 3.01 -10.48 15.15
C ASP B 673 4.38 -10.37 14.44
N THR B 674 5.20 -11.41 14.46
CA THR B 674 6.50 -11.40 13.76
C THR B 674 6.63 -12.78 13.13
N PRO B 675 7.51 -12.97 12.11
CA PRO B 675 7.60 -14.28 11.51
C PRO B 675 8.24 -15.34 12.42
N GLU B 676 9.11 -14.93 13.32
CA GLU B 676 9.68 -15.86 14.26
C GLU B 676 8.60 -16.43 15.16
N HIS B 677 7.71 -15.59 15.67
CA HIS B 677 6.58 -16.08 16.49
C HIS B 677 5.63 -16.96 15.70
N ALA B 678 5.36 -16.60 14.48
CA ALA B 678 4.45 -17.49 13.67
C ALA B 678 5.12 -18.86 13.47
N GLU B 679 6.42 -18.84 13.19
CA GLU B 679 7.23 -20.06 13.03
C GLU B 679 7.20 -20.97 14.26
N ARG B 680 7.57 -20.43 15.41
CA ARG B 680 7.62 -21.17 16.66
C ARG B 680 6.24 -21.69 17.07
N ALA B 681 5.21 -20.85 16.96
CA ALA B 681 3.87 -21.34 17.26
C ALA B 681 3.48 -22.45 16.29
N ALA B 682 3.74 -22.28 14.99
CA ALA B 682 3.34 -23.30 14.01
C ALA B 682 3.93 -24.62 14.35
N HIS B 683 5.21 -24.60 14.76
CA HIS B 683 5.97 -25.78 15.11
C HIS B 683 5.37 -26.60 16.24
N VAL B 684 4.78 -25.96 17.25
CA VAL B 684 4.22 -26.69 18.39
C VAL B 684 2.71 -26.92 18.25
N VAL B 685 2.13 -26.65 17.08
CA VAL B 685 0.80 -27.13 16.83
C VAL B 685 0.86 -28.65 16.72
N LYS B 686 -0.01 -29.34 17.47
CA LYS B 686 0.03 -30.81 17.57
C LYS B 686 -1.15 -31.50 16.85
N VAL B 687 -0.81 -32.31 15.86
CA VAL B 687 -1.78 -32.96 15.03
C VAL B 687 -1.76 -34.48 15.36
N THR B 688 -2.91 -35.03 15.68
CA THR B 688 -3.01 -36.46 15.89
C THR B 688 -3.51 -37.07 14.62
N TYR B 689 -2.80 -38.08 14.17
CA TYR B 689 -3.09 -38.78 12.93
C TYR B 689 -3.45 -40.27 13.15
N GLU B 690 -4.14 -40.84 12.17
CA GLU B 690 -4.27 -42.28 12.03
C GLU B 690 -3.92 -42.59 10.58
N ASP B 691 -2.78 -43.25 10.35
CA ASP B 691 -2.27 -43.61 9.00
C ASP B 691 -3.25 -44.38 8.15
N LEU B 692 -3.27 -44.08 6.85
CA LEU B 692 -4.07 -44.80 5.87
C LEU B 692 -3.05 -45.36 4.91
N PRO B 693 -3.41 -46.42 4.14
CA PRO B 693 -2.39 -46.95 3.22
C PRO B 693 -2.03 -45.89 2.15
N ALA B 694 -0.72 -45.78 1.90
CA ALA B 694 -0.16 -44.76 1.02
C ALA B 694 0.39 -45.37 -0.27
N ILE B 695 0.24 -44.63 -1.37
CA ILE B 695 0.79 -45.00 -2.65
C ILE B 695 1.74 -43.86 -3.00
N ILE B 696 3.05 -44.13 -2.94
CA ILE B 696 4.10 -43.14 -3.06
C ILE B 696 4.73 -43.14 -4.49
N THR B 697 5.10 -44.32 -4.96
CA THR B 697 5.86 -44.43 -6.21
C THR B 697 4.99 -44.68 -7.44
N ILE B 698 5.59 -44.51 -8.61
CA ILE B 698 5.01 -44.87 -9.89
C ILE B 698 4.63 -46.37 -9.92
N GLU B 699 5.56 -47.21 -9.46
CA GLU B 699 5.29 -48.67 -9.33
C GLU B 699 4.10 -48.96 -8.43
N ASP B 700 4.07 -48.33 -7.24
CA ASP B 700 3.01 -48.48 -6.27
C ASP B 700 1.72 -48.14 -7.00
N ALA B 701 1.75 -47.09 -7.82
CA ALA B 701 0.53 -46.54 -8.41
C ALA B 701 0.00 -47.43 -9.55
N ILE B 702 0.90 -47.94 -10.36
CA ILE B 702 0.54 -48.88 -11.37
C ILE B 702 -0.09 -50.15 -10.72
N LYS B 703 0.51 -50.59 -9.62
CA LYS B 703 0.18 -51.85 -8.96
C LYS B 703 -1.26 -51.69 -8.42
N ASN B 704 -1.55 -50.52 -7.89
CA ASN B 704 -2.87 -50.26 -7.36
C ASN B 704 -3.83 -49.56 -8.28
N ASN B 705 -3.55 -49.48 -9.58
CA ASN B 705 -4.46 -48.77 -10.46
C ASN B 705 -4.84 -47.39 -9.85
N SER B 706 -3.82 -46.66 -9.40
CA SER B 706 -4.02 -45.32 -8.84
C SER B 706 -3.60 -44.24 -9.84
N PHE B 707 -4.54 -43.87 -10.73
CA PHE B 707 -4.29 -42.89 -11.80
C PHE B 707 -5.27 -41.74 -11.83
N TYR B 708 -4.89 -40.63 -12.47
CA TYR B 708 -5.82 -39.56 -12.76
C TYR B 708 -6.33 -39.71 -14.16
N GLY B 709 -7.62 -39.94 -14.31
CA GLY B 709 -8.22 -40.01 -15.65
C GLY B 709 -7.77 -41.29 -16.31
N SER B 710 -7.85 -41.32 -17.62
CA SER B 710 -7.55 -42.53 -18.36
C SER B 710 -6.36 -42.27 -19.27
N GLU B 711 -5.92 -43.32 -19.95
CA GLU B 711 -4.71 -43.29 -20.74
C GLU B 711 -4.74 -42.26 -21.88
N LEU B 712 -3.63 -41.55 -22.11
CA LEU B 712 -3.54 -40.71 -23.31
C LEU B 712 -2.81 -41.42 -24.39
N LYS B 713 -3.02 -41.05 -25.64
CA LYS B 713 -2.45 -41.85 -26.68
C LYS B 713 -2.34 -41.12 -27.97
N ILE B 714 -1.18 -41.24 -28.62
CA ILE B 714 -1.05 -40.81 -30.03
C ILE B 714 -0.52 -41.99 -30.79
N GLU B 715 -1.17 -42.37 -31.88
CA GLU B 715 -0.71 -43.55 -32.62
C GLU B 715 -0.85 -43.22 -34.07
N LYS B 716 0.19 -43.49 -34.84
CA LYS B 716 0.20 -43.26 -36.30
C LYS B 716 0.82 -44.49 -36.94
N GLY B 717 0.35 -44.79 -38.15
CA GLY B 717 0.88 -45.90 -38.95
C GLY B 717 0.53 -47.27 -38.41
N ASP B 718 1.42 -48.23 -38.65
CA ASP B 718 1.08 -49.66 -38.47
C ASP B 718 2.19 -50.32 -37.67
N LEU B 719 1.98 -50.48 -36.37
CA LEU B 719 3.06 -50.93 -35.48
C LEU B 719 3.49 -52.38 -35.73
N LYS B 720 2.48 -53.24 -35.92
CA LYS B 720 2.68 -54.66 -35.98
C LYS B 720 3.55 -54.89 -37.21
N LYS B 721 3.25 -54.17 -38.26
CA LYS B 721 3.95 -54.30 -39.50
C LYS B 721 5.34 -53.67 -39.39
N GLY B 722 5.41 -52.51 -38.77
CA GLY B 722 6.75 -51.92 -38.60
C GLY B 722 7.67 -52.83 -37.78
N PHE B 723 7.20 -53.41 -36.69
CA PHE B 723 8.03 -54.38 -35.94
C PHE B 723 8.37 -55.65 -36.78
N SER B 724 7.48 -56.10 -37.68
CA SER B 724 7.72 -57.25 -38.59
C SER B 724 8.85 -56.96 -39.53
N GLU B 725 8.88 -55.73 -40.03
CA GLU B 725 9.83 -55.28 -41.02
C GLU B 725 11.20 -55.05 -40.46
N ALA B 726 11.30 -54.83 -39.15
CA ALA B 726 12.58 -54.40 -38.54
C ALA B 726 13.69 -55.45 -38.58
N ASP B 727 14.92 -55.03 -38.88
CA ASP B 727 16.04 -55.97 -38.65
C ASP B 727 16.15 -56.36 -37.17
N ASN B 728 15.93 -55.37 -36.30
CA ASN B 728 16.34 -55.38 -34.90
C ASN B 728 15.27 -54.78 -33.97
N VAL B 729 15.12 -55.32 -32.76
CA VAL B 729 14.14 -54.83 -31.82
C VAL B 729 14.86 -54.69 -30.46
N VAL B 730 14.75 -53.49 -29.86
CA VAL B 730 15.32 -53.25 -28.53
C VAL B 730 14.17 -52.80 -27.64
N SER B 731 14.04 -53.41 -26.47
CA SER B 731 13.10 -52.87 -25.55
C SER B 731 13.80 -52.63 -24.23
N GLY B 732 13.26 -51.73 -23.42
CA GLY B 732 13.87 -51.41 -22.12
C GLY B 732 12.98 -50.55 -21.23
N GLU B 733 13.56 -50.08 -20.13
CA GLU B 733 12.87 -49.23 -19.19
C GLU B 733 13.86 -48.11 -18.84
N LEU B 734 13.31 -46.93 -18.60
CA LEU B 734 14.12 -45.72 -18.30
C LEU B 734 13.37 -44.86 -17.30
N TYR B 735 14.12 -44.23 -16.39
CA TYR B 735 13.53 -43.39 -15.37
C TYR B 735 14.25 -42.07 -15.41
N ILE B 736 13.45 -41.03 -15.27
CA ILE B 736 13.97 -39.69 -15.10
C ILE B 736 13.39 -39.03 -13.83
N GLY B 737 14.31 -38.59 -12.97
CA GLY B 737 13.97 -38.02 -11.69
C GLY B 737 13.35 -36.65 -11.85
N GLY B 738 12.76 -36.20 -10.75
CA GLY B 738 12.04 -34.93 -10.67
C GLY B 738 13.01 -33.78 -10.62
N GLN B 739 12.50 -32.60 -10.29
CA GLN B 739 13.34 -31.39 -10.28
C GLN B 739 12.67 -30.31 -9.44
N ASP B 740 13.41 -29.67 -8.54
CA ASP B 740 12.85 -28.57 -7.78
C ASP B 740 13.15 -27.25 -8.49
N HIS B 741 12.21 -26.33 -8.54
CA HIS B 741 12.48 -25.14 -9.34
C HIS B 741 13.66 -24.29 -8.85
N PHE B 742 13.81 -24.19 -7.53
CA PHE B 742 14.88 -23.37 -6.95
C PHE B 742 14.97 -21.99 -7.67
N TYR B 743 13.82 -21.32 -7.88
CA TYR B 743 13.78 -19.89 -8.12
C TYR B 743 14.48 -19.24 -6.90
N LEU B 744 15.31 -18.24 -7.10
CA LEU B 744 16.05 -17.74 -5.94
C LEU B 744 15.11 -17.06 -4.88
N GLU B 745 14.08 -16.37 -5.36
CA GLU B 745 12.96 -15.92 -4.53
C GLU B 745 11.86 -17.00 -4.51
N THR B 746 11.66 -17.56 -3.31
CA THR B 746 10.57 -18.49 -3.00
C THR B 746 9.12 -17.85 -3.10
N HIS B 747 8.09 -18.68 -2.90
CA HIS B 747 6.70 -18.22 -2.99
C HIS B 747 6.45 -17.12 -1.97
N CYS B 748 5.67 -16.09 -2.33
CA CYS B 748 5.46 -15.03 -1.39
C CYS B 748 4.15 -14.30 -1.76
N THR B 749 3.30 -13.97 -0.78
CA THR B 749 2.13 -13.14 -1.05
C THR B 749 1.93 -12.16 0.13
N ILE B 750 1.55 -10.93 -0.18
CA ILE B 750 1.01 -9.98 0.80
C ILE B 750 -0.46 -9.74 0.42
N ALA B 751 -1.36 -9.85 1.38
CA ALA B 751 -2.74 -9.64 1.18
C ALA B 751 -3.20 -8.43 1.98
N ILE B 752 -3.77 -7.42 1.30
CA ILE B 752 -4.26 -6.27 2.06
C ILE B 752 -5.80 -6.20 2.04
N PRO B 753 -6.46 -6.42 3.20
CA PRO B 753 -7.93 -6.36 3.21
C PRO B 753 -8.35 -4.88 3.27
N LYS B 754 -9.25 -4.45 2.37
CA LYS B 754 -9.65 -3.03 2.38
C LYS B 754 -10.73 -2.70 3.38
N GLY B 755 -11.47 -3.69 3.85
CA GLY B 755 -12.52 -3.45 4.81
C GLY B 755 -13.86 -3.08 4.17
N GLU B 756 -13.91 -3.03 2.85
CA GLU B 756 -15.07 -2.48 2.12
C GLU B 756 -15.49 -3.46 1.08
N GLU B 757 -16.76 -3.93 1.15
CA GLU B 757 -17.34 -4.74 0.13
C GLU B 757 -16.56 -6.02 -0.21
N GLY B 758 -15.85 -6.58 0.78
CA GLY B 758 -14.92 -7.73 0.54
C GLY B 758 -13.65 -7.47 -0.31
N GLU B 759 -13.39 -6.21 -0.68
CA GLU B 759 -12.16 -5.91 -1.50
C GLU B 759 -10.89 -6.34 -0.84
N MET B 760 -9.97 -6.81 -1.67
CA MET B 760 -8.69 -7.19 -1.18
C MET B 760 -7.67 -6.96 -2.27
N GLU B 761 -6.48 -6.45 -1.89
CA GLU B 761 -5.51 -6.14 -2.86
C GLU B 761 -4.28 -6.94 -2.49
N LEU B 762 -3.77 -7.74 -3.43
CA LEU B 762 -2.68 -8.63 -3.08
C LEU B 762 -1.48 -8.34 -3.98
N PHE B 763 -0.31 -8.49 -3.37
CA PHE B 763 0.98 -8.44 -4.05
C PHE B 763 1.58 -9.84 -3.98
N VAL B 764 1.92 -10.41 -5.12
CA VAL B 764 2.14 -11.84 -5.21
C VAL B 764 3.30 -12.12 -6.15
N SER B 765 4.21 -12.99 -5.70
CA SER B 765 5.19 -13.55 -6.65
C SER B 765 4.48 -14.69 -7.47
N THR B 766 3.84 -14.37 -8.61
CA THR B 766 3.09 -15.40 -9.41
C THR B 766 3.17 -15.12 -10.88
N GLN B 767 3.22 -16.16 -11.70
CA GLN B 767 3.14 -16.00 -13.14
C GLN B 767 1.69 -15.97 -13.58
N ASN B 768 0.77 -15.98 -12.65
CA ASN B 768 -0.65 -16.19 -12.99
C ASN B 768 -1.58 -15.37 -12.10
N ALA B 769 -1.67 -14.11 -12.44
CA ALA B 769 -2.53 -13.26 -11.65
C ALA B 769 -4.05 -13.58 -11.77
N MET B 770 -4.46 -14.06 -12.93
CA MET B 770 -5.90 -14.33 -13.11
C MET B 770 -6.33 -15.48 -12.16
N LYS B 771 -5.60 -16.59 -12.16
CA LYS B 771 -5.97 -17.68 -11.30
C LYS B 771 -5.85 -17.30 -9.85
N THR B 772 -4.84 -16.51 -9.49
CA THR B 772 -4.70 -16.07 -8.13
C THR B 772 -5.96 -15.30 -7.70
N GLN B 773 -6.38 -14.36 -8.54
CA GLN B 773 -7.55 -13.50 -8.26
C GLN B 773 -8.80 -14.37 -8.05
N SER B 774 -9.05 -15.23 -9.03
CA SER B 774 -10.23 -16.08 -9.03
C SER B 774 -10.27 -17.14 -7.86
N PHE B 775 -9.13 -17.74 -7.55
CA PHE B 775 -9.05 -18.70 -6.44
C PHE B 775 -9.21 -18.02 -5.08
N VAL B 776 -8.72 -16.79 -4.97
CA VAL B 776 -8.86 -16.03 -3.73
C VAL B 776 -10.30 -15.59 -3.62
N ALA B 777 -10.88 -15.09 -4.70
CA ALA B 777 -12.36 -14.83 -4.72
C ALA B 777 -13.22 -16.03 -4.35
N LYS B 778 -12.89 -17.18 -4.92
CA LYS B 778 -13.68 -18.43 -4.68
C LYS B 778 -13.59 -18.77 -3.23
N MET B 779 -12.40 -18.63 -2.66
CA MET B 779 -12.20 -19.01 -1.26
C MET B 779 -12.99 -18.10 -0.33
N LEU B 780 -13.07 -16.83 -0.68
CA LEU B 780 -13.69 -15.82 0.15
C LEU B 780 -15.23 -15.77 -0.11
N GLY B 781 -15.69 -16.40 -1.19
CA GLY B 781 -17.08 -16.23 -1.58
C GLY B 781 -17.47 -14.84 -2.07
N VAL B 782 -16.62 -14.15 -2.83
CA VAL B 782 -16.96 -12.80 -3.27
C VAL B 782 -16.75 -12.80 -4.78
N PRO B 783 -17.35 -11.81 -5.48
CA PRO B 783 -17.12 -11.67 -6.92
C PRO B 783 -15.66 -11.40 -7.19
N VAL B 784 -15.24 -11.77 -8.40
CA VAL B 784 -13.87 -11.63 -8.83
C VAL B 784 -13.51 -10.16 -8.95
N ASN B 785 -14.46 -9.34 -9.33
CA ASN B 785 -14.24 -7.88 -9.43
C ASN B 785 -13.81 -7.16 -8.09
N ARG B 786 -13.79 -7.88 -6.97
CA ARG B 786 -13.47 -7.32 -5.66
C ARG B 786 -11.98 -7.49 -5.33
N ILE B 787 -11.31 -8.33 -6.11
CA ILE B 787 -9.98 -8.81 -5.75
C ILE B 787 -9.01 -8.28 -6.75
N LEU B 788 -7.99 -7.54 -6.28
CA LEU B 788 -7.00 -6.96 -7.21
C LEU B 788 -5.63 -7.71 -7.00
N VAL B 789 -5.05 -8.28 -8.06
CA VAL B 789 -3.72 -8.93 -7.90
C VAL B 789 -2.70 -8.13 -8.69
N ARG B 790 -1.56 -7.83 -8.05
CA ARG B 790 -0.53 -7.03 -8.66
C ARG B 790 0.81 -7.76 -8.56
N VAL B 791 1.48 -7.89 -9.70
CA VAL B 791 2.74 -8.63 -9.82
C VAL B 791 3.77 -7.66 -10.38
N LYS B 792 4.72 -7.23 -9.55
CA LYS B 792 5.67 -6.31 -10.10
C LYS B 792 6.71 -7.18 -10.82
N ARG B 793 7.27 -8.17 -10.09
CA ARG B 793 8.24 -9.09 -10.66
C ARG B 793 8.43 -10.28 -9.74
N MET B 794 9.01 -11.32 -10.31
CA MET B 794 9.34 -12.49 -9.54
C MET B 794 10.83 -12.68 -9.58
N GLY B 795 11.37 -13.19 -8.51
CA GLY B 795 12.74 -13.65 -8.51
C GLY B 795 12.83 -15.08 -9.01
N GLY B 796 12.46 -15.29 -10.29
CA GLY B 796 12.38 -16.62 -10.90
C GLY B 796 10.96 -17.15 -10.82
N GLY B 797 10.57 -17.98 -11.77
CA GLY B 797 9.24 -18.62 -11.72
C GLY B 797 9.43 -20.03 -12.25
N PHE B 798 9.91 -20.16 -13.50
CA PHE B 798 10.26 -21.44 -14.11
C PHE B 798 9.11 -22.42 -14.19
N GLY B 799 7.87 -21.94 -14.26
CA GLY B 799 6.65 -22.83 -14.27
C GLY B 799 6.14 -23.18 -12.85
N GLY B 800 7.00 -23.06 -11.83
CA GLY B 800 6.53 -23.31 -10.42
C GLY B 800 5.69 -22.19 -9.83
N LYS B 801 5.59 -21.05 -10.52
CA LYS B 801 4.64 -20.04 -10.04
C LYS B 801 3.52 -19.92 -11.00
N GLU B 802 3.35 -20.94 -11.87
CA GLU B 802 2.23 -20.91 -12.82
C GLU B 802 0.88 -21.18 -12.14
N THR B 803 0.84 -22.12 -11.20
CA THR B 803 -0.37 -22.32 -10.40
C THR B 803 -0.11 -22.49 -8.87
N ARG B 804 1.02 -23.10 -8.51
CA ARG B 804 1.23 -23.53 -7.11
C ARG B 804 1.44 -22.35 -6.20
N SER B 805 1.59 -21.17 -6.81
CA SER B 805 1.67 -19.96 -6.00
C SER B 805 0.40 -19.69 -5.18
N THR B 806 -0.74 -20.21 -5.69
CA THR B 806 -1.98 -20.01 -4.98
C THR B 806 -2.05 -20.73 -3.61
N LEU B 807 -1.23 -21.76 -3.36
CA LEU B 807 -1.33 -22.46 -2.06
C LEU B 807 -0.99 -21.46 -0.95
N VAL B 808 -0.08 -20.53 -1.25
CA VAL B 808 0.26 -19.49 -0.29
C VAL B 808 -0.72 -18.32 -0.32
N SER B 809 -1.09 -17.88 -1.52
CA SER B 809 -1.93 -16.66 -1.65
C SER B 809 -3.27 -16.84 -0.96
N VAL B 810 -3.87 -17.98 -1.16
CA VAL B 810 -5.21 -18.20 -0.62
C VAL B 810 -5.18 -18.28 0.93
N ALA B 811 -4.14 -18.93 1.44
CA ALA B 811 -3.93 -19.03 2.88
C ALA B 811 -3.76 -17.59 3.46
N VAL B 812 -2.90 -16.81 2.82
CA VAL B 812 -2.65 -15.45 3.28
C VAL B 812 -3.91 -14.54 3.11
N ALA B 813 -4.62 -14.64 1.98
CA ALA B 813 -5.91 -13.91 1.85
C ALA B 813 -6.89 -14.26 2.97
N LEU B 814 -6.90 -15.52 3.37
CA LEU B 814 -7.81 -15.93 4.45
C LEU B 814 -7.46 -15.25 5.76
N ALA B 815 -6.15 -15.24 6.10
CA ALA B 815 -5.62 -14.54 7.25
C ALA B 815 -6.06 -13.08 7.25
N ALA B 816 -5.94 -12.46 6.08
CA ALA B 816 -6.24 -11.02 5.92
C ALA B 816 -7.75 -10.84 6.15
N TYR B 817 -8.57 -11.66 5.48
CA TYR B 817 -10.01 -11.58 5.68
C TYR B 817 -10.40 -11.71 7.15
N LYS B 818 -9.83 -12.72 7.82
CA LYS B 818 -10.29 -13.09 9.17
C LYS B 818 -9.76 -12.11 10.25
N THR B 819 -8.52 -11.58 10.10
CA THR B 819 -8.00 -10.59 11.06
C THR B 819 -8.41 -9.15 10.71
N GLY B 820 -8.64 -8.83 9.43
CA GLY B 820 -8.82 -7.38 9.07
C GLY B 820 -7.49 -6.62 8.97
N HIS B 821 -6.38 -7.33 9.14
CA HIS B 821 -5.02 -6.76 8.96
C HIS B 821 -4.38 -7.22 7.66
N PRO B 822 -3.49 -6.42 7.11
CA PRO B 822 -2.55 -6.91 6.09
C PRO B 822 -1.82 -8.14 6.68
N VAL B 823 -1.51 -9.14 5.86
CA VAL B 823 -0.77 -10.30 6.33
C VAL B 823 0.14 -10.67 5.19
N ARG B 824 1.27 -11.29 5.48
CA ARG B 824 2.17 -11.80 4.42
C ARG B 824 2.77 -13.11 4.81
N CYS B 825 3.39 -13.76 3.83
CA CYS B 825 4.14 -14.95 4.09
C CYS B 825 5.06 -15.10 2.92
N MET B 826 6.35 -15.25 3.22
CA MET B 826 7.35 -15.74 2.28
C MET B 826 7.78 -17.13 2.80
N LEU B 827 7.83 -18.15 1.95
CA LEU B 827 8.28 -19.49 2.35
C LEU B 827 9.78 -19.52 2.52
N ASP B 828 10.24 -20.28 3.54
CA ASP B 828 11.65 -20.65 3.63
C ASP B 828 11.84 -21.68 2.53
N ARG B 829 13.07 -21.80 2.04
CA ARG B 829 13.42 -22.81 1.05
C ARG B 829 12.86 -24.20 1.44
N ASN B 830 13.00 -24.60 2.69
CA ASN B 830 12.57 -25.96 3.01
C ASN B 830 11.07 -26.19 2.94
N GLU B 831 10.28 -25.20 3.34
CA GLU B 831 8.84 -25.26 3.08
C GLU B 831 8.57 -25.28 1.58
N ASP B 832 9.28 -24.44 0.82
CA ASP B 832 9.02 -24.31 -0.64
C ASP B 832 9.24 -25.65 -1.33
N MET B 833 10.39 -26.26 -1.07
CA MET B 833 10.70 -27.53 -1.69
C MET B 833 9.77 -28.70 -1.37
N LEU B 834 9.26 -28.73 -0.13
CA LEU B 834 8.40 -29.79 0.35
C LEU B 834 6.98 -29.61 -0.24
N ILE B 835 6.49 -28.36 -0.20
CA ILE B 835 5.08 -28.12 -0.43
C ILE B 835 4.69 -27.86 -1.85
N THR B 836 5.52 -27.19 -2.62
CA THR B 836 4.93 -26.54 -3.77
C THR B 836 5.04 -27.27 -5.08
N GLY B 837 5.56 -28.51 -5.07
CA GLY B 837 5.72 -29.34 -6.27
C GLY B 837 6.93 -29.02 -7.13
N GLY B 838 7.29 -29.94 -8.03
CA GLY B 838 8.43 -29.75 -8.88
C GLY B 838 8.10 -30.27 -10.26
N ARG B 839 9.13 -30.60 -11.02
CA ARG B 839 8.95 -31.37 -12.29
C ARG B 839 8.42 -32.81 -12.03
N HIS B 840 7.58 -33.33 -12.93
CA HIS B 840 7.16 -34.74 -12.87
C HIS B 840 8.30 -35.74 -13.17
N PRO B 841 8.64 -36.63 -12.22
CA PRO B 841 9.37 -37.84 -12.59
C PRO B 841 8.62 -38.62 -13.64
N PHE B 842 9.35 -39.25 -14.56
CA PHE B 842 8.75 -40.15 -15.58
C PHE B 842 9.39 -41.49 -15.49
N LEU B 843 8.58 -42.53 -15.70
CA LEU B 843 9.09 -43.88 -15.95
C LEU B 843 8.64 -44.17 -17.36
N ALA B 844 9.49 -44.77 -18.18
CA ALA B 844 9.04 -45.20 -19.52
C ALA B 844 9.43 -46.64 -19.85
N ARG B 845 8.55 -47.35 -20.53
CA ARG B 845 8.78 -48.71 -20.99
C ARG B 845 8.64 -48.62 -22.52
N TYR B 846 9.68 -49.01 -23.22
CA TYR B 846 9.76 -48.72 -24.67
C TYR B 846 10.20 -49.92 -25.44
N LYS B 847 9.92 -49.86 -26.73
CA LYS B 847 10.32 -50.89 -27.67
C LYS B 847 10.53 -50.18 -28.97
N VAL B 848 11.70 -50.31 -29.56
CA VAL B 848 11.98 -49.65 -30.82
C VAL B 848 12.43 -50.66 -31.88
N GLY B 849 11.96 -50.50 -33.14
CA GLY B 849 12.32 -51.38 -34.25
C GLY B 849 13.09 -50.57 -35.27
N PHE B 850 14.19 -51.13 -35.75
CA PHE B 850 15.07 -50.41 -36.62
C PHE B 850 15.81 -51.34 -37.66
N MET B 851 16.22 -50.77 -38.78
CA MET B 851 17.03 -51.53 -39.76
C MET B 851 18.48 -51.46 -39.30
N LYS B 852 19.35 -52.25 -39.93
CA LYS B 852 20.75 -52.29 -39.47
C LYS B 852 21.55 -51.11 -39.97
N THR B 853 20.91 -50.32 -40.82
CA THR B 853 21.44 -49.03 -41.22
C THR B 853 21.16 -47.95 -40.11
N GLY B 854 20.41 -48.31 -39.07
CA GLY B 854 20.01 -47.33 -38.04
C GLY B 854 18.68 -46.62 -38.28
N THR B 855 18.02 -46.94 -39.37
CA THR B 855 16.74 -46.30 -39.72
C THR B 855 15.65 -46.86 -38.83
N ILE B 856 14.91 -46.00 -38.15
CA ILE B 856 13.87 -46.41 -37.22
C ILE B 856 12.57 -46.72 -37.96
N VAL B 857 11.96 -47.83 -37.58
CA VAL B 857 10.87 -48.29 -38.35
C VAL B 857 9.57 -48.40 -37.49
N ALA B 858 9.73 -48.55 -36.16
CA ALA B 858 8.61 -48.80 -35.27
C ALA B 858 8.98 -48.32 -33.86
N LEU B 859 8.02 -47.77 -33.12
CA LEU B 859 8.30 -47.35 -31.73
C LEU B 859 7.06 -47.30 -30.91
N GLU B 860 7.14 -47.98 -29.79
CA GLU B 860 6.10 -47.93 -28.81
C GLU B 860 6.75 -47.42 -27.49
N VAL B 861 6.13 -46.40 -26.87
CA VAL B 861 6.59 -45.88 -25.55
C VAL B 861 5.40 -45.67 -24.67
N ASP B 862 5.40 -46.31 -23.51
CA ASP B 862 4.41 -46.06 -22.52
C ASP B 862 5.02 -45.20 -21.40
N HIS B 863 4.50 -44.00 -21.25
CA HIS B 863 4.96 -43.04 -20.21
C HIS B 863 4.10 -43.09 -18.94
N TYR B 864 4.73 -42.96 -17.79
CA TYR B 864 4.02 -42.90 -16.51
C TYR B 864 4.64 -41.72 -15.74
N SER B 865 3.82 -40.79 -15.23
CA SER B 865 4.41 -39.68 -14.45
C SER B 865 3.89 -39.74 -13.07
N ASN B 866 4.69 -39.27 -12.13
CA ASN B 866 4.26 -39.20 -10.75
C ASN B 866 3.63 -37.82 -10.60
N ALA B 867 2.30 -37.75 -10.61
CA ALA B 867 1.58 -36.46 -10.50
C ALA B 867 1.38 -35.92 -9.07
N GLY B 868 1.49 -36.75 -8.04
CA GLY B 868 1.29 -36.31 -6.65
C GLY B 868 -0.20 -36.26 -6.33
N ASN B 869 -0.62 -35.41 -5.36
CA ASN B 869 -1.92 -35.50 -4.74
C ASN B 869 -3.03 -34.62 -5.34
N SER B 870 -2.80 -34.02 -6.51
CA SER B 870 -3.88 -33.41 -7.22
C SER B 870 -3.46 -33.43 -8.67
N ARG B 871 -4.44 -33.16 -9.53
CA ARG B 871 -4.16 -33.14 -10.96
C ARG B 871 -3.26 -31.96 -11.32
N ASP B 872 -3.59 -30.77 -10.85
CA ASP B 872 -2.92 -29.54 -11.33
C ASP B 872 -2.71 -29.59 -12.87
N LEU B 873 -1.48 -29.39 -13.35
CA LEU B 873 -1.24 -29.37 -14.74
C LEU B 873 -0.79 -30.70 -15.31
N SER B 874 -0.95 -31.77 -14.55
CA SER B 874 -0.29 -33.00 -14.99
C SER B 874 -0.77 -33.53 -16.34
N HIS B 875 -2.04 -33.30 -16.69
CA HIS B 875 -2.54 -33.81 -17.95
C HIS B 875 -1.95 -33.08 -19.15
N SER B 876 -1.89 -31.74 -19.08
CA SER B 876 -1.28 -31.00 -20.21
C SER B 876 0.20 -31.33 -20.32
N ILE B 877 0.84 -31.59 -19.19
CA ILE B 877 2.26 -31.93 -19.18
C ILE B 877 2.47 -33.29 -19.94
N MET B 878 1.62 -34.28 -19.63
CA MET B 878 1.65 -35.54 -20.34
C MET B 878 1.36 -35.38 -21.84
N GLU B 879 0.44 -34.48 -22.20
CA GLU B 879 0.19 -34.20 -23.61
C GLU B 879 1.41 -33.67 -24.29
N ARG B 880 2.01 -32.63 -23.71
CA ARG B 880 3.23 -32.11 -24.26
C ARG B 880 4.31 -33.21 -24.31
N ALA B 881 4.41 -34.07 -23.29
CA ALA B 881 5.39 -35.14 -23.43
C ALA B 881 5.11 -35.95 -24.74
N LEU B 882 3.86 -36.37 -24.92
CA LEU B 882 3.49 -37.18 -26.08
C LEU B 882 3.76 -36.45 -27.40
N PHE B 883 3.48 -35.13 -27.43
CA PHE B 883 3.79 -34.32 -28.60
C PHE B 883 5.31 -34.29 -28.93
N HIS B 884 6.18 -34.69 -28.00
CA HIS B 884 7.63 -34.54 -28.23
C HIS B 884 8.42 -35.85 -28.21
N MET B 885 7.73 -36.99 -28.25
CA MET B 885 8.38 -38.33 -28.18
C MET B 885 9.19 -38.69 -29.42
N ASP B 886 9.08 -37.85 -30.48
CA ASP B 886 9.78 -38.03 -31.78
C ASP B 886 11.10 -37.27 -31.78
N ASN B 887 11.20 -36.33 -30.83
CA ASN B 887 12.21 -35.28 -30.90
C ASN B 887 12.24 -34.73 -32.30
N CYS B 888 13.37 -34.92 -32.99
CA CYS B 888 13.51 -34.45 -34.37
C CYS B 888 13.49 -35.58 -35.41
N TYR B 889 12.78 -36.68 -35.12
CA TYR B 889 13.02 -37.92 -35.90
C TYR B 889 11.74 -38.45 -36.55
N LYS B 890 11.85 -38.77 -37.83
CA LYS B 890 10.71 -39.29 -38.60
C LYS B 890 10.55 -40.77 -38.32
N ILE B 891 9.40 -41.12 -37.78
CA ILE B 891 9.14 -42.47 -37.37
C ILE B 891 7.77 -42.88 -37.90
N PRO B 892 7.73 -43.69 -38.97
CA PRO B 892 6.46 -43.96 -39.66
C PRO B 892 5.45 -44.76 -38.87
N ASN B 893 5.88 -45.65 -37.99
CA ASN B 893 4.95 -46.41 -37.18
C ASN B 893 5.25 -46.20 -35.71
N ILE B 894 4.26 -45.72 -34.97
CA ILE B 894 4.59 -45.08 -33.70
C ILE B 894 3.39 -45.08 -32.84
N ARG B 895 3.55 -45.53 -31.61
CA ARG B 895 2.49 -45.45 -30.63
C ARG B 895 3.04 -44.92 -29.28
N GLY B 896 2.42 -43.89 -28.70
CA GLY B 896 2.81 -43.38 -27.38
C GLY B 896 1.62 -43.27 -26.47
N THR B 897 1.74 -43.79 -25.26
CA THR B 897 0.70 -43.68 -24.26
C THR B 897 1.29 -42.97 -23.01
N GLY B 898 0.41 -42.46 -22.18
CA GLY B 898 0.79 -41.72 -20.99
C GLY B 898 -0.26 -41.98 -19.97
N ARG B 899 0.18 -42.12 -18.75
CA ARG B 899 -0.71 -42.31 -17.61
C ARG B 899 -0.20 -41.45 -16.48
N LEU B 900 -1.10 -40.84 -15.74
CA LEU B 900 -0.70 -39.95 -14.66
C LEU B 900 -0.83 -40.71 -13.37
N CYS B 901 0.23 -40.86 -12.60
CA CYS B 901 0.07 -41.61 -11.34
C CYS B 901 -0.37 -40.72 -10.20
N LYS B 902 -1.39 -41.19 -9.49
CA LYS B 902 -1.99 -40.46 -8.38
C LYS B 902 -1.34 -41.04 -7.13
N THR B 903 -0.61 -40.19 -6.40
CA THR B 903 0.18 -40.67 -5.30
C THR B 903 0.09 -39.68 -4.16
N ASN B 904 0.55 -40.12 -3.00
CA ASN B 904 0.60 -39.29 -1.79
C ASN B 904 1.94 -38.55 -1.65
N LEU B 905 2.21 -37.69 -2.63
CA LEU B 905 3.29 -36.74 -2.67
C LEU B 905 2.67 -35.40 -3.05
N SER B 906 3.33 -34.32 -2.63
CA SER B 906 3.00 -32.96 -3.13
C SER B 906 2.73 -32.97 -4.60
N SER B 907 1.73 -32.25 -5.03
CA SER B 907 1.27 -32.26 -6.44
C SER B 907 2.36 -31.67 -7.31
N ASN B 908 2.77 -32.37 -8.35
CA ASN B 908 3.78 -31.84 -9.25
C ASN B 908 3.17 -30.97 -10.30
N THR B 909 3.99 -30.12 -10.93
CA THR B 909 3.43 -29.00 -11.67
C THR B 909 4.26 -28.68 -12.88
N ALA B 910 4.07 -27.49 -13.45
CA ALA B 910 4.89 -27.06 -14.54
C ALA B 910 6.31 -26.78 -14.07
N PHE B 911 7.25 -27.15 -14.92
CA PHE B 911 8.65 -26.82 -14.82
C PHE B 911 9.19 -26.70 -16.23
N ARG B 912 9.87 -25.59 -16.48
CA ARG B 912 10.50 -25.25 -17.77
C ARG B 912 10.65 -26.47 -18.71
N GLY B 913 9.89 -26.50 -19.82
CA GLY B 913 9.87 -27.62 -20.78
C GLY B 913 8.53 -28.43 -20.68
N PHE B 914 7.95 -28.50 -19.47
CA PHE B 914 6.56 -28.84 -19.25
C PHE B 914 6.28 -30.22 -19.87
N GLY B 915 7.06 -31.24 -19.48
CA GLY B 915 6.90 -32.63 -20.00
C GLY B 915 7.72 -32.93 -21.23
N GLY B 916 8.01 -31.90 -22.02
CA GLY B 916 8.85 -32.08 -23.22
C GLY B 916 10.20 -32.74 -22.92
N PRO B 917 10.99 -32.16 -21.94
CA PRO B 917 12.33 -32.70 -21.64
C PRO B 917 12.32 -34.18 -21.29
N GLN B 918 11.30 -34.61 -20.54
CA GLN B 918 11.23 -36.02 -20.15
C GLN B 918 11.02 -36.87 -21.43
N ALA B 919 10.03 -36.49 -22.25
CA ALA B 919 9.75 -37.25 -23.48
C ALA B 919 11.00 -37.22 -24.40
N LEU B 920 11.61 -36.04 -24.56
CA LEU B 920 12.79 -35.90 -25.41
C LEU B 920 13.98 -36.71 -24.90
N PHE B 921 14.10 -36.78 -23.60
CA PHE B 921 15.17 -37.56 -23.04
C PHE B 921 14.92 -39.06 -23.33
N ILE B 922 13.66 -39.48 -23.20
CA ILE B 922 13.27 -40.88 -23.50
C ILE B 922 13.60 -41.15 -24.99
N ALA B 923 13.30 -40.20 -25.88
CA ALA B 923 13.58 -40.45 -27.33
C ALA B 923 15.08 -40.60 -27.54
N GLU B 924 15.87 -39.65 -27.02
CA GLU B 924 17.30 -39.70 -27.26
C GLU B 924 17.88 -40.94 -26.61
N ASN B 925 17.25 -41.44 -25.55
CA ASN B 925 17.83 -42.63 -24.97
C ASN B 925 17.77 -43.82 -25.94
N TRP B 926 16.59 -44.11 -26.50
CA TRP B 926 16.51 -45.24 -27.43
C TRP B 926 17.29 -44.99 -28.71
N MET B 927 17.37 -43.73 -29.16
CA MET B 927 18.19 -43.40 -30.34
C MET B 927 19.70 -43.70 -30.04
N SER B 928 20.15 -43.50 -28.82
CA SER B 928 21.54 -43.86 -28.54
C SER B 928 21.72 -45.40 -28.53
N GLU B 929 20.70 -46.15 -28.06
CA GLU B 929 20.79 -47.60 -28.04
C GLU B 929 20.74 -48.16 -29.47
N VAL B 930 20.00 -47.50 -30.36
CA VAL B 930 19.95 -47.88 -31.78
C VAL B 930 21.32 -47.72 -32.46
N ALA B 931 21.97 -46.59 -32.24
CA ALA B 931 23.33 -46.37 -32.76
C ALA B 931 24.32 -47.41 -32.21
N VAL B 932 24.28 -47.67 -30.90
CA VAL B 932 25.19 -48.67 -30.32
C VAL B 932 24.89 -50.03 -30.98
N THR B 933 23.62 -50.41 -31.04
CA THR B 933 23.22 -51.72 -31.50
C THR B 933 23.67 -51.88 -32.96
N CYS B 934 23.62 -50.80 -33.74
CA CYS B 934 23.92 -50.90 -35.16
C CYS B 934 25.41 -50.90 -35.37
N GLY B 935 26.17 -50.50 -34.35
CA GLY B 935 27.61 -50.30 -34.53
C GLY B 935 27.93 -49.14 -35.43
N LEU B 936 27.16 -48.07 -35.32
CA LEU B 936 27.34 -46.93 -36.21
C LEU B 936 27.49 -45.62 -35.39
N PRO B 937 28.27 -44.66 -35.90
CA PRO B 937 28.39 -43.32 -35.31
C PRO B 937 27.03 -42.69 -35.00
N ALA B 938 26.88 -42.18 -33.80
CA ALA B 938 25.59 -41.77 -33.28
C ALA B 938 25.05 -40.61 -34.12
N GLU B 939 25.95 -39.75 -34.57
CA GLU B 939 25.56 -38.59 -35.35
C GLU B 939 25.02 -38.98 -36.73
N GLU B 940 25.50 -40.11 -37.27
CA GLU B 940 25.05 -40.56 -38.60
C GLU B 940 23.63 -41.09 -38.52
N VAL B 941 23.42 -41.91 -37.51
CA VAL B 941 22.15 -42.47 -37.20
C VAL B 941 21.07 -41.37 -36.95
N ARG B 942 21.42 -40.36 -36.15
CA ARG B 942 20.53 -39.21 -35.88
C ARG B 942 20.20 -38.46 -37.17
N TRP B 943 21.23 -38.09 -37.92
CA TRP B 943 21.05 -37.39 -39.16
C TRP B 943 20.11 -38.11 -40.13
N LYS B 944 20.33 -39.41 -40.32
CA LYS B 944 19.52 -40.14 -41.30
C LYS B 944 18.08 -40.30 -40.84
N ASN B 945 17.80 -40.14 -39.54
CA ASN B 945 16.42 -40.34 -39.06
C ASN B 945 15.66 -39.01 -38.93
N MET B 946 16.36 -37.92 -39.21
CA MET B 946 15.89 -36.58 -38.91
C MET B 946 14.77 -36.25 -39.91
N TYR B 947 13.68 -35.64 -39.45
CA TYR B 947 12.69 -35.04 -40.40
C TYR B 947 13.38 -34.23 -41.44
N LYS B 948 12.66 -33.95 -42.51
CA LYS B 948 13.08 -32.86 -43.38
C LYS B 948 11.96 -31.86 -43.74
N GLU B 949 12.34 -30.73 -44.33
CA GLU B 949 11.42 -29.67 -44.63
C GLU B 949 10.14 -30.28 -45.17
N GLY B 950 9.01 -30.00 -44.49
CA GLY B 950 7.70 -30.36 -45.04
C GLY B 950 7.15 -31.70 -44.57
N ASP B 951 7.93 -32.48 -43.81
CA ASP B 951 7.41 -33.71 -43.17
C ASP B 951 6.36 -33.41 -42.10
N LEU B 952 5.55 -34.42 -41.81
CA LEU B 952 4.58 -34.43 -40.76
C LEU B 952 5.16 -35.16 -39.58
N THR B 953 4.84 -34.65 -38.41
CA THR B 953 5.18 -35.30 -37.18
C THR B 953 4.20 -36.44 -37.00
N HIS B 954 4.33 -37.15 -35.88
CA HIS B 954 3.49 -38.28 -35.53
C HIS B 954 2.12 -37.82 -35.13
N PHE B 955 2.00 -36.54 -34.78
CA PHE B 955 0.70 -35.95 -34.61
C PHE B 955 0.26 -35.12 -35.85
N ASN B 956 0.86 -35.37 -37.02
CA ASN B 956 0.36 -34.94 -38.35
C ASN B 956 0.39 -33.43 -38.63
N GLN B 957 1.26 -32.72 -37.87
CA GLN B 957 1.52 -31.35 -38.17
C GLN B 957 2.73 -31.25 -39.05
N ARG B 958 2.58 -30.37 -40.05
CA ARG B 958 3.57 -30.09 -41.04
C ARG B 958 4.68 -29.23 -40.49
N LEU B 959 5.93 -29.66 -40.73
CA LEU B 959 7.12 -28.89 -40.33
C LEU B 959 7.55 -27.91 -41.39
N GLU B 960 7.17 -26.64 -41.19
CA GLU B 960 7.50 -25.57 -42.12
C GLU B 960 8.62 -24.70 -41.49
N GLY B 961 9.63 -24.40 -42.30
CA GLY B 961 10.84 -23.73 -41.86
C GLY B 961 11.56 -24.56 -40.80
N PHE B 962 11.72 -25.86 -41.10
CA PHE B 962 12.36 -26.82 -40.22
C PHE B 962 13.85 -26.54 -40.28
N SER B 963 14.39 -25.86 -39.29
CA SER B 963 15.77 -25.46 -39.43
C SER B 963 16.80 -26.34 -38.73
N VAL B 964 16.40 -27.49 -38.20
CA VAL B 964 17.33 -28.38 -37.52
C VAL B 964 18.55 -28.74 -38.41
N PRO B 965 18.32 -29.05 -39.71
CA PRO B 965 19.49 -29.35 -40.52
C PRO B 965 20.55 -28.26 -40.54
N ARG B 966 20.17 -26.98 -40.79
CA ARG B 966 21.16 -25.86 -40.79
C ARG B 966 21.82 -25.77 -39.36
N CYS B 967 21.01 -25.83 -38.29
CA CYS B 967 21.56 -25.79 -36.95
C CYS B 967 22.55 -26.92 -36.76
N TRP B 968 22.18 -28.10 -37.24
CA TRP B 968 23.02 -29.31 -37.10
C TRP B 968 24.35 -29.18 -37.81
N ASP B 969 24.27 -28.91 -39.14
CA ASP B 969 25.47 -28.65 -39.97
C ASP B 969 26.31 -27.51 -39.42
N GLU B 970 25.69 -26.38 -39.02
CA GLU B 970 26.49 -25.27 -38.49
C GLU B 970 27.19 -25.68 -37.19
N CYS B 971 26.46 -26.33 -36.27
CA CYS B 971 27.06 -26.85 -35.01
C CYS B 971 28.24 -27.83 -35.24
N LEU B 972 28.05 -28.80 -36.13
CA LEU B 972 29.14 -29.77 -36.52
C LEU B 972 30.40 -29.03 -36.82
N LYS B 973 30.25 -28.04 -37.71
CA LYS B 973 31.34 -27.29 -38.24
C LYS B 973 31.97 -26.41 -37.16
N SER B 974 31.18 -25.55 -36.51
CA SER B 974 31.79 -24.64 -35.56
C SER B 974 32.23 -25.34 -34.25
N SER B 975 31.73 -26.54 -33.97
CA SER B 975 32.20 -27.21 -32.78
C SER B 975 33.44 -28.07 -33.08
N GLN B 976 33.80 -28.16 -34.38
CA GLN B 976 34.88 -29.04 -34.84
C GLN B 976 34.60 -30.46 -34.40
N TYR B 977 33.36 -30.88 -34.49
CA TYR B 977 32.94 -32.19 -33.99
C TYR B 977 33.84 -33.35 -34.40
N TYR B 978 34.10 -33.47 -35.71
CA TYR B 978 34.82 -34.66 -36.25
C TYR B 978 36.23 -34.71 -35.79
N ALA B 979 36.92 -33.61 -35.89
CA ALA B 979 38.27 -33.55 -35.38
C ALA B 979 38.29 -33.91 -33.88
N ARG B 980 37.27 -33.50 -33.14
CA ARG B 980 37.33 -33.66 -31.70
C ARG B 980 37.02 -35.07 -31.33
N LYS B 981 36.15 -35.69 -32.12
CA LYS B 981 35.83 -37.08 -31.94
C LYS B 981 37.12 -37.94 -31.95
N SER B 982 38.12 -37.58 -32.76
CA SER B 982 39.42 -38.30 -32.79
C SER B 982 40.22 -38.10 -31.50
N GLU B 983 40.33 -36.84 -31.10
CA GLU B 983 41.03 -36.47 -29.89
C GLU B 983 40.39 -37.22 -28.71
N VAL B 984 39.09 -37.43 -28.75
CA VAL B 984 38.44 -38.02 -27.60
C VAL B 984 38.84 -39.47 -27.53
N ASP B 985 38.77 -40.14 -28.70
CA ASP B 985 39.23 -41.53 -28.86
C ASP B 985 40.69 -41.71 -28.49
N LYS B 986 41.51 -40.77 -28.89
CA LYS B 986 42.91 -40.84 -28.51
C LYS B 986 43.06 -40.67 -26.98
N PHE B 987 42.36 -39.70 -26.40
CA PHE B 987 42.39 -39.53 -24.92
C PHE B 987 42.01 -40.81 -24.19
N ASN B 988 40.99 -41.50 -24.66
CA ASN B 988 40.47 -42.72 -24.06
C ASN B 988 41.43 -43.95 -24.09
N LYS B 989 42.16 -44.09 -25.20
CA LYS B 989 43.24 -45.09 -25.34
C LYS B 989 44.40 -44.76 -24.39
N GLU B 990 44.66 -43.49 -24.16
CA GLU B 990 45.77 -43.11 -23.31
C GLU B 990 45.46 -43.00 -21.83
N ASN B 991 44.20 -43.20 -21.44
CA ASN B 991 43.81 -42.98 -20.05
C ASN B 991 42.94 -44.09 -19.53
N CYS B 992 43.37 -44.66 -18.42
CA CYS B 992 42.70 -45.83 -17.90
C CYS B 992 41.59 -45.47 -16.88
N TRP B 993 41.81 -44.43 -16.08
CA TRP B 993 40.90 -44.12 -14.95
C TRP B 993 40.13 -42.81 -15.16
N LYS B 994 40.34 -42.17 -16.32
CA LYS B 994 39.59 -41.01 -16.79
C LYS B 994 39.10 -41.27 -18.22
N LYS B 995 37.96 -40.72 -18.62
CA LYS B 995 37.45 -40.92 -19.98
C LYS B 995 36.67 -39.71 -20.41
N ARG B 996 36.66 -39.52 -21.74
CA ARG B 996 35.95 -38.42 -22.30
C ARG B 996 34.82 -38.92 -23.16
N GLY B 997 33.82 -38.09 -23.33
CA GLY B 997 32.73 -38.43 -24.22
C GLY B 997 32.32 -37.18 -24.90
N LEU B 998 31.74 -37.37 -26.09
CA LEU B 998 31.38 -36.26 -26.95
C LEU B 998 30.02 -36.63 -27.52
N CYS B 999 29.09 -35.70 -27.47
CA CYS B 999 27.78 -36.00 -28.05
C CYS B 999 27.13 -34.76 -28.66
N ILE B 1000 26.43 -34.92 -29.77
CA ILE B 1000 25.75 -33.79 -30.39
C ILE B 1000 24.28 -34.18 -30.51
N ILE B 1001 23.38 -33.31 -30.00
CA ILE B 1001 21.98 -33.64 -30.11
C ILE B 1001 21.13 -32.47 -30.54
N PRO B 1002 20.05 -32.79 -31.21
CA PRO B 1002 19.16 -31.74 -31.71
C PRO B 1002 17.96 -31.62 -30.80
N THR B 1003 17.16 -30.59 -31.02
CA THR B 1003 15.85 -30.53 -30.41
C THR B 1003 14.88 -29.69 -31.19
N LYS B 1004 13.59 -29.98 -31.03
CA LYS B 1004 12.53 -29.02 -31.38
C LYS B 1004 11.47 -28.99 -30.28
N PHE B 1005 10.85 -27.83 -30.20
CA PHE B 1005 9.92 -27.56 -29.15
C PHE B 1005 8.70 -26.83 -29.75
N GLY B 1006 7.50 -27.34 -29.49
CA GLY B 1006 6.28 -26.75 -30.07
C GLY B 1006 5.91 -25.52 -29.30
N ILE B 1007 5.65 -24.45 -30.04
CA ILE B 1007 5.27 -23.16 -29.48
C ILE B 1007 3.75 -22.88 -29.47
N SER B 1008 3.14 -22.90 -28.28
CA SER B 1008 1.80 -22.39 -27.95
C SER B 1008 1.35 -23.22 -26.76
N PHE B 1009 0.33 -22.78 -26.05
CA PHE B 1009 -0.40 -23.62 -25.12
C PHE B 1009 -1.20 -24.61 -25.97
N THR B 1010 -1.30 -25.85 -25.51
CA THR B 1010 -1.91 -26.91 -26.30
C THR B 1010 -3.42 -26.89 -26.10
N VAL B 1011 -3.88 -26.24 -25.04
CA VAL B 1011 -5.32 -25.88 -24.95
C VAL B 1011 -5.54 -24.57 -25.69
N PRO B 1012 -6.35 -24.59 -26.77
CA PRO B 1012 -6.38 -23.36 -27.57
C PRO B 1012 -6.86 -22.09 -26.81
N PHE B 1013 -7.70 -22.18 -25.80
CA PHE B 1013 -8.26 -20.95 -25.26
C PHE B 1013 -7.25 -20.06 -24.51
N LEU B 1014 -6.08 -20.61 -24.17
CA LEU B 1014 -5.07 -19.87 -23.46
C LEU B 1014 -4.25 -18.95 -24.34
N ASN B 1015 -4.29 -19.19 -25.65
CA ASN B 1015 -3.49 -18.47 -26.59
C ASN B 1015 -4.13 -17.12 -26.95
N GLN B 1016 -4.20 -16.26 -25.94
CA GLN B 1016 -4.88 -14.94 -26.07
C GLN B 1016 -4.08 -13.99 -25.19
N ALA B 1017 -4.01 -12.73 -25.58
CA ALA B 1017 -3.31 -11.74 -24.84
C ALA B 1017 -3.88 -10.35 -25.02
N GLY B 1018 -3.99 -9.62 -23.91
CA GLY B 1018 -4.32 -8.21 -23.90
C GLY B 1018 -3.21 -7.28 -23.47
N ALA B 1019 -3.30 -6.02 -23.95
CA ALA B 1019 -2.46 -4.92 -23.54
C ALA B 1019 -3.38 -3.73 -23.31
N LEU B 1020 -2.86 -2.74 -22.64
CA LEU B 1020 -3.55 -1.48 -22.34
C LEU B 1020 -2.44 -0.43 -22.33
N ILE B 1021 -2.60 0.59 -23.17
CA ILE B 1021 -1.59 1.63 -23.26
C ILE B 1021 -2.20 3.03 -23.09
N HIS B 1022 -1.54 3.86 -22.28
CA HIS B 1022 -1.91 5.27 -22.14
C HIS B 1022 -0.74 6.08 -22.63
N VAL B 1023 -1.02 7.17 -23.32
CA VAL B 1023 -0.03 8.17 -23.53
C VAL B 1023 -0.44 9.36 -22.68
N TYR B 1024 0.46 9.85 -21.88
CA TYR B 1024 0.08 10.99 -21.08
C TYR B 1024 0.40 12.25 -21.89
N THR B 1025 0.03 13.39 -21.36
CA THR B 1025 0.10 14.63 -22.15
C THR B 1025 1.51 15.20 -22.22
N ASP B 1026 2.47 14.65 -21.45
CA ASP B 1026 3.87 14.99 -21.67
C ASP B 1026 4.50 14.10 -22.76
N GLY B 1027 3.69 13.30 -23.44
CA GLY B 1027 4.18 12.31 -24.39
C GLY B 1027 4.72 11.00 -23.82
N SER B 1028 4.94 10.88 -22.51
CA SER B 1028 5.34 9.57 -21.92
C SER B 1028 4.22 8.49 -22.09
N VAL B 1029 4.66 7.24 -22.21
CA VAL B 1029 3.77 6.11 -22.47
C VAL B 1029 3.86 5.06 -21.32
N LEU B 1030 2.69 4.64 -20.87
CA LEU B 1030 2.65 3.59 -19.89
C LEU B 1030 1.96 2.43 -20.53
N VAL B 1031 2.69 1.32 -20.59
CA VAL B 1031 2.21 0.11 -21.22
C VAL B 1031 1.97 -0.88 -20.12
N SER B 1032 0.83 -1.52 -20.22
CA SER B 1032 0.47 -2.61 -19.36
C SER B 1032 0.09 -3.77 -20.24
N HIS B 1033 0.49 -4.99 -19.90
CA HIS B 1033 0.05 -6.16 -20.59
C HIS B 1033 -0.17 -7.30 -19.58
N GLY B 1034 -0.81 -8.37 -20.05
CA GLY B 1034 -1.08 -9.49 -19.14
C GLY B 1034 0.11 -10.36 -18.75
N GLY B 1035 1.26 -10.18 -19.37
CA GLY B 1035 2.44 -10.98 -19.02
C GLY B 1035 3.17 -10.46 -17.78
N THR B 1036 3.88 -11.36 -17.11
CA THR B 1036 4.64 -11.00 -15.94
C THR B 1036 6.13 -11.11 -16.21
N GLU B 1037 6.92 -10.31 -15.47
CA GLU B 1037 8.38 -10.39 -15.51
C GLU B 1037 8.88 -11.40 -14.45
N MET B 1038 9.63 -12.41 -14.88
CA MET B 1038 10.29 -13.34 -13.97
C MET B 1038 11.79 -13.45 -14.17
N GLY B 1039 12.37 -12.49 -14.88
CA GLY B 1039 13.80 -12.52 -15.23
C GLY B 1039 14.06 -12.66 -16.73
N GLN B 1040 12.99 -13.01 -17.47
CA GLN B 1040 13.18 -13.46 -18.83
C GLN B 1040 13.29 -12.27 -19.78
N GLY B 1041 13.08 -11.06 -19.25
CA GLY B 1041 13.16 -9.93 -20.13
C GLY B 1041 11.92 -9.64 -20.95
N LEU B 1042 10.75 -10.06 -20.51
CA LEU B 1042 9.52 -9.75 -21.23
C LEU B 1042 9.13 -8.24 -21.24
N HIS B 1043 9.15 -7.55 -20.08
CA HIS B 1043 8.86 -6.11 -20.12
C HIS B 1043 9.84 -5.39 -21.07
N THR B 1044 11.13 -5.77 -21.02
CA THR B 1044 12.13 -5.14 -21.86
C THR B 1044 11.72 -5.35 -23.34
N LYS B 1045 11.44 -6.60 -23.70
CA LYS B 1045 11.05 -6.89 -25.10
C LYS B 1045 9.82 -6.11 -25.48
N MET B 1046 8.88 -6.01 -24.55
CA MET B 1046 7.64 -5.27 -24.84
C MET B 1046 7.90 -3.78 -25.06
N VAL B 1047 8.91 -3.22 -24.40
CA VAL B 1047 9.19 -1.81 -24.52
C VAL B 1047 9.90 -1.66 -25.85
N GLN B 1048 10.76 -2.62 -26.22
CA GLN B 1048 11.44 -2.60 -27.50
C GLN B 1048 10.42 -2.57 -28.64
N VAL B 1049 9.43 -3.45 -28.52
CA VAL B 1049 8.38 -3.62 -29.50
C VAL B 1049 7.55 -2.34 -29.65
N ALA B 1050 7.11 -1.74 -28.52
CA ALA B 1050 6.31 -0.54 -28.57
C ALA B 1050 7.10 0.63 -29.13
N SER B 1051 8.37 0.74 -28.73
CA SER B 1051 9.22 1.78 -29.24
C SER B 1051 9.32 1.69 -30.80
N LYS B 1052 9.54 0.47 -31.32
CA LYS B 1052 9.65 0.28 -32.75
C LYS B 1052 8.31 0.61 -33.38
N ALA B 1053 7.23 0.05 -32.88
CA ALA B 1053 5.91 0.38 -33.47
C ALA B 1053 5.52 1.88 -33.46
N LEU B 1054 5.91 2.63 -32.44
CA LEU B 1054 5.44 4.01 -32.31
C LEU B 1054 6.48 4.98 -32.89
N LYS B 1055 7.66 4.44 -33.19
CA LYS B 1055 8.85 5.16 -33.61
C LYS B 1055 9.17 6.29 -32.68
N ILE B 1056 9.28 5.95 -31.39
CA ILE B 1056 9.78 6.90 -30.40
C ILE B 1056 10.85 6.14 -29.65
N PRO B 1057 11.74 6.84 -28.92
CA PRO B 1057 12.77 6.09 -28.18
C PRO B 1057 12.20 5.35 -26.95
N ILE B 1058 12.89 4.26 -26.57
CA ILE B 1058 12.49 3.43 -25.42
C ILE B 1058 12.39 4.28 -24.16
N SER B 1059 13.19 5.36 -24.07
CA SER B 1059 13.14 6.24 -22.91
C SER B 1059 11.78 6.88 -22.67
N LYS B 1060 10.92 7.02 -23.66
CA LYS B 1060 9.58 7.60 -23.43
C LYS B 1060 8.53 6.58 -23.03
N ILE B 1061 8.95 5.33 -22.81
CA ILE B 1061 7.99 4.27 -22.52
C ILE B 1061 8.37 3.57 -21.23
N TYR B 1062 7.36 3.16 -20.48
CA TYR B 1062 7.59 2.52 -19.22
C TYR B 1062 6.55 1.46 -18.95
N ILE B 1063 6.97 0.38 -18.32
CA ILE B 1063 6.09 -0.69 -17.85
C ILE B 1063 6.36 -0.83 -16.37
N SER B 1064 5.32 -0.56 -15.57
CA SER B 1064 5.47 -0.59 -14.13
C SER B 1064 5.21 -1.99 -13.51
N GLU B 1065 4.13 -2.64 -13.90
CA GLU B 1065 3.82 -3.91 -13.27
C GLU B 1065 2.70 -4.52 -14.07
N THR B 1066 2.25 -5.67 -13.59
CA THR B 1066 1.13 -6.43 -14.21
C THR B 1066 0.04 -6.44 -13.14
N SER B 1067 -1.22 -6.14 -13.51
CA SER B 1067 -2.28 -6.19 -12.54
C SER B 1067 -3.65 -6.50 -13.15
N THR B 1068 -4.48 -7.16 -12.39
CA THR B 1068 -5.74 -7.63 -12.91
C THR B 1068 -6.73 -6.52 -13.16
N ASN B 1069 -6.46 -5.30 -12.72
CA ASN B 1069 -7.38 -4.19 -12.97
C ASN B 1069 -6.97 -3.31 -14.18
N THR B 1070 -5.87 -3.66 -14.84
CA THR B 1070 -5.51 -2.99 -16.07
C THR B 1070 -5.69 -3.99 -17.22
N VAL B 1071 -5.25 -5.23 -17.04
CA VAL B 1071 -5.56 -6.29 -18.06
C VAL B 1071 -6.21 -7.52 -17.45
N PRO B 1072 -7.47 -7.77 -17.76
CA PRO B 1072 -8.19 -8.83 -17.08
C PRO B 1072 -8.04 -10.19 -17.78
N ASN B 1073 -8.25 -11.30 -17.08
CA ASN B 1073 -8.43 -12.62 -17.73
C ASN B 1073 -7.18 -13.09 -18.44
N SER B 1074 -6.02 -12.88 -17.82
CA SER B 1074 -4.79 -13.10 -18.57
C SER B 1074 -4.49 -14.57 -18.41
N SER B 1075 -3.91 -15.17 -19.41
CA SER B 1075 -3.36 -16.49 -19.29
C SER B 1075 -2.12 -16.38 -18.44
N PRO B 1076 -1.71 -17.51 -17.87
CA PRO B 1076 -0.44 -17.43 -17.13
C PRO B 1076 0.70 -17.13 -18.05
N THR B 1077 1.73 -16.52 -17.50
CA THR B 1077 2.91 -16.18 -18.27
C THR B 1077 3.69 -17.46 -18.41
N ALA B 1078 3.63 -18.05 -19.59
CA ALA B 1078 3.95 -19.47 -19.72
C ALA B 1078 4.01 -19.94 -21.18
N ALA B 1079 4.48 -21.18 -21.37
CA ALA B 1079 4.68 -21.83 -22.69
C ALA B 1079 5.60 -21.08 -23.68
N SER B 1080 6.43 -20.16 -23.12
CA SER B 1080 7.38 -19.40 -23.87
C SER B 1080 6.72 -18.50 -24.94
N VAL B 1081 5.40 -18.34 -24.90
CA VAL B 1081 4.71 -17.58 -25.93
C VAL B 1081 4.44 -16.11 -25.57
N SER B 1082 4.84 -15.67 -24.38
CA SER B 1082 4.54 -14.30 -23.88
C SER B 1082 5.01 -13.18 -24.78
N THR B 1083 6.24 -13.24 -25.28
CA THR B 1083 6.71 -12.26 -26.28
C THR B 1083 5.81 -12.30 -27.50
N ASP B 1084 5.54 -13.50 -28.00
CA ASP B 1084 4.75 -13.65 -29.22
C ASP B 1084 3.40 -12.99 -29.03
N ILE B 1085 2.70 -13.34 -27.95
CA ILE B 1085 1.31 -12.93 -27.79
C ILE B 1085 1.17 -11.53 -27.18
N TYR B 1086 1.92 -11.20 -26.12
CA TYR B 1086 1.84 -9.83 -25.64
C TYR B 1086 2.44 -8.85 -26.62
N GLY B 1087 3.42 -9.29 -27.39
CA GLY B 1087 4.04 -8.46 -28.48
C GLY B 1087 3.03 -7.97 -29.50
N GLN B 1088 2.18 -8.84 -29.97
CA GLN B 1088 1.06 -8.50 -30.83
C GLN B 1088 0.03 -7.64 -30.12
N ALA B 1089 -0.36 -8.00 -28.89
CA ALA B 1089 -1.24 -7.12 -28.11
C ALA B 1089 -0.70 -5.70 -27.98
N VAL B 1090 0.56 -5.54 -27.58
CA VAL B 1090 1.19 -4.26 -27.48
C VAL B 1090 1.22 -3.57 -28.87
N TYR B 1091 1.60 -4.34 -29.91
CA TYR B 1091 1.69 -3.80 -31.27
C TYR B 1091 0.30 -3.28 -31.73
N GLU B 1092 -0.78 -4.01 -31.44
CA GLU B 1092 -2.11 -3.58 -31.98
C GLU B 1092 -2.52 -2.27 -31.26
N ALA B 1093 -2.31 -2.25 -29.96
CA ALA B 1093 -2.55 -1.00 -29.22
C ALA B 1093 -1.76 0.18 -29.75
N CYS B 1094 -0.49 -0.04 -30.11
CA CYS B 1094 0.31 1.01 -30.69
C CYS B 1094 -0.22 1.52 -32.06
N GLN B 1095 -0.69 0.60 -32.90
CA GLN B 1095 -1.38 0.92 -34.18
C GLN B 1095 -2.58 1.86 -33.96
N THR B 1096 -3.43 1.50 -33.04
CA THR B 1096 -4.57 2.33 -32.66
C THR B 1096 -4.13 3.74 -32.23
N ILE B 1097 -3.09 3.85 -31.41
CA ILE B 1097 -2.59 5.16 -31.04
C ILE B 1097 -2.15 5.90 -32.31
N LEU B 1098 -1.40 5.20 -33.17
CA LEU B 1098 -0.91 5.82 -34.42
C LEU B 1098 -2.03 6.33 -35.32
N LYS B 1099 -3.11 5.58 -35.54
CA LYS B 1099 -4.30 6.05 -36.28
C LYS B 1099 -4.95 7.32 -35.73
N ARG B 1100 -5.08 7.38 -34.40
CA ARG B 1100 -5.61 8.55 -33.70
C ARG B 1100 -4.72 9.80 -33.78
N LEU B 1101 -3.39 9.62 -33.72
CA LEU B 1101 -2.45 10.71 -33.85
C LEU B 1101 -2.13 11.20 -35.27
N GLU B 1102 -2.47 10.40 -36.28
CA GLU B 1102 -2.12 10.62 -37.69
C GLU B 1102 -2.61 12.00 -38.23
N PRO B 1103 -3.91 12.38 -38.03
CA PRO B 1103 -4.34 13.71 -38.50
C PRO B 1103 -3.52 14.85 -37.95
N PHE B 1104 -2.89 14.67 -36.78
CA PHE B 1104 -2.10 15.72 -36.13
C PHE B 1104 -0.67 15.76 -36.65
N LYS B 1105 -0.19 14.57 -37.03
CA LYS B 1105 1.09 14.36 -37.68
C LYS B 1105 0.94 15.03 -39.07
N LYS B 1106 -0.17 14.73 -39.74
CA LYS B 1106 -0.47 15.24 -41.05
C LYS B 1106 -0.51 16.77 -41.06
N LYS B 1107 -1.34 17.38 -40.18
CA LYS B 1107 -1.35 18.85 -39.93
C LYS B 1107 0.00 19.44 -39.53
N ASN B 1108 0.87 18.66 -38.88
CA ASN B 1108 2.12 19.26 -38.34
C ASN B 1108 3.36 18.37 -38.51
N PRO B 1109 3.68 18.01 -39.78
CA PRO B 1109 4.69 17.01 -40.18
C PRO B 1109 6.06 17.19 -39.57
N ASP B 1110 6.37 18.43 -39.21
CA ASP B 1110 7.68 18.81 -38.66
C ASP B 1110 7.71 18.82 -37.13
N GLY B 1111 6.54 18.57 -36.53
CA GLY B 1111 6.40 18.60 -35.06
C GLY B 1111 7.08 17.46 -34.31
N SER B 1112 7.14 17.57 -32.98
CA SER B 1112 7.60 16.45 -32.16
C SER B 1112 6.46 15.52 -31.77
N TRP B 1113 6.81 14.30 -31.35
CA TRP B 1113 5.86 13.35 -30.72
C TRP B 1113 5.07 14.15 -29.69
N GLU B 1114 5.78 14.87 -28.84
CA GLU B 1114 5.13 15.68 -27.82
C GLU B 1114 4.12 16.70 -28.38
N ASP B 1115 4.44 17.39 -29.48
CA ASP B 1115 3.45 18.25 -30.15
C ASP B 1115 2.23 17.47 -30.60
N TRP B 1116 2.42 16.31 -31.20
CA TRP B 1116 1.24 15.60 -31.74
C TRP B 1116 0.32 15.10 -30.64
N VAL B 1117 0.93 14.67 -29.54
CA VAL B 1117 0.20 14.13 -28.39
C VAL B 1117 -0.60 15.24 -27.75
N MET B 1118 0.03 16.39 -27.51
CA MET B 1118 -0.70 17.54 -26.93
C MET B 1118 -1.85 17.99 -27.81
N ALA B 1119 -1.61 18.04 -29.14
CA ALA B 1119 -2.70 18.44 -30.04
C ALA B 1119 -3.84 17.49 -29.93
N ALA B 1120 -3.59 16.19 -29.97
CA ALA B 1120 -4.71 15.22 -29.83
C ALA B 1120 -5.46 15.40 -28.52
N TYR B 1121 -4.72 15.59 -27.44
CA TYR B 1121 -5.34 15.85 -26.16
C TYR B 1121 -6.25 17.10 -26.25
N GLN B 1122 -5.69 18.25 -26.68
CA GLN B 1122 -6.48 19.52 -26.85
C GLN B 1122 -7.67 19.37 -27.74
N ASP B 1123 -7.56 18.49 -28.73
CA ASP B 1123 -8.69 18.19 -29.60
C ASP B 1123 -9.63 17.12 -29.08
N ARG B 1124 -9.39 16.68 -27.83
CA ARG B 1124 -10.22 15.62 -27.18
C ARG B 1124 -10.24 14.32 -28.05
N VAL B 1125 -9.04 13.89 -28.41
CA VAL B 1125 -8.85 12.55 -28.94
C VAL B 1125 -8.32 11.66 -27.80
N SER B 1126 -8.97 10.53 -27.59
CA SER B 1126 -8.52 9.61 -26.51
C SER B 1126 -7.14 9.04 -26.77
N LEU B 1127 -6.35 8.96 -25.72
CA LEU B 1127 -4.97 8.57 -25.83
C LEU B 1127 -4.79 7.31 -24.99
N SER B 1128 -5.90 6.59 -24.84
CA SER B 1128 -5.87 5.31 -24.18
C SER B 1128 -6.54 4.30 -25.10
N THR B 1129 -5.91 3.15 -25.19
CA THR B 1129 -6.58 2.02 -25.82
C THR B 1129 -6.16 0.65 -25.28
N THR B 1130 -7.00 -0.35 -25.53
CA THR B 1130 -6.57 -1.74 -25.44
C THR B 1130 -5.91 -2.26 -26.75
N GLY B 1131 -5.38 -3.48 -26.67
CA GLY B 1131 -4.71 -4.20 -27.75
C GLY B 1131 -5.00 -5.66 -27.42
N PHE B 1132 -5.11 -6.52 -28.42
CA PHE B 1132 -5.48 -7.88 -28.14
C PHE B 1132 -4.98 -8.75 -29.24
N TYR B 1133 -4.70 -9.99 -28.91
CA TYR B 1133 -4.29 -10.95 -29.89
C TYR B 1133 -4.74 -12.34 -29.50
N ARG B 1134 -5.08 -13.08 -30.55
CA ARG B 1134 -5.57 -14.45 -30.52
C ARG B 1134 -4.72 -15.27 -31.56
N THR B 1135 -3.90 -16.25 -31.15
CA THR B 1135 -3.07 -17.03 -32.13
C THR B 1135 -3.96 -17.78 -33.14
N PRO B 1136 -3.72 -17.63 -34.48
CA PRO B 1136 -4.62 -18.27 -35.45
C PRO B 1136 -4.38 -19.76 -35.64
N ASN B 1137 -5.42 -20.48 -36.08
CA ASN B 1137 -5.30 -21.85 -36.63
C ASN B 1137 -4.75 -22.85 -35.63
N LEU B 1138 -5.22 -22.82 -34.39
CA LEU B 1138 -4.78 -23.82 -33.43
C LEU B 1138 -5.99 -24.63 -33.12
N GLY B 1139 -5.75 -25.91 -32.79
CA GLY B 1139 -6.72 -26.84 -32.28
C GLY B 1139 -6.46 -28.26 -32.79
N TYR B 1140 -5.64 -29.00 -32.03
CA TYR B 1140 -5.36 -30.40 -32.20
C TYR B 1140 -6.41 -31.25 -31.50
N SER B 1141 -6.77 -32.38 -32.11
CA SER B 1141 -7.64 -33.35 -31.45
C SER B 1141 -6.92 -34.67 -31.32
N PHE B 1142 -6.89 -35.16 -30.08
CA PHE B 1142 -6.41 -36.49 -29.82
C PHE B 1142 -7.31 -37.54 -30.45
N GLU B 1143 -8.61 -37.25 -30.64
CA GLU B 1143 -9.55 -38.22 -31.20
C GLU B 1143 -9.17 -38.57 -32.60
N THR B 1144 -8.85 -37.56 -33.40
CA THR B 1144 -8.62 -37.68 -34.84
C THR B 1144 -7.13 -37.58 -35.27
N ASN B 1145 -6.24 -37.32 -34.31
CA ASN B 1145 -4.82 -37.05 -34.65
C ASN B 1145 -4.66 -36.08 -35.78
N SER B 1146 -5.34 -34.93 -35.63
CA SER B 1146 -5.27 -33.90 -36.64
C SER B 1146 -5.49 -32.54 -35.95
N GLY B 1147 -5.12 -31.50 -36.68
CA GLY B 1147 -5.26 -30.11 -36.28
C GLY B 1147 -3.91 -29.64 -35.75
N ASN B 1148 -3.68 -28.34 -35.76
CA ASN B 1148 -2.41 -27.76 -35.32
C ASN B 1148 -2.32 -27.69 -33.79
N ALA B 1149 -1.43 -28.50 -33.20
CA ALA B 1149 -1.05 -28.38 -31.76
C ALA B 1149 -0.27 -27.09 -31.50
N PHE B 1150 0.60 -26.74 -32.43
CA PHE B 1150 1.56 -25.64 -32.24
C PHE B 1150 1.53 -24.64 -33.36
N HIS B 1151 1.99 -23.42 -33.08
CA HIS B 1151 1.87 -22.38 -34.07
C HIS B 1151 3.10 -22.55 -34.98
N TYR B 1152 4.25 -22.93 -34.37
CA TYR B 1152 5.50 -23.17 -35.02
C TYR B 1152 6.42 -23.87 -33.98
N PHE B 1153 7.66 -24.21 -34.37
CA PHE B 1153 8.58 -24.92 -33.50
C PHE B 1153 9.83 -24.12 -33.40
N THR B 1154 10.43 -24.11 -32.19
CA THR B 1154 11.76 -23.53 -32.04
C THR B 1154 12.77 -24.67 -32.04
N TYR B 1155 13.89 -24.44 -32.70
CA TYR B 1155 14.87 -25.52 -32.94
C TYR B 1155 16.27 -25.15 -32.41
N GLY B 1156 17.10 -26.18 -32.27
CA GLY B 1156 18.44 -25.97 -31.77
C GLY B 1156 19.23 -27.26 -31.75
N VAL B 1157 20.54 -27.12 -31.68
CA VAL B 1157 21.48 -28.27 -31.61
C VAL B 1157 22.61 -27.95 -30.61
N ALA B 1158 22.97 -28.93 -29.78
CA ALA B 1158 24.09 -28.69 -28.84
C ALA B 1158 25.01 -29.86 -28.95
N CYS B 1159 26.30 -29.54 -28.95
CA CYS B 1159 27.31 -30.60 -28.85
C CYS B 1159 28.05 -30.33 -27.59
N SER B 1160 28.16 -31.33 -26.70
CA SER B 1160 29.00 -31.19 -25.50
C SER B 1160 29.99 -32.33 -25.35
N GLU B 1161 31.10 -31.99 -24.70
CA GLU B 1161 32.15 -32.91 -24.35
C GLU B 1161 32.40 -32.88 -22.83
N VAL B 1162 32.58 -34.04 -22.22
CA VAL B 1162 32.83 -34.13 -20.81
C VAL B 1162 34.10 -35.00 -20.61
N GLU B 1163 34.71 -34.89 -19.42
CA GLU B 1163 35.67 -35.89 -18.97
C GLU B 1163 35.19 -36.42 -17.65
N ILE B 1164 35.03 -37.74 -17.50
CA ILE B 1164 34.68 -38.28 -16.19
C ILE B 1164 35.91 -38.85 -15.47
N ASP B 1165 35.81 -38.91 -14.14
CA ASP B 1165 36.74 -39.59 -13.28
C ASP B 1165 36.09 -40.93 -12.96
N CYS B 1166 36.65 -42.00 -13.52
CA CYS B 1166 36.03 -43.34 -13.46
C CYS B 1166 36.15 -43.88 -12.05
N LEU B 1167 36.96 -43.19 -11.24
CA LEU B 1167 37.22 -43.66 -9.92
C LEU B 1167 36.35 -42.99 -8.85
N THR B 1168 35.79 -41.80 -9.14
CA THR B 1168 34.90 -41.08 -8.17
C THR B 1168 33.52 -40.76 -8.68
N GLY B 1169 33.32 -40.80 -10.01
CA GLY B 1169 32.00 -40.39 -10.56
C GLY B 1169 31.94 -38.90 -10.79
N ASP B 1170 32.96 -38.16 -10.33
CA ASP B 1170 32.97 -36.71 -10.66
C ASP B 1170 33.19 -36.53 -12.17
N HIS B 1171 32.94 -35.34 -12.70
CA HIS B 1171 33.16 -35.09 -14.12
C HIS B 1171 33.27 -33.59 -14.39
N LYS B 1172 33.92 -33.25 -15.49
CA LYS B 1172 34.06 -31.89 -15.97
C LYS B 1172 33.25 -31.71 -17.25
N ASN B 1173 32.60 -30.57 -17.37
CA ASN B 1173 31.99 -30.12 -18.60
C ASN B 1173 33.02 -29.35 -19.37
N LEU B 1174 33.62 -29.98 -20.39
CA LEU B 1174 34.80 -29.37 -21.03
C LEU B 1174 34.39 -28.31 -22.02
N ARG B 1175 33.44 -28.64 -22.88
CA ARG B 1175 33.09 -27.78 -23.97
C ARG B 1175 31.67 -28.05 -24.43
N THR B 1176 30.93 -26.97 -24.63
CA THR B 1176 29.60 -27.07 -25.19
C THR B 1176 29.53 -26.00 -26.26
N ASP B 1177 28.87 -26.37 -27.35
CA ASP B 1177 28.61 -25.43 -28.46
C ASP B 1177 27.12 -25.61 -28.81
N ILE B 1178 26.40 -24.47 -28.94
CA ILE B 1178 24.94 -24.45 -29.19
C ILE B 1178 24.68 -23.56 -30.42
N VAL B 1179 23.85 -24.05 -31.34
CA VAL B 1179 23.31 -23.21 -32.37
C VAL B 1179 21.81 -23.22 -32.17
N MET B 1180 21.23 -22.05 -31.99
CA MET B 1180 19.82 -21.96 -31.72
C MET B 1180 19.15 -21.13 -32.80
N ASP B 1181 18.00 -21.59 -33.21
CA ASP B 1181 17.17 -20.83 -34.14
C ASP B 1181 16.10 -20.15 -33.30
N VAL B 1182 16.25 -18.85 -33.12
CA VAL B 1182 15.26 -18.03 -32.43
C VAL B 1182 14.72 -17.02 -33.43
N GLY B 1183 14.75 -17.34 -34.72
CA GLY B 1183 14.21 -16.47 -35.76
C GLY B 1183 15.00 -15.17 -35.81
N SER B 1184 14.37 -14.06 -36.17
CA SER B 1184 15.12 -12.80 -36.03
C SER B 1184 14.98 -12.34 -34.57
N SER B 1185 16.03 -12.47 -33.77
CA SER B 1185 15.87 -12.26 -32.33
C SER B 1185 15.36 -10.84 -32.06
N LEU B 1186 14.46 -10.65 -31.09
CA LEU B 1186 14.06 -9.29 -30.76
C LEU B 1186 15.15 -8.67 -29.98
N ASN B 1187 15.94 -9.49 -29.30
CA ASN B 1187 16.99 -8.99 -28.41
C ASN B 1187 18.03 -10.09 -28.19
N PRO B 1188 19.16 -10.02 -28.93
CA PRO B 1188 20.04 -11.19 -28.89
C PRO B 1188 20.73 -11.46 -27.54
N ALA B 1189 20.92 -10.43 -26.72
CA ALA B 1189 21.47 -10.58 -25.38
C ALA B 1189 20.50 -11.37 -24.54
N ILE B 1190 19.25 -10.93 -24.55
CA ILE B 1190 18.30 -11.64 -23.76
C ILE B 1190 18.13 -13.12 -24.22
N ASP B 1191 18.11 -13.33 -25.53
CA ASP B 1191 17.85 -14.65 -26.04
C ASP B 1191 19.02 -15.61 -25.82
N ILE B 1192 20.24 -15.11 -25.84
CA ILE B 1192 21.36 -15.94 -25.59
C ILE B 1192 21.35 -16.24 -24.11
N GLY B 1193 20.96 -15.26 -23.28
CA GLY B 1193 20.85 -15.53 -21.84
C GLY B 1193 19.82 -16.61 -21.55
N GLN B 1194 18.71 -16.58 -22.29
CA GLN B 1194 17.69 -17.64 -22.21
C GLN B 1194 18.30 -18.97 -22.65
N VAL B 1195 18.97 -19.01 -23.79
CA VAL B 1195 19.57 -20.24 -24.22
C VAL B 1195 20.51 -20.77 -23.16
N GLU B 1196 21.39 -19.92 -22.63
CA GLU B 1196 22.41 -20.41 -21.69
C GLU B 1196 21.77 -20.82 -20.35
N GLY B 1197 20.76 -20.07 -19.93
CA GLY B 1197 20.12 -20.36 -18.67
C GLY B 1197 19.27 -21.62 -18.76
N ALA B 1198 18.55 -21.77 -19.88
CA ALA B 1198 17.75 -22.95 -20.07
C ALA B 1198 18.72 -24.16 -20.13
N PHE B 1199 19.78 -24.03 -20.92
CA PHE B 1199 20.70 -25.16 -21.07
C PHE B 1199 21.28 -25.55 -19.71
N VAL B 1200 21.64 -24.58 -18.88
CA VAL B 1200 22.28 -24.93 -17.60
C VAL B 1200 21.23 -25.57 -16.66
N GLN B 1201 20.01 -25.11 -16.71
CA GLN B 1201 18.99 -25.78 -15.94
C GLN B 1201 18.75 -27.26 -16.37
N GLY B 1202 18.83 -27.53 -17.67
CA GLY B 1202 18.75 -28.94 -18.20
C GLY B 1202 19.95 -29.81 -17.77
N LEU B 1203 21.13 -29.23 -17.81
CA LEU B 1203 22.34 -29.82 -17.30
C LEU B 1203 22.08 -30.18 -15.84
N GLY B 1204 21.50 -29.27 -15.02
CA GLY B 1204 21.09 -29.65 -13.68
C GLY B 1204 20.21 -30.88 -13.61
N LEU B 1205 19.08 -30.81 -14.34
CA LEU B 1205 18.11 -31.89 -14.41
C LEU B 1205 18.73 -33.29 -14.68
N PHE B 1206 19.63 -33.31 -15.67
CA PHE B 1206 20.15 -34.54 -16.20
C PHE B 1206 21.41 -35.12 -15.52
N THR B 1207 22.14 -34.27 -14.77
CA THR B 1207 23.47 -34.63 -14.17
C THR B 1207 23.73 -34.25 -12.72
N LEU B 1208 23.00 -33.31 -12.13
CA LEU B 1208 23.30 -32.85 -10.79
C LEU B 1208 22.19 -32.97 -9.78
N GLU B 1209 20.99 -32.57 -10.19
CA GLU B 1209 19.87 -32.38 -9.32
C GLU B 1209 19.10 -33.69 -9.01
N GLU B 1210 19.03 -34.04 -7.73
CA GLU B 1210 18.34 -35.25 -7.31
C GLU B 1210 17.60 -35.04 -6.03
N LEU B 1211 16.31 -35.30 -6.07
CA LEU B 1211 15.49 -35.26 -4.86
C LEU B 1211 15.39 -36.69 -4.26
N HIS B 1212 15.44 -36.81 -2.94
CA HIS B 1212 15.35 -38.09 -2.28
C HIS B 1212 14.25 -38.01 -1.24
N TYR B 1213 13.51 -39.12 -1.14
CA TYR B 1213 12.35 -39.33 -0.31
C TYR B 1213 12.56 -40.64 0.45
N SER B 1214 12.14 -40.67 1.72
CA SER B 1214 12.09 -41.89 2.51
C SER B 1214 11.01 -42.78 1.92
N PRO B 1215 11.00 -44.09 2.29
CA PRO B 1215 9.95 -44.96 1.71
C PRO B 1215 8.54 -44.57 2.08
N GLU B 1216 8.37 -43.87 3.20
CA GLU B 1216 7.05 -43.33 3.64
C GLU B 1216 6.61 -42.02 2.94
N GLY B 1217 7.43 -41.48 2.04
CA GLY B 1217 7.06 -40.34 1.15
C GLY B 1217 7.52 -39.01 1.70
N SER B 1218 8.53 -39.03 2.56
CA SER B 1218 8.93 -37.78 3.20
C SER B 1218 10.16 -37.22 2.48
N LEU B 1219 10.09 -36.03 1.92
CA LEU B 1219 11.24 -35.48 1.19
C LEU B 1219 12.48 -35.29 2.08
N HIS B 1220 13.63 -35.90 1.74
CA HIS B 1220 14.89 -35.66 2.53
C HIS B 1220 15.63 -34.38 2.10
N THR B 1221 15.65 -34.10 0.80
CA THR B 1221 16.47 -33.01 0.28
C THR B 1221 15.66 -31.69 0.25
N ARG B 1222 15.97 -30.80 1.19
CA ARG B 1222 15.16 -29.57 1.45
C ARG B 1222 15.97 -28.28 1.48
N GLY B 1223 17.15 -28.27 0.88
CA GLY B 1223 17.88 -27.06 0.80
C GLY B 1223 19.07 -27.19 -0.09
N PRO B 1224 19.76 -26.09 -0.32
CA PRO B 1224 20.88 -26.23 -1.27
C PRO B 1224 22.07 -27.01 -0.70
N SER B 1225 22.12 -27.33 0.63
CA SER B 1225 23.14 -28.27 1.12
C SER B 1225 22.97 -29.67 0.54
N THR B 1226 21.73 -30.07 0.28
CA THR B 1226 21.50 -31.49 -0.06
C THR B 1226 20.96 -31.55 -1.50
N TYR B 1227 20.55 -30.41 -2.01
CA TYR B 1227 19.98 -30.42 -3.34
C TYR B 1227 20.80 -29.49 -4.19
N LYS B 1228 21.49 -30.10 -5.16
CA LYS B 1228 22.62 -29.43 -5.84
C LYS B 1228 22.26 -28.93 -7.20
N ILE B 1229 22.00 -27.64 -7.31
CA ILE B 1229 21.75 -27.05 -8.65
C ILE B 1229 23.11 -26.69 -9.28
N PRO B 1230 23.14 -26.45 -10.60
CA PRO B 1230 24.45 -26.02 -11.15
C PRO B 1230 25.06 -24.83 -10.39
N ALA B 1231 26.37 -24.90 -10.12
CA ALA B 1231 27.17 -23.83 -9.55
C ALA B 1231 27.93 -23.08 -10.67
N PHE B 1232 28.52 -21.94 -10.34
CA PHE B 1232 29.48 -21.24 -11.22
C PHE B 1232 30.46 -22.24 -11.84
N GLY B 1233 31.03 -23.12 -11.02
CA GLY B 1233 32.09 -24.02 -11.53
C GLY B 1233 31.55 -25.22 -12.28
N SER B 1234 30.22 -25.29 -12.46
CA SER B 1234 29.53 -26.42 -13.16
C SER B 1234 29.43 -26.24 -14.65
N ILE B 1235 29.56 -25.00 -15.10
CA ILE B 1235 29.26 -24.75 -16.53
C ILE B 1235 30.39 -25.23 -17.46
N PRO B 1236 30.07 -25.53 -18.75
CA PRO B 1236 31.17 -25.94 -19.68
C PRO B 1236 32.24 -24.87 -19.70
N THR B 1237 33.49 -25.24 -19.59
CA THR B 1237 34.61 -24.31 -19.52
C THR B 1237 34.68 -23.58 -20.84
N GLU B 1238 34.42 -24.27 -21.93
CA GLU B 1238 34.36 -23.54 -23.14
C GLU B 1238 32.89 -23.51 -23.54
N PHE B 1239 32.33 -22.32 -23.65
CA PHE B 1239 30.86 -22.24 -23.71
C PHE B 1239 30.50 -21.28 -24.84
N ARG B 1240 30.07 -21.86 -25.96
CA ARG B 1240 29.78 -21.12 -27.18
C ARG B 1240 28.33 -21.20 -27.56
N VAL B 1241 27.74 -20.05 -27.88
CA VAL B 1241 26.37 -19.99 -28.30
C VAL B 1241 26.24 -19.18 -29.57
N SER B 1242 25.53 -19.73 -30.58
CA SER B 1242 25.25 -18.97 -31.73
C SER B 1242 23.78 -18.96 -32.00
N LEU B 1243 23.28 -17.82 -32.48
CA LEU B 1243 21.92 -17.75 -32.95
C LEU B 1243 21.91 -17.80 -34.48
N LEU B 1244 21.16 -18.75 -34.98
CA LEU B 1244 21.10 -19.00 -36.40
C LEU B 1244 20.81 -17.71 -37.18
N ARG B 1245 21.63 -17.43 -38.20
CA ARG B 1245 21.45 -16.23 -39.06
C ARG B 1245 20.37 -16.34 -40.15
N ASP B 1246 19.70 -15.25 -40.52
CA ASP B 1246 18.83 -15.29 -41.72
C ASP B 1246 17.76 -16.39 -41.67
N CYS B 1247 16.97 -16.40 -40.60
CA CYS B 1247 15.90 -17.35 -40.48
C CYS B 1247 14.63 -16.67 -39.94
N PRO B 1248 14.20 -15.53 -40.55
CA PRO B 1248 12.96 -14.91 -40.04
C PRO B 1248 11.80 -15.87 -39.93
N ASN B 1249 11.07 -15.70 -38.86
CA ASN B 1249 9.96 -16.49 -38.57
C ASN B 1249 8.74 -15.61 -38.82
N LYS B 1250 8.02 -15.87 -39.90
CA LYS B 1250 6.87 -15.03 -40.23
C LYS B 1250 5.67 -15.24 -39.30
N LYS B 1251 5.70 -16.27 -38.46
CA LYS B 1251 4.55 -16.58 -37.63
C LYS B 1251 4.49 -15.73 -36.34
N ALA B 1252 5.49 -14.86 -36.10
CA ALA B 1252 5.45 -14.14 -34.83
C ALA B 1252 6.08 -12.75 -34.93
N ILE B 1253 5.88 -11.94 -33.87
CA ILE B 1253 6.15 -10.50 -33.84
C ILE B 1253 7.55 -10.20 -34.34
N TYR B 1254 7.65 -9.30 -35.35
CA TYR B 1254 8.90 -8.88 -35.95
C TYR B 1254 9.81 -10.07 -36.30
N ALA B 1255 9.19 -11.17 -36.75
CA ALA B 1255 9.96 -12.31 -37.26
C ALA B 1255 10.79 -13.12 -36.19
N SER B 1256 10.52 -12.90 -34.89
CA SER B 1256 11.23 -13.62 -33.84
C SER B 1256 10.67 -14.97 -33.55
N LYS B 1257 11.31 -15.66 -32.62
CA LYS B 1257 10.78 -16.94 -32.11
C LYS B 1257 10.82 -17.00 -30.59
N ALA B 1258 9.88 -17.73 -30.01
CA ALA B 1258 9.87 -18.10 -28.59
C ALA B 1258 11.20 -18.81 -28.20
N VAL B 1259 11.75 -18.43 -27.04
CA VAL B 1259 13.02 -19.01 -26.66
C VAL B 1259 13.06 -19.54 -25.20
N GLY B 1260 12.07 -19.19 -24.37
CA GLY B 1260 12.14 -19.53 -22.93
C GLY B 1260 12.49 -20.99 -22.58
N GLU B 1261 11.69 -21.94 -23.09
CA GLU B 1261 11.90 -23.36 -22.80
C GLU B 1261 12.67 -24.22 -23.80
N PRO B 1262 12.58 -23.88 -25.11
CA PRO B 1262 13.20 -24.80 -26.09
C PRO B 1262 14.66 -25.25 -25.81
N PRO B 1263 15.51 -24.35 -25.31
CA PRO B 1263 16.90 -24.83 -25.12
C PRO B 1263 17.14 -25.74 -23.95
N LEU B 1264 16.21 -25.87 -23.00
CA LEU B 1264 16.52 -26.66 -21.84
C LEU B 1264 16.93 -28.10 -22.19
N PHE B 1265 16.17 -28.75 -23.08
CA PHE B 1265 16.53 -30.10 -23.45
C PHE B 1265 17.98 -30.25 -23.95
N LEU B 1266 18.52 -29.21 -24.55
CA LEU B 1266 19.87 -29.26 -25.06
C LEU B 1266 20.90 -29.64 -23.97
N GLY B 1267 20.56 -29.40 -22.70
CA GLY B 1267 21.40 -29.83 -21.56
C GLY B 1267 21.62 -31.35 -21.58
N ALA B 1268 20.76 -32.10 -22.29
CA ALA B 1268 20.90 -33.53 -22.37
C ALA B 1268 22.18 -33.94 -23.14
N SER B 1269 22.69 -33.08 -24.02
CA SER B 1269 23.94 -33.37 -24.67
C SER B 1269 25.06 -33.66 -23.62
N VAL B 1270 24.99 -33.06 -22.43
CA VAL B 1270 25.99 -33.39 -21.36
C VAL B 1270 25.76 -34.80 -20.88
N PHE B 1271 24.50 -35.20 -20.74
CA PHE B 1271 24.17 -36.52 -20.23
C PHE B 1271 24.64 -37.60 -21.21
N PHE B 1272 24.47 -37.35 -22.49
CA PHE B 1272 24.87 -38.35 -23.47
C PHE B 1272 26.31 -38.34 -23.78
N ALA B 1273 26.96 -37.21 -23.51
CA ALA B 1273 28.43 -37.22 -23.53
C ALA B 1273 28.95 -38.13 -22.40
N ILE B 1274 28.37 -37.99 -21.20
CA ILE B 1274 28.71 -38.78 -20.05
C ILE B 1274 28.53 -40.28 -20.31
N LYS B 1275 27.41 -40.64 -20.92
CA LYS B 1275 27.10 -42.01 -21.23
C LYS B 1275 28.14 -42.60 -22.22
N ASP B 1276 28.51 -41.82 -23.23
CA ASP B 1276 29.63 -42.11 -24.12
C ASP B 1276 30.90 -42.43 -23.26
N ALA B 1277 31.22 -41.57 -22.30
CA ALA B 1277 32.40 -41.77 -21.48
C ALA B 1277 32.31 -43.05 -20.64
N ILE B 1278 31.14 -43.28 -20.05
CA ILE B 1278 30.93 -44.49 -19.29
C ILE B 1278 31.11 -45.72 -20.20
N ARG B 1279 30.67 -45.61 -21.46
CA ARG B 1279 30.88 -46.74 -22.39
C ARG B 1279 32.38 -47.04 -22.61
N ALA B 1280 33.20 -45.99 -22.77
CA ALA B 1280 34.64 -46.15 -22.84
C ALA B 1280 35.18 -46.80 -21.59
N ALA B 1281 34.74 -46.35 -20.41
CA ALA B 1281 35.19 -46.97 -19.15
C ALA B 1281 34.91 -48.49 -19.06
N ARG B 1282 33.71 -48.87 -19.44
CA ARG B 1282 33.22 -50.21 -19.41
C ARG B 1282 33.97 -51.10 -20.44
N ALA B 1283 34.37 -50.55 -21.58
CA ALA B 1283 35.20 -51.30 -22.52
C ALA B 1283 36.64 -51.42 -21.96
N GLN B 1284 37.11 -50.44 -21.16
CA GLN B 1284 38.37 -50.56 -20.42
C GLN B 1284 38.37 -51.70 -19.35
N HIS B 1285 37.36 -51.74 -18.48
CA HIS B 1285 37.38 -52.63 -17.29
C HIS B 1285 36.42 -53.82 -17.14
N THR B 1286 35.51 -54.01 -18.10
CA THR B 1286 34.71 -55.24 -18.13
C THR B 1286 34.61 -55.91 -19.50
N ASN B 1287 33.50 -55.64 -20.19
CA ASN B 1287 32.98 -56.43 -21.34
C ASN B 1287 33.92 -56.76 -22.52
N ASN B 1288 34.70 -55.76 -22.98
CA ASN B 1288 35.38 -55.81 -24.29
C ASN B 1288 34.40 -56.18 -25.45
N ASN B 1289 33.10 -55.95 -25.21
CA ASN B 1289 31.96 -56.47 -25.97
C ASN B 1289 31.48 -55.55 -27.13
N THR B 1290 31.02 -54.35 -26.79
CA THR B 1290 30.87 -53.22 -27.75
C THR B 1290 29.44 -52.90 -28.14
N LYS B 1291 28.56 -53.89 -28.09
CA LYS B 1291 27.18 -53.66 -28.47
C LYS B 1291 26.24 -53.81 -27.27
N GLU B 1292 26.85 -53.98 -26.09
CA GLU B 1292 26.11 -53.99 -24.81
C GLU B 1292 25.35 -52.69 -24.55
N LEU B 1293 24.08 -52.84 -24.22
CA LEU B 1293 23.28 -51.72 -23.79
C LEU B 1293 23.21 -51.76 -22.28
N PHE B 1294 23.69 -50.71 -21.62
CA PHE B 1294 23.54 -50.62 -20.16
C PHE B 1294 22.60 -49.46 -19.84
N ARG B 1295 21.81 -49.65 -18.81
CA ARG B 1295 20.77 -48.69 -18.48
C ARG B 1295 21.40 -47.58 -17.71
N LEU B 1296 21.16 -46.34 -18.15
CA LEU B 1296 21.55 -45.16 -17.39
C LEU B 1296 20.36 -44.22 -17.24
N ASP B 1297 19.85 -44.12 -16.00
CA ASP B 1297 18.74 -43.23 -15.65
C ASP B 1297 19.24 -41.80 -15.38
N SER B 1298 18.31 -40.84 -15.32
CA SER B 1298 18.64 -39.45 -15.06
C SER B 1298 18.10 -39.16 -13.69
N PRO B 1299 18.82 -38.35 -12.88
CA PRO B 1299 20.07 -37.68 -13.20
C PRO B 1299 21.26 -38.65 -13.16
N ALA B 1300 22.24 -38.45 -14.06
CA ALA B 1300 23.45 -39.19 -14.03
C ALA B 1300 24.39 -38.52 -13.02
N THR B 1301 24.23 -38.87 -11.75
CA THR B 1301 24.95 -38.22 -10.65
C THR B 1301 26.27 -38.97 -10.49
N PRO B 1302 27.15 -38.49 -9.57
CA PRO B 1302 28.40 -39.25 -9.40
C PRO B 1302 28.11 -40.72 -8.98
N GLU B 1303 27.07 -40.93 -8.17
CA GLU B 1303 26.68 -42.29 -7.83
C GLU B 1303 26.48 -43.14 -9.10
N LYS B 1304 25.63 -42.65 -10.02
CA LYS B 1304 25.22 -43.49 -11.14
C LYS B 1304 26.42 -43.66 -12.08
N ILE B 1305 27.21 -42.60 -12.22
CA ILE B 1305 28.41 -42.66 -13.07
C ILE B 1305 29.44 -43.67 -12.57
N ARG B 1306 29.76 -43.59 -11.28
CA ARG B 1306 30.76 -44.47 -10.65
C ARG B 1306 30.33 -45.93 -10.65
N ASN B 1307 29.09 -46.16 -10.25
CA ASN B 1307 28.51 -47.52 -10.22
C ASN B 1307 28.50 -48.19 -11.58
N ALA B 1308 28.26 -47.40 -12.63
CA ALA B 1308 28.29 -47.87 -14.05
C ALA B 1308 29.72 -48.16 -14.52
N CYS B 1309 30.73 -47.59 -13.86
CA CYS B 1309 32.14 -47.82 -14.26
C CYS B 1309 32.62 -49.07 -13.58
N VAL B 1310 32.02 -50.20 -13.95
CA VAL B 1310 32.26 -51.50 -13.36
C VAL B 1310 33.74 -51.88 -13.42
N ASP B 1311 34.33 -52.32 -12.32
CA ASP B 1311 35.78 -52.61 -12.37
C ASP B 1311 36.17 -53.52 -11.18
N LYS B 1312 37.45 -53.69 -10.90
CA LYS B 1312 37.82 -54.58 -9.82
C LYS B 1312 37.41 -54.02 -8.43
N PHE B 1313 37.10 -52.72 -8.35
CA PHE B 1313 36.70 -52.07 -7.10
C PHE B 1313 35.20 -52.22 -6.84
N THR B 1314 34.37 -51.89 -7.83
CA THR B 1314 32.92 -52.05 -7.69
C THR B 1314 32.59 -53.54 -7.47
N THR B 1315 33.25 -54.37 -8.26
CA THR B 1315 33.13 -55.83 -8.23
C THR B 1315 33.52 -56.49 -6.94
N LEU B 1316 34.21 -55.77 -6.06
CA LEU B 1316 34.48 -56.27 -4.73
C LEU B 1316 33.57 -55.68 -3.60
N CYS B 1317 32.77 -54.62 -3.86
CA CYS B 1317 31.74 -54.10 -2.85
C CYS B 1317 30.27 -54.39 -3.12
N VAL B 1318 29.96 -55.37 -3.96
CA VAL B 1318 28.57 -55.77 -4.26
C VAL B 1318 27.86 -56.40 -3.05
N ASN B 1324 32.90 -67.13 -0.34
CA ASN B 1324 31.50 -67.48 -0.08
C ASN B 1324 30.49 -66.33 -0.30
N CYS B 1325 29.24 -66.73 -0.63
CA CYS B 1325 28.08 -65.82 -0.90
C CYS B 1325 27.77 -65.49 -2.40
N LYS B 1326 28.14 -66.30 -3.41
CA LYS B 1326 28.59 -67.72 -3.46
C LYS B 1326 27.57 -68.77 -2.97
N PRO B 1327 26.52 -69.00 -3.79
CA PRO B 1327 25.50 -69.96 -3.38
C PRO B 1327 26.07 -71.41 -3.36
N TRP B 1328 25.59 -72.23 -2.41
CA TRP B 1328 25.92 -73.68 -2.34
C TRP B 1328 25.90 -74.40 -3.71
N SER B 1329 24.87 -74.18 -4.49
CA SER B 1329 24.73 -74.84 -5.81
C SER B 1329 24.40 -73.81 -6.91
N LEU B 1330 24.77 -74.14 -8.16
CA LEU B 1330 24.33 -73.38 -9.35
C LEU B 1330 23.96 -74.37 -10.44
N ARG B 1331 22.78 -74.19 -10.98
CA ARG B 1331 22.36 -74.97 -12.10
C ARG B 1331 23.38 -74.99 -13.29
N VAL B 1332 23.40 -76.16 -13.88
CA VAL B 1332 24.14 -76.65 -15.05
C VAL B 1332 25.27 -77.64 -14.76
FE1 FES C . -20.67 14.94 3.62
FE2 FES C . -22.21 15.10 5.84
S1 FES C . -22.39 13.66 4.21
S2 FES C . -20.36 16.19 5.44
FE1 FES D . -14.02 16.89 17.22
FE2 FES D . -14.67 18.41 15.05
S1 FES D . -15.69 18.22 16.98
S2 FES D . -13.16 16.80 15.27
CA CA E . -6.76 32.69 -7.82
PA FAD F . -11.44 22.79 31.39
O1A FAD F . -11.33 21.39 31.79
O2A FAD F . -10.91 23.05 29.99
O5B FAD F . -10.82 23.91 32.41
C5B FAD F . -10.87 25.29 32.05
C4B FAD F . -10.29 26.19 33.18
O4B FAD F . -11.02 26.07 34.39
C3B FAD F . -8.86 25.72 33.50
O3B FAD F . -8.17 26.89 33.56
C2B FAD F . -8.99 25.03 34.81
O2B FAD F . -7.79 24.98 35.59
C1B FAD F . -10.15 25.78 35.43
N9A FAD F . -10.96 24.97 36.34
C8A FAD F . -11.75 23.90 36.07
N7A FAD F . -12.28 23.43 37.26
C5A FAD F . -11.87 24.23 38.26
C6A FAD F . -12.14 24.28 39.61
N6A FAD F . -13.06 23.53 40.19
N1A FAD F . -11.50 25.23 40.39
C2A FAD F . -10.67 26.14 39.79
N3A FAD F . -10.44 26.11 38.45
C4A FAD F . -11.02 25.17 37.70
N1 FAD F . -18.64 28.61 26.57
C2 FAD F . -19.65 29.48 26.74
O2 FAD F . -19.64 30.16 27.78
N3 FAD F . -20.67 29.58 25.80
C4 FAD F . -20.69 28.77 24.69
O4 FAD F . -21.60 28.92 23.84
C4X FAD F . -19.63 27.88 24.52
N5 FAD F . -19.57 27.05 23.40
C5X FAD F . -18.52 26.17 23.22
C6 FAD F . -18.48 25.39 22.03
C7 FAD F . -17.42 24.50 21.87
C7M FAD F . -17.36 23.65 20.63
C8 FAD F . -16.43 24.43 22.86
C8M FAD F . -15.27 23.50 22.76
C9 FAD F . -16.47 25.22 24.01
C9A FAD F . -17.52 26.11 24.22
N10 FAD F . -17.56 26.92 25.37
C10 FAD F . -18.61 27.79 25.48
C1' FAD F . -16.48 26.95 26.45
C2' FAD F . -16.23 25.73 27.37
O2' FAD F . -16.93 24.63 26.85
C3' FAD F . -16.71 26.01 28.79
O3' FAD F . -15.93 27.07 29.39
C4' FAD F . -16.65 24.79 29.70
O4' FAD F . -17.52 24.96 30.78
C5' FAD F . -15.24 24.66 30.29
O5' FAD F . -15.29 23.56 31.13
P FAD F . -14.27 22.36 31.22
O1P FAD F . -14.12 21.70 29.84
O2P FAD F . -14.65 21.46 32.35
O3P FAD F . -12.95 23.26 31.55
C BCT G . -15.86 30.80 -7.05
O1 BCT G . -15.36 29.67 -7.42
O2 BCT G . -17.09 31.04 -7.09
O3 BCT G . -15.11 31.80 -6.62
N1 MTE H . -21.95 16.96 -3.52
C2 MTE H . -21.22 16.41 -2.50
N2 MTE H . -21.80 15.60 -1.59
N3 MTE H . -19.94 16.69 -2.33
C4 MTE H . -19.22 17.53 -3.16
O4 MTE H . -17.97 17.71 -2.99
N5 MTE H . -19.27 18.96 -5.13
C6 MTE H . -20.13 19.82 -5.96
C7 MTE H . -21.27 18.94 -6.50
N8 MTE H . -22.01 18.29 -5.40
C9 MTE H . -19.93 18.11 -4.23
C10 MTE H . -21.30 17.77 -4.38
C1' MTE H . -19.36 20.47 -7.13
S1' MTE H . -18.36 21.83 -6.86
C2' MTE H . -19.42 19.91 -8.35
S2' MTE H . -18.76 20.72 -9.72
C3' MTE H . -20.10 18.58 -8.53
O3' MTE H . -20.77 17.99 -7.42
C4' MTE H . -19.16 17.52 -9.10
O4' MTE H . -19.93 16.35 -9.45
P MTE H . -20.72 15.96 -10.77
O1P MTE H . -19.96 16.55 -11.94
O2P MTE H . -22.07 16.50 -10.44
O3P MTE H . -20.73 14.43 -10.71
MO MOS I . -17.18 22.15 -8.88
S MOS I . -17.01 24.43 -8.29
O1 MOS I . -15.69 21.47 -8.56
NAA FYO J . -17.28 23.11 -11.00
OAB FYO J . -8.67 27.52 -18.40
OAC FYO J . -6.31 23.45 -17.29
OAD FYO J . -17.25 26.10 -15.70
CAE FYO J . -16.34 23.54 -11.27
CAF FYO J . -9.66 25.94 -16.95
CAG FYO J . -8.52 23.91 -16.34
CAH FYO J . -15.13 25.27 -15.18
CAI FYO J . -14.67 24.11 -13.11
NAJ FYO J . -10.75 23.55 -14.39
NAK FYO J . -7.48 25.48 -17.84
NAL FYO J . -16.95 24.97 -13.56
NAM FYO J . -12.05 24.95 -15.56
NAN FYO J . -12.09 23.54 -13.88
CAO FYO J . -8.57 26.31 -17.74
CAP FYO J . -7.42 24.28 -17.18
CAQ FYO J . -16.47 25.44 -14.78
CAR FYO J . -15.99 24.37 -12.60
CAS FYO J . -9.62 24.75 -16.25
CAT FYO J . -14.25 24.61 -14.34
CAU FYO J . -10.79 24.42 -15.42
CAV FYO J . -12.84 24.38 -14.62
CA CA K . -10.41 25.55 0.55
FE1 FES L . 17.76 -14.97 -11.31
FE2 FES L . 20.42 -15.06 -10.72
S1 FES L . 19.40 -13.68 -12.06
S2 FES L . 18.77 -16.24 -9.83
FE1 FES M . 22.08 -16.78 3.23
FE2 FES M . 21.07 -18.38 1.23
S1 FES M . 23.15 -18.13 2.01
S2 FES M . 20.02 -16.77 2.39
CA CA N . -0.15 -32.79 -10.28
PA FAD O . 29.79 -22.69 15.40
O1A FAD O . 29.97 -21.33 15.95
O2A FAD O . 28.48 -22.89 14.68
O5B FAD O . 29.98 -23.80 16.57
C5B FAD O . 29.92 -25.17 16.24
C4B FAD O . 30.18 -26.02 17.46
O4B FAD O . 31.56 -25.88 17.85
C3B FAD O . 29.30 -25.61 18.62
O3B FAD O . 28.90 -26.79 19.27
C2B FAD O . 30.28 -24.83 19.47
O2B FAD O . 29.86 -24.89 20.81
C1B FAD O . 31.58 -25.59 19.23
N9A FAD O . 32.85 -24.83 19.43
C8A FAD O . 33.26 -23.77 18.67
N7A FAD O . 34.43 -23.38 19.17
C5A FAD O . 34.77 -24.17 20.22
C6A FAD O . 35.90 -24.15 21.02
N6A FAD O . 36.89 -23.28 20.77
N1A FAD O . 36.01 -25.08 22.03
C2A FAD O . 34.99 -26.02 22.23
N3A FAD O . 33.87 -26.03 21.42
C4A FAD O . 33.78 -25.09 20.41
N1 FAD O . 31.81 -28.59 7.10
C2 FAD O . 32.71 -29.47 6.47
O2 FAD O . 33.41 -30.19 7.17
N3 FAD O . 32.86 -29.53 5.07
C4 FAD O . 32.11 -28.64 4.31
O4 FAD O . 32.23 -28.70 3.09
C4X FAD O . 31.21 -27.77 4.91
N5 FAD O . 30.42 -26.93 4.14
C5X FAD O . 29.49 -26.06 4.70
C6 FAD O . 28.71 -25.25 3.86
C7 FAD O . 27.75 -24.39 4.40
C7M FAD O . 26.95 -23.55 3.45
C8 FAD O . 27.61 -24.30 5.82
C8M FAD O . 26.63 -23.37 6.46
C9 FAD O . 28.38 -25.11 6.65
C9A FAD O . 29.36 -25.99 6.09
N10 FAD O . 30.17 -26.83 6.90
C10 FAD O . 31.06 -27.73 6.31
C1' FAD O . 29.98 -26.87 8.41
C2' FAD O . 30.53 -25.66 9.12
O2' FAD O . 30.95 -24.77 8.12
C3' FAD O . 31.78 -26.08 9.86
O3' FAD O . 31.54 -27.23 10.70
C4' FAD O . 32.33 -24.86 10.59
O4' FAD O . 33.70 -25.05 10.64
C5' FAD O . 31.81 -24.62 12.00
O5' FAD O . 32.44 -23.45 12.49
P FAD O . 31.75 -22.27 13.33
O1P FAD O . 30.71 -21.65 12.40
O2P FAD O . 32.85 -21.37 13.85
O3P FAD O . 30.98 -23.12 14.42
C BCT P . 7.13 -30.93 -15.85
O1 BCT P . 7.97 -31.14 -16.73
O2 BCT P . 6.43 -29.87 -15.87
O3 BCT P . 6.94 -31.86 -14.92
N1 MTE Q . 13.98 -17.15 -17.43
C2 MTE Q . 14.14 -16.55 -16.22
N2 MTE Q . 15.21 -15.75 -15.92
N3 MTE Q . 13.25 -16.84 -15.24
C4 MTE Q . 12.21 -17.69 -15.36
O4 MTE Q . 11.38 -17.87 -14.36
N5 MTE Q . 10.91 -19.09 -16.83
C6 MTE Q . 10.89 -19.94 -18.06
C7 MTE Q . 11.33 -19.06 -19.25
N8 MTE Q . 12.64 -18.50 -18.87
C9 MTE Q . 11.98 -18.24 -16.61
C10 MTE Q . 12.87 -17.95 -17.64
C1' MTE Q . 9.58 -20.58 -18.39
S1' MTE Q . 9.07 -21.92 -17.52
C2' MTE Q . 8.80 -20.02 -19.33
S2' MTE Q . 7.39 -20.79 -19.81
C3' MTE Q . 9.14 -18.67 -20.00
O3' MTE Q . 10.36 -18.05 -19.60
C4' MTE Q . 8.06 -17.68 -19.69
O4' MTE Q . 8.42 -16.49 -20.38
P MTE Q . 8.20 -16.10 -21.90
O1P MTE Q . 6.86 -16.60 -22.39
O2P MTE Q . 9.32 -16.67 -22.74
O3P MTE Q . 8.24 -14.60 -21.77
MO MOS R . 6.84 -22.30 -18.13
S MOS R . 7.01 -24.54 -17.53
O1 MOS R . 5.97 -21.48 -16.93
NAA FYO S . 5.34 -23.32 -19.61
OAB FYO S . -6.81 -27.38 -19.36
OAC FYO S . -6.88 -23.55 -16.71
OAD FYO S . 2.52 -26.01 -23.21
CAE FYO S . 4.34 -23.58 -19.14
CAF FYO S . -4.72 -26.19 -19.13
CAG FYO S . -4.77 -24.20 -17.75
CAH FYO S . 0.95 -25.37 -21.47
CAI FYO S . 1.78 -24.25 -19.46
NAJ FYO S . -2.01 -23.83 -18.07
NAK FYO S . -6.76 -25.48 -18.05
NAL FYO S . 3.34 -24.93 -21.29
NAM FYO S . -1.74 -25.29 -19.75
NAN FYO S . -0.68 -23.78 -18.54
CAO FYO S . -6.09 -26.34 -18.85
CAP FYO S . -6.14 -24.40 -17.50
CAQ FYO S . 2.27 -25.43 -21.97
CAR FYO S . 3.17 -24.38 -19.90
CAS FYO S . -4.06 -25.10 -18.57
CAT FYO S . 0.75 -24.79 -20.23
CAU FYO S . -2.61 -24.80 -18.81
CAV FYO S . -0.55 -24.65 -19.57
C1 GOL T . -0.18 -28.87 -0.48
O1 GOL T . -1.17 -28.34 0.44
C2 GOL T . -0.88 -29.73 -1.54
O2 GOL T . -1.55 -30.69 -0.78
C3 GOL T . 0.11 -30.38 -2.50
O3 GOL T . 1.19 -30.07 -1.64
CA CA U . 8.28 -25.54 -6.46
C1 GOL V . 7.40 -13.69 5.85
O1 GOL V . 7.26 -14.96 6.42
C2 GOL V . 8.81 -13.04 5.76
O2 GOL V . 9.77 -13.48 6.71
C3 GOL V . 8.51 -11.53 5.78
O3 GOL V . 9.47 -10.63 6.30
#